data_6LPI
#
_entry.id   6LPI
#
_cell.length_a   111.173
_cell.length_b   104.577
_cell.length_c   118.535
_cell.angle_alpha   90.000
_cell.angle_beta   105.680
_cell.angle_gamma   90.000
#
_symmetry.space_group_name_H-M   'P 1 21 1'
#
loop_
_entity.id
_entity.type
_entity.pdbx_description
1 polymer 'Acetolactate synthase isozyme 1 small subunit'
2 polymer 'Acetolactate synthase isozyme 1 large subunit'
3 non-polymer 'FLAVIN-ADENINE DINUCLEOTIDE'
4 non-polymer 'THIAMINE DIPHOSPHATE'
5 non-polymer 'MAGNESIUM ION'
6 water water
#
loop_
_entity_poly.entity_id
_entity_poly.type
_entity_poly.pdbx_seq_one_letter_code
_entity_poly.pdbx_strand_id
1 'polypeptide(L)'
;PMQNTTHDNVILELTVRNHPGVMTHVCGLFARRAFNVEGILCLPIQDSDKSHIWLLVNDDQRLEQMISQIDKLEDVVKVQ
RNQSDPTMFNKIAVFFQASTAATSAAATSAAATSAAATSAAATSAAS
;
E,F,G,H
2 'polypeptide(L)'
;MASSGTTSTRKRFTGAEFIVHFLEQQGIKIVTGIPGGSILPVYDALSQSTQIRHILARHEQGAGFIAQGMARTDGKPAVC
MACSGPGATNLVTAIADARLDSIPLICITGQVPASMIGTDAFQEVDTYGISIPITKHNYLVRHIEELPQVMSDAFRIAQS
GRPGPVWIDIPKDVQTAVFEIETQPAMAEKAAAPAFSEESIRDAAAMINAAKRPVLYLGGGVINAPARVRELAEKAQLPT
TMTLMALGMLPKAHPLSLGMLGMHGVRSTNYILQEADLLIVLGARFDDRAIGKTEQFCPNAKIIHVDIDRAELGKIKQPH
VAIQADVDDVLAQLIPLVEAQPRAEWHQLVADLQREFPCPIPKACDPLSHYGLINAVAACVDDNAIITTDVGQHQMWTAQ
AYPLNRPRQWLTSGGLGTMGFGLPAAIGAALANPDRKVLCFSGDGSLMMNIQEMATASENQLDVKIILMNNEALGLVHQQ
QSLFYEQGVFAATYPGKINFMQIAAGFGLETCDLNNEADPQASLQEIINRPGPALIHVRIDAEEKVYPMVPPGAANTEMV
GE
;
A,B,C,D
#
loop_
_chem_comp.id
_chem_comp.type
_chem_comp.name
_chem_comp.formula
FAD non-polymer 'FLAVIN-ADENINE DINUCLEOTIDE' 'C27 H33 N9 O15 P2'
MG non-polymer 'MAGNESIUM ION' 'Mg 2'
TPP non-polymer 'THIAMINE DIPHOSPHATE' 'C12 H19 N4 O7 P2 S 1'
#
# COMPACT_ATOMS: atom_id res chain seq x y z
N ASP A 8 -15.60 10.65 1.31
CA ASP A 8 -16.88 10.27 0.71
C ASP A 8 -17.07 8.75 0.61
N ASN A 9 -15.97 7.99 0.74
CA ASN A 9 -15.99 6.53 0.60
C ASN A 9 -15.44 5.84 1.84
N VAL A 10 -15.95 4.63 2.10
CA VAL A 10 -15.52 3.78 3.20
C VAL A 10 -15.26 2.37 2.71
N ILE A 11 -14.47 1.65 3.48
CA ILE A 11 -14.30 0.22 3.31
C ILE A 11 -15.14 -0.48 4.36
N LEU A 12 -15.91 -1.48 3.92
CA LEU A 12 -16.46 -2.44 4.86
C LEU A 12 -15.61 -3.69 4.85
N GLU A 13 -15.34 -4.21 6.05
CA GLU A 13 -14.75 -5.51 6.25
C GLU A 13 -15.88 -6.46 6.66
N LEU A 14 -16.07 -7.51 5.88
CA LEU A 14 -17.03 -8.56 6.17
C LEU A 14 -16.25 -9.80 6.57
N THR A 15 -16.59 -10.40 7.70
CA THR A 15 -16.10 -11.74 8.00
C THR A 15 -17.20 -12.74 7.70
N VAL A 16 -16.90 -13.66 6.78
CA VAL A 16 -17.88 -14.61 6.24
C VAL A 16 -17.34 -16.03 6.33
N ARG A 17 -18.25 -16.99 6.32
CA ARG A 17 -17.87 -18.39 6.29
C ARG A 17 -17.37 -18.74 4.90
N ASN A 18 -16.28 -19.51 4.82
CA ASN A 18 -15.65 -19.75 3.52
C ASN A 18 -16.22 -21.02 2.93
N HIS A 19 -17.14 -20.86 1.99
CA HIS A 19 -17.64 -21.97 1.19
C HIS A 19 -17.99 -21.42 -0.18
N PRO A 20 -18.08 -22.29 -1.21
CA PRO A 20 -18.45 -21.79 -2.54
C PRO A 20 -19.96 -21.85 -2.80
N GLY A 21 -20.61 -20.70 -2.92
CA GLY A 21 -19.98 -19.42 -2.87
C GLY A 21 -20.80 -18.46 -2.03
N VAL A 22 -20.22 -18.11 -0.89
CA VAL A 22 -20.67 -16.94 -0.15
C VAL A 22 -20.50 -15.69 -1.01
N MET A 23 -19.49 -15.68 -1.89
CA MET A 23 -19.27 -14.48 -2.70
C MET A 23 -20.42 -14.27 -3.66
N THR A 24 -21.07 -15.34 -4.12
CA THR A 24 -22.22 -15.13 -4.98
C THR A 24 -23.36 -14.53 -4.18
N HIS A 25 -23.51 -14.97 -2.93
CA HIS A 25 -24.48 -14.36 -2.02
C HIS A 25 -24.25 -12.87 -1.90
N VAL A 26 -23.02 -12.47 -1.57
CA VAL A 26 -22.74 -11.08 -1.23
C VAL A 26 -22.80 -10.20 -2.47
N CYS A 27 -22.08 -10.61 -3.52
CA CYS A 27 -22.13 -9.91 -4.79
C CYS A 27 -23.57 -9.76 -5.30
N GLY A 28 -24.34 -10.85 -5.21
CA GLY A 28 -25.71 -10.80 -5.70
C GLY A 28 -26.57 -9.87 -4.87
N LEU A 29 -26.35 -9.84 -3.57
CA LEU A 29 -27.03 -8.85 -2.73
C LEU A 29 -26.74 -7.44 -3.19
N PHE A 30 -25.46 -7.14 -3.49
CA PHE A 30 -25.13 -5.77 -3.86
C PHE A 30 -25.76 -5.39 -5.20
N ALA A 31 -25.74 -6.31 -6.17
CA ALA A 31 -26.42 -6.04 -7.44
C ALA A 31 -27.92 -5.90 -7.26
N ARG A 32 -28.53 -6.87 -6.58
CA ARG A 32 -29.99 -6.95 -6.48
C ARG A 32 -30.57 -5.69 -5.88
N ARG A 33 -29.88 -5.06 -4.93
CA ARG A 33 -30.40 -3.91 -4.21
C ARG A 33 -29.80 -2.59 -4.70
N ALA A 34 -29.01 -2.61 -5.77
CA ALA A 34 -28.49 -1.40 -6.40
C ALA A 34 -27.59 -0.60 -5.45
N PHE A 35 -26.79 -1.31 -4.65
CA PHE A 35 -25.73 -0.70 -3.87
C PHE A 35 -24.51 -0.46 -4.76
N ASN A 36 -23.94 0.73 -4.68
CA ASN A 36 -22.73 1.02 -5.42
C ASN A 36 -21.54 0.33 -4.77
N VAL A 37 -20.73 -0.37 -5.57
CA VAL A 37 -19.49 -0.97 -5.10
C VAL A 37 -18.40 -0.57 -6.07
N GLU A 38 -17.27 -0.10 -5.58
CA GLU A 38 -16.24 0.38 -6.51
C GLU A 38 -14.92 -0.34 -6.31
N GLY A 39 -14.94 -1.54 -5.72
CA GLY A 39 -13.76 -2.36 -5.54
C GLY A 39 -14.00 -3.49 -4.56
N ILE A 40 -13.66 -4.73 -4.92
CA ILE A 40 -13.92 -5.87 -4.06
C ILE A 40 -12.63 -6.65 -3.87
N LEU A 41 -12.38 -7.11 -2.65
CA LEU A 41 -11.26 -8.03 -2.39
C LEU A 41 -11.69 -9.10 -1.40
N CYS A 42 -11.54 -10.37 -1.79
CA CYS A 42 -11.87 -11.49 -0.91
C CYS A 42 -10.63 -12.33 -0.69
N LEU A 43 -10.30 -12.58 0.59
CA LEU A 43 -9.18 -13.49 0.90
C LEU A 43 -9.54 -14.44 2.02
N PRO A 44 -9.19 -15.71 1.89
CA PRO A 44 -9.38 -16.61 3.02
C PRO A 44 -8.52 -16.14 4.18
N ILE A 45 -9.05 -16.28 5.39
CA ILE A 45 -8.27 -16.09 6.61
C ILE A 45 -7.54 -17.37 6.92
N GLN A 46 -6.22 -17.29 7.11
CA GLN A 46 -5.42 -18.50 7.27
C GLN A 46 -5.70 -19.19 8.60
N ASP A 47 -5.44 -20.50 8.62
CA ASP A 47 -5.80 -21.39 9.73
C ASP A 47 -7.18 -21.01 10.27
N SER A 48 -8.17 -21.11 9.39
CA SER A 48 -9.49 -20.61 9.73
C SER A 48 -10.47 -21.05 8.66
N ASP A 49 -11.72 -21.21 9.07
CA ASP A 49 -12.80 -21.53 8.14
C ASP A 49 -13.52 -20.29 7.63
N LYS A 50 -12.86 -19.13 7.65
CA LYS A 50 -13.53 -17.89 7.28
C LYS A 50 -12.69 -17.13 6.26
N SER A 51 -13.36 -16.20 5.60
CA SER A 51 -12.72 -15.29 4.67
C SER A 51 -13.16 -13.87 4.97
N HIS A 52 -12.32 -12.94 4.54
CA HIS A 52 -12.66 -11.52 4.56
C HIS A 52 -13.16 -11.12 3.19
N ILE A 53 -14.21 -10.31 3.17
CA ILE A 53 -14.57 -9.57 1.98
C ILE A 53 -14.46 -8.10 2.34
N TRP A 54 -13.64 -7.37 1.61
CA TRP A 54 -13.55 -5.91 1.72
C TRP A 54 -14.28 -5.26 0.55
N LEU A 55 -15.18 -4.33 0.85
CA LEU A 55 -15.90 -3.57 -0.17
C LEU A 55 -15.59 -2.09 -0.03
N LEU A 56 -15.52 -1.41 -1.16
CA LEU A 56 -15.41 0.04 -1.21
C LEU A 56 -16.78 0.65 -1.52
N VAL A 57 -17.38 1.27 -0.52
CA VAL A 57 -18.73 1.80 -0.59
C VAL A 57 -18.71 3.31 -0.41
N ASN A 58 -19.83 3.95 -0.70
CA ASN A 58 -20.01 5.36 -0.39
C ASN A 58 -20.49 5.50 1.05
N ASP A 59 -20.02 6.56 1.73
CA ASP A 59 -20.50 6.89 3.08
C ASP A 59 -21.80 7.69 2.97
N ASP A 60 -22.84 6.99 2.51
CA ASP A 60 -24.09 7.62 2.17
C ASP A 60 -24.98 7.73 3.40
N GLN A 61 -26.13 8.37 3.20
CA GLN A 61 -27.27 8.17 4.07
C GLN A 61 -27.78 6.73 3.99
N ARG A 62 -27.38 6.00 2.95
CA ARG A 62 -27.85 4.65 2.71
C ARG A 62 -27.01 3.59 3.39
N LEU A 63 -26.01 3.98 4.19
CA LEU A 63 -25.00 2.99 4.51
C LEU A 63 -25.46 2.04 5.60
N GLU A 64 -26.15 2.53 6.61
CA GLU A 64 -26.54 1.62 7.68
C GLU A 64 -27.64 0.67 7.21
N GLN A 65 -28.48 1.12 6.28
CA GLN A 65 -29.39 0.19 5.60
C GLN A 65 -28.60 -0.88 4.85
N MET A 66 -27.54 -0.48 4.14
CA MET A 66 -26.67 -1.46 3.51
C MET A 66 -26.18 -2.50 4.53
N ILE A 67 -25.75 -2.04 5.72
CA ILE A 67 -25.22 -2.98 6.71
C ILE A 67 -26.31 -3.91 7.21
N SER A 68 -27.49 -3.37 7.54
CA SER A 68 -28.61 -4.22 7.94
C SER A 68 -28.87 -5.33 6.91
N GLN A 69 -28.97 -4.95 5.62
CA GLN A 69 -29.15 -5.93 4.58
C GLN A 69 -28.06 -7.00 4.64
N ILE A 70 -26.79 -6.58 4.67
CA ILE A 70 -25.69 -7.55 4.65
C ILE A 70 -25.76 -8.47 5.85
N ASP A 71 -26.12 -7.93 7.02
CA ASP A 71 -26.19 -8.76 8.21
C ASP A 71 -27.35 -9.76 8.17
N LYS A 72 -28.32 -9.56 7.27
CA LYS A 72 -29.30 -10.62 7.04
C LYS A 72 -28.72 -11.91 6.45
N LEU A 73 -27.56 -11.87 5.80
CA LEU A 73 -27.01 -13.10 5.20
C LEU A 73 -26.50 -14.05 6.29
N GLU A 74 -26.88 -15.32 6.21
CA GLU A 74 -26.48 -16.25 7.26
C GLU A 74 -24.97 -16.37 7.34
N ASP A 75 -24.30 -16.46 6.17
CA ASP A 75 -22.87 -16.73 6.16
C ASP A 75 -22.03 -15.56 6.64
N VAL A 76 -22.61 -14.37 6.78
CA VAL A 76 -21.86 -13.21 7.25
C VAL A 76 -21.79 -13.31 8.78
N VAL A 77 -20.57 -13.48 9.28
CA VAL A 77 -20.38 -13.59 10.72
C VAL A 77 -20.21 -12.21 11.35
N LYS A 78 -19.72 -11.23 10.59
CA LYS A 78 -19.56 -9.88 11.12
C LYS A 78 -19.41 -8.92 9.94
N VAL A 79 -19.75 -7.64 10.19
CA VAL A 79 -19.52 -6.57 9.22
C VAL A 79 -19.12 -5.31 9.98
N GLN A 80 -17.96 -4.75 9.66
CA GLN A 80 -17.39 -3.60 10.32
C GLN A 80 -17.05 -2.50 9.31
N ARG A 81 -17.08 -1.26 9.77
CA ARG A 81 -16.41 -0.18 9.07
C ARG A 81 -14.91 -0.29 9.35
N ASN A 82 -14.11 -0.38 8.30
CA ASN A 82 -12.69 -0.70 8.40
C ASN A 82 -11.89 0.60 8.32
N GLN A 83 -11.00 0.81 9.29
CA GLN A 83 -10.40 2.14 9.45
C GLN A 83 -9.39 2.51 8.38
N SER A 84 -9.08 1.63 7.41
CA SER A 84 -8.05 1.95 6.42
C SER A 84 -8.51 2.99 5.41
N ASP A 85 -7.56 3.72 4.87
CA ASP A 85 -7.88 4.75 3.91
C ASP A 85 -8.58 4.12 2.70
N PRO A 86 -9.64 4.75 2.19
CA PRO A 86 -10.35 4.20 1.03
C PRO A 86 -9.56 4.23 -0.26
N THR A 87 -8.53 5.06 -0.36
CA THR A 87 -7.70 5.05 -1.56
C THR A 87 -6.69 3.91 -1.56
N MET A 88 -6.79 2.99 -0.61
CA MET A 88 -5.98 1.78 -0.64
C MET A 88 -6.29 0.96 -1.89
N PHE A 89 -7.57 0.66 -2.10
CA PHE A 89 -8.01 -0.23 -3.18
C PHE A 89 -7.36 0.14 -4.49
N ASN A 90 -7.61 1.37 -4.94
CA ASN A 90 -7.07 1.79 -6.23
C ASN A 90 -5.56 1.57 -6.26
N LYS A 91 -4.85 2.01 -5.21
CA LYS A 91 -3.38 1.91 -5.21
C LYS A 91 -2.94 0.45 -5.38
N ILE A 92 -3.71 -0.49 -4.84
CA ILE A 92 -3.40 -1.92 -4.90
C ILE A 92 -3.24 -2.41 -6.33
N ALA A 93 -4.01 -1.84 -7.28
CA ALA A 93 -3.94 -2.29 -8.67
C ALA A 93 -2.52 -2.26 -9.17
N VAL A 94 -1.68 -1.41 -8.59
CA VAL A 94 -0.34 -1.24 -9.12
C VAL A 94 0.46 -2.53 -9.06
N PHE A 95 0.07 -3.47 -8.20
CA PHE A 95 0.87 -4.69 -8.05
C PHE A 95 0.53 -5.78 -9.05
N PHE A 96 -0.26 -5.47 -10.07
CA PHE A 96 -0.68 -6.47 -11.03
C PHE A 96 -0.39 -6.05 -12.47
N LYS B 11 -27.20 -45.43 16.67
CA LYS B 11 -28.13 -45.15 15.56
C LYS B 11 -27.40 -44.68 14.30
N ARG B 12 -27.28 -45.62 13.35
CA ARG B 12 -26.63 -45.46 12.07
C ARG B 12 -27.67 -45.28 10.96
N PHE B 13 -27.45 -44.32 10.04
CA PHE B 13 -28.45 -44.05 9.00
C PHE B 13 -27.80 -43.92 7.62
N THR B 14 -28.59 -44.18 6.58
CA THR B 14 -28.28 -43.55 5.30
C THR B 14 -28.79 -42.11 5.30
N GLY B 15 -28.14 -41.26 4.50
CA GLY B 15 -28.57 -39.86 4.42
C GLY B 15 -30.07 -39.69 4.25
N ALA B 16 -30.67 -40.47 3.35
CA ALA B 16 -32.12 -40.39 3.15
C ALA B 16 -32.88 -40.76 4.43
N GLU B 17 -32.52 -41.88 5.04
CA GLU B 17 -33.15 -42.28 6.29
C GLU B 17 -32.95 -41.24 7.38
N PHE B 18 -31.79 -40.57 7.41
CA PHE B 18 -31.62 -39.51 8.40
C PHE B 18 -32.52 -38.34 8.13
N ILE B 19 -32.70 -37.97 6.86
CA ILE B 19 -33.59 -36.86 6.55
C ILE B 19 -34.98 -37.16 7.06
N VAL B 20 -35.48 -38.36 6.76
CA VAL B 20 -36.82 -38.72 7.21
C VAL B 20 -36.90 -38.75 8.73
N HIS B 21 -35.88 -39.30 9.39
CA HIS B 21 -35.90 -39.38 10.84
C HIS B 21 -35.93 -38.00 11.47
N PHE B 22 -35.12 -37.09 10.95
CA PHE B 22 -35.08 -35.71 11.42
C PHE B 22 -36.45 -35.06 11.24
N LEU B 23 -37.05 -35.25 10.06
CA LEU B 23 -38.38 -34.67 9.81
C LEU B 23 -39.39 -35.23 10.80
N GLU B 24 -39.31 -36.53 11.12
CA GLU B 24 -40.20 -37.07 12.14
C GLU B 24 -39.99 -36.34 13.46
N GLN B 25 -38.72 -36.19 13.86
CA GLN B 25 -38.45 -35.57 15.15
C GLN B 25 -38.77 -34.09 15.19
N GLN B 26 -39.03 -33.45 14.05
CA GLN B 26 -39.57 -32.10 14.09
C GLN B 26 -41.10 -32.09 14.10
N GLY B 27 -41.73 -33.27 14.24
CA GLY B 27 -43.18 -33.32 14.32
C GLY B 27 -43.91 -33.25 12.98
N ILE B 28 -43.21 -33.26 11.86
CA ILE B 28 -43.90 -33.22 10.57
C ILE B 28 -44.80 -34.45 10.42
N LYS B 29 -46.07 -34.21 10.11
CA LYS B 29 -47.03 -35.28 9.85
C LYS B 29 -47.37 -35.40 8.37
N ILE B 30 -47.15 -34.35 7.59
CA ILE B 30 -47.47 -34.30 6.17
C ILE B 30 -46.30 -33.69 5.42
N VAL B 31 -46.03 -34.23 4.24
CA VAL B 31 -44.99 -33.72 3.35
C VAL B 31 -45.51 -33.81 1.93
N THR B 32 -45.26 -32.78 1.12
CA THR B 32 -45.85 -32.82 -0.20
C THR B 32 -44.79 -32.57 -1.25
N GLY B 33 -44.81 -33.38 -2.31
CA GLY B 33 -43.84 -33.22 -3.36
C GLY B 33 -44.15 -34.09 -4.56
N ILE B 34 -43.13 -34.27 -5.38
CA ILE B 34 -43.20 -35.16 -6.54
C ILE B 34 -41.87 -35.88 -6.74
N PRO B 35 -41.88 -37.19 -6.89
CA PRO B 35 -40.63 -37.92 -6.98
C PRO B 35 -39.99 -37.79 -8.36
N GLY B 36 -38.67 -37.92 -8.38
CA GLY B 36 -37.86 -37.98 -9.57
C GLY B 36 -36.55 -38.65 -9.23
N GLY B 37 -35.77 -38.97 -10.27
CA GLY B 37 -34.58 -39.78 -10.10
C GLY B 37 -33.72 -39.37 -8.93
N SER B 38 -33.28 -38.11 -8.93
CA SER B 38 -32.27 -37.63 -7.99
C SER B 38 -32.80 -37.53 -6.56
N ILE B 39 -34.11 -37.65 -6.33
CA ILE B 39 -34.65 -37.66 -4.98
C ILE B 39 -35.25 -39.00 -4.61
N LEU B 40 -35.14 -40.02 -5.48
CA LEU B 40 -35.77 -41.31 -5.18
C LEU B 40 -35.26 -41.99 -3.91
N PRO B 41 -33.99 -41.85 -3.50
CA PRO B 41 -33.59 -42.44 -2.20
C PRO B 41 -34.40 -41.92 -1.01
N VAL B 42 -34.59 -40.61 -0.89
CA VAL B 42 -35.39 -40.10 0.23
C VAL B 42 -36.79 -40.70 0.17
N TYR B 43 -37.37 -40.74 -1.02
CA TYR B 43 -38.68 -41.35 -1.17
C TYR B 43 -38.66 -42.80 -0.68
N ASP B 44 -37.60 -43.54 -0.98
CA ASP B 44 -37.47 -44.89 -0.44
C ASP B 44 -37.59 -44.87 1.06
N ALA B 45 -36.75 -44.07 1.72
CA ALA B 45 -36.83 -43.94 3.17
C ALA B 45 -38.21 -43.46 3.59
N LEU B 46 -38.78 -42.55 2.81
CA LEU B 46 -40.05 -41.99 3.22
C LEU B 46 -41.17 -43.02 3.13
N SER B 47 -41.02 -44.03 2.26
CA SER B 47 -42.05 -45.05 2.22
C SER B 47 -42.20 -45.75 3.55
N GLN B 48 -41.13 -45.78 4.35
CA GLN B 48 -41.05 -46.54 5.59
C GLN B 48 -41.55 -45.80 6.82
N SER B 49 -41.80 -44.50 6.72
CA SER B 49 -42.22 -43.72 7.88
C SER B 49 -43.63 -44.12 8.26
N THR B 50 -43.83 -44.40 9.54
CA THR B 50 -45.17 -44.59 10.07
C THR B 50 -45.83 -43.30 10.54
N GLN B 51 -45.12 -42.17 10.44
CA GLN B 51 -45.58 -40.89 10.96
C GLN B 51 -45.86 -39.86 9.88
N ILE B 52 -45.13 -39.89 8.76
CA ILE B 52 -45.21 -38.85 7.74
C ILE B 52 -45.94 -39.42 6.53
N ARG B 53 -47.10 -38.85 6.22
CA ARG B 53 -47.79 -39.09 4.95
C ARG B 53 -47.27 -38.11 3.89
N HIS B 54 -47.25 -38.58 2.65
CA HIS B 54 -46.75 -37.82 1.51
C HIS B 54 -47.92 -37.54 0.56
N ILE B 55 -48.17 -36.27 0.27
CA ILE B 55 -49.16 -35.87 -0.73
C ILE B 55 -48.49 -35.56 -2.07
N LEU B 56 -48.94 -36.25 -3.11
CA LEU B 56 -48.42 -36.12 -4.47
C LEU B 56 -49.13 -34.99 -5.19
N ALA B 57 -48.43 -33.87 -5.35
CA ALA B 57 -48.94 -32.78 -6.14
C ALA B 57 -48.92 -33.17 -7.62
N ARG B 58 -49.50 -32.31 -8.44
CA ARG B 58 -49.44 -32.50 -9.87
C ARG B 58 -48.49 -31.54 -10.55
N HIS B 59 -47.90 -30.62 -9.80
CA HIS B 59 -46.94 -29.68 -10.37
C HIS B 59 -46.18 -29.15 -9.17
N GLU B 60 -44.86 -29.02 -9.31
CA GLU B 60 -44.07 -28.73 -8.12
C GLU B 60 -44.44 -27.36 -7.56
N GLN B 61 -44.88 -26.43 -8.43
CA GLN B 61 -45.42 -25.17 -7.91
C GLN B 61 -46.59 -25.45 -6.97
N GLY B 62 -47.45 -26.39 -7.37
CA GLY B 62 -48.53 -26.82 -6.50
C GLY B 62 -48.04 -27.41 -5.19
N ALA B 63 -47.03 -28.29 -5.23
CA ALA B 63 -46.46 -28.85 -4.00
C ALA B 63 -46.02 -27.75 -3.07
N GLY B 64 -45.32 -26.74 -3.61
CA GLY B 64 -44.85 -25.65 -2.79
C GLY B 64 -45.98 -24.82 -2.21
N PHE B 65 -47.01 -24.51 -3.01
CA PHE B 65 -48.08 -23.70 -2.46
C PHE B 65 -48.93 -24.49 -1.46
N ILE B 66 -49.03 -25.82 -1.60
CA ILE B 66 -49.71 -26.63 -0.59
C ILE B 66 -48.92 -26.61 0.71
N ALA B 67 -47.60 -26.80 0.61
CA ALA B 67 -46.75 -26.56 1.78
C ALA B 67 -47.01 -25.17 2.35
N GLN B 68 -47.21 -24.19 1.47
CA GLN B 68 -47.48 -22.84 1.94
C GLN B 68 -48.81 -22.76 2.70
N GLY B 69 -49.86 -23.42 2.22
CA GLY B 69 -51.12 -23.39 2.96
C GLY B 69 -51.00 -24.02 4.33
N MET B 70 -50.30 -25.15 4.43
CA MET B 70 -50.03 -25.71 5.75
C MET B 70 -49.33 -24.67 6.61
N ALA B 71 -48.20 -24.14 6.11
CA ALA B 71 -47.37 -23.20 6.87
C ALA B 71 -48.12 -21.93 7.25
N ARG B 72 -48.92 -21.39 6.33
CA ARG B 72 -49.67 -20.19 6.67
C ARG B 72 -50.77 -20.45 7.67
N THR B 73 -51.21 -21.69 7.85
CA THR B 73 -52.15 -21.90 8.96
C THR B 73 -51.54 -22.40 10.28
N ASP B 74 -50.37 -23.13 10.32
CA ASP B 74 -49.88 -23.77 11.56
C ASP B 74 -49.11 -22.76 12.41
N GLY B 75 -48.36 -21.86 11.75
CA GLY B 75 -47.28 -21.08 12.34
C GLY B 75 -45.93 -21.75 12.39
N LYS B 76 -45.78 -22.95 11.81
CA LYS B 76 -44.55 -23.77 11.77
C LYS B 76 -44.09 -24.08 10.32
N PRO B 77 -42.80 -24.31 10.07
CA PRO B 77 -42.40 -24.68 8.70
C PRO B 77 -43.06 -25.94 8.14
N ALA B 78 -43.44 -25.86 6.86
CA ALA B 78 -43.95 -26.98 6.08
C ALA B 78 -42.92 -27.33 5.00
N VAL B 79 -42.93 -28.56 4.53
CA VAL B 79 -41.86 -29.12 3.70
C VAL B 79 -42.41 -29.55 2.34
N CYS B 80 -41.70 -29.17 1.28
CA CYS B 80 -42.01 -29.66 -0.07
C CYS B 80 -40.77 -30.27 -0.71
N MET B 81 -40.97 -31.16 -1.67
CA MET B 81 -39.86 -31.96 -2.20
C MET B 81 -39.94 -32.07 -3.72
N ALA B 82 -38.77 -32.07 -4.37
CA ALA B 82 -38.75 -32.24 -5.81
C ALA B 82 -37.38 -32.79 -6.23
N CYS B 83 -37.32 -33.28 -7.48
CA CYS B 83 -36.07 -33.74 -8.07
C CYS B 83 -35.26 -32.59 -8.65
N SER B 84 -34.10 -32.92 -9.24
CA SER B 84 -33.29 -31.90 -9.90
C SER B 84 -34.00 -31.36 -11.12
N GLY B 85 -33.34 -30.41 -11.77
CA GLY B 85 -33.76 -29.93 -13.06
C GLY B 85 -35.11 -29.26 -12.99
N PRO B 86 -36.06 -29.77 -13.80
CA PRO B 86 -37.38 -29.12 -13.88
C PRO B 86 -38.19 -29.18 -12.59
N GLY B 87 -38.00 -30.21 -11.75
CA GLY B 87 -38.60 -30.16 -10.41
C GLY B 87 -38.14 -28.93 -9.63
N ALA B 88 -36.82 -28.76 -9.55
CA ALA B 88 -36.30 -27.60 -8.82
C ALA B 88 -36.79 -26.31 -9.45
N THR B 89 -36.65 -26.17 -10.77
CA THR B 89 -37.07 -24.92 -11.40
C THR B 89 -38.55 -24.66 -11.21
N ASN B 90 -39.37 -25.72 -11.20
CA ASN B 90 -40.80 -25.55 -10.99
C ASN B 90 -41.13 -25.08 -9.58
N LEU B 91 -40.24 -25.30 -8.61
CA LEU B 91 -40.49 -24.81 -7.26
C LEU B 91 -40.35 -23.29 -7.14
N VAL B 92 -39.66 -22.64 -8.09
CA VAL B 92 -39.20 -21.26 -7.93
C VAL B 92 -40.33 -20.31 -7.52
N THR B 93 -41.43 -20.27 -8.27
CA THR B 93 -42.47 -19.30 -7.96
C THR B 93 -43.00 -19.49 -6.54
N ALA B 94 -43.24 -20.74 -6.15
CA ALA B 94 -43.75 -21.03 -4.80
C ALA B 94 -42.78 -20.55 -3.73
N ILE B 95 -41.48 -20.80 -3.95
CA ILE B 95 -40.47 -20.35 -2.98
C ILE B 95 -40.36 -18.82 -2.94
N ALA B 96 -40.29 -18.14 -4.08
CA ALA B 96 -40.23 -16.69 -4.09
C ALA B 96 -41.46 -16.06 -3.43
N ASP B 97 -42.63 -16.59 -3.73
CA ASP B 97 -43.83 -16.16 -3.05
C ASP B 97 -43.66 -16.36 -1.55
N ALA B 98 -43.09 -17.48 -1.13
CA ALA B 98 -42.86 -17.67 0.30
C ALA B 98 -41.94 -16.59 0.86
N ARG B 99 -40.92 -16.21 0.09
CA ARG B 99 -39.96 -15.20 0.55
C ARG B 99 -40.61 -13.83 0.76
N LEU B 100 -41.34 -13.33 -0.24
CA LEU B 100 -41.78 -11.95 -0.04
C LEU B 100 -42.91 -11.81 0.98
N ASP B 101 -43.64 -12.89 1.29
CA ASP B 101 -44.70 -12.81 2.29
C ASP B 101 -44.25 -13.32 3.65
N SER B 102 -42.99 -13.77 3.76
CA SER B 102 -42.34 -14.17 5.01
C SER B 102 -42.96 -15.40 5.67
N ILE B 103 -42.95 -16.53 4.96
CA ILE B 103 -43.55 -17.79 5.39
C ILE B 103 -42.49 -18.85 5.62
N PRO B 104 -42.58 -19.64 6.71
CA PRO B 104 -41.57 -20.68 6.97
C PRO B 104 -41.79 -21.92 6.11
N LEU B 105 -40.98 -22.07 5.09
CA LEU B 105 -40.99 -23.24 4.24
C LEU B 105 -39.61 -23.88 4.26
N ILE B 106 -39.56 -25.20 4.33
CA ILE B 106 -38.35 -25.95 4.00
C ILE B 106 -38.63 -26.68 2.69
N CYS B 107 -37.75 -26.46 1.74
CA CYS B 107 -37.87 -27.00 0.40
C CYS B 107 -36.67 -27.90 0.14
N ILE B 108 -36.92 -29.18 -0.11
CA ILE B 108 -35.87 -30.17 -0.26
C ILE B 108 -35.87 -30.68 -1.69
N THR B 109 -34.71 -30.63 -2.32
CA THR B 109 -34.56 -31.01 -3.71
C THR B 109 -33.40 -31.99 -3.84
N GLY B 110 -33.60 -33.03 -4.64
CA GLY B 110 -32.50 -33.90 -4.97
C GLY B 110 -31.59 -33.25 -5.96
N GLN B 111 -30.33 -33.68 -5.99
CA GLN B 111 -29.42 -33.14 -6.99
C GLN B 111 -28.51 -34.26 -7.46
N VAL B 112 -27.94 -34.06 -8.65
CA VAL B 112 -27.05 -35.01 -9.32
C VAL B 112 -25.92 -35.37 -8.35
N PRO B 113 -25.34 -36.56 -8.45
CA PRO B 113 -24.24 -36.91 -7.55
C PRO B 113 -23.09 -35.91 -7.58
N ALA B 114 -22.50 -35.68 -6.40
CA ALA B 114 -21.43 -34.70 -6.23
C ALA B 114 -20.31 -34.90 -7.26
N SER B 115 -20.07 -36.16 -7.63
CA SER B 115 -19.03 -36.48 -8.60
C SER B 115 -19.24 -35.73 -9.91
N GLU B 124 -26.47 -30.49 -15.66
CA GLU B 124 -27.15 -30.13 -14.42
C GLU B 124 -27.71 -28.70 -14.47
N VAL B 125 -28.55 -28.37 -13.49
CA VAL B 125 -29.07 -27.02 -13.30
C VAL B 125 -28.59 -26.51 -11.94
N ASP B 126 -28.09 -25.27 -11.91
CA ASP B 126 -27.52 -24.68 -10.70
C ASP B 126 -28.67 -24.27 -9.76
N THR B 127 -29.22 -25.28 -9.08
CA THR B 127 -30.29 -25.00 -8.13
C THR B 127 -29.85 -24.01 -7.05
N TYR B 128 -28.64 -24.20 -6.50
CA TYR B 128 -28.13 -23.27 -5.50
C TYR B 128 -28.16 -21.84 -6.03
N GLY B 129 -27.58 -21.64 -7.20
CA GLY B 129 -27.52 -20.32 -7.79
C GLY B 129 -28.89 -19.70 -7.92
N ILE B 130 -29.83 -20.44 -8.50
CA ILE B 130 -31.18 -19.95 -8.69
C ILE B 130 -31.85 -19.59 -7.38
N SER B 131 -31.55 -20.33 -6.31
CA SER B 131 -32.23 -20.06 -5.06
C SER B 131 -31.61 -18.90 -4.28
N ILE B 132 -30.34 -18.55 -4.52
CA ILE B 132 -29.69 -17.43 -3.83
C ILE B 132 -30.64 -16.24 -3.65
N PRO B 133 -31.22 -15.66 -4.70
CA PRO B 133 -32.01 -14.42 -4.50
C PRO B 133 -33.45 -14.61 -4.05
N ILE B 134 -33.93 -15.82 -3.79
CA ILE B 134 -35.35 -16.00 -3.44
C ILE B 134 -35.50 -16.79 -2.15
N THR B 135 -34.44 -16.93 -1.38
CA THR B 135 -34.55 -17.70 -0.16
C THR B 135 -34.08 -16.87 1.02
N LYS B 136 -34.56 -17.19 2.22
CA LYS B 136 -33.92 -16.64 3.41
C LYS B 136 -32.53 -17.25 3.63
N HIS B 137 -32.33 -18.50 3.23
CA HIS B 137 -30.99 -19.08 3.12
C HIS B 137 -31.10 -20.40 2.33
N ASN B 138 -29.98 -20.91 1.84
CA ASN B 138 -30.05 -22.13 1.05
C ASN B 138 -28.79 -22.96 1.26
N TYR B 139 -28.82 -24.22 0.80
CA TYR B 139 -27.69 -25.13 1.05
C TYR B 139 -27.46 -26.04 -0.14
N LEU B 140 -26.19 -26.37 -0.36
CA LEU B 140 -25.81 -27.51 -1.19
C LEU B 140 -24.96 -28.44 -0.33
N VAL B 141 -25.55 -29.57 0.07
CA VAL B 141 -24.90 -30.54 0.96
C VAL B 141 -23.88 -31.31 0.14
N ARG B 142 -22.60 -31.11 0.42
CA ARG B 142 -21.61 -31.71 -0.46
C ARG B 142 -21.11 -33.05 0.10
N HIS B 143 -21.11 -33.24 1.44
CA HIS B 143 -20.89 -34.54 2.06
C HIS B 143 -21.89 -34.75 3.19
N ILE B 144 -22.14 -36.03 3.50
CA ILE B 144 -23.23 -36.42 4.38
C ILE B 144 -22.98 -35.95 5.81
N GLU B 145 -21.70 -35.81 6.22
CA GLU B 145 -21.39 -35.36 7.57
C GLU B 145 -21.99 -33.99 7.88
N GLU B 146 -22.30 -33.18 6.87
CA GLU B 146 -22.94 -31.89 7.12
C GLU B 146 -24.45 -31.99 7.29
N LEU B 147 -25.06 -33.13 7.03
CA LEU B 147 -26.51 -33.20 6.95
C LEU B 147 -27.21 -32.88 8.28
N PRO B 148 -26.72 -33.32 9.47
CA PRO B 148 -27.36 -32.89 10.72
C PRO B 148 -27.38 -31.38 10.87
N GLN B 149 -26.21 -30.72 10.90
CA GLN B 149 -26.21 -29.28 11.12
C GLN B 149 -27.09 -28.58 10.11
N VAL B 150 -26.91 -28.90 8.82
CA VAL B 150 -27.72 -28.30 7.77
C VAL B 150 -29.18 -28.33 8.14
N MET B 151 -29.71 -29.52 8.42
CA MET B 151 -31.15 -29.53 8.61
C MET B 151 -31.53 -28.80 9.87
N SER B 152 -30.76 -28.99 10.94
CA SER B 152 -31.08 -28.29 12.18
C SER B 152 -31.03 -26.78 11.96
N ASP B 153 -30.05 -26.31 11.19
CA ASP B 153 -30.02 -24.87 11.00
C ASP B 153 -31.10 -24.41 10.03
N ALA B 154 -31.41 -25.21 9.00
CA ALA B 154 -32.47 -24.80 8.08
C ALA B 154 -33.76 -24.55 8.85
N PHE B 155 -34.17 -25.52 9.67
CA PHE B 155 -35.41 -25.37 10.43
C PHE B 155 -35.32 -24.23 11.44
N ARG B 156 -34.13 -23.95 11.97
CA ARG B 156 -34.03 -22.77 12.81
C ARG B 156 -34.23 -21.51 11.96
N ILE B 157 -33.50 -21.44 10.84
CA ILE B 157 -33.51 -20.23 10.02
C ILE B 157 -34.91 -19.96 9.47
N ALA B 158 -35.60 -21.01 9.03
CA ALA B 158 -36.91 -20.80 8.45
C ALA B 158 -37.89 -20.19 9.44
N GLN B 159 -37.72 -20.45 10.73
CA GLN B 159 -38.76 -20.08 11.69
C GLN B 159 -38.36 -18.95 12.63
N SER B 160 -37.11 -18.50 12.61
CA SER B 160 -36.71 -17.49 13.58
C SER B 160 -36.86 -16.11 12.97
N GLY B 161 -36.81 -15.11 13.82
CA GLY B 161 -36.88 -13.71 13.44
C GLY B 161 -37.99 -13.46 12.46
N ARG B 162 -37.66 -12.92 11.30
CA ARG B 162 -38.62 -12.83 10.23
C ARG B 162 -38.55 -14.13 9.44
N PRO B 163 -39.57 -14.97 9.47
CA PRO B 163 -39.47 -16.30 8.86
C PRO B 163 -39.35 -16.24 7.34
N GLY B 164 -38.95 -17.38 6.76
CA GLY B 164 -38.85 -17.48 5.34
C GLY B 164 -38.47 -18.87 4.85
N PRO B 165 -38.43 -19.04 3.54
CA PRO B 165 -38.06 -20.35 2.99
C PRO B 165 -36.57 -20.59 3.00
N VAL B 166 -36.21 -21.83 3.29
CA VAL B 166 -34.84 -22.30 3.16
C VAL B 166 -34.87 -23.47 2.20
N TRP B 167 -33.90 -23.48 1.29
CA TRP B 167 -33.82 -24.48 0.24
C TRP B 167 -32.62 -25.36 0.53
N ILE B 168 -32.85 -26.67 0.63
CA ILE B 168 -31.78 -27.63 0.87
C ILE B 168 -31.69 -28.52 -0.36
N ASP B 169 -30.58 -28.43 -1.08
CA ASP B 169 -30.28 -29.27 -2.23
C ASP B 169 -29.34 -30.41 -1.79
N ILE B 170 -29.76 -31.65 -1.99
CA ILE B 170 -29.02 -32.79 -1.45
C ILE B 170 -28.66 -33.75 -2.57
N PRO B 171 -27.38 -33.86 -2.92
CA PRO B 171 -26.97 -34.79 -3.97
C PRO B 171 -27.34 -36.23 -3.64
N LYS B 172 -27.78 -36.94 -4.67
CA LYS B 172 -28.21 -38.32 -4.54
C LYS B 172 -27.15 -39.18 -3.86
N ASP B 173 -25.86 -38.93 -4.13
CA ASP B 173 -24.84 -39.77 -3.51
C ASP B 173 -24.66 -39.46 -2.03
N VAL B 174 -25.12 -38.29 -1.58
CA VAL B 174 -25.18 -38.04 -0.14
C VAL B 174 -26.36 -38.77 0.49
N GLN B 175 -27.49 -38.81 -0.20
CA GLN B 175 -28.66 -39.53 0.31
C GLN B 175 -28.42 -41.03 0.48
N THR B 176 -27.59 -41.64 -0.37
CA THR B 176 -27.42 -43.09 -0.31
C THR B 176 -26.15 -43.51 0.42
N ALA B 177 -25.34 -42.55 0.85
CA ALA B 177 -24.26 -42.79 1.78
C ALA B 177 -24.82 -43.26 3.14
N VAL B 178 -23.92 -43.77 3.97
CA VAL B 178 -24.26 -44.16 5.34
C VAL B 178 -23.29 -43.46 6.30
N PHE B 179 -23.78 -43.12 7.49
CA PHE B 179 -22.92 -42.47 8.48
C PHE B 179 -23.52 -42.74 9.84
N GLU B 180 -22.77 -42.36 10.89
CA GLU B 180 -23.20 -42.64 12.26
C GLU B 180 -23.39 -41.35 13.06
N ILE B 181 -24.32 -41.33 14.03
CA ILE B 181 -24.55 -40.07 14.79
C ILE B 181 -23.95 -40.07 16.19
N GLN B 184 -28.46 -38.02 18.24
CA GLN B 184 -29.91 -38.00 18.36
C GLN B 184 -30.51 -36.60 18.05
N PRO B 185 -31.17 -36.48 16.89
CA PRO B 185 -31.69 -35.16 16.47
C PRO B 185 -32.91 -34.73 17.29
N ALA B 186 -32.83 -33.52 17.84
CA ALA B 186 -33.89 -32.92 18.63
C ALA B 186 -34.81 -32.10 17.72
N MET B 187 -35.77 -31.43 18.33
CA MET B 187 -36.65 -30.49 17.63
C MET B 187 -35.96 -29.14 17.63
N ALA B 188 -35.45 -28.73 16.46
CA ALA B 188 -34.95 -27.37 16.35
C ALA B 188 -36.07 -26.39 16.67
N GLU B 189 -35.77 -25.41 17.51
CA GLU B 189 -36.74 -24.36 17.82
C GLU B 189 -36.16 -22.99 17.51
N LYS B 190 -37.03 -21.99 17.63
CA LYS B 190 -36.76 -20.63 17.14
C LYS B 190 -35.64 -19.96 17.92
N ALA B 191 -34.86 -19.14 17.23
CA ALA B 191 -33.88 -18.34 17.94
C ALA B 191 -34.59 -17.30 18.82
N ALA B 192 -33.89 -16.89 19.87
CA ALA B 192 -34.44 -15.92 20.81
C ALA B 192 -34.63 -14.58 20.13
N ALA B 193 -35.72 -13.90 20.48
CA ALA B 193 -36.02 -12.59 19.91
C ALA B 193 -35.03 -11.54 20.42
N PRO B 194 -34.84 -10.47 19.64
CA PRO B 194 -33.92 -9.40 20.05
C PRO B 194 -34.29 -8.72 21.36
N ALA B 195 -33.28 -8.15 22.01
CA ALA B 195 -33.50 -7.30 23.17
C ALA B 195 -33.79 -5.87 22.75
N PHE B 196 -34.39 -5.11 23.66
CA PHE B 196 -34.77 -3.74 23.34
C PHE B 196 -34.84 -2.91 24.60
N SER B 197 -34.42 -1.66 24.49
CA SER B 197 -34.28 -0.81 25.66
C SER B 197 -35.64 -0.43 26.25
N GLU B 198 -35.68 -0.36 27.58
CA GLU B 198 -36.87 0.10 28.29
C GLU B 198 -37.11 1.59 28.03
N GLU B 199 -36.07 2.36 27.72
CA GLU B 199 -36.26 3.77 27.38
C GLU B 199 -37.11 3.91 26.12
N SER B 200 -36.87 3.04 25.15
CA SER B 200 -37.66 3.01 23.92
C SER B 200 -39.15 2.80 24.20
N ILE B 201 -39.49 1.75 24.98
CA ILE B 201 -40.88 1.50 25.35
C ILE B 201 -41.47 2.68 26.12
N ARG B 202 -40.69 3.28 27.02
CA ARG B 202 -41.17 4.47 27.72
C ARG B 202 -41.49 5.59 26.73
N ASP B 203 -40.58 5.84 25.78
CA ASP B 203 -40.75 6.95 24.87
C ASP B 203 -41.94 6.75 23.95
N ALA B 204 -42.16 5.51 23.51
CA ALA B 204 -43.36 5.22 22.75
C ALA B 204 -44.62 5.40 23.59
N ALA B 205 -44.63 4.86 24.81
CA ALA B 205 -45.78 5.06 25.69
C ALA B 205 -46.09 6.54 25.87
N ALA B 206 -45.06 7.36 26.02
CA ALA B 206 -45.28 8.80 26.15
C ALA B 206 -45.88 9.38 24.87
N MET B 207 -45.35 9.00 23.72
CA MET B 207 -45.85 9.55 22.48
C MET B 207 -47.32 9.14 22.24
N ILE B 208 -47.67 7.89 22.58
CA ILE B 208 -49.04 7.42 22.40
C ILE B 208 -49.96 8.13 23.38
N ASN B 209 -49.50 8.32 24.60
CA ASN B 209 -50.37 8.94 25.59
C ASN B 209 -50.58 10.42 25.28
N ALA B 210 -49.64 11.06 24.60
CA ALA B 210 -49.73 12.49 24.33
C ALA B 210 -50.26 12.81 22.95
N ALA B 211 -50.63 11.82 22.16
CA ALA B 211 -50.99 12.04 20.77
C ALA B 211 -52.47 12.44 20.66
N LYS B 212 -52.74 13.46 19.83
CA LYS B 212 -54.14 13.87 19.64
C LYS B 212 -54.90 12.88 18.75
N ARG B 213 -54.26 12.35 17.71
CA ARG B 213 -54.95 11.56 16.67
C ARG B 213 -54.10 10.38 16.23
N PRO B 214 -53.94 9.39 17.10
CA PRO B 214 -53.13 8.23 16.71
C PRO B 214 -53.94 7.20 15.93
N VAL B 215 -53.22 6.47 15.08
CA VAL B 215 -53.77 5.31 14.40
C VAL B 215 -52.78 4.18 14.57
N LEU B 216 -53.32 2.98 14.71
CA LEU B 216 -52.54 1.77 14.85
C LEU B 216 -52.55 1.06 13.51
N TYR B 217 -51.38 0.85 12.96
CA TYR B 217 -51.19 0.36 11.61
C TYR B 217 -50.59 -1.05 11.72
N LEU B 218 -51.42 -2.06 11.47
CA LEU B 218 -51.06 -3.47 11.61
C LEU B 218 -50.66 -4.11 10.30
N GLY B 219 -49.63 -4.96 10.36
CA GLY B 219 -49.16 -5.72 9.23
C GLY B 219 -49.11 -7.21 9.55
N GLY B 220 -48.65 -7.97 8.56
CA GLY B 220 -48.62 -9.42 8.69
C GLY B 220 -47.72 -9.95 9.79
N GLY B 221 -46.94 -9.11 10.43
CA GLY B 221 -46.05 -9.56 11.48
C GLY B 221 -46.63 -9.66 12.85
N VAL B 222 -47.83 -9.13 13.07
CA VAL B 222 -48.49 -9.18 14.37
C VAL B 222 -49.32 -10.45 14.52
N ILE B 223 -49.20 -11.36 13.54
CA ILE B 223 -50.18 -12.44 13.35
C ILE B 223 -50.26 -13.37 14.55
N ASN B 224 -49.20 -13.52 15.33
CA ASN B 224 -49.21 -14.37 16.52
C ASN B 224 -49.34 -13.57 17.81
N ALA B 225 -49.95 -12.41 17.77
CA ALA B 225 -50.17 -11.63 18.97
C ALA B 225 -51.55 -10.99 18.93
N PRO B 226 -52.62 -11.75 18.70
CA PRO B 226 -53.94 -11.12 18.58
C PRO B 226 -54.44 -10.59 19.91
N ALA B 227 -54.17 -11.33 20.99
CA ALA B 227 -54.58 -10.92 22.32
C ALA B 227 -54.02 -9.55 22.67
N ARG B 228 -52.71 -9.38 22.60
CA ARG B 228 -52.16 -8.12 23.09
C ARG B 228 -52.40 -6.98 22.11
N VAL B 229 -52.51 -7.28 20.81
CA VAL B 229 -52.82 -6.24 19.86
C VAL B 229 -54.23 -5.72 20.08
N ARG B 230 -55.18 -6.64 20.30
CA ARG B 230 -56.54 -6.25 20.66
C ARG B 230 -56.56 -5.47 21.96
N GLU B 231 -55.84 -5.96 22.97
CA GLU B 231 -55.81 -5.29 24.26
C GLU B 231 -55.33 -3.87 24.12
N LEU B 232 -54.26 -3.67 23.34
CA LEU B 232 -53.74 -2.32 23.12
C LEU B 232 -54.73 -1.46 22.37
N ALA B 233 -55.26 -1.98 21.27
CA ALA B 233 -56.17 -1.20 20.45
C ALA B 233 -57.36 -0.71 21.28
N GLU B 234 -57.89 -1.56 22.14
CA GLU B 234 -59.08 -1.20 22.89
C GLU B 234 -58.76 -0.34 24.10
N LYS B 235 -57.63 -0.58 24.76
CA LYS B 235 -57.26 0.21 25.93
C LYS B 235 -57.08 1.67 25.54
N ALA B 236 -56.13 1.94 24.64
CA ALA B 236 -55.87 3.30 24.19
C ALA B 236 -56.92 3.81 23.22
N GLN B 237 -57.87 2.95 22.84
CA GLN B 237 -58.94 3.27 21.90
C GLN B 237 -58.39 3.87 20.60
N LEU B 238 -57.56 3.09 19.98
CA LEU B 238 -56.86 3.49 18.76
C LEU B 238 -57.68 3.09 17.55
N PRO B 239 -57.97 4.00 16.63
CA PRO B 239 -58.38 3.56 15.29
C PRO B 239 -57.31 2.66 14.71
N THR B 240 -57.69 1.48 14.25
CA THR B 240 -56.72 0.51 13.76
C THR B 240 -56.98 0.15 12.31
N THR B 241 -55.96 0.30 11.49
CA THR B 241 -55.99 -0.09 10.09
C THR B 241 -55.11 -1.31 9.89
N MET B 242 -55.44 -2.13 8.91
CA MET B 242 -54.65 -3.33 8.65
C MET B 242 -54.23 -3.37 7.18
N THR B 243 -53.08 -3.97 6.93
CA THR B 243 -52.70 -4.26 5.57
C THR B 243 -53.47 -5.46 5.06
N LEU B 244 -53.30 -5.78 3.77
CA LEU B 244 -53.89 -7.00 3.23
C LEU B 244 -53.48 -8.25 4.02
N MET B 245 -52.28 -8.25 4.58
CA MET B 245 -51.75 -9.40 5.30
C MET B 245 -52.22 -9.46 6.74
N ALA B 246 -52.95 -8.46 7.23
CA ALA B 246 -53.36 -8.40 8.63
C ALA B 246 -54.88 -8.49 8.82
N LEU B 247 -55.64 -8.70 7.75
CA LEU B 247 -57.08 -8.85 7.89
C LEU B 247 -57.40 -9.96 8.90
N GLY B 248 -58.40 -9.69 9.74
CA GLY B 248 -58.75 -10.59 10.82
C GLY B 248 -58.07 -10.31 12.14
N MET B 249 -57.00 -9.50 12.16
CA MET B 249 -56.36 -9.15 13.43
C MET B 249 -57.31 -8.38 14.34
N LEU B 250 -58.34 -7.76 13.79
CA LEU B 250 -59.53 -7.33 14.52
C LEU B 250 -60.75 -7.74 13.72
N PRO B 251 -61.82 -8.17 14.39
CA PRO B 251 -62.98 -8.67 13.64
C PRO B 251 -63.53 -7.53 12.80
N LYS B 252 -64.06 -7.88 11.62
CA LYS B 252 -64.36 -6.87 10.62
C LYS B 252 -65.20 -5.72 11.19
N ALA B 253 -66.21 -6.05 12.00
CA ALA B 253 -67.13 -5.05 12.54
C ALA B 253 -66.59 -4.33 13.77
N HIS B 254 -65.37 -4.62 14.21
CA HIS B 254 -64.89 -4.04 15.45
C HIS B 254 -64.95 -2.52 15.35
N PRO B 255 -65.48 -1.83 16.37
CA PRO B 255 -65.72 -0.39 16.25
C PRO B 255 -64.47 0.44 16.09
N LEU B 256 -63.30 -0.15 16.27
CA LEU B 256 -62.06 0.55 16.01
C LEU B 256 -61.46 0.20 14.65
N SER B 257 -62.14 -0.63 13.88
CA SER B 257 -61.58 -1.14 12.64
C SER B 257 -61.75 -0.11 11.54
N LEU B 258 -60.65 0.47 11.11
CA LEU B 258 -60.64 1.23 9.88
C LEU B 258 -60.61 0.32 8.68
N GLY B 259 -60.60 -1.00 8.91
CA GLY B 259 -60.43 -1.90 7.81
C GLY B 259 -59.08 -1.69 7.18
N MET B 260 -58.99 -2.06 5.91
CA MET B 260 -57.72 -2.07 5.21
C MET B 260 -57.46 -0.74 4.53
N LEU B 261 -56.21 -0.29 4.60
CA LEU B 261 -55.74 0.93 3.96
C LEU B 261 -55.09 0.64 2.61
N GLY B 262 -54.90 1.70 1.82
CA GLY B 262 -54.04 1.57 0.67
C GLY B 262 -54.68 1.55 -0.70
N MET B 263 -54.05 0.83 -1.63
CA MET B 263 -54.33 0.98 -3.06
C MET B 263 -55.80 0.77 -3.36
N HIS B 264 -56.37 -0.28 -2.78
CA HIS B 264 -57.79 -0.58 -2.87
C HIS B 264 -58.46 -0.56 -1.51
N GLY B 265 -57.88 0.14 -0.55
CA GLY B 265 -58.48 0.18 0.77
C GLY B 265 -59.75 1.02 0.75
N VAL B 266 -60.26 1.27 1.94
CA VAL B 266 -61.51 2.01 2.07
C VAL B 266 -61.20 3.51 2.12
N ARG B 267 -61.92 4.26 1.30
CA ARG B 267 -61.61 5.66 1.06
C ARG B 267 -61.57 6.45 2.37
N SER B 268 -62.59 6.29 3.21
CA SER B 268 -62.65 7.05 4.45
C SER B 268 -61.37 6.90 5.24
N THR B 269 -60.83 5.70 5.32
CA THR B 269 -59.66 5.52 6.18
C THR B 269 -58.39 5.95 5.48
N ASN B 270 -58.36 5.88 4.16
CA ASN B 270 -57.24 6.51 3.46
C ASN B 270 -57.20 8.00 3.75
N TYR B 271 -58.35 8.68 3.82
CA TYR B 271 -58.34 10.09 4.21
C TYR B 271 -58.04 10.24 5.69
N ILE B 272 -58.54 9.32 6.52
CA ILE B 272 -58.37 9.44 7.96
C ILE B 272 -56.91 9.39 8.34
N LEU B 273 -56.12 8.54 7.66
CA LEU B 273 -54.71 8.41 8.02
C LEU B 273 -53.96 9.72 7.83
N GLN B 274 -54.36 10.51 6.83
CA GLN B 274 -53.73 11.81 6.58
C GLN B 274 -53.99 12.82 7.68
N GLU B 275 -54.98 12.57 8.52
CA GLU B 275 -55.25 13.36 9.71
C GLU B 275 -54.44 12.91 10.92
N ALA B 276 -53.79 11.76 10.87
CA ALA B 276 -53.07 11.26 12.04
C ALA B 276 -51.85 12.13 12.37
N ASP B 277 -51.63 12.35 13.69
CA ASP B 277 -50.41 12.98 14.17
C ASP B 277 -49.39 12.00 14.73
N LEU B 278 -49.76 10.73 14.89
CA LEU B 278 -48.81 9.68 15.26
C LEU B 278 -49.35 8.34 14.78
N LEU B 279 -48.53 7.56 14.09
CA LEU B 279 -48.95 6.21 13.72
C LEU B 279 -48.02 5.20 14.36
N ILE B 280 -48.63 4.19 14.95
CA ILE B 280 -47.96 3.07 15.62
C ILE B 280 -47.94 1.90 14.65
N VAL B 281 -46.77 1.60 14.11
CA VAL B 281 -46.65 0.61 13.05
C VAL B 281 -46.10 -0.67 13.66
N LEU B 282 -46.92 -1.71 13.71
CA LEU B 282 -46.49 -3.01 14.21
C LEU B 282 -46.59 -4.00 13.08
N GLY B 283 -45.48 -4.66 12.77
CA GLY B 283 -45.48 -5.73 11.80
C GLY B 283 -45.77 -5.33 10.37
N ALA B 284 -45.71 -4.05 10.03
CA ALA B 284 -45.86 -3.60 8.65
C ALA B 284 -44.54 -3.09 8.12
N ARG B 285 -44.43 -3.01 6.78
CA ARG B 285 -43.18 -2.72 6.10
C ARG B 285 -43.34 -1.59 5.08
N PHE B 286 -44.35 -0.75 5.24
CA PHE B 286 -44.60 0.42 4.39
C PHE B 286 -44.54 0.08 2.90
N ASP B 287 -45.13 -1.04 2.51
CA ASP B 287 -45.18 -1.35 1.09
C ASP B 287 -45.97 -0.26 0.39
N ASP B 288 -45.58 0.07 -0.84
CA ASP B 288 -46.21 1.17 -1.55
C ASP B 288 -47.70 0.93 -1.71
N ARG B 289 -48.10 -0.34 -1.87
CA ARG B 289 -49.50 -0.65 -2.08
C ARG B 289 -50.35 -0.40 -0.84
N ALA B 290 -49.74 -0.23 0.32
CA ALA B 290 -50.48 0.21 1.49
C ALA B 290 -50.28 1.68 1.76
N ILE B 291 -49.13 2.22 1.38
CA ILE B 291 -48.69 3.57 1.74
C ILE B 291 -48.87 4.57 0.62
N GLY B 292 -48.75 4.11 -0.63
CA GLY B 292 -48.75 5.02 -1.75
C GLY B 292 -47.43 5.75 -1.82
N LYS B 293 -47.43 6.95 -2.41
CA LYS B 293 -46.24 7.81 -2.47
C LYS B 293 -45.73 8.10 -1.07
N THR B 294 -44.54 7.59 -0.77
CA THR B 294 -44.00 7.61 0.59
C THR B 294 -44.06 8.99 1.23
N GLU B 295 -43.54 9.99 0.54
CA GLU B 295 -43.42 11.32 1.14
C GLU B 295 -44.76 11.97 1.39
N GLN B 296 -45.83 11.52 0.74
CA GLN B 296 -47.15 12.13 0.94
C GLN B 296 -48.01 11.29 1.88
N PHE B 297 -47.42 10.35 2.59
CA PHE B 297 -48.20 9.42 3.40
C PHE B 297 -48.04 9.84 4.85
N CYS B 298 -49.11 10.38 5.42
CA CYS B 298 -49.10 10.87 6.78
C CYS B 298 -47.92 11.79 7.04
N PRO B 299 -47.88 12.97 6.41
CA PRO B 299 -46.71 13.83 6.62
C PRO B 299 -46.63 14.36 8.03
N ASN B 300 -47.76 14.75 8.61
CA ASN B 300 -47.76 15.36 9.93
C ASN B 300 -47.76 14.34 11.06
N ALA B 301 -47.31 13.13 10.81
CA ALA B 301 -47.39 12.07 11.79
C ALA B 301 -45.99 11.68 12.22
N LYS B 302 -45.76 11.69 13.52
CA LYS B 302 -44.60 11.04 14.07
C LYS B 302 -44.84 9.55 14.01
N ILE B 303 -43.78 8.76 13.91
CA ILE B 303 -43.93 7.34 13.66
C ILE B 303 -43.21 6.54 14.73
N ILE B 304 -43.90 5.53 15.24
CA ILE B 304 -43.28 4.46 16.00
C ILE B 304 -43.36 3.21 15.13
N HIS B 305 -42.26 2.46 15.08
CA HIS B 305 -42.15 1.34 14.18
C HIS B 305 -41.48 0.21 14.95
N VAL B 306 -42.18 -0.92 15.11
CA VAL B 306 -41.68 -2.11 15.80
C VAL B 306 -41.65 -3.24 14.79
N ASP B 307 -40.45 -3.78 14.54
CA ASP B 307 -40.29 -4.79 13.52
C ASP B 307 -39.13 -5.71 13.92
N ILE B 308 -39.28 -7.00 13.63
CA ILE B 308 -38.29 -7.97 14.08
C ILE B 308 -37.05 -7.92 13.21
N ASP B 309 -37.16 -7.31 12.02
CA ASP B 309 -36.06 -7.18 11.07
C ASP B 309 -35.46 -5.76 11.13
N ARG B 310 -34.20 -5.67 11.54
CA ARG B 310 -33.51 -4.38 11.60
C ARG B 310 -33.57 -3.67 10.25
N ALA B 311 -33.44 -4.43 9.17
CA ALA B 311 -33.37 -3.86 7.83
C ALA B 311 -34.67 -3.19 7.41
N GLU B 312 -35.79 -3.45 8.11
CA GLU B 312 -37.01 -2.73 7.77
C GLU B 312 -37.09 -1.38 8.44
N LEU B 313 -36.35 -1.16 9.53
CA LEU B 313 -36.43 0.09 10.26
C LEU B 313 -35.69 1.19 9.51
N GLY B 314 -36.42 2.19 9.06
CA GLY B 314 -35.89 3.25 8.24
C GLY B 314 -35.67 2.88 6.79
N LYS B 315 -36.14 1.73 6.36
CA LYS B 315 -35.98 1.41 4.95
C LYS B 315 -36.78 2.36 4.06
N ILE B 316 -38.01 2.74 4.48
CA ILE B 316 -38.88 3.54 3.63
C ILE B 316 -39.33 4.85 4.29
N LYS B 317 -39.79 4.78 5.53
CA LYS B 317 -40.09 5.95 6.36
C LYS B 317 -39.21 5.94 7.59
N GLN B 318 -38.72 7.10 7.99
CA GLN B 318 -37.82 7.13 9.14
C GLN B 318 -38.66 7.25 10.40
N PRO B 319 -38.53 6.36 11.36
CA PRO B 319 -39.37 6.43 12.55
C PRO B 319 -38.75 7.33 13.60
N HIS B 320 -39.61 7.81 14.50
CA HIS B 320 -39.10 8.58 15.61
C HIS B 320 -38.75 7.69 16.79
N VAL B 321 -39.40 6.54 16.90
CA VAL B 321 -38.99 5.50 17.83
C VAL B 321 -39.00 4.20 17.03
N ALA B 322 -37.87 3.51 17.01
CA ALA B 322 -37.69 2.27 16.27
C ALA B 322 -37.26 1.20 17.26
N ILE B 323 -38.02 0.11 17.31
CA ILE B 323 -37.71 -1.05 18.13
C ILE B 323 -37.53 -2.22 17.20
N GLN B 324 -36.42 -2.92 17.35
CA GLN B 324 -36.23 -4.17 16.61
C GLN B 324 -36.57 -5.26 17.62
N ALA B 325 -37.76 -5.82 17.51
CA ALA B 325 -38.18 -6.80 18.48
C ALA B 325 -39.38 -7.55 17.95
N ASP B 326 -39.75 -8.59 18.69
CA ASP B 326 -41.03 -9.26 18.48
C ASP B 326 -42.16 -8.42 19.06
N VAL B 327 -43.27 -8.29 18.31
CA VAL B 327 -44.36 -7.41 18.75
C VAL B 327 -44.93 -7.85 20.09
N ASP B 328 -45.06 -9.17 20.32
CA ASP B 328 -45.63 -9.63 21.58
C ASP B 328 -44.82 -9.09 22.75
N ASP B 329 -43.51 -9.32 22.74
CA ASP B 329 -42.68 -8.92 23.87
C ASP B 329 -42.74 -7.42 24.11
N VAL B 330 -42.82 -6.63 23.04
CA VAL B 330 -42.91 -5.20 23.18
C VAL B 330 -44.25 -4.83 23.81
N LEU B 331 -45.34 -5.29 23.21
CA LEU B 331 -46.68 -4.98 23.70
C LEU B 331 -46.89 -5.44 25.13
N ALA B 332 -46.27 -6.55 25.51
CA ALA B 332 -46.23 -6.94 26.91
C ALA B 332 -45.57 -5.87 27.75
N GLN B 333 -44.43 -5.34 27.28
CA GLN B 333 -43.81 -4.35 28.15
C GLN B 333 -44.42 -2.96 27.98
N LEU B 334 -45.35 -2.77 27.05
CA LEU B 334 -45.88 -1.45 26.73
C LEU B 334 -47.30 -1.20 27.18
N ILE B 335 -48.19 -2.19 27.08
CA ILE B 335 -49.59 -1.96 27.41
C ILE B 335 -49.77 -1.42 28.83
N PRO B 336 -49.10 -1.93 29.87
CA PRO B 336 -49.31 -1.36 31.22
C PRO B 336 -48.83 0.08 31.36
N LEU B 337 -48.07 0.60 30.43
CA LEU B 337 -47.62 1.98 30.47
C LEU B 337 -48.45 2.91 29.60
N VAL B 338 -49.40 2.37 28.84
CA VAL B 338 -50.25 3.16 27.95
C VAL B 338 -51.51 3.53 28.71
N GLU B 339 -51.80 4.82 28.83
CA GLU B 339 -53.03 5.22 29.50
C GLU B 339 -54.25 4.85 28.66
N ALA B 340 -55.39 4.73 29.34
CA ALA B 340 -56.68 4.38 28.75
C ALA B 340 -57.54 5.64 28.59
N GLN B 341 -57.51 6.25 27.39
CA GLN B 341 -58.15 7.49 26.95
C GLN B 341 -59.37 7.22 26.05
N PRO B 342 -60.47 7.93 26.27
CA PRO B 342 -61.64 7.74 25.43
C PRO B 342 -61.42 8.20 23.98
N ARG B 343 -60.47 9.12 23.79
CA ARG B 343 -60.21 9.76 22.50
C ARG B 343 -61.50 10.17 21.79
N ALA B 344 -62.40 10.82 22.54
CA ALA B 344 -63.76 11.04 22.04
C ALA B 344 -63.77 11.90 20.78
N GLU B 345 -63.09 13.05 20.80
CA GLU B 345 -63.14 13.97 19.66
C GLU B 345 -62.49 13.36 18.43
N TRP B 346 -61.41 12.62 18.61
CA TRP B 346 -60.78 11.98 17.47
C TRP B 346 -61.72 10.96 16.85
N HIS B 347 -62.49 10.26 17.69
CA HIS B 347 -63.47 9.33 17.15
C HIS B 347 -64.57 10.06 16.41
N GLN B 348 -65.06 11.20 16.93
CA GLN B 348 -66.05 11.96 16.16
C GLN B 348 -65.50 12.33 14.81
N LEU B 349 -64.19 12.62 14.73
CA LEU B 349 -63.61 12.96 13.46
C LEU B 349 -63.54 11.76 12.54
N VAL B 350 -63.20 10.59 13.10
CA VAL B 350 -63.18 9.38 12.30
C VAL B 350 -64.55 9.13 11.71
N ALA B 351 -65.58 9.20 12.55
CA ALA B 351 -66.95 8.98 12.09
C ALA B 351 -67.38 10.01 11.07
N ASP B 352 -67.09 11.30 11.32
CA ASP B 352 -67.49 12.33 10.36
C ASP B 352 -66.89 12.09 9.00
N LEU B 353 -65.61 11.69 8.93
CA LEU B 353 -65.04 11.37 7.64
C LEU B 353 -65.68 10.12 7.04
N GLN B 354 -66.06 9.15 7.88
CA GLN B 354 -66.70 7.94 7.37
C GLN B 354 -68.10 8.21 6.83
N ARG B 355 -68.78 9.25 7.31
CA ARG B 355 -70.07 9.63 6.77
C ARG B 355 -69.92 10.33 5.41
N GLU B 356 -68.80 10.11 4.75
CA GLU B 356 -68.56 10.53 3.37
C GLU B 356 -67.67 9.41 2.78
N PHE B 357 -68.27 8.23 2.57
CA PHE B 357 -67.46 7.13 2.06
C PHE B 357 -68.28 5.99 1.45
N PRO B 358 -67.83 5.42 0.33
CA PRO B 358 -68.62 4.41 -0.38
C PRO B 358 -68.83 3.17 0.47
N CYS B 359 -69.72 2.32 -0.02
CA CYS B 359 -70.28 1.22 0.76
C CYS B 359 -70.84 0.18 -0.22
N PRO B 360 -71.24 -1.02 0.26
CA PRO B 360 -71.44 -2.13 -0.67
C PRO B 360 -72.89 -2.51 -0.97
N PRO B 367 -76.60 -11.77 -3.20
CA PRO B 367 -77.14 -12.15 -4.52
C PRO B 367 -76.14 -12.95 -5.36
N LEU B 368 -75.93 -12.49 -6.60
CA LEU B 368 -74.84 -12.94 -7.46
C LEU B 368 -74.10 -11.75 -8.06
N SER B 369 -74.17 -10.59 -7.40
CA SER B 369 -73.20 -9.51 -7.50
C SER B 369 -71.83 -10.02 -7.06
N HIS B 370 -70.74 -9.26 -7.31
CA HIS B 370 -69.48 -9.73 -6.77
C HIS B 370 -69.47 -9.56 -5.25
N TYR B 371 -69.82 -8.36 -4.76
CA TYR B 371 -69.96 -8.17 -3.33
C TYR B 371 -71.08 -9.07 -2.78
N GLY B 372 -72.20 -9.12 -3.49
CA GLY B 372 -73.30 -9.97 -3.04
C GLY B 372 -72.92 -11.44 -2.95
N LEU B 373 -72.07 -11.91 -3.87
CA LEU B 373 -71.60 -13.29 -3.81
C LEU B 373 -70.75 -13.51 -2.57
N ILE B 374 -69.81 -12.60 -2.32
CA ILE B 374 -68.99 -12.72 -1.12
C ILE B 374 -69.88 -12.78 0.13
N ASN B 375 -70.88 -11.89 0.19
CA ASN B 375 -71.78 -11.84 1.35
C ASN B 375 -72.56 -13.13 1.49
N ALA B 376 -73.03 -13.66 0.37
CA ALA B 376 -73.84 -14.87 0.38
C ALA B 376 -73.02 -16.05 0.85
N VAL B 377 -71.78 -16.16 0.36
CA VAL B 377 -70.91 -17.26 0.80
C VAL B 377 -70.60 -17.14 2.27
N ALA B 378 -70.38 -15.92 2.77
CA ALA B 378 -70.12 -15.77 4.20
C ALA B 378 -71.32 -16.21 5.04
N ALA B 379 -72.54 -15.90 4.59
CA ALA B 379 -73.73 -16.37 5.31
C ALA B 379 -73.85 -17.90 5.34
N CYS B 380 -72.98 -18.63 4.64
CA CYS B 380 -73.01 -20.09 4.64
C CYS B 380 -72.10 -20.77 5.67
N VAL B 381 -71.21 -20.06 6.36
CA VAL B 381 -70.15 -20.70 7.15
C VAL B 381 -69.95 -20.00 8.48
N ASP B 382 -69.09 -20.58 9.31
CA ASP B 382 -68.81 -20.07 10.63
C ASP B 382 -67.60 -19.15 10.60
N ASP B 383 -67.26 -18.63 11.77
CA ASP B 383 -65.95 -18.05 11.95
C ASP B 383 -64.87 -19.12 11.84
N ASN B 384 -65.26 -20.40 11.83
CA ASN B 384 -64.30 -21.50 11.78
C ASN B 384 -63.76 -21.74 10.39
N ALA B 385 -64.25 -21.02 9.39
CA ALA B 385 -63.79 -21.22 8.03
C ALA B 385 -62.40 -20.65 7.80
N ILE B 386 -61.70 -21.24 6.84
CA ILE B 386 -60.43 -20.71 6.35
C ILE B 386 -60.72 -20.18 4.96
N ILE B 387 -60.24 -18.97 4.66
CA ILE B 387 -60.49 -18.28 3.39
C ILE B 387 -59.17 -18.05 2.67
N THR B 388 -59.14 -18.47 1.42
CA THR B 388 -58.03 -18.42 0.51
C THR B 388 -58.45 -17.64 -0.73
N THR B 389 -57.51 -17.00 -1.42
CA THR B 389 -57.85 -16.29 -2.66
C THR B 389 -56.73 -16.46 -3.66
N ASP B 390 -57.08 -16.32 -4.93
CA ASP B 390 -56.08 -16.07 -5.96
C ASP B 390 -55.84 -14.56 -6.05
N VAL B 391 -55.34 -14.07 -7.20
CA VAL B 391 -54.90 -12.69 -7.35
C VAL B 391 -55.67 -12.01 -8.48
N GLY B 392 -56.19 -10.82 -8.22
CA GLY B 392 -56.92 -10.03 -9.22
C GLY B 392 -58.05 -9.24 -8.58
N GLN B 393 -59.07 -8.95 -9.39
CA GLN B 393 -60.19 -8.16 -8.85
C GLN B 393 -60.97 -8.94 -7.81
N HIS B 394 -61.20 -10.24 -8.04
CA HIS B 394 -61.95 -11.06 -7.08
C HIS B 394 -61.29 -11.06 -5.71
N GLN B 395 -59.95 -11.05 -5.67
CA GLN B 395 -59.20 -11.00 -4.41
C GLN B 395 -59.44 -9.67 -3.69
N MET B 396 -59.31 -8.53 -4.39
CA MET B 396 -59.53 -7.26 -3.71
C MET B 396 -60.98 -7.14 -3.24
N TRP B 397 -61.93 -7.60 -4.07
CA TRP B 397 -63.33 -7.60 -3.68
C TRP B 397 -63.54 -8.42 -2.40
N THR B 398 -62.92 -9.61 -2.33
CA THR B 398 -63.05 -10.46 -1.14
C THR B 398 -62.43 -9.80 0.08
N ALA B 399 -61.22 -9.25 -0.08
CA ALA B 399 -60.59 -8.53 1.02
C ALA B 399 -61.48 -7.40 1.51
N GLN B 400 -62.17 -6.72 0.60
CA GLN B 400 -63.01 -5.60 0.97
C GLN B 400 -64.24 -6.03 1.75
N ALA B 401 -64.92 -7.12 1.32
CA ALA B 401 -66.26 -7.40 1.85
C ALA B 401 -66.36 -8.61 2.77
N TYR B 402 -65.45 -9.60 2.67
CA TYR B 402 -65.60 -10.79 3.51
C TYR B 402 -65.34 -10.43 4.97
N PRO B 403 -66.17 -10.91 5.91
CA PRO B 403 -65.94 -10.58 7.33
C PRO B 403 -64.86 -11.47 7.96
N LEU B 404 -63.62 -11.17 7.62
CA LEU B 404 -62.51 -11.92 8.19
C LEU B 404 -62.32 -11.48 9.63
N ASN B 405 -62.49 -12.41 10.57
CA ASN B 405 -62.49 -12.08 11.98
C ASN B 405 -61.53 -12.87 12.84
N ARG B 406 -60.67 -13.70 12.26
CA ARG B 406 -59.75 -14.51 13.04
C ARG B 406 -58.34 -14.35 12.48
N PRO B 407 -57.34 -14.40 13.34
CA PRO B 407 -55.97 -14.56 12.82
C PRO B 407 -55.82 -15.92 12.15
N ARG B 408 -54.91 -15.97 11.19
CA ARG B 408 -54.62 -17.17 10.40
C ARG B 408 -55.90 -17.80 9.85
N GLN B 409 -56.85 -16.95 9.48
CA GLN B 409 -58.04 -17.38 8.74
C GLN B 409 -57.97 -16.99 7.29
N TRP B 410 -57.22 -15.93 7.00
CA TRP B 410 -57.12 -15.27 5.71
C TRP B 410 -55.77 -15.61 5.09
N LEU B 411 -55.80 -16.33 3.97
CA LEU B 411 -54.62 -16.79 3.23
C LEU B 411 -54.64 -16.14 1.85
N THR B 412 -53.75 -15.19 1.63
CA THR B 412 -53.63 -14.58 0.31
C THR B 412 -52.15 -14.34 0.00
N SER B 413 -51.85 -14.30 -1.29
CA SER B 413 -50.49 -14.01 -1.75
C SER B 413 -50.40 -12.49 -1.99
N GLY B 414 -49.67 -11.79 -1.12
CA GLY B 414 -49.57 -10.33 -1.16
C GLY B 414 -48.31 -9.69 -1.71
N GLY B 415 -47.16 -10.16 -1.23
CA GLY B 415 -45.87 -9.67 -1.66
C GLY B 415 -45.61 -9.95 -3.11
N LEU B 416 -45.60 -11.21 -3.47
CA LEU B 416 -45.36 -11.55 -4.85
C LEU B 416 -46.63 -11.43 -5.68
N GLY B 417 -47.79 -11.65 -5.06
CA GLY B 417 -49.06 -11.53 -5.72
C GLY B 417 -49.15 -12.54 -6.84
N THR B 418 -49.03 -13.83 -6.50
CA THR B 418 -48.92 -14.90 -7.49
C THR B 418 -50.31 -15.35 -7.91
N MET B 419 -50.63 -15.24 -9.19
CA MET B 419 -51.78 -15.97 -9.67
C MET B 419 -51.53 -17.45 -9.51
N GLY B 420 -52.57 -18.17 -9.10
CA GLY B 420 -52.46 -19.60 -8.89
C GLY B 420 -52.20 -20.00 -7.47
N PHE B 421 -52.03 -19.04 -6.56
CA PHE B 421 -51.77 -19.35 -5.16
C PHE B 421 -52.97 -20.04 -4.48
N GLY B 422 -54.17 -19.56 -4.78
CA GLY B 422 -55.40 -19.93 -4.08
C GLY B 422 -55.72 -21.41 -3.97
N LEU B 423 -55.82 -22.13 -5.07
CA LEU B 423 -56.30 -23.50 -4.93
C LEU B 423 -55.29 -24.38 -4.18
N PRO B 424 -54.00 -24.39 -4.52
CA PRO B 424 -53.07 -25.22 -3.72
C PRO B 424 -52.92 -24.76 -2.30
N ALA B 425 -52.96 -23.44 -2.04
CA ALA B 425 -52.96 -22.97 -0.66
C ALA B 425 -54.15 -23.51 0.10
N ALA B 426 -55.33 -23.49 -0.52
CA ALA B 426 -56.51 -24.05 0.14
C ALA B 426 -56.34 -25.53 0.40
N ILE B 427 -55.73 -26.25 -0.54
CA ILE B 427 -55.49 -27.67 -0.35
C ILE B 427 -54.62 -27.89 0.90
N GLY B 428 -53.55 -27.09 1.04
CA GLY B 428 -52.70 -27.20 2.21
C GLY B 428 -53.46 -26.90 3.49
N ALA B 429 -54.23 -25.80 3.50
CA ALA B 429 -55.02 -25.45 4.67
C ALA B 429 -55.98 -26.58 5.06
N ALA B 430 -56.60 -27.22 4.07
CA ALA B 430 -57.48 -28.36 4.36
C ALA B 430 -56.70 -29.46 5.07
N LEU B 431 -55.57 -29.86 4.47
CA LEU B 431 -54.74 -30.91 5.07
C LEU B 431 -54.30 -30.55 6.49
N ALA B 432 -54.07 -29.27 6.77
CA ALA B 432 -53.59 -28.92 8.10
C ALA B 432 -54.72 -28.75 9.09
N ASN B 433 -55.94 -28.57 8.63
CA ASN B 433 -57.13 -28.49 9.48
C ASN B 433 -58.26 -29.28 8.83
N PRO B 434 -58.29 -30.60 9.02
CA PRO B 434 -59.32 -31.41 8.35
C PRO B 434 -60.71 -31.09 8.84
N ASP B 435 -60.84 -30.51 10.03
CA ASP B 435 -62.16 -30.19 10.56
C ASP B 435 -62.84 -29.09 9.77
N ARG B 436 -62.10 -28.04 9.43
CA ARG B 436 -62.61 -26.75 8.98
C ARG B 436 -62.92 -26.72 7.49
N LYS B 437 -63.64 -25.69 7.11
CA LYS B 437 -63.94 -25.49 5.71
C LYS B 437 -63.01 -24.43 5.14
N VAL B 438 -62.51 -24.71 3.95
CA VAL B 438 -61.62 -23.82 3.22
C VAL B 438 -62.40 -23.41 1.99
N LEU B 439 -62.72 -22.13 1.91
CA LEU B 439 -63.33 -21.50 0.75
C LEU B 439 -62.23 -20.79 0.00
N CYS B 440 -62.20 -20.93 -1.32
CA CYS B 440 -61.14 -20.37 -2.13
C CYS B 440 -61.75 -19.45 -3.18
N PHE B 441 -61.73 -18.14 -2.94
CA PHE B 441 -62.23 -17.18 -3.91
C PHE B 441 -61.22 -17.03 -5.05
N SER B 442 -61.63 -17.36 -6.27
CA SER B 442 -60.73 -17.41 -7.40
C SER B 442 -61.34 -16.70 -8.60
N GLY B 443 -60.50 -16.52 -9.61
CA GLY B 443 -60.93 -15.97 -10.88
C GLY B 443 -60.54 -16.88 -12.03
N ASP B 444 -61.17 -16.64 -13.17
CA ASP B 444 -61.00 -17.51 -14.34
C ASP B 444 -59.55 -17.61 -14.76
N GLY B 445 -58.80 -16.51 -14.69
CA GLY B 445 -57.42 -16.57 -15.10
C GLY B 445 -56.51 -17.27 -14.10
N SER B 446 -56.59 -16.87 -12.83
CA SER B 446 -55.71 -17.49 -11.84
C SER B 446 -55.97 -18.98 -11.67
N LEU B 447 -57.23 -19.41 -11.66
CA LEU B 447 -57.51 -20.83 -11.40
C LEU B 447 -56.84 -21.75 -12.40
N MET B 448 -56.66 -21.30 -13.65
CA MET B 448 -56.01 -22.18 -14.62
C MET B 448 -54.52 -22.37 -14.37
N MET B 449 -53.90 -21.52 -13.57
CA MET B 449 -52.46 -21.63 -13.41
C MET B 449 -52.08 -22.89 -12.64
N ASN B 450 -52.86 -23.24 -11.63
CA ASN B 450 -52.67 -24.49 -10.90
C ASN B 450 -53.93 -25.34 -10.93
N ILE B 451 -54.60 -25.37 -12.09
CA ILE B 451 -55.83 -26.13 -12.29
C ILE B 451 -55.60 -27.62 -12.02
N GLN B 452 -54.39 -28.10 -12.28
CA GLN B 452 -54.12 -29.52 -12.12
C GLN B 452 -54.28 -29.94 -10.67
N GLU B 453 -54.10 -29.01 -9.73
CA GLU B 453 -54.23 -29.42 -8.34
C GLU B 453 -55.66 -29.74 -7.98
N MET B 454 -56.63 -29.45 -8.87
CA MET B 454 -57.96 -29.97 -8.67
C MET B 454 -57.94 -31.46 -8.41
N ALA B 455 -57.13 -32.19 -9.18
CA ALA B 455 -56.98 -33.63 -8.94
C ALA B 455 -56.55 -33.89 -7.51
N THR B 456 -55.51 -33.17 -7.06
CA THR B 456 -55.02 -33.27 -5.69
C THR B 456 -56.15 -33.06 -4.68
N ALA B 457 -57.06 -32.13 -4.98
CA ALA B 457 -58.14 -31.88 -4.04
C ALA B 457 -59.10 -33.06 -3.95
N SER B 458 -59.45 -33.65 -5.09
CA SER B 458 -60.49 -34.66 -5.02
C SER B 458 -59.95 -35.98 -4.47
N GLU B 459 -58.72 -36.32 -4.85
CA GLU B 459 -58.14 -37.60 -4.44
C GLU B 459 -57.92 -37.67 -2.93
N ASN B 460 -57.63 -36.55 -2.28
CA ASN B 460 -57.56 -36.53 -0.83
C ASN B 460 -58.87 -36.16 -0.19
N GLN B 461 -59.92 -36.00 -1.00
CA GLN B 461 -61.26 -35.71 -0.53
C GLN B 461 -61.24 -34.60 0.51
N LEU B 462 -60.67 -33.46 0.09
CA LEU B 462 -60.52 -32.32 0.98
C LEU B 462 -61.71 -31.39 0.88
N ASP B 463 -61.94 -30.66 1.96
CA ASP B 463 -63.16 -29.89 2.15
C ASP B 463 -62.98 -28.48 1.61
N VAL B 464 -62.59 -28.34 0.34
CA VAL B 464 -62.28 -27.02 -0.23
C VAL B 464 -63.31 -26.68 -1.30
N LYS B 465 -63.89 -25.50 -1.18
CA LYS B 465 -64.94 -25.03 -2.06
C LYS B 465 -64.40 -23.85 -2.86
N ILE B 466 -64.20 -24.06 -4.16
CA ILE B 466 -63.73 -22.97 -5.02
C ILE B 466 -64.92 -22.10 -5.41
N ILE B 467 -64.84 -20.82 -5.06
CA ILE B 467 -65.83 -19.83 -5.46
C ILE B 467 -65.24 -19.04 -6.63
N LEU B 468 -65.62 -19.43 -7.84
CA LEU B 468 -65.03 -18.89 -9.06
C LEU B 468 -65.88 -17.72 -9.55
N MET B 469 -65.32 -16.51 -9.51
CA MET B 469 -65.92 -15.35 -10.17
C MET B 469 -65.29 -15.29 -11.55
N ASN B 470 -66.05 -15.63 -12.57
CA ASN B 470 -65.53 -15.78 -13.91
C ASN B 470 -66.02 -14.56 -14.68
N ASN B 471 -65.13 -13.59 -14.87
CA ASN B 471 -65.37 -12.37 -15.63
C ASN B 471 -65.02 -12.50 -17.10
N GLU B 472 -64.61 -13.69 -17.56
CA GLU B 472 -64.03 -13.93 -18.87
C GLU B 472 -63.07 -12.80 -19.26
N ALA B 473 -62.08 -12.61 -18.39
CA ALA B 473 -61.10 -11.54 -18.45
C ALA B 473 -60.01 -11.80 -17.42
N LEU B 474 -58.82 -11.23 -17.69
CA LEU B 474 -57.82 -11.13 -16.63
C LEU B 474 -58.40 -10.20 -15.58
N GLY B 475 -58.56 -8.93 -15.87
CA GLY B 475 -59.51 -8.22 -15.03
C GLY B 475 -58.90 -7.13 -14.20
N LEU B 476 -57.88 -7.47 -13.41
CA LEU B 476 -57.11 -6.42 -12.77
C LEU B 476 -56.31 -5.67 -13.83
N VAL B 477 -55.78 -6.42 -14.80
CA VAL B 477 -55.19 -5.82 -15.99
C VAL B 477 -56.26 -5.04 -16.76
N HIS B 478 -57.43 -5.65 -16.96
CA HIS B 478 -58.53 -5.00 -17.69
C HIS B 478 -58.83 -3.62 -17.11
N GLN B 479 -58.77 -3.52 -15.78
CA GLN B 479 -59.07 -2.26 -15.13
C GLN B 479 -57.90 -1.29 -15.27
N GLN B 480 -56.67 -1.79 -15.17
CA GLN B 480 -55.52 -0.90 -15.33
C GLN B 480 -55.39 -0.35 -16.76
N GLN B 481 -55.62 -1.19 -17.76
CA GLN B 481 -55.52 -0.69 -19.13
C GLN B 481 -56.67 0.26 -19.44
N SER B 482 -57.90 -0.14 -19.06
CA SER B 482 -59.03 0.73 -19.40
C SER B 482 -58.94 2.08 -18.68
N LEU B 483 -58.42 2.09 -17.45
CA LEU B 483 -58.38 3.37 -16.74
C LEU B 483 -57.13 4.19 -17.04
N PHE B 484 -56.00 3.55 -17.37
CA PHE B 484 -54.73 4.28 -17.39
C PHE B 484 -53.93 4.24 -18.68
N TYR B 485 -54.23 3.36 -19.62
CA TYR B 485 -53.44 3.27 -20.85
C TYR B 485 -54.28 3.67 -22.05
N GLU B 486 -53.67 4.39 -23.00
CA GLU B 486 -54.49 5.12 -23.96
C GLU B 486 -55.22 4.19 -24.92
N GLN B 487 -54.64 3.03 -25.24
CA GLN B 487 -55.25 2.12 -26.19
C GLN B 487 -56.07 1.04 -25.52
N GLY B 488 -56.29 1.16 -24.22
CA GLY B 488 -57.30 0.41 -23.50
C GLY B 488 -56.99 -1.07 -23.38
N VAL B 489 -58.05 -1.87 -23.37
CA VAL B 489 -57.92 -3.29 -23.08
C VAL B 489 -57.27 -4.00 -24.25
N PHE B 490 -56.23 -4.78 -23.96
CA PHE B 490 -55.53 -5.60 -24.95
C PHE B 490 -54.98 -6.83 -24.26
N ALA B 491 -55.10 -7.98 -24.93
CA ALA B 491 -54.54 -9.26 -24.46
C ALA B 491 -55.02 -9.62 -23.05
N ALA B 492 -56.21 -9.16 -22.67
CA ALA B 492 -56.73 -9.38 -21.33
C ALA B 492 -58.16 -9.96 -21.30
N THR B 493 -58.66 -10.43 -22.43
CA THR B 493 -60.01 -10.99 -22.50
C THR B 493 -59.95 -12.40 -23.07
N TYR B 494 -60.96 -13.20 -22.72
CA TYR B 494 -61.16 -14.57 -23.18
C TYR B 494 -62.50 -14.68 -23.92
N PRO B 495 -62.62 -15.60 -24.89
CA PRO B 495 -63.87 -15.70 -25.65
C PRO B 495 -65.05 -16.31 -24.88
N GLY B 496 -64.79 -17.15 -23.90
CA GLY B 496 -65.87 -17.81 -23.18
C GLY B 496 -66.27 -19.12 -23.81
N LYS B 497 -65.31 -19.84 -24.39
CA LYS B 497 -65.55 -21.19 -24.88
C LYS B 497 -64.82 -22.19 -24.01
N ILE B 498 -64.73 -21.90 -22.72
CA ILE B 498 -64.22 -22.81 -21.70
C ILE B 498 -65.37 -23.11 -20.74
N ASN B 499 -65.67 -24.38 -20.53
CA ASN B 499 -66.69 -24.76 -19.57
C ASN B 499 -66.01 -25.23 -18.29
N PHE B 500 -66.11 -24.40 -17.24
CA PHE B 500 -65.44 -24.73 -15.99
C PHE B 500 -66.16 -25.82 -15.19
N MET B 501 -67.49 -25.93 -15.29
CA MET B 501 -68.20 -27.01 -14.62
C MET B 501 -67.79 -28.36 -15.18
N GLN B 502 -67.73 -28.48 -16.51
CA GLN B 502 -67.26 -29.71 -17.12
C GLN B 502 -65.89 -30.09 -16.60
N ILE B 503 -64.99 -29.11 -16.49
CA ILE B 503 -63.62 -29.41 -16.09
C ILE B 503 -63.57 -29.85 -14.64
N ALA B 504 -64.12 -29.06 -13.73
CA ALA B 504 -64.14 -29.43 -12.31
C ALA B 504 -64.82 -30.78 -12.09
N ALA B 505 -65.86 -31.07 -12.87
CA ALA B 505 -66.51 -32.40 -12.79
C ALA B 505 -65.57 -33.50 -13.27
N GLY B 506 -64.84 -33.27 -14.36
CA GLY B 506 -63.87 -34.25 -14.83
C GLY B 506 -62.67 -34.42 -13.91
N PHE B 507 -62.40 -33.43 -13.06
CA PHE B 507 -61.41 -33.63 -12.02
C PHE B 507 -62.01 -34.34 -10.80
N GLY B 508 -63.31 -34.59 -10.79
CA GLY B 508 -63.92 -35.29 -9.67
C GLY B 508 -64.54 -34.42 -8.61
N LEU B 509 -64.74 -33.13 -8.87
CA LEU B 509 -65.39 -32.22 -7.92
C LEU B 509 -66.86 -32.07 -8.29
N GLU B 510 -67.69 -31.87 -7.28
CA GLU B 510 -69.04 -31.39 -7.57
C GLU B 510 -68.98 -29.95 -8.05
N THR B 511 -69.95 -29.59 -8.88
CA THR B 511 -69.97 -28.29 -9.55
C THR B 511 -71.31 -27.62 -9.28
N CYS B 512 -71.33 -26.31 -9.49
CA CYS B 512 -72.55 -25.53 -9.35
C CYS B 512 -72.44 -24.31 -10.26
N ASP B 513 -73.57 -23.90 -10.81
CA ASP B 513 -73.63 -22.75 -11.72
C ASP B 513 -74.90 -22.02 -11.31
N LEU B 514 -74.73 -20.91 -10.62
CA LEU B 514 -75.91 -20.18 -10.21
C LEU B 514 -76.68 -19.71 -11.44
N ASN B 515 -77.73 -20.47 -11.78
CA ASN B 515 -78.45 -20.41 -13.04
C ASN B 515 -79.43 -21.59 -13.06
N ASP B 519 -80.72 -21.88 -4.96
CA ASP B 519 -81.98 -21.53 -5.60
C ASP B 519 -81.91 -20.36 -6.56
N PRO B 520 -80.74 -19.64 -6.66
CA PRO B 520 -79.28 -19.72 -6.43
C PRO B 520 -78.70 -19.87 -5.00
N GLN B 521 -79.26 -19.27 -3.95
CA GLN B 521 -78.65 -19.48 -2.64
C GLN B 521 -78.74 -20.94 -2.22
N ALA B 522 -79.94 -21.54 -2.32
CA ALA B 522 -80.12 -22.93 -1.88
C ALA B 522 -79.04 -23.82 -2.44
N SER B 523 -78.77 -23.67 -3.75
CA SER B 523 -77.68 -24.44 -4.35
C SER B 523 -76.36 -24.09 -3.70
N LEU B 524 -76.14 -22.81 -3.41
CA LEU B 524 -74.90 -22.38 -2.74
C LEU B 524 -74.73 -23.02 -1.36
N GLN B 525 -75.73 -22.86 -0.48
CA GLN B 525 -75.61 -23.37 0.87
C GLN B 525 -75.48 -24.88 0.84
N GLU B 526 -76.12 -25.55 -0.13
CA GLU B 526 -76.02 -27.00 -0.11
C GLU B 526 -74.68 -27.45 -0.65
N ILE B 527 -74.12 -26.71 -1.60
CA ILE B 527 -72.86 -27.14 -2.18
C ILE B 527 -71.75 -26.89 -1.20
N ILE B 528 -71.89 -25.87 -0.36
CA ILE B 528 -70.95 -25.63 0.72
C ILE B 528 -71.14 -26.64 1.87
N ASN B 529 -72.37 -26.94 2.23
CA ASN B 529 -72.59 -27.82 3.35
C ASN B 529 -72.12 -29.25 3.25
N ARG B 530 -72.18 -29.78 2.06
CA ARG B 530 -71.83 -31.15 1.91
C ARG B 530 -70.34 -31.34 1.59
N PRO B 531 -69.72 -32.39 2.15
CA PRO B 531 -68.24 -32.47 2.12
C PRO B 531 -67.58 -32.72 0.78
N GLY B 532 -66.24 -32.76 0.76
CA GLY B 532 -65.53 -32.98 -0.48
C GLY B 532 -65.29 -31.66 -1.20
N PRO B 533 -64.43 -31.69 -2.20
CA PRO B 533 -64.08 -30.46 -2.93
C PRO B 533 -65.17 -30.11 -3.94
N ALA B 534 -65.43 -28.82 -4.08
CA ALA B 534 -66.48 -28.33 -4.96
C ALA B 534 -66.01 -27.11 -5.74
N LEU B 535 -66.55 -26.95 -6.94
CA LEU B 535 -66.39 -25.74 -7.73
C LEU B 535 -67.73 -25.04 -7.90
N ILE B 536 -67.79 -23.77 -7.54
CA ILE B 536 -69.00 -22.96 -7.69
C ILE B 536 -68.67 -21.81 -8.64
N HIS B 537 -69.42 -21.72 -9.74
CA HIS B 537 -69.10 -20.83 -10.84
C HIS B 537 -70.14 -19.73 -10.95
N VAL B 538 -69.68 -18.48 -11.15
CA VAL B 538 -70.54 -17.30 -11.26
C VAL B 538 -70.05 -16.40 -12.38
N ARG B 539 -70.93 -16.07 -13.32
CA ARG B 539 -70.59 -15.09 -14.33
C ARG B 539 -70.65 -13.69 -13.75
N ILE B 540 -69.70 -12.85 -14.14
CA ILE B 540 -69.60 -11.45 -13.68
C ILE B 540 -69.20 -10.60 -14.88
N ASP B 541 -69.83 -9.41 -15.01
CA ASP B 541 -69.53 -8.55 -16.15
C ASP B 541 -68.08 -8.12 -16.12
N ALA B 542 -67.39 -8.20 -17.26
CA ALA B 542 -65.96 -7.89 -17.25
C ALA B 542 -65.70 -6.40 -17.01
N GLU B 543 -66.69 -5.54 -17.19
CA GLU B 543 -66.56 -4.10 -17.00
C GLU B 543 -66.60 -3.69 -15.54
N GLU B 544 -66.88 -4.63 -14.63
CA GLU B 544 -66.99 -4.27 -13.22
C GLU B 544 -65.61 -3.96 -12.65
N LYS B 545 -65.60 -3.15 -11.61
CA LYS B 545 -64.36 -2.52 -11.13
C LYS B 545 -64.17 -2.79 -9.65
N VAL B 546 -62.91 -2.65 -9.22
CA VAL B 546 -62.56 -2.62 -7.81
C VAL B 546 -62.32 -1.16 -7.45
N TYR B 547 -63.22 -0.59 -6.66
CA TYR B 547 -63.11 0.78 -6.23
C TYR B 547 -63.13 0.86 -4.71
N PRO B 548 -62.42 1.83 -4.13
CA PRO B 548 -61.59 2.77 -4.89
C PRO B 548 -60.23 2.19 -5.29
N MET B 549 -59.61 2.82 -6.28
CA MET B 549 -58.26 2.46 -6.73
C MET B 549 -57.32 3.67 -6.60
N VAL B 550 -56.11 3.42 -6.13
CA VAL B 550 -55.04 4.43 -6.14
C VAL B 550 -54.18 4.17 -7.37
N PRO B 551 -54.12 5.09 -8.33
CA PRO B 551 -53.33 4.89 -9.53
C PRO B 551 -51.87 4.67 -9.18
N PRO B 552 -51.18 3.78 -9.87
CA PRO B 552 -49.78 3.47 -9.51
C PRO B 552 -48.95 4.75 -9.54
N GLY B 553 -48.18 4.96 -8.46
CA GLY B 553 -47.36 6.13 -8.35
C GLY B 553 -48.03 7.34 -7.73
N ALA B 554 -49.26 7.21 -7.29
CA ALA B 554 -50.01 8.32 -6.73
C ALA B 554 -50.02 8.28 -5.21
N ALA B 555 -50.40 9.41 -4.62
CA ALA B 555 -50.68 9.51 -3.20
C ALA B 555 -51.93 8.70 -2.85
N ASN B 556 -52.06 8.32 -1.58
CA ASN B 556 -53.25 7.60 -1.17
C ASN B 556 -54.50 8.48 -1.18
N THR B 557 -54.34 9.81 -1.27
CA THR B 557 -55.45 10.75 -1.36
C THR B 557 -55.93 10.99 -2.76
N GLU B 558 -55.41 10.24 -3.74
CA GLU B 558 -55.75 10.44 -5.14
C GLU B 558 -56.37 9.13 -5.62
N MET B 559 -57.64 8.92 -5.28
CA MET B 559 -58.31 7.65 -5.52
C MET B 559 -59.40 7.77 -6.56
N VAL B 560 -59.62 6.68 -7.29
CA VAL B 560 -60.66 6.61 -8.29
C VAL B 560 -61.82 5.77 -7.77
N ASN C 9 19.25 -3.38 -13.40
CA ASN C 9 18.86 -2.91 -12.07
C ASN C 9 18.62 -4.06 -11.07
N VAL C 10 19.04 -3.84 -9.81
CA VAL C 10 19.02 -4.83 -8.74
C VAL C 10 18.73 -4.13 -7.42
N ILE C 11 18.06 -4.87 -6.54
CA ILE C 11 17.92 -4.52 -5.13
C ILE C 11 19.11 -5.15 -4.42
N LEU C 12 19.89 -4.33 -3.72
CA LEU C 12 20.83 -4.83 -2.72
C LEU C 12 20.15 -4.74 -1.35
N GLU C 13 20.21 -5.82 -0.60
CA GLU C 13 19.73 -5.84 0.77
C GLU C 13 20.95 -5.84 1.68
N LEU C 14 21.13 -4.72 2.38
CA LEU C 14 22.09 -4.62 3.46
C LEU C 14 21.34 -4.90 4.76
N THR C 15 21.97 -5.72 5.60
CA THR C 15 21.66 -5.84 7.01
C THR C 15 22.71 -5.07 7.79
N VAL C 16 22.27 -4.15 8.67
CA VAL C 16 23.14 -3.18 9.33
C VAL C 16 22.76 -3.07 10.80
N ARG C 17 23.72 -2.67 11.64
CA ARG C 17 23.40 -2.33 13.03
C ARG C 17 22.50 -1.10 13.07
N ASN C 18 21.52 -1.11 13.97
CA ASN C 18 20.45 -0.11 13.99
C ASN C 18 20.79 0.98 15.01
N HIS C 19 21.53 1.98 14.57
CA HIS C 19 21.68 3.21 15.35
C HIS C 19 21.55 4.37 14.39
N PRO C 20 21.45 5.61 14.86
CA PRO C 20 21.69 6.74 13.94
C PRO C 20 23.15 7.14 14.05
N GLY C 21 23.83 7.36 12.94
CA GLY C 21 23.28 7.12 11.64
C GLY C 21 24.27 6.23 10.94
N VAL C 22 23.98 4.94 10.96
CA VAL C 22 24.51 4.11 9.89
C VAL C 22 24.05 4.70 8.57
N MET C 23 22.83 5.25 8.55
CA MET C 23 22.32 5.88 7.35
C MET C 23 23.24 6.99 6.86
N THR C 24 23.83 7.74 7.78
CA THR C 24 24.77 8.77 7.35
C THR C 24 26.01 8.14 6.73
N HIS C 25 26.53 7.07 7.33
CA HIS C 25 27.65 6.37 6.73
C HIS C 25 27.35 5.97 5.30
N VAL C 26 26.15 5.44 5.08
CA VAL C 26 25.86 4.81 3.80
C VAL C 26 25.63 5.86 2.72
N CYS C 27 24.82 6.87 3.02
CA CYS C 27 24.66 7.93 2.04
C CYS C 27 25.97 8.69 1.82
N GLY C 28 26.71 8.96 2.89
CA GLY C 28 28.01 9.54 2.72
C GLY C 28 28.90 8.77 1.76
N LEU C 29 28.91 7.43 1.90
CA LEU C 29 29.79 6.63 1.06
C LEU C 29 29.33 6.68 -0.40
N PHE C 30 28.01 6.62 -0.64
CA PHE C 30 27.55 6.64 -2.03
C PHE C 30 27.78 8.00 -2.67
N ALA C 31 27.61 9.08 -1.91
CA ALA C 31 27.90 10.40 -2.49
C ALA C 31 29.39 10.56 -2.75
N ARG C 32 30.21 10.05 -1.85
CA ARG C 32 31.65 10.18 -1.94
C ARG C 32 32.21 9.46 -3.16
N ARG C 33 32.00 8.15 -3.24
CA ARG C 33 32.56 7.36 -4.33
C ARG C 33 31.70 7.44 -5.60
N ALA C 34 30.68 8.30 -5.58
CA ALA C 34 29.89 8.61 -6.78
C ALA C 34 29.11 7.39 -7.29
N PHE C 35 28.53 6.62 -6.37
CA PHE C 35 27.75 5.47 -6.80
C PHE C 35 26.36 5.93 -7.20
N ASN C 36 25.83 5.33 -8.26
CA ASN C 36 24.47 5.60 -8.67
C ASN C 36 23.52 4.72 -7.86
N VAL C 37 22.56 5.36 -7.21
CA VAL C 37 21.52 4.68 -6.44
C VAL C 37 20.19 5.34 -6.78
N GLU C 38 19.25 4.55 -7.29
CA GLU C 38 18.00 5.08 -7.81
C GLU C 38 16.85 4.89 -6.82
N GLY C 39 17.17 4.60 -5.56
CA GLY C 39 16.15 4.49 -4.52
C GLY C 39 16.67 3.84 -3.25
N ILE C 40 16.27 4.33 -2.09
CA ILE C 40 16.63 3.68 -0.84
C ILE C 40 15.42 3.55 0.05
N LEU C 41 15.39 2.45 0.79
CA LEU C 41 14.37 2.19 1.80
C LEU C 41 15.06 1.57 2.99
N CYS C 42 14.87 2.16 4.17
CA CYS C 42 15.48 1.70 5.41
C CYS C 42 14.40 1.50 6.46
N LEU C 43 14.25 0.26 6.95
CA LEU C 43 13.38 -0.04 8.07
C LEU C 43 14.11 -0.86 9.13
N PRO C 44 13.70 -0.80 10.39
CA PRO C 44 14.33 -1.63 11.41
C PRO C 44 13.65 -2.98 11.52
N ILE C 45 14.45 -4.03 11.74
CA ILE C 45 13.91 -5.34 12.11
C ILE C 45 13.30 -5.24 13.49
N GLN C 46 11.99 -5.53 13.59
CA GLN C 46 11.21 -5.11 14.75
C GLN C 46 11.68 -5.74 16.06
N ASP C 47 12.02 -7.02 16.05
CA ASP C 47 12.49 -7.64 17.29
C ASP C 47 14.00 -7.75 17.34
N SER C 48 14.70 -6.65 17.05
CA SER C 48 16.13 -6.75 16.84
C SER C 48 16.80 -5.39 16.94
N ASP C 49 18.12 -5.43 17.10
CA ASP C 49 18.98 -4.26 17.07
C ASP C 49 19.56 -4.00 15.68
N LYS C 50 18.98 -4.57 14.63
CA LYS C 50 19.43 -4.38 13.26
C LYS C 50 18.35 -3.70 12.43
N SER C 51 18.78 -3.25 11.25
CA SER C 51 17.95 -2.59 10.28
C SER C 51 18.30 -3.09 8.89
N HIS C 52 17.32 -3.06 7.99
CA HIS C 52 17.53 -3.32 6.58
C HIS C 52 17.64 -1.99 5.85
N ILE C 53 18.69 -1.86 5.04
CA ILE C 53 18.74 -0.83 4.03
C ILE C 53 18.73 -1.51 2.68
N TRP C 54 17.66 -1.26 1.91
CA TRP C 54 17.52 -1.75 0.54
C TRP C 54 17.87 -0.63 -0.43
N LEU C 55 18.79 -0.91 -1.35
CA LEU C 55 19.22 0.06 -2.34
C LEU C 55 18.88 -0.44 -3.75
N LEU C 56 18.38 0.48 -4.59
CA LEU C 56 18.19 0.22 -6.01
C LEU C 56 19.41 0.72 -6.78
N VAL C 57 20.12 -0.20 -7.46
CA VAL C 57 21.37 0.13 -8.12
C VAL C 57 21.45 -0.61 -9.46
N ASN C 58 22.39 -0.15 -10.30
CA ASN C 58 22.60 -0.78 -11.59
C ASN C 58 23.47 -2.03 -11.44
N ASP C 59 23.17 -3.04 -12.25
CA ASP C 59 23.93 -4.30 -12.23
C ASP C 59 25.19 -4.17 -13.09
N ASP C 60 25.98 -3.15 -12.76
CA ASP C 60 27.10 -2.74 -13.59
C ASP C 60 28.27 -3.70 -13.43
N GLN C 61 29.34 -3.40 -14.15
CA GLN C 61 30.65 -3.90 -13.77
C GLN C 61 31.14 -3.23 -12.49
N ARG C 62 30.57 -2.07 -12.14
CA ARG C 62 30.91 -1.34 -10.93
C ARG C 62 30.26 -1.92 -9.68
N LEU C 63 29.29 -2.84 -9.81
CA LEU C 63 28.54 -3.29 -8.64
C LEU C 63 29.44 -4.02 -7.65
N GLU C 64 30.36 -4.84 -8.13
CA GLU C 64 31.16 -5.62 -7.18
C GLU C 64 32.12 -4.73 -6.39
N GLN C 65 32.70 -3.73 -7.04
CA GLN C 65 33.50 -2.76 -6.29
C GLN C 65 32.63 -1.99 -5.29
N MET C 66 31.41 -1.68 -5.71
CA MET C 66 30.47 -1.02 -4.81
C MET C 66 30.22 -1.86 -3.56
N ILE C 67 30.01 -3.16 -3.73
CA ILE C 67 29.77 -4.03 -2.58
C ILE C 67 31.03 -4.13 -1.73
N SER C 68 32.21 -4.07 -2.36
CA SER C 68 33.45 -3.98 -1.59
C SER C 68 33.39 -2.82 -0.59
N GLN C 69 33.32 -1.60 -1.12
CA GLN C 69 33.22 -0.42 -0.25
C GLN C 69 32.16 -0.61 0.80
N ILE C 70 30.99 -1.15 0.44
CA ILE C 70 29.91 -1.34 1.41
C ILE C 70 30.37 -2.20 2.57
N ASP C 71 30.89 -3.40 2.28
CA ASP C 71 31.30 -4.32 3.33
C ASP C 71 32.43 -3.74 4.18
N LYS C 72 33.15 -2.77 3.62
CA LYS C 72 34.14 -2.01 4.37
C LYS C 72 33.52 -1.18 5.49
N LEU C 73 32.22 -0.96 5.51
CA LEU C 73 31.59 -0.26 6.61
C LEU C 73 31.43 -1.19 7.81
N GLU C 74 31.82 -0.69 9.00
CA GLU C 74 31.85 -1.56 10.17
C GLU C 74 30.46 -1.88 10.69
N ASP C 75 29.48 -1.00 10.47
CA ASP C 75 28.12 -1.25 10.89
C ASP C 75 27.35 -2.15 9.94
N VAL C 76 27.96 -2.57 8.83
CA VAL C 76 27.28 -3.38 7.83
C VAL C 76 27.63 -4.83 8.07
N VAL C 77 26.60 -5.62 8.35
CA VAL C 77 26.74 -7.03 8.69
C VAL C 77 26.61 -7.92 7.45
N LYS C 78 25.58 -7.67 6.63
CA LYS C 78 25.31 -8.49 5.46
C LYS C 78 25.08 -7.57 4.28
N VAL C 79 25.63 -7.92 3.13
CA VAL C 79 25.25 -7.24 1.89
C VAL C 79 25.05 -8.30 0.84
N GLN C 80 23.80 -8.51 0.43
CA GLN C 80 23.51 -9.53 -0.57
C GLN C 80 22.58 -8.95 -1.63
N ARG C 81 22.57 -9.63 -2.76
CA ARG C 81 21.62 -9.30 -3.82
C ARG C 81 20.25 -9.87 -3.45
N ASN C 82 19.23 -9.04 -3.60
CA ASN C 82 17.88 -9.36 -3.21
C ASN C 82 17.10 -9.77 -4.45
N GLN C 83 16.39 -10.88 -4.35
CA GLN C 83 15.73 -11.47 -5.50
C GLN C 83 14.46 -10.74 -5.93
N SER C 84 13.97 -9.78 -5.15
CA SER C 84 12.73 -9.07 -5.47
C SER C 84 12.82 -8.26 -6.76
N ASP C 85 11.73 -8.26 -7.51
CA ASP C 85 11.55 -7.48 -8.73
C ASP C 85 11.93 -6.03 -8.50
N PRO C 86 12.91 -5.48 -9.24
CA PRO C 86 13.41 -4.13 -8.93
C PRO C 86 12.39 -3.02 -9.17
N THR C 87 11.25 -3.29 -9.80
CA THR C 87 10.25 -2.24 -9.90
C THR C 87 9.40 -2.11 -8.64
N MET C 88 9.65 -2.93 -7.62
CA MET C 88 8.91 -2.82 -6.37
C MET C 88 8.99 -1.41 -5.79
N PHE C 89 10.08 -0.68 -6.02
CA PHE C 89 10.27 0.65 -5.45
C PHE C 89 9.22 1.63 -5.95
N ASN C 90 9.30 1.93 -7.26
CA ASN C 90 8.28 2.74 -7.90
C ASN C 90 6.89 2.29 -7.49
N LYS C 91 6.66 0.97 -7.49
CA LYS C 91 5.33 0.45 -7.16
C LYS C 91 4.90 0.85 -5.77
N ILE C 92 5.78 0.77 -4.77
CA ILE C 92 5.34 1.07 -3.40
C ILE C 92 5.22 2.57 -3.17
N ALA C 93 5.80 3.40 -4.05
CA ALA C 93 5.68 4.84 -3.88
C ALA C 93 4.22 5.33 -3.90
N VAL C 94 3.35 4.71 -4.71
CA VAL C 94 1.97 5.21 -4.82
C VAL C 94 1.30 5.31 -3.46
N PHE C 95 1.73 4.47 -2.50
CA PHE C 95 1.12 4.47 -1.17
C PHE C 95 1.40 5.73 -0.36
N PHE C 96 2.30 6.59 -0.82
CA PHE C 96 2.71 7.79 -0.09
C PHE C 96 2.32 9.07 -0.84
N GLN C 97 1.34 9.00 -1.74
CA GLN C 97 1.02 10.12 -2.60
C GLN C 97 -0.30 9.86 -3.33
N SER D 8 35.91 -12.50 42.97
CA SER D 8 35.42 -11.23 42.47
C SER D 8 36.43 -10.07 42.65
N THR D 9 36.62 -9.30 41.58
CA THR D 9 37.47 -8.12 41.52
C THR D 9 36.60 -6.87 41.34
N ARG D 10 37.25 -5.71 41.25
CA ARG D 10 36.53 -4.43 41.19
C ARG D 10 35.65 -4.35 39.96
N LYS D 11 34.33 -4.33 40.17
CA LYS D 11 33.40 -4.43 39.06
C LYS D 11 32.60 -3.16 38.80
N ARG D 12 32.49 -2.25 39.77
CA ARG D 12 31.71 -1.03 39.57
C ARG D 12 32.65 0.12 39.21
N PHE D 13 32.36 0.80 38.11
CA PHE D 13 33.16 1.88 37.58
C PHE D 13 32.27 3.03 37.13
N THR D 14 32.80 4.24 37.15
CA THR D 14 32.25 5.25 36.27
C THR D 14 32.81 5.09 34.86
N GLY D 15 32.05 5.57 33.88
CA GLY D 15 32.52 5.55 32.50
C GLY D 15 33.92 6.09 32.35
N ALA D 16 34.23 7.20 33.03
CA ALA D 16 35.58 7.73 32.99
C ALA D 16 36.59 6.71 33.53
N GLU D 17 36.32 6.16 34.72
CA GLU D 17 37.26 5.18 35.26
C GLU D 17 37.36 3.95 34.36
N PHE D 18 36.26 3.51 33.76
CA PHE D 18 36.39 2.35 32.90
C PHE D 18 37.25 2.65 31.68
N ILE D 19 37.10 3.84 31.11
CA ILE D 19 37.91 4.23 29.95
C ILE D 19 39.38 4.18 30.30
N VAL D 20 39.77 4.80 31.42
CA VAL D 20 41.18 4.80 31.81
C VAL D 20 41.67 3.37 32.07
N HIS D 21 40.84 2.55 32.73
CA HIS D 21 41.23 1.17 33.01
C HIS D 21 41.45 0.38 31.72
N PHE D 22 40.57 0.57 30.75
CA PHE D 22 40.72 -0.11 29.46
C PHE D 22 41.99 0.31 28.76
N LEU D 23 42.28 1.62 28.76
CA LEU D 23 43.50 2.11 28.13
C LEU D 23 44.73 1.47 28.77
N GLU D 24 44.70 1.36 30.11
CA GLU D 24 45.78 0.68 30.82
C GLU D 24 45.89 -0.77 30.35
N GLN D 25 44.76 -1.45 30.16
CA GLN D 25 44.82 -2.83 29.68
C GLN D 25 45.28 -2.95 28.22
N GLN D 26 45.33 -1.86 27.43
CA GLN D 26 45.90 -1.98 26.09
C GLN D 26 47.38 -1.65 26.03
N GLY D 27 48.02 -1.49 27.20
CA GLY D 27 49.45 -1.20 27.23
C GLY D 27 49.79 0.25 27.04
N ILE D 28 48.80 1.13 27.03
CA ILE D 28 48.98 2.57 26.87
C ILE D 28 49.80 3.12 28.03
N LYS D 29 50.99 3.62 27.73
CA LYS D 29 51.77 4.36 28.72
C LYS D 29 51.66 5.88 28.56
N ILE D 30 51.18 6.39 27.42
CA ILE D 30 51.08 7.83 27.20
C ILE D 30 49.83 8.19 26.41
N VAL D 31 49.23 9.32 26.78
CA VAL D 31 48.12 9.94 26.04
C VAL D 31 48.37 11.44 26.03
N THR D 32 47.96 12.10 24.95
CA THR D 32 48.22 13.53 24.79
C THR D 32 46.97 14.25 24.31
N GLY D 33 46.66 15.37 24.93
CA GLY D 33 45.48 16.12 24.54
C GLY D 33 45.42 17.45 25.25
N ILE D 34 44.22 18.04 25.28
CA ILE D 34 43.98 19.31 25.98
C ILE D 34 42.64 19.23 26.71
N PRO D 35 42.57 19.56 27.99
CA PRO D 35 41.31 19.40 28.73
C PRO D 35 40.37 20.56 28.45
N GLY D 36 39.08 20.27 28.60
CA GLY D 36 37.96 21.20 28.51
C GLY D 36 36.78 20.59 29.24
N GLY D 37 35.72 21.39 29.39
CA GLY D 37 34.61 20.95 30.20
C GLY D 37 34.10 19.53 29.93
N SER D 38 33.75 19.24 28.69
CA SER D 38 33.06 18.00 28.37
C SER D 38 33.93 16.76 28.57
N ILE D 39 35.24 16.93 28.72
CA ILE D 39 36.14 15.81 28.92
C ILE D 39 36.75 15.81 30.31
N LEU D 40 36.36 16.75 31.16
CA LEU D 40 36.98 16.81 32.47
C LEU D 40 36.79 15.55 33.31
N PRO D 41 35.65 14.82 33.24
CA PRO D 41 35.56 13.57 34.01
C PRO D 41 36.70 12.60 33.75
N VAL D 42 36.98 12.33 32.48
CA VAL D 42 38.07 11.42 32.14
C VAL D 42 39.39 11.93 32.69
N TYR D 43 39.66 13.22 32.55
CA TYR D 43 40.89 13.78 33.10
C TYR D 43 40.98 13.55 34.60
N ASP D 44 39.86 13.72 35.32
CA ASP D 44 39.85 13.41 36.74
C ASP D 44 40.35 11.99 36.95
N ALA D 45 39.72 11.03 36.28
CA ALA D 45 40.16 9.64 36.37
C ALA D 45 41.57 9.45 35.86
N LEU D 46 41.91 10.12 34.75
CA LEU D 46 43.25 9.94 34.21
C LEU D 46 44.29 10.49 35.15
N SER D 47 43.86 11.40 36.03
CA SER D 47 44.61 11.90 37.17
C SER D 47 45.27 10.79 37.98
N GLN D 48 44.70 9.60 38.07
CA GLN D 48 45.18 8.64 39.06
C GLN D 48 45.67 7.35 38.46
N SER D 49 46.01 7.34 37.18
CA SER D 49 46.65 6.19 36.60
C SER D 49 48.03 6.04 37.22
N THR D 50 48.33 4.84 37.72
CA THR D 50 49.72 4.58 38.08
C THR D 50 50.51 4.20 36.86
N GLN D 51 49.86 4.21 35.69
CA GLN D 51 50.39 3.71 34.45
C GLN D 51 50.53 4.74 33.33
N ILE D 52 49.61 5.70 33.18
CA ILE D 52 49.53 6.57 32.01
C ILE D 52 49.97 8.00 32.35
N ARG D 53 51.02 8.46 31.68
CA ARG D 53 51.35 9.88 31.66
C ARG D 53 50.55 10.57 30.57
N HIS D 54 50.20 11.83 30.82
CA HIS D 54 49.49 12.65 29.87
C HIS D 54 50.32 13.89 29.55
N ILE D 55 50.62 14.10 28.26
CA ILE D 55 51.29 15.33 27.81
C ILE D 55 50.24 16.32 27.36
N LEU D 56 50.31 17.54 27.92
CA LEU D 56 49.42 18.65 27.62
C LEU D 56 49.97 19.41 26.39
N ALA D 57 49.36 19.18 25.23
CA ALA D 57 49.72 19.92 24.02
C ALA D 57 49.23 21.38 24.09
N ARG D 58 49.64 22.18 23.09
CA ARG D 58 49.25 23.59 23.02
C ARG D 58 48.18 23.86 21.97
N HIS D 59 47.79 22.87 21.18
CA HIS D 59 46.74 22.98 20.19
C HIS D 59 46.35 21.54 19.84
N GLU D 60 45.06 21.25 19.72
CA GLU D 60 44.68 19.84 19.66
C GLU D 60 45.21 19.16 18.41
N GLN D 61 45.39 19.89 17.32
CA GLN D 61 46.06 19.30 16.16
C GLN D 61 47.44 18.78 16.52
N GLY D 62 48.15 19.54 17.34
CA GLY D 62 49.42 19.06 17.84
C GLY D 62 49.29 17.80 18.68
N ALA D 63 48.31 17.77 19.59
CA ALA D 63 48.09 16.54 20.34
C ALA D 63 47.89 15.36 19.40
N GLY D 64 47.11 15.56 18.35
CA GLY D 64 46.91 14.48 17.40
C GLY D 64 48.19 14.06 16.70
N PHE D 65 49.00 15.04 16.28
CA PHE D 65 50.23 14.67 15.58
C PHE D 65 51.28 14.11 16.54
N ILE D 66 51.25 14.51 17.80
CA ILE D 66 52.13 13.90 18.79
C ILE D 66 51.78 12.42 18.95
N ALA D 67 50.49 12.14 19.13
CA ALA D 67 50.08 10.74 19.11
C ALA D 67 50.53 10.06 17.82
N GLN D 68 50.38 10.73 16.69
CA GLN D 68 50.80 10.14 15.43
C GLN D 68 52.30 9.81 15.46
N GLY D 69 53.15 10.69 16.01
CA GLY D 69 54.56 10.36 16.09
C GLY D 69 54.81 9.12 16.93
N MET D 70 54.10 9.01 18.06
CA MET D 70 54.17 7.76 18.84
C MET D 70 53.75 6.56 18.00
N ALA D 71 52.55 6.59 17.41
CA ALA D 71 52.01 5.44 16.69
C ALA D 71 52.89 5.05 15.51
N ARG D 72 53.42 6.04 14.79
CA ARG D 72 54.31 5.80 13.66
C ARG D 72 55.68 5.27 14.07
N THR D 73 56.14 5.49 15.32
CA THR D 73 57.38 4.79 15.67
C THR D 73 57.14 3.48 16.41
N ASP D 74 56.01 3.36 17.13
CA ASP D 74 55.67 2.15 17.88
C ASP D 74 55.07 1.05 17.01
N GLY D 75 54.25 1.43 16.03
CA GLY D 75 53.41 0.44 15.38
C GLY D 75 52.18 0.09 16.18
N LYS D 76 51.91 0.81 17.29
CA LYS D 76 50.81 0.61 18.21
C LYS D 76 49.82 1.77 18.13
N PRO D 77 48.53 1.53 18.43
CA PRO D 77 47.58 2.64 18.46
C PRO D 77 47.98 3.66 19.51
N ALA D 78 47.95 4.93 19.13
CA ALA D 78 48.21 6.05 20.02
C ALA D 78 46.89 6.76 20.31
N VAL D 79 46.78 7.38 21.48
CA VAL D 79 45.50 7.94 21.96
C VAL D 79 45.68 9.44 22.12
N CYS D 80 44.75 10.22 21.57
CA CYS D 80 44.71 11.65 21.86
C CYS D 80 43.31 12.01 22.31
N MET D 81 43.20 13.09 23.06
CA MET D 81 41.93 13.47 23.68
C MET D 81 41.67 14.95 23.54
N ALA D 82 40.39 15.30 23.39
CA ALA D 82 40.02 16.70 23.36
C ALA D 82 38.59 16.84 23.90
N CYS D 83 38.21 18.08 24.21
CA CYS D 83 36.84 18.31 24.62
C CYS D 83 35.92 18.44 23.41
N SER D 84 34.64 18.74 23.67
CA SER D 84 33.68 18.99 22.60
C SER D 84 34.07 20.27 21.85
N GLY D 85 33.31 20.57 20.80
CA GLY D 85 33.42 21.83 20.10
C GLY D 85 34.77 22.06 19.46
N PRO D 86 35.46 23.13 19.88
CA PRO D 86 36.74 23.47 19.23
C PRO D 86 37.83 22.42 19.42
N GLY D 87 37.82 21.66 20.52
CA GLY D 87 38.75 20.52 20.60
C GLY D 87 38.62 19.53 19.45
N ALA D 88 37.40 19.06 19.19
CA ALA D 88 37.18 18.09 18.11
C ALA D 88 37.56 18.67 16.75
N THR D 89 37.01 19.84 16.44
CA THR D 89 37.30 20.45 15.15
C THR D 89 38.81 20.69 15.01
N ASN D 90 39.48 21.05 16.11
CA ASN D 90 40.91 21.20 16.02
C ASN D 90 41.61 19.87 15.77
N LEU D 91 40.99 18.74 16.13
CA LEU D 91 41.61 17.44 15.81
C LEU D 91 41.49 17.04 14.35
N VAL D 92 40.54 17.64 13.62
CA VAL D 92 40.17 17.16 12.27
C VAL D 92 41.40 16.89 11.39
N THR D 93 42.27 17.88 11.21
CA THR D 93 43.37 17.73 10.24
C THR D 93 44.28 16.56 10.60
N ALA D 94 44.64 16.44 11.88
CA ALA D 94 45.51 15.35 12.32
C ALA D 94 44.86 14.00 12.06
N ILE D 95 43.55 13.91 12.29
CA ILE D 95 42.88 12.64 12.07
C ILE D 95 42.85 12.29 10.59
N ALA D 96 42.48 13.24 9.73
CA ALA D 96 42.45 12.98 8.29
C ALA D 96 43.83 12.58 7.79
N ASP D 97 44.88 13.23 8.30
CA ASP D 97 46.23 12.79 7.97
C ASP D 97 46.46 11.34 8.35
N ALA D 98 46.05 10.96 9.55
CA ALA D 98 46.19 9.56 9.96
C ALA D 98 45.45 8.63 9.00
N ARG D 99 44.24 9.02 8.59
CA ARG D 99 43.49 8.16 7.67
C ARG D 99 44.24 7.98 6.36
N LEU D 100 44.66 9.06 5.73
CA LEU D 100 45.29 8.88 4.42
C LEU D 100 46.69 8.28 4.49
N ASP D 101 47.36 8.29 5.65
CA ASP D 101 48.60 7.52 5.69
C ASP D 101 48.47 6.17 6.39
N SER D 102 47.25 5.77 6.78
CA SER D 102 46.95 4.46 7.37
C SER D 102 47.68 4.29 8.71
N ILE D 103 47.44 5.21 9.62
CA ILE D 103 48.14 5.25 10.92
C ILE D 103 47.13 4.89 11.99
N PRO D 104 47.45 3.96 12.90
CA PRO D 104 46.48 3.54 13.92
C PRO D 104 46.36 4.52 15.06
N LEU D 105 45.31 5.30 15.05
CA LEU D 105 45.04 6.29 16.08
C LEU D 105 43.70 5.99 16.76
N ILE D 106 43.68 6.16 18.07
CA ILE D 106 42.46 6.20 18.84
C ILE D 106 42.30 7.65 19.28
N CYS D 107 41.15 8.21 18.98
CA CYS D 107 40.91 9.60 19.31
C CYS D 107 39.66 9.67 20.18
N ILE D 108 39.80 10.22 21.39
CA ILE D 108 38.74 10.31 22.37
C ILE D 108 38.41 11.77 22.64
N THR D 109 37.12 12.11 22.51
CA THR D 109 36.63 13.47 22.74
C THR D 109 35.42 13.46 23.66
N GLY D 110 35.35 14.47 24.53
CA GLY D 110 34.14 14.71 25.30
C GLY D 110 33.04 15.32 24.45
N GLN D 111 31.80 15.15 24.88
CA GLN D 111 30.67 15.72 24.18
C GLN D 111 29.66 16.21 25.21
N VAL D 112 28.77 17.13 24.81
CA VAL D 112 27.73 17.65 25.72
C VAL D 112 26.93 16.49 26.28
N PRO D 113 26.31 16.63 27.46
CA PRO D 113 25.51 15.54 28.01
C PRO D 113 24.46 15.04 27.03
N ALA D 114 24.23 13.73 27.05
CA ALA D 114 23.28 13.13 26.13
C ALA D 114 21.93 13.84 26.18
N SER D 115 21.51 14.25 27.39
CA SER D 115 20.30 15.04 27.61
C SER D 115 20.26 16.34 26.81
N MET D 116 21.41 16.85 26.34
CA MET D 116 21.46 18.14 25.65
C MET D 116 21.86 18.02 24.19
N ILE D 117 22.11 16.80 23.70
CA ILE D 117 22.53 16.60 22.31
C ILE D 117 21.43 17.05 21.35
N GLY D 118 21.68 18.14 20.63
CA GLY D 118 20.77 18.63 19.62
C GLY D 118 19.96 19.86 19.99
N THR D 119 20.27 20.53 21.10
CA THR D 119 19.63 21.80 21.43
C THR D 119 20.53 22.99 21.14
N ASP D 120 21.52 22.81 20.26
CA ASP D 120 22.51 23.84 19.94
C ASP D 120 23.29 24.25 21.19
N ALA D 121 23.63 23.28 22.03
CA ALA D 121 24.29 23.58 23.29
C ALA D 121 25.58 24.35 23.05
N PHE D 122 25.98 25.13 24.05
CA PHE D 122 27.28 25.76 23.99
C PHE D 122 28.34 24.69 23.77
N GLN D 123 29.19 24.90 22.76
CA GLN D 123 30.25 23.98 22.40
C GLN D 123 29.70 22.64 21.90
N GLU D 124 28.63 22.71 21.08
CA GLU D 124 28.01 21.52 20.50
C GLU D 124 28.25 21.47 19.00
N VAL D 125 29.11 20.55 18.59
CA VAL D 125 29.45 20.27 17.20
C VAL D 125 29.12 18.81 16.88
N ASP D 126 28.63 18.57 15.67
CA ASP D 126 28.31 17.22 15.21
C ASP D 126 29.63 16.49 14.93
N THR D 127 30.30 16.08 16.01
CA THR D 127 31.57 15.39 15.90
C THR D 127 31.47 14.09 15.07
N TYR D 128 30.44 13.30 15.33
CA TYR D 128 30.23 12.08 14.57
C TYR D 128 30.21 12.39 13.06
N GLY D 129 29.35 13.32 12.65
CA GLY D 129 29.26 13.68 11.25
C GLY D 129 30.58 14.13 10.66
N ILE D 130 31.25 15.07 11.34
CA ILE D 130 32.55 15.53 10.86
C ILE D 130 33.51 14.36 10.70
N SER D 131 33.42 13.37 11.57
CA SER D 131 34.43 12.31 11.55
C SER D 131 34.18 11.22 10.51
N ILE D 132 32.94 11.03 10.07
CA ILE D 132 32.58 10.00 9.08
C ILE D 132 33.56 9.87 7.90
N PRO D 133 33.84 10.93 7.14
CA PRO D 133 34.72 10.81 5.97
C PRO D 133 36.22 10.91 6.26
N ILE D 134 36.64 10.91 7.52
CA ILE D 134 38.06 10.99 7.87
C ILE D 134 38.48 9.92 8.88
N THR D 135 37.60 8.95 9.15
CA THR D 135 37.96 7.90 10.10
C THR D 135 37.79 6.53 9.45
N LYS D 136 38.56 5.57 9.98
CA LYS D 136 38.28 4.17 9.64
C LYS D 136 36.95 3.70 10.22
N HIS D 137 36.55 4.21 11.38
CA HIS D 137 35.19 4.07 11.93
C HIS D 137 35.07 5.09 13.07
N ASN D 138 33.83 5.36 13.49
CA ASN D 138 33.65 6.34 14.57
C ASN D 138 32.45 5.92 15.43
N TYR D 139 32.37 6.50 16.62
CA TYR D 139 31.39 6.09 17.62
C TYR D 139 30.82 7.28 18.36
N LEU D 140 29.53 7.20 18.67
CA LEU D 140 28.97 8.02 19.73
C LEU D 140 28.24 7.10 20.71
N VAL D 141 28.87 6.88 21.87
CA VAL D 141 28.38 5.97 22.91
C VAL D 141 27.23 6.67 23.64
N ARG D 142 26.02 6.14 23.56
CA ARG D 142 24.96 6.94 24.18
C ARG D 142 24.54 6.32 25.50
N HIS D 143 25.09 5.16 25.80
CA HIS D 143 24.74 4.37 26.95
C HIS D 143 26.05 3.88 27.58
N ILE D 144 26.18 4.07 28.90
CA ILE D 144 27.40 3.58 29.55
C ILE D 144 27.64 2.09 29.30
N GLU D 145 26.57 1.29 29.21
CA GLU D 145 26.71 -0.15 29.03
C GLU D 145 27.43 -0.57 27.75
N GLU D 146 27.51 0.27 26.73
CA GLU D 146 28.28 -0.04 25.53
C GLU D 146 29.78 0.25 25.63
N LEU D 147 30.24 0.89 26.70
CA LEU D 147 31.64 1.35 26.69
C LEU D 147 32.65 0.23 26.50
N PRO D 148 32.54 -0.96 27.15
CA PRO D 148 33.51 -2.03 26.85
C PRO D 148 33.57 -2.40 25.38
N GLN D 149 32.46 -2.85 24.79
CA GLN D 149 32.50 -3.33 23.41
C GLN D 149 33.06 -2.27 22.47
N VAL D 150 32.52 -1.06 22.54
CA VAL D 150 33.03 0.04 21.72
C VAL D 150 34.56 0.06 21.79
N MET D 151 35.08 0.16 23.01
CA MET D 151 36.52 0.34 23.09
C MET D 151 37.24 -0.89 22.60
N SER D 152 36.78 -2.07 22.99
CA SER D 152 37.44 -3.25 22.50
C SER D 152 37.47 -3.27 20.99
N ASP D 153 36.35 -2.89 20.35
CA ASP D 153 36.32 -2.93 18.91
C ASP D 153 37.10 -1.80 18.29
N ALA D 154 37.07 -0.63 18.93
CA ALA D 154 37.87 0.48 18.43
C ALA D 154 39.33 0.08 18.32
N PHE D 155 39.89 -0.43 19.42
CA PHE D 155 41.28 -0.84 19.38
C PHE D 155 41.49 -2.02 18.43
N ARG D 156 40.49 -2.87 18.25
CA ARG D 156 40.67 -3.88 17.22
C ARG D 156 40.73 -3.25 15.83
N ILE D 157 39.73 -2.41 15.50
CA ILE D 157 39.60 -1.93 14.12
C ILE D 157 40.78 -1.04 13.73
N ALA D 158 41.23 -0.20 14.66
CA ALA D 158 42.33 0.70 14.38
C ALA D 158 43.60 -0.05 14.03
N GLN D 159 43.71 -1.29 14.50
CA GLN D 159 44.95 -2.04 14.45
C GLN D 159 44.91 -3.16 13.43
N SER D 160 43.72 -3.56 12.98
CA SER D 160 43.59 -4.72 12.12
C SER D 160 43.58 -4.32 10.65
N GLY D 161 43.76 -5.33 9.79
CA GLY D 161 43.77 -5.15 8.36
C GLY D 161 44.64 -3.99 7.93
N ARG D 162 44.05 -3.03 7.22
CA ARG D 162 44.74 -1.78 6.93
C ARG D 162 44.49 -0.83 8.09
N PRO D 163 45.51 -0.46 8.86
CA PRO D 163 45.28 0.32 10.08
C PRO D 163 44.76 1.72 9.75
N GLY D 164 44.17 2.36 10.77
CA GLY D 164 43.61 3.69 10.61
C GLY D 164 43.11 4.29 11.91
N PRO D 165 42.66 5.55 11.85
CA PRO D 165 42.17 6.23 13.07
C PRO D 165 40.72 5.88 13.36
N VAL D 166 40.39 5.75 14.66
CA VAL D 166 39.02 5.56 15.13
C VAL D 166 38.69 6.69 16.10
N TRP D 167 37.50 7.25 15.97
CA TRP D 167 37.10 8.39 16.80
C TRP D 167 35.95 7.95 17.71
N ILE D 168 36.14 8.12 19.01
CA ILE D 168 35.12 7.77 20.00
C ILE D 168 34.69 9.07 20.68
N ASP D 169 33.41 9.42 20.50
CA ASP D 169 32.77 10.60 21.11
C ASP D 169 31.96 10.14 22.31
N ILE D 170 32.22 10.71 23.48
CA ILE D 170 31.57 10.23 24.70
C ILE D 170 30.86 11.35 25.44
N PRO D 171 29.53 11.33 25.51
CA PRO D 171 28.82 12.36 26.26
C PRO D 171 29.25 12.40 27.71
N LYS D 172 29.36 13.62 28.24
CA LYS D 172 29.83 13.80 29.62
C LYS D 172 29.02 12.98 30.61
N ASP D 173 27.68 12.88 30.42
CA ASP D 173 26.86 12.12 31.37
C ASP D 173 27.06 10.61 31.26
N VAL D 174 27.63 10.13 30.15
CA VAL D 174 28.04 8.74 30.08
C VAL D 174 29.30 8.50 30.90
N GLN D 175 30.25 9.43 30.82
CA GLN D 175 31.48 9.32 31.62
C GLN D 175 31.18 9.32 33.09
N THR D 176 30.08 9.97 33.47
CA THR D 176 29.69 10.19 34.84
C THR D 176 28.67 9.18 35.34
N ALA D 177 28.05 8.42 34.43
CA ALA D 177 27.25 7.29 34.86
C ALA D 177 28.13 6.29 35.60
N VAL D 178 27.47 5.40 36.36
CA VAL D 178 28.13 4.33 37.09
C VAL D 178 27.53 3.02 36.64
N PHE D 179 28.37 1.99 36.52
CA PHE D 179 27.89 0.68 36.10
C PHE D 179 28.84 -0.39 36.58
N GLU D 180 28.37 -1.63 36.54
CA GLU D 180 29.13 -2.83 36.87
C GLU D 180 29.35 -3.59 35.57
N ILE D 181 30.52 -4.20 35.43
CA ILE D 181 30.85 -4.91 34.21
C ILE D 181 30.80 -6.41 34.45
N GLU D 182 30.73 -7.15 33.34
CA GLU D 182 30.65 -8.61 33.36
C GLU D 182 32.03 -9.27 33.43
N THR D 183 32.98 -8.80 32.61
CA THR D 183 34.30 -9.41 32.46
C THR D 183 35.36 -8.32 32.31
N GLN D 184 36.51 -8.53 32.95
CA GLN D 184 37.58 -7.54 32.87
C GLN D 184 38.05 -7.36 31.43
N PRO D 185 38.34 -6.12 31.02
CA PRO D 185 38.74 -5.87 29.62
C PRO D 185 40.13 -6.44 29.33
N ALA D 186 40.20 -7.28 28.30
CA ALA D 186 41.46 -7.86 27.86
C ALA D 186 42.12 -6.94 26.85
N MET D 187 43.28 -7.32 26.35
CA MET D 187 43.92 -6.52 25.30
C MET D 187 43.48 -7.11 23.96
N ALA D 188 42.32 -6.68 23.47
CA ALA D 188 41.91 -7.10 22.13
C ALA D 188 42.89 -6.54 21.10
N GLU D 189 43.44 -7.41 20.27
CA GLU D 189 44.36 -6.97 19.23
C GLU D 189 43.95 -7.58 17.88
N LYS D 190 44.87 -7.51 16.92
CA LYS D 190 44.56 -7.65 15.50
C LYS D 190 43.83 -8.94 15.14
N ALA D 191 42.92 -8.81 14.17
CA ALA D 191 42.26 -9.94 13.54
C ALA D 191 43.25 -10.71 12.68
N ALA D 192 42.92 -11.97 12.42
CA ALA D 192 43.83 -12.79 11.61
C ALA D 192 43.90 -12.21 10.20
N ALA D 193 45.09 -12.27 9.62
CA ALA D 193 45.32 -11.77 8.28
C ALA D 193 44.56 -12.63 7.27
N PRO D 194 44.23 -12.07 6.10
CA PRO D 194 43.52 -12.85 5.09
C PRO D 194 44.30 -14.09 4.68
N ALA D 195 43.57 -15.07 4.16
CA ALA D 195 44.17 -16.25 3.59
C ALA D 195 44.50 -16.02 2.12
N PHE D 196 45.30 -16.92 1.56
CA PHE D 196 45.61 -16.76 0.16
C PHE D 196 45.87 -18.13 -0.46
N SER D 197 45.38 -18.29 -1.69
CA SER D 197 45.46 -19.56 -2.38
C SER D 197 46.92 -19.82 -2.76
N GLU D 198 47.31 -21.09 -2.69
CA GLU D 198 48.68 -21.44 -3.04
C GLU D 198 49.00 -21.18 -4.50
N GLU D 199 47.99 -21.22 -5.35
CA GLU D 199 48.23 -21.02 -6.76
C GLU D 199 48.87 -19.69 -7.08
N SER D 200 48.42 -18.64 -6.42
CA SER D 200 48.94 -17.32 -6.68
C SER D 200 50.40 -17.24 -6.37
N ILE D 201 50.81 -17.80 -5.24
CA ILE D 201 52.21 -17.70 -4.88
C ILE D 201 53.04 -18.39 -5.94
N ARG D 202 52.62 -19.56 -6.38
CA ARG D 202 53.38 -20.26 -7.40
C ARG D 202 53.44 -19.51 -8.71
N ASP D 203 52.30 -18.97 -9.10
CA ASP D 203 52.25 -18.26 -10.35
C ASP D 203 53.17 -17.08 -10.29
N ALA D 204 53.18 -16.41 -9.16
CA ALA D 204 54.02 -15.25 -9.00
C ALA D 204 55.47 -15.62 -9.07
N ALA D 205 55.84 -16.70 -8.41
CA ALA D 205 57.23 -17.12 -8.39
C ALA D 205 57.64 -17.41 -9.81
N ALA D 206 56.71 -17.94 -10.57
CA ALA D 206 56.99 -18.21 -11.95
C ALA D 206 57.29 -16.95 -12.73
N MET D 207 56.49 -15.90 -12.52
CA MET D 207 56.67 -14.68 -13.29
C MET D 207 57.93 -13.94 -12.88
N ILE D 208 58.28 -14.02 -11.59
CA ILE D 208 59.50 -13.37 -11.13
C ILE D 208 60.72 -14.12 -11.66
N ASN D 209 60.65 -15.45 -11.67
CA ASN D 209 61.78 -16.25 -12.12
C ASN D 209 61.95 -16.25 -13.64
N ALA D 210 60.88 -15.96 -14.38
CA ALA D 210 60.93 -15.88 -15.82
C ALA D 210 61.05 -14.44 -16.33
N ALA D 211 61.13 -13.46 -15.44
CA ALA D 211 61.14 -12.05 -15.84
C ALA D 211 62.56 -11.60 -16.13
N LYS D 212 62.75 -10.96 -17.29
CA LYS D 212 64.05 -10.46 -17.67
C LYS D 212 64.41 -9.16 -16.96
N ARG D 213 63.42 -8.33 -16.66
CA ARG D 213 63.67 -6.98 -16.16
C ARG D 213 62.68 -6.64 -15.04
N PRO D 214 62.78 -7.32 -13.90
CA PRO D 214 61.87 -7.02 -12.80
C PRO D 214 62.39 -5.87 -11.92
N VAL D 215 61.44 -5.18 -11.30
CA VAL D 215 61.76 -4.23 -10.25
C VAL D 215 60.78 -4.46 -9.11
N LEU D 216 61.27 -4.37 -7.87
CA LEU D 216 60.43 -4.59 -6.71
C LEU D 216 60.05 -3.23 -6.16
N TYR D 217 58.76 -2.96 -6.13
CA TYR D 217 58.22 -1.65 -5.83
C TYR D 217 57.61 -1.77 -4.43
N LEU D 218 58.31 -1.18 -3.46
CA LEU D 218 57.91 -1.25 -2.06
C LEU D 218 57.17 0.01 -1.66
N GLY D 219 56.13 -0.18 -0.84
CA GLY D 219 55.36 0.90 -0.27
C GLY D 219 55.32 0.79 1.24
N GLY D 220 54.60 1.74 1.84
CA GLY D 220 54.51 1.82 3.28
C GLY D 220 53.84 0.64 3.94
N GLY D 221 53.24 -0.26 3.15
CA GLY D 221 52.62 -1.45 3.67
C GLY D 221 53.57 -2.59 3.97
N VAL D 222 54.83 -2.48 3.53
CA VAL D 222 55.81 -3.52 3.82
C VAL D 222 56.48 -3.22 5.16
N ILE D 223 55.94 -2.24 5.90
CA ILE D 223 56.66 -1.59 6.99
C ILE D 223 57.03 -2.56 8.13
N ASN D 224 56.26 -3.65 8.35
CA ASN D 224 56.58 -4.58 9.43
C ASN D 224 57.17 -5.89 8.95
N ALA D 225 57.79 -5.90 7.77
CA ALA D 225 58.43 -7.10 7.23
C ALA D 225 59.76 -6.71 6.59
N PRO D 226 60.63 -6.04 7.36
CA PRO D 226 61.91 -5.61 6.75
C PRO D 226 62.79 -6.78 6.41
N ALA D 227 62.81 -7.81 7.25
CA ALA D 227 63.63 -8.98 7.01
C ALA D 227 63.32 -9.60 5.65
N ARG D 228 62.04 -9.92 5.40
CA ARG D 228 61.72 -10.71 4.21
C ARG D 228 61.78 -9.92 2.91
N VAL D 229 61.58 -8.60 2.93
CA VAL D 229 61.76 -7.87 1.67
C VAL D 229 63.23 -7.85 1.29
N ARG D 230 64.12 -7.69 2.26
CA ARG D 230 65.54 -7.81 2.00
C ARG D 230 65.91 -9.21 1.54
N GLU D 231 65.37 -10.24 2.21
CA GLU D 231 65.65 -11.63 1.83
C GLU D 231 65.23 -11.90 0.40
N LEU D 232 64.04 -11.44 0.01
CA LEU D 232 63.56 -11.65 -1.35
C LEU D 232 64.39 -10.85 -2.35
N ALA D 233 64.58 -9.55 -2.09
CA ALA D 233 65.29 -8.68 -3.02
C ALA D 233 66.73 -9.14 -3.24
N GLU D 234 67.43 -9.55 -2.18
CA GLU D 234 68.82 -9.94 -2.32
C GLU D 234 68.96 -11.36 -2.86
N LYS D 235 68.02 -12.25 -2.52
CA LYS D 235 68.04 -13.58 -3.11
C LYS D 235 67.89 -13.49 -4.62
N ALA D 236 66.80 -12.87 -5.09
CA ALA D 236 66.60 -12.70 -6.51
C ALA D 236 67.49 -11.61 -7.12
N GLN D 237 68.24 -10.89 -6.28
CA GLN D 237 69.04 -9.75 -6.72
C GLN D 237 68.18 -8.82 -7.57
N LEU D 238 67.06 -8.34 -6.95
CA LEU D 238 66.07 -7.45 -7.57
C LEU D 238 66.39 -6.01 -7.28
N PRO D 239 66.52 -5.19 -8.31
CA PRO D 239 66.48 -3.74 -8.10
C PRO D 239 65.15 -3.36 -7.46
N THR D 240 65.23 -2.65 -6.35
CA THR D 240 64.05 -2.29 -5.57
C THR D 240 63.89 -0.78 -5.46
N THR D 241 62.69 -0.28 -5.75
CA THR D 241 62.38 1.12 -5.55
C THR D 241 61.48 1.29 -4.34
N MET D 242 61.50 2.50 -3.77
CA MET D 242 60.67 2.84 -2.62
C MET D 242 59.87 4.10 -2.90
N THR D 243 58.65 4.15 -2.36
CA THR D 243 57.86 5.37 -2.31
C THR D 243 58.36 6.28 -1.19
N LEU D 244 57.78 7.47 -1.12
CA LEU D 244 58.06 8.35 0.00
C LEU D 244 57.80 7.69 1.34
N MET D 245 56.81 6.79 1.43
CA MET D 245 56.44 6.14 2.69
C MET D 245 57.30 4.96 3.07
N ALA D 246 58.16 4.51 2.16
CA ALA D 246 58.94 3.30 2.42
C ALA D 246 60.44 3.55 2.54
N LEU D 247 60.90 4.80 2.48
CA LEU D 247 62.32 5.10 2.64
C LEU D 247 62.84 4.48 3.92
N GLY D 248 64.05 3.96 3.86
CA GLY D 248 64.55 3.27 5.01
C GLY D 248 64.23 1.80 5.00
N MET D 249 63.30 1.35 4.13
CA MET D 249 63.02 -0.08 4.05
C MET D 249 64.23 -0.86 3.60
N LEU D 250 65.06 -0.27 2.76
CA LEU D 250 66.30 -0.97 2.54
C LEU D 250 67.29 0.19 2.44
N PRO D 251 68.52 0.06 2.95
CA PRO D 251 69.37 1.25 3.14
C PRO D 251 69.76 1.99 1.87
N LYS D 252 69.89 3.32 2.01
CA LYS D 252 70.22 4.17 0.84
C LYS D 252 71.49 3.68 0.17
N ALA D 253 72.50 3.29 0.96
CA ALA D 253 73.76 2.88 0.37
C ALA D 253 73.75 1.45 -0.13
N HIS D 254 72.69 0.70 0.13
CA HIS D 254 72.67 -0.71 -0.26
C HIS D 254 72.65 -0.82 -1.78
N PRO D 255 73.48 -1.70 -2.36
CA PRO D 255 73.65 -1.71 -3.83
C PRO D 255 72.39 -2.06 -4.61
N LEU D 256 71.29 -2.46 -3.95
CA LEU D 256 70.04 -2.68 -4.65
C LEU D 256 69.09 -1.50 -4.60
N SER D 257 69.46 -0.43 -3.91
CA SER D 257 68.54 0.69 -3.66
C SER D 257 68.47 1.60 -4.87
N LEU D 258 67.30 1.66 -5.51
CA LEU D 258 66.96 2.67 -6.51
C LEU D 258 66.51 3.99 -5.89
N GLY D 259 66.49 4.09 -4.57
CA GLY D 259 65.93 5.30 -4.00
C GLY D 259 64.45 5.45 -4.29
N MET D 260 64.00 6.69 -4.29
CA MET D 260 62.59 6.95 -4.39
C MET D 260 62.18 7.11 -5.85
N LEU D 261 61.03 6.54 -6.20
CA LEU D 261 60.43 6.70 -7.50
C LEU D 261 59.42 7.84 -7.47
N GLY D 262 59.07 8.35 -8.66
CA GLY D 262 57.94 9.24 -8.80
C GLY D 262 58.19 10.69 -9.10
N MET D 263 57.28 11.56 -8.63
CA MET D 263 57.24 12.95 -9.09
C MET D 263 58.53 13.69 -8.76
N HIS D 264 59.02 13.53 -7.53
CA HIS D 264 60.29 14.12 -7.10
C HIS D 264 61.30 13.04 -6.77
N GLY D 265 61.13 11.86 -7.33
CA GLY D 265 62.04 10.76 -7.12
C GLY D 265 63.33 10.99 -7.86
N VAL D 266 64.11 9.92 -7.98
CA VAL D 266 65.39 9.97 -8.67
C VAL D 266 65.17 9.67 -10.16
N ARG D 267 65.77 10.52 -11.02
CA ARG D 267 65.51 10.44 -12.46
C ARG D 267 65.89 9.08 -13.04
N SER D 268 67.08 8.59 -12.70
CA SER D 268 67.58 7.35 -13.30
C SER D 268 66.56 6.23 -13.16
N THR D 269 65.93 6.09 -12.00
CA THR D 269 65.00 4.99 -11.81
C THR D 269 63.62 5.31 -12.38
N ASN D 270 63.25 6.59 -12.47
CA ASN D 270 62.05 6.93 -13.23
C ASN D 270 62.15 6.40 -14.66
N TYR D 271 63.34 6.47 -15.27
CA TYR D 271 63.50 5.83 -16.56
C TYR D 271 63.66 4.31 -16.45
N ILE D 272 64.31 3.82 -15.39
CA ILE D 272 64.56 2.38 -15.27
C ILE D 272 63.27 1.59 -15.24
N LEU D 273 62.25 2.11 -14.53
CA LEU D 273 61.00 1.36 -14.43
C LEU D 273 60.34 1.13 -15.78
N GLN D 274 60.50 2.07 -16.72
CA GLN D 274 59.83 1.88 -18.00
C GLN D 274 60.41 0.74 -18.82
N GLU D 275 61.63 0.30 -18.52
CA GLU D 275 62.19 -0.89 -19.15
C GLU D 275 61.84 -2.16 -18.40
N ALA D 276 61.29 -2.06 -17.20
CA ALA D 276 60.91 -3.26 -16.47
C ALA D 276 59.79 -3.96 -17.21
N ASP D 277 59.88 -5.29 -17.29
CA ASP D 277 58.82 -6.10 -17.87
C ASP D 277 57.90 -6.72 -16.84
N LEU D 278 58.21 -6.58 -15.55
CA LEU D 278 57.33 -7.02 -14.49
C LEU D 278 57.53 -6.15 -13.26
N LEU D 279 56.42 -5.75 -12.64
CA LEU D 279 56.41 -4.94 -11.43
C LEU D 279 56.00 -5.81 -10.25
N ILE D 280 56.86 -5.90 -9.25
CA ILE D 280 56.58 -6.65 -8.04
C ILE D 280 56.21 -5.60 -6.99
N VAL D 281 54.92 -5.44 -6.76
CA VAL D 281 54.39 -4.34 -5.97
C VAL D 281 53.93 -4.88 -4.63
N LEU D 282 54.64 -4.51 -3.56
CA LEU D 282 54.29 -4.93 -2.22
C LEU D 282 53.96 -3.71 -1.37
N GLY D 283 52.74 -3.68 -0.84
CA GLY D 283 52.32 -2.68 0.11
C GLY D 283 52.23 -1.26 -0.39
N ALA D 284 52.22 -1.06 -1.70
CA ALA D 284 52.03 0.27 -2.26
C ALA D 284 50.67 0.34 -2.94
N ARG D 285 50.21 1.57 -3.22
CA ARG D 285 48.86 1.78 -3.73
C ARG D 285 48.83 2.67 -4.97
N PHE D 286 49.94 2.78 -5.71
CA PHE D 286 49.96 3.50 -6.99
C PHE D 286 49.42 4.93 -6.89
N ASP D 287 49.77 5.64 -5.83
CA ASP D 287 49.35 7.04 -5.74
C ASP D 287 49.85 7.83 -6.93
N ASP D 288 49.10 8.87 -7.30
CA ASP D 288 49.45 9.66 -8.48
C ASP D 288 50.87 10.21 -8.39
N ARG D 289 51.29 10.64 -7.20
CA ARG D 289 52.63 11.19 -7.00
C ARG D 289 53.74 10.15 -7.06
N ALA D 290 53.43 8.85 -7.14
CA ALA D 290 54.47 7.85 -7.33
C ALA D 290 54.52 7.31 -8.76
N ILE D 291 53.37 7.02 -9.38
CA ILE D 291 53.37 6.45 -10.73
C ILE D 291 53.00 7.48 -11.78
N GLY D 292 52.37 8.60 -11.41
CA GLY D 292 52.03 9.61 -12.39
C GLY D 292 50.85 9.22 -13.26
N LYS D 293 50.88 9.69 -14.52
CA LYS D 293 49.82 9.34 -15.46
C LYS D 293 49.72 7.83 -15.48
N THR D 294 48.65 7.32 -14.87
CA THR D 294 48.50 5.88 -14.67
C THR D 294 48.66 5.13 -15.98
N GLU D 295 48.00 5.61 -17.04
CA GLU D 295 47.98 4.91 -18.32
C GLU D 295 49.33 4.89 -19.04
N GLN D 296 50.26 5.79 -18.68
CA GLN D 296 51.52 5.92 -19.39
C GLN D 296 52.72 5.32 -18.64
N PHE D 297 52.47 4.47 -17.65
CA PHE D 297 53.55 3.93 -16.83
C PHE D 297 53.00 2.88 -15.86
N CYS D 298 53.30 1.60 -16.07
CA CYS D 298 54.23 1.09 -17.07
C CYS D 298 53.48 0.23 -18.08
N PRO D 299 53.48 0.65 -19.35
CA PRO D 299 52.64 -0.07 -20.32
C PRO D 299 53.14 -1.47 -20.68
N ASN D 300 54.44 -1.64 -20.91
CA ASN D 300 55.01 -2.90 -21.37
C ASN D 300 55.43 -3.85 -20.23
N ALA D 301 54.88 -3.68 -19.01
CA ALA D 301 55.30 -4.46 -17.85
C ALA D 301 54.14 -5.21 -17.22
N LYS D 302 54.33 -6.50 -16.97
CA LYS D 302 53.38 -7.25 -16.16
C LYS D 302 53.47 -6.83 -14.68
N ILE D 303 52.37 -6.98 -13.96
CA ILE D 303 52.26 -6.49 -12.57
C ILE D 303 51.82 -7.61 -11.63
N ILE D 304 52.50 -7.72 -10.49
CA ILE D 304 52.04 -8.47 -9.33
C ILE D 304 51.80 -7.48 -8.20
N HIS D 305 50.69 -7.65 -7.48
CA HIS D 305 50.30 -6.69 -6.45
C HIS D 305 49.86 -7.47 -5.21
N VAL D 306 50.51 -7.20 -4.07
CA VAL D 306 50.19 -7.81 -2.78
C VAL D 306 49.79 -6.68 -1.85
N ASP D 307 48.54 -6.70 -1.37
CA ASP D 307 48.04 -5.62 -0.55
C ASP D 307 46.95 -6.14 0.39
N ILE D 308 46.89 -5.60 1.61
CA ILE D 308 45.95 -6.14 2.60
C ILE D 308 44.53 -5.59 2.44
N ASP D 309 44.31 -4.52 1.70
CA ASP D 309 42.97 -3.96 1.52
C ASP D 309 42.44 -4.43 0.18
N ARG D 310 41.33 -5.19 0.22
CA ARG D 310 40.75 -5.71 -1.01
C ARG D 310 40.40 -4.57 -1.98
N ALA D 311 39.86 -3.47 -1.46
CA ALA D 311 39.48 -2.34 -2.31
C ALA D 311 40.66 -1.73 -3.07
N GLU D 312 41.90 -2.04 -2.70
CA GLU D 312 43.04 -1.48 -3.39
C GLU D 312 43.53 -2.31 -4.57
N LEU D 313 43.15 -3.58 -4.66
CA LEU D 313 43.63 -4.44 -5.73
C LEU D 313 42.91 -4.10 -7.04
N GLY D 314 43.69 -3.64 -8.03
CA GLY D 314 43.13 -3.19 -9.29
C GLY D 314 42.46 -1.84 -9.23
N LYS D 315 42.65 -1.09 -8.14
CA LYS D 315 42.01 0.21 -7.99
C LYS D 315 42.49 1.19 -9.06
N ILE D 316 43.76 1.11 -9.46
CA ILE D 316 44.35 2.04 -10.43
C ILE D 316 44.98 1.30 -11.61
N LYS D 317 45.82 0.31 -11.33
CA LYS D 317 46.36 -0.58 -12.36
C LYS D 317 45.88 -1.98 -12.04
N GLN D 318 45.38 -2.69 -13.07
CA GLN D 318 44.83 -4.03 -12.88
C GLN D 318 45.92 -5.08 -13.08
N PRO D 319 46.19 -5.93 -12.10
CA PRO D 319 47.39 -6.77 -12.12
C PRO D 319 47.17 -8.13 -12.76
N HIS D 320 48.30 -8.75 -13.10
CA HIS D 320 48.28 -10.11 -13.61
C HIS D 320 48.21 -11.12 -12.47
N VAL D 321 48.74 -10.77 -11.30
CA VAL D 321 48.52 -11.53 -10.08
C VAL D 321 48.27 -10.54 -8.96
N ALA D 322 47.16 -10.72 -8.23
CA ALA D 322 46.77 -9.87 -7.11
C ALA D 322 46.46 -10.73 -5.91
N ILE D 323 47.14 -10.49 -4.80
CA ILE D 323 46.90 -11.20 -3.54
C ILE D 323 46.57 -10.21 -2.44
N GLN D 324 45.49 -10.50 -1.71
CA GLN D 324 45.07 -9.72 -0.54
C GLN D 324 45.52 -10.45 0.72
N ALA D 325 46.58 -9.94 1.35
CA ALA D 325 47.12 -10.53 2.57
C ALA D 325 48.12 -9.57 3.21
N ASP D 326 48.57 -9.92 4.41
CA ASP D 326 49.72 -9.27 5.01
C ASP D 326 50.95 -9.72 4.24
N VAL D 327 51.82 -8.77 3.85
CA VAL D 327 52.97 -9.10 2.99
C VAL D 327 53.88 -10.11 3.67
N ASP D 328 54.06 -9.97 4.98
CA ASP D 328 54.97 -10.86 5.70
C ASP D 328 54.59 -12.31 5.49
N ASP D 329 53.33 -12.68 5.77
CA ASP D 329 52.91 -14.07 5.61
C ASP D 329 53.08 -14.53 4.16
N VAL D 330 52.82 -13.65 3.20
CA VAL D 330 52.97 -13.99 1.79
C VAL D 330 54.43 -14.28 1.46
N LEU D 331 55.34 -13.37 1.82
CA LEU D 331 56.75 -13.57 1.54
C LEU D 331 57.33 -14.79 2.26
N ALA D 332 56.83 -15.08 3.47
CA ALA D 332 57.20 -16.34 4.12
C ALA D 332 56.84 -17.50 3.20
N GLN D 333 55.66 -17.44 2.60
CA GLN D 333 55.24 -18.55 1.74
C GLN D 333 55.81 -18.48 0.33
N LEU D 334 56.49 -17.38 -0.04
CA LEU D 334 56.94 -17.18 -1.42
C LEU D 334 58.45 -17.23 -1.63
N ILE D 335 59.27 -16.69 -0.72
CA ILE D 335 60.72 -16.62 -0.95
C ILE D 335 61.35 -17.98 -1.27
N PRO D 336 61.01 -19.08 -0.57
CA PRO D 336 61.65 -20.36 -0.93
C PRO D 336 61.31 -20.86 -2.33
N LEU D 337 60.29 -20.29 -2.99
CA LEU D 337 59.91 -20.71 -4.32
C LEU D 337 60.52 -19.85 -5.42
N VAL D 338 61.18 -18.74 -5.06
CA VAL D 338 61.79 -17.84 -6.04
C VAL D 338 63.26 -18.22 -6.19
N GLU D 339 63.66 -18.53 -7.42
CA GLU D 339 65.05 -18.83 -7.71
C GLU D 339 65.90 -17.57 -7.54
N ALA D 340 67.21 -17.79 -7.31
CA ALA D 340 68.18 -16.71 -7.13
C ALA D 340 68.92 -16.51 -8.44
N GLN D 341 68.39 -15.64 -9.28
CA GLN D 341 68.98 -15.43 -10.60
C GLN D 341 69.75 -14.12 -10.61
N PRO D 342 70.98 -14.09 -11.14
CA PRO D 342 71.73 -12.82 -11.15
C PRO D 342 71.16 -11.79 -12.10
N ARG D 343 70.51 -12.19 -13.19
CA ARG D 343 69.93 -11.25 -14.17
C ARG D 343 70.98 -10.23 -14.64
N ALA D 344 72.08 -10.75 -15.20
CA ALA D 344 73.25 -9.93 -15.49
C ALA D 344 72.96 -8.81 -16.49
N GLU D 345 72.26 -9.14 -17.58
CA GLU D 345 72.00 -8.13 -18.61
C GLU D 345 71.20 -6.97 -18.06
N TRP D 346 70.19 -7.28 -17.23
CA TRP D 346 69.31 -6.25 -16.67
C TRP D 346 70.07 -5.34 -15.72
N HIS D 347 71.02 -5.89 -14.95
CA HIS D 347 71.83 -5.07 -14.06
C HIS D 347 72.78 -4.18 -14.85
N GLN D 348 73.37 -4.72 -15.92
CA GLN D 348 74.19 -3.87 -16.78
C GLN D 348 73.38 -2.69 -17.33
N LEU D 349 72.11 -2.93 -17.67
CA LEU D 349 71.26 -1.84 -18.15
C LEU D 349 70.90 -0.87 -17.03
N VAL D 350 70.63 -1.38 -15.82
CA VAL D 350 70.34 -0.49 -14.70
C VAL D 350 71.53 0.45 -14.47
N ALA D 351 72.74 -0.10 -14.48
CA ALA D 351 73.93 0.74 -14.28
C ALA D 351 74.13 1.75 -15.42
N ASP D 352 74.00 1.29 -16.67
CA ASP D 352 74.16 2.21 -17.79
C ASP D 352 73.15 3.37 -17.71
N LEU D 353 71.89 3.06 -17.39
CA LEU D 353 70.93 4.15 -17.22
C LEU D 353 71.29 5.04 -16.04
N GLN D 354 71.88 4.48 -14.97
CA GLN D 354 72.30 5.30 -13.85
C GLN D 354 73.45 6.22 -14.22
N ARG D 355 74.23 5.88 -15.26
CA ARG D 355 75.19 6.85 -15.77
C ARG D 355 74.52 7.96 -16.60
N GLU D 356 73.19 8.07 -16.57
CA GLU D 356 72.47 9.18 -17.21
C GLU D 356 71.13 9.49 -16.50
N ASP D 366 78.60 24.05 0.85
CA ASP D 366 77.77 22.84 0.96
C ASP D 366 76.98 22.77 2.27
N PRO D 367 77.63 22.86 3.45
CA PRO D 367 76.84 22.74 4.69
C PRO D 367 75.77 23.82 4.84
N LEU D 368 75.89 24.94 4.13
CA LEU D 368 74.83 25.94 4.04
C LEU D 368 74.14 25.96 2.67
N SER D 369 74.36 24.90 1.88
CA SER D 369 73.49 24.45 0.80
C SER D 369 72.43 23.51 1.39
N HIS D 370 71.34 23.29 0.66
CA HIS D 370 70.28 22.43 1.20
C HIS D 370 70.72 20.96 1.25
N TYR D 371 71.23 20.44 0.14
CA TYR D 371 71.75 19.07 0.13
C TYR D 371 72.94 18.92 1.06
N GLY D 372 73.87 19.87 1.00
CA GLY D 372 75.02 19.82 1.89
C GLY D 372 74.63 19.92 3.35
N LEU D 373 73.56 20.67 3.64
CA LEU D 373 73.06 20.72 5.02
C LEU D 373 72.56 19.37 5.47
N ILE D 374 71.70 18.73 4.65
CA ILE D 374 71.18 17.43 5.01
C ILE D 374 72.34 16.46 5.26
N ASN D 375 73.30 16.44 4.34
CA ASN D 375 74.46 15.57 4.51
C ASN D 375 75.22 15.91 5.79
N ALA D 376 75.27 17.19 6.13
CA ALA D 376 76.03 17.63 7.31
C ALA D 376 75.38 17.12 8.60
N VAL D 377 74.06 17.29 8.70
CA VAL D 377 73.31 16.85 9.87
C VAL D 377 73.39 15.33 9.99
N ALA D 378 73.27 14.63 8.85
CA ALA D 378 73.39 13.18 8.87
C ALA D 378 74.75 12.76 9.36
N ALA D 379 75.78 13.48 8.94
CA ALA D 379 77.12 13.23 9.48
C ALA D 379 77.21 13.55 10.97
N CYS D 380 76.19 14.21 11.54
CA CYS D 380 76.20 14.50 12.98
C CYS D 380 75.56 13.43 13.86
N VAL D 381 74.87 12.43 13.29
CA VAL D 381 74.10 11.46 14.07
C VAL D 381 74.25 10.08 13.42
N ASP D 382 73.91 9.04 14.17
CA ASP D 382 74.08 7.69 13.63
C ASP D 382 72.73 7.19 13.10
N ASP D 383 72.69 5.90 12.73
CA ASP D 383 71.49 5.25 12.22
C ASP D 383 70.34 5.20 13.21
N ASN D 384 70.61 5.37 14.50
CA ASN D 384 69.55 5.20 15.49
C ASN D 384 68.69 6.43 15.69
N ALA D 385 69.00 7.55 15.03
CA ALA D 385 68.22 8.76 15.10
C ALA D 385 66.96 8.60 14.27
N ILE D 386 65.95 9.38 14.61
CA ILE D 386 64.68 9.41 13.89
C ILE D 386 64.58 10.69 13.09
N ILE D 387 64.06 10.58 11.86
CA ILE D 387 64.00 11.70 10.95
C ILE D 387 62.54 12.04 10.68
N THR D 388 62.19 13.29 10.97
CA THR D 388 60.83 13.82 10.83
C THR D 388 60.84 15.03 9.89
N THR D 389 59.75 15.25 9.15
CA THR D 389 59.73 16.34 8.18
C THR D 389 58.37 17.00 8.07
N ASP D 390 58.39 18.28 7.72
CA ASP D 390 57.21 19.01 7.27
C ASP D 390 57.08 18.83 5.76
N VAL D 391 56.32 19.68 5.08
CA VAL D 391 55.93 19.44 3.70
C VAL D 391 56.43 20.60 2.83
N GLY D 392 57.07 20.26 1.70
CA GLY D 392 57.58 21.25 0.79
C GLY D 392 58.89 20.89 0.10
N GLN D 393 59.67 21.91 -0.26
CA GLN D 393 60.96 21.64 -0.92
C GLN D 393 61.94 20.99 0.04
N HIS D 394 61.95 21.42 1.30
CA HIS D 394 62.81 20.76 2.28
C HIS D 394 62.41 19.29 2.45
N GLN D 395 61.11 19.00 2.37
CA GLN D 395 60.68 17.61 2.50
C GLN D 395 61.23 16.74 1.39
N MET D 396 61.05 17.16 0.14
CA MET D 396 61.54 16.35 -0.96
C MET D 396 63.07 16.31 -0.98
N TRP D 397 63.75 17.42 -0.68
CA TRP D 397 65.21 17.42 -0.59
C TRP D 397 65.69 16.41 0.47
N THR D 398 65.07 16.41 1.64
CA THR D 398 65.44 15.47 2.69
C THR D 398 65.17 14.03 2.28
N ALA D 399 64.02 13.80 1.64
CA ALA D 399 63.70 12.47 1.12
C ALA D 399 64.73 12.01 0.09
N GLN D 400 65.20 12.94 -0.75
CA GLN D 400 66.15 12.59 -1.79
C GLN D 400 67.54 12.33 -1.22
N ALA D 401 67.97 13.08 -0.21
CA ALA D 401 69.37 13.05 0.19
C ALA D 401 69.66 12.41 1.54
N TYR D 402 68.72 12.38 2.50
CA TYR D 402 69.09 11.84 3.81
C TYR D 402 69.31 10.33 3.73
N PRO D 403 70.38 9.78 4.41
CA PRO D 403 70.65 8.32 4.39
C PRO D 403 69.80 7.52 5.37
N LEU D 404 68.53 7.33 5.00
CA LEU D 404 67.62 6.52 5.78
C LEU D 404 67.89 5.05 5.50
N ASN D 405 68.31 4.32 6.53
CA ASN D 405 68.73 2.94 6.39
C ASN D 405 67.97 2.01 7.33
N ARG D 406 66.98 2.53 8.05
CA ARG D 406 66.24 1.78 9.04
C ARG D 406 64.75 1.93 8.81
N PRO D 407 63.98 0.87 9.04
CA PRO D 407 62.51 1.01 9.12
C PRO D 407 62.07 1.81 10.34
N ARG D 408 60.90 2.43 10.24
CA ARG D 408 60.35 3.30 11.29
C ARG D 408 61.38 4.29 11.80
N GLN D 409 62.17 4.81 10.88
CA GLN D 409 63.09 5.91 11.15
C GLN D 409 62.63 7.20 10.49
N TRP D 410 61.85 7.09 9.41
CA TRP D 410 61.47 8.21 8.55
C TRP D 410 60.00 8.50 8.77
N LEU D 411 59.71 9.67 9.33
CA LEU D 411 58.34 10.09 9.65
C LEU D 411 58.00 11.32 8.81
N THR D 412 57.18 11.14 7.79
CA THR D 412 56.71 12.27 7.01
C THR D 412 55.28 12.00 6.56
N SER D 413 54.56 13.07 6.32
CA SER D 413 53.16 13.02 5.94
C SER D 413 53.04 12.98 4.42
N GLY D 414 52.65 11.83 3.89
CA GLY D 414 52.55 11.73 2.45
C GLY D 414 51.14 11.84 1.91
N GLY D 415 50.22 11.07 2.47
CA GLY D 415 48.87 11.04 1.96
C GLY D 415 48.17 12.38 2.01
N LEU D 416 48.01 12.97 3.20
CA LEU D 416 47.37 14.27 3.20
C LEU D 416 48.33 15.40 2.88
N GLY D 417 49.62 15.24 3.21
CA GLY D 417 50.65 16.23 2.95
C GLY D 417 50.45 17.50 3.76
N THR D 418 50.43 17.35 5.08
CA THR D 418 50.07 18.44 5.98
C THR D 418 51.30 19.22 6.40
N MET D 419 51.30 20.52 6.11
CA MET D 419 52.23 21.40 6.79
C MET D 419 51.93 21.38 8.27
N GLY D 420 52.98 21.38 9.08
CA GLY D 420 52.85 21.37 10.53
C GLY D 420 53.01 20.01 11.17
N PHE D 421 53.16 18.97 10.36
CA PHE D 421 53.30 17.62 10.89
C PHE D 421 54.63 17.45 11.63
N GLY D 422 55.69 18.05 11.09
CA GLY D 422 57.04 17.80 11.57
C GLY D 422 57.32 17.97 13.05
N LEU D 423 57.11 19.15 13.61
CA LEU D 423 57.52 19.35 15.00
C LEU D 423 56.67 18.55 15.98
N PRO D 424 55.32 18.57 15.92
CA PRO D 424 54.58 17.72 16.86
C PRO D 424 54.83 16.24 16.65
N ALA D 425 55.00 15.80 15.40
CA ALA D 425 55.38 14.41 15.14
C ALA D 425 56.72 14.06 15.79
N ALA D 426 57.73 14.92 15.64
CA ALA D 426 59.02 14.68 16.27
C ALA D 426 58.88 14.65 17.79
N ILE D 427 58.00 15.48 18.33
CA ILE D 427 57.73 15.43 19.77
C ILE D 427 57.22 14.06 20.15
N GLY D 428 56.27 13.53 19.37
CA GLY D 428 55.74 12.20 19.65
C GLY D 428 56.80 11.11 19.58
N ALA D 429 57.60 11.10 18.51
CA ALA D 429 58.69 10.14 18.39
C ALA D 429 59.63 10.25 19.58
N ALA D 430 59.95 11.47 19.99
CA ALA D 430 60.79 11.67 21.16
C ALA D 430 60.18 11.03 22.39
N LEU D 431 58.93 11.35 22.68
CA LEU D 431 58.26 10.82 23.86
C LEU D 431 58.25 9.29 23.88
N ALA D 432 58.11 8.67 22.69
CA ALA D 432 58.11 7.23 22.60
C ALA D 432 59.50 6.62 22.54
N ASN D 433 60.55 7.42 22.30
CA ASN D 433 61.93 6.93 22.22
C ASN D 433 62.85 7.90 22.96
N PRO D 434 62.97 7.74 24.28
CA PRO D 434 63.79 8.69 25.06
C PRO D 434 65.29 8.61 24.82
N ASP D 435 65.87 7.46 24.47
CA ASP D 435 67.31 7.46 24.21
C ASP D 435 67.67 8.19 22.93
N ARG D 436 66.88 8.00 21.90
CA ARG D 436 67.26 8.37 20.55
C ARG D 436 67.09 9.87 20.37
N LYS D 437 67.76 10.40 19.35
CA LYS D 437 67.70 11.81 19.01
C LYS D 437 66.78 11.98 17.80
N VAL D 438 65.96 13.01 17.81
CA VAL D 438 64.96 13.24 16.75
C VAL D 438 65.32 14.51 16.00
N LEU D 439 65.61 14.36 14.71
CA LEU D 439 65.88 15.50 13.84
C LEU D 439 64.60 15.81 13.06
N CYS D 440 64.22 17.08 13.01
CA CYS D 440 63.00 17.50 12.33
C CYS D 440 63.36 18.55 11.28
N PHE D 441 63.54 18.11 10.05
CA PHE D 441 63.80 19.03 8.96
C PHE D 441 62.49 19.73 8.60
N SER D 442 62.46 21.06 8.73
CA SER D 442 61.22 21.80 8.56
C SER D 442 61.46 23.02 7.70
N GLY D 443 60.38 23.73 7.35
CA GLY D 443 60.47 24.92 6.53
C GLY D 443 59.90 26.18 7.19
N ASP D 444 60.20 27.32 6.56
CA ASP D 444 59.78 28.59 7.12
C ASP D 444 58.26 28.67 7.28
N GLY D 445 57.51 28.19 6.29
CA GLY D 445 56.06 28.24 6.32
C GLY D 445 55.44 27.15 7.18
N SER D 446 55.94 25.93 6.99
CA SER D 446 55.42 24.78 7.71
C SER D 446 55.67 24.89 9.20
N LEU D 447 56.88 25.29 9.60
CA LEU D 447 57.16 25.38 11.04
C LEU D 447 56.23 26.34 11.73
N MET D 448 55.79 27.37 11.00
CA MET D 448 54.90 28.31 11.63
C MET D 448 53.54 27.69 11.99
N MET D 449 53.15 26.58 11.34
CA MET D 449 51.78 26.09 11.50
C MET D 449 51.52 25.49 12.87
N ASN D 450 52.48 24.78 13.46
CA ASN D 450 52.34 24.29 14.82
C ASN D 450 53.49 24.81 15.68
N ILE D 451 53.86 26.07 15.48
CA ILE D 451 54.99 26.65 16.19
C ILE D 451 54.79 26.54 17.70
N GLN D 452 53.53 26.58 18.16
CA GLN D 452 53.23 26.56 19.59
C GLN D 452 53.74 25.30 20.29
N GLU D 453 53.89 24.19 19.56
CA GLU D 453 54.38 22.96 20.17
C GLU D 453 55.85 23.04 20.57
N MET D 454 56.56 24.08 20.14
CA MET D 454 57.87 24.36 20.70
C MET D 454 57.79 24.35 22.22
N ALA D 455 56.72 24.93 22.78
CA ALA D 455 56.53 24.89 24.23
C ALA D 455 56.53 23.46 24.73
N THR D 456 55.70 22.61 24.12
CA THR D 456 55.64 21.20 24.52
C THR D 456 57.01 20.56 24.48
N ALA D 457 57.82 20.93 23.49
CA ALA D 457 59.15 20.34 23.38
C ALA D 457 60.03 20.79 24.53
N SER D 458 60.02 22.08 24.85
CA SER D 458 60.94 22.58 25.86
C SER D 458 60.50 22.19 27.26
N GLU D 459 59.19 22.24 27.52
CA GLU D 459 58.71 21.93 28.86
C GLU D 459 58.89 20.46 29.21
N ASN D 460 58.81 19.57 28.21
CA ASN D 460 59.14 18.16 28.40
C ASN D 460 60.59 17.85 28.05
N GLN D 461 61.38 18.90 27.80
CA GLN D 461 62.82 18.89 27.50
C GLN D 461 63.05 17.80 26.47
N LEU D 462 62.27 17.79 25.41
CA LEU D 462 62.49 16.64 24.56
C LEU D 462 63.64 16.93 23.62
N ASP D 463 64.34 15.88 23.26
CA ASP D 463 65.57 16.07 22.51
C ASP D 463 65.28 16.12 21.02
N VAL D 464 64.61 17.20 20.65
CA VAL D 464 64.17 17.44 19.28
C VAL D 464 65.03 18.54 18.70
N LYS D 465 65.58 18.29 17.51
CA LYS D 465 66.42 19.27 16.83
C LYS D 465 65.72 19.69 15.55
N ILE D 466 65.18 20.90 15.56
CA ILE D 466 64.54 21.41 14.36
C ILE D 466 65.62 21.93 13.42
N ILE D 467 65.72 21.34 12.24
CA ILE D 467 66.63 21.81 11.20
C ILE D 467 65.79 22.61 10.23
N LEU D 468 65.82 23.94 10.39
CA LEU D 468 64.92 24.82 9.67
C LEU D 468 65.62 25.33 8.40
N MET D 469 65.11 24.91 7.26
CA MET D 469 65.51 25.46 5.98
C MET D 469 64.59 26.62 5.66
N ASN D 470 65.12 27.86 5.79
CA ASN D 470 64.29 29.05 5.66
C ASN D 470 64.67 29.79 4.38
N ASN D 471 63.85 29.65 3.34
CA ASN D 471 63.98 30.47 2.13
C ASN D 471 63.03 31.67 2.09
N GLU D 472 62.47 32.06 3.23
CA GLU D 472 61.42 33.09 3.34
C GLU D 472 60.38 33.01 2.22
N ALA D 473 59.78 31.83 2.08
CA ALA D 473 58.83 31.54 1.00
C ALA D 473 58.16 30.20 1.25
N LEU D 474 56.92 30.08 0.75
CA LEU D 474 56.30 28.78 0.55
C LEU D 474 56.95 28.16 -0.69
N GLY D 475 58.04 27.42 -0.47
CA GLY D 475 58.91 26.99 -1.55
C GLY D 475 58.22 26.19 -2.64
N LEU D 476 57.48 25.15 -2.26
CA LEU D 476 56.86 24.31 -3.26
C LEU D 476 55.80 25.08 -4.06
N VAL D 477 55.02 25.95 -3.40
CA VAL D 477 54.09 26.77 -4.15
C VAL D 477 54.86 27.67 -5.12
N HIS D 478 55.92 28.30 -4.63
CA HIS D 478 56.78 29.18 -5.44
C HIS D 478 57.29 28.46 -6.69
N GLN D 479 57.66 27.19 -6.55
CA GLN D 479 58.19 26.45 -7.70
C GLN D 479 57.06 26.06 -8.65
N GLN D 480 55.88 25.75 -8.09
CA GLN D 480 54.75 25.41 -8.94
C GLN D 480 54.29 26.62 -9.75
N GLN D 481 54.23 27.79 -9.10
CA GLN D 481 53.79 29.01 -9.77
C GLN D 481 54.82 29.47 -10.80
N SER D 482 56.08 29.48 -10.40
CA SER D 482 57.15 29.91 -11.32
C SER D 482 57.29 28.97 -12.51
N LEU D 483 57.01 27.68 -12.34
CA LEU D 483 57.20 26.74 -13.45
C LEU D 483 55.98 26.66 -14.36
N PHE D 484 54.77 26.85 -13.85
CA PHE D 484 53.61 26.48 -14.65
C PHE D 484 52.57 27.58 -14.85
N TYR D 485 52.58 28.64 -14.03
CA TYR D 485 51.51 29.63 -14.07
C TYR D 485 52.01 30.96 -14.59
N GLU D 486 51.15 31.64 -15.34
CA GLU D 486 51.55 32.75 -16.17
C GLU D 486 51.97 34.00 -15.39
N GLN D 487 51.70 34.09 -14.08
CA GLN D 487 51.89 35.40 -13.45
C GLN D 487 53.18 35.65 -12.67
N GLY D 488 53.93 34.66 -12.16
CA GLY D 488 53.45 33.40 -11.68
C GLY D 488 53.49 33.48 -10.16
N VAL D 489 54.65 33.82 -9.56
CA VAL D 489 54.77 33.72 -8.11
C VAL D 489 53.91 34.80 -7.45
N PHE D 490 52.97 34.37 -6.61
CA PHE D 490 52.05 35.26 -5.92
C PHE D 490 51.61 34.61 -4.62
N ALA D 491 51.52 35.43 -3.56
CA ALA D 491 51.09 34.97 -2.24
C ALA D 491 51.95 33.83 -1.70
N ALA D 492 53.22 33.78 -2.09
CA ALA D 492 54.12 32.72 -1.68
C ALA D 492 55.46 33.22 -1.13
N THR D 493 55.63 34.52 -0.89
CA THR D 493 56.87 35.06 -0.35
C THR D 493 56.56 35.94 0.85
N TYR D 494 57.55 36.10 1.72
CA TYR D 494 57.45 36.87 2.95
C TYR D 494 58.38 38.08 2.92
N PRO D 495 58.03 39.17 3.63
CA PRO D 495 58.92 40.36 3.64
C PRO D 495 60.25 40.14 4.36
N GLY D 496 60.28 39.19 5.29
CA GLY D 496 61.53 38.73 5.86
C GLY D 496 62.10 39.42 7.08
N LYS D 497 61.27 39.93 8.00
CA LYS D 497 61.89 40.14 9.31
C LYS D 497 61.17 39.36 10.39
N ILE D 498 61.14 38.05 10.24
CA ILE D 498 60.79 37.17 11.35
C ILE D 498 62.10 36.58 11.78
N ASN D 499 62.46 36.74 13.03
CA ASN D 499 63.68 36.13 13.55
C ASN D 499 63.24 34.87 14.28
N PHE D 500 63.57 33.72 13.69
CA PHE D 500 63.18 32.45 14.26
C PHE D 500 64.04 32.10 15.47
N MET D 501 65.29 32.56 15.50
CA MET D 501 66.11 32.30 16.68
C MET D 501 65.50 32.98 17.90
N GLN D 502 65.06 34.23 17.74
CA GLN D 502 64.35 34.91 18.82
C GLN D 502 63.15 34.10 19.29
N ILE D 503 62.36 33.58 18.36
CA ILE D 503 61.13 32.91 18.74
C ILE D 503 61.43 31.60 19.43
N ALA D 504 62.23 30.74 18.79
CA ALA D 504 62.62 29.49 19.40
C ALA D 504 63.27 29.71 20.76
N ALA D 505 64.10 30.74 20.89
CA ALA D 505 64.72 31.04 22.18
C ALA D 505 63.68 31.42 23.21
N GLY D 506 62.68 32.21 22.81
CA GLY D 506 61.60 32.53 23.73
C GLY D 506 60.73 31.34 24.08
N PHE D 507 60.74 30.29 23.26
CA PHE D 507 60.08 29.03 23.62
C PHE D 507 60.98 28.13 24.45
N GLY D 508 62.21 28.51 24.74
CA GLY D 508 63.09 27.70 25.56
C GLY D 508 64.04 26.79 24.82
N LEU D 509 64.20 26.96 23.51
CA LEU D 509 65.11 26.14 22.72
C LEU D 509 66.41 26.88 22.56
N GLU D 510 67.50 26.13 22.54
CA GLU D 510 68.76 26.70 22.10
C GLU D 510 68.72 26.90 20.59
N THR D 511 69.41 27.92 20.11
CA THR D 511 69.32 28.29 18.71
C THR D 511 70.71 28.31 18.08
N CYS D 512 70.74 28.28 16.76
CA CYS D 512 71.98 28.34 16.01
C CYS D 512 71.65 28.99 14.68
N ASP D 513 72.63 29.67 14.10
CA ASP D 513 72.36 30.53 12.95
C ASP D 513 73.34 30.34 11.81
N LEU D 514 74.35 29.51 11.97
CA LEU D 514 75.14 28.99 10.86
C LEU D 514 75.70 30.10 9.95
N PRO D 520 81.17 26.02 10.76
CA PRO D 520 79.71 25.82 10.75
C PRO D 520 79.35 24.36 10.93
N GLN D 521 80.12 23.43 10.37
CA GLN D 521 79.91 22.02 10.68
C GLN D 521 80.06 21.80 12.16
N ALA D 522 81.10 22.40 12.70
CA ALA D 522 81.47 22.26 14.10
C ALA D 522 80.31 22.61 15.02
N SER D 523 79.77 23.82 14.89
CA SER D 523 78.61 24.20 15.68
C SER D 523 77.38 23.35 15.35
N LEU D 524 77.24 22.89 14.11
CA LEU D 524 76.14 21.97 13.84
C LEU D 524 76.23 20.77 14.78
N GLN D 525 77.37 20.10 14.78
CA GLN D 525 77.53 18.94 15.65
C GLN D 525 77.45 19.36 17.12
N GLU D 526 77.90 20.58 17.48
CA GLU D 526 78.02 20.82 18.92
C GLU D 526 76.62 21.11 19.48
N ILE D 527 75.72 21.67 18.65
CA ILE D 527 74.33 21.88 19.08
C ILE D 527 73.48 20.61 18.96
N ILE D 528 73.79 19.73 18.00
CA ILE D 528 73.03 18.49 17.95
C ILE D 528 73.36 17.61 19.14
N ASN D 529 74.62 17.64 19.58
CA ASN D 529 74.98 16.80 20.73
C ASN D 529 74.43 17.34 22.05
N ARG D 530 74.16 18.63 22.13
CA ARG D 530 73.63 19.19 23.36
C ARG D 530 72.21 18.64 23.58
N PRO D 531 71.84 18.20 24.79
CA PRO D 531 70.47 17.71 25.01
C PRO D 531 69.46 18.84 25.00
N GLY D 532 68.17 18.47 25.04
CA GLY D 532 67.09 19.44 25.01
C GLY D 532 66.68 19.87 23.61
N PRO D 533 65.58 20.60 23.49
CA PRO D 533 65.13 21.05 22.17
C PRO D 533 65.95 22.23 21.67
N ALA D 534 66.23 22.22 20.37
CA ALA D 534 67.02 23.27 19.74
C ALA D 534 66.45 23.61 18.37
N LEU D 535 66.62 24.86 17.93
CA LEU D 535 66.30 25.21 16.54
C LEU D 535 67.58 25.63 15.84
N ILE D 536 67.82 25.04 14.68
CA ILE D 536 69.02 25.30 13.89
C ILE D 536 68.57 25.96 12.61
N HIS D 537 69.07 27.16 12.34
CA HIS D 537 68.51 28.01 11.32
C HIS D 537 69.50 28.18 10.17
N VAL D 538 68.98 28.06 8.94
CA VAL D 538 69.76 28.24 7.72
C VAL D 538 68.93 29.01 6.71
N ARG D 539 69.55 29.99 6.04
CA ARG D 539 68.92 30.74 4.96
C ARG D 539 69.24 30.03 3.64
N ILE D 540 68.22 29.45 3.02
CA ILE D 540 68.31 28.73 1.76
C ILE D 540 67.80 29.65 0.66
N ASP D 541 68.43 29.63 -0.51
CA ASP D 541 67.96 30.46 -1.62
C ASP D 541 66.57 30.00 -2.09
N ALA D 542 65.62 30.93 -2.15
CA ALA D 542 64.25 30.58 -2.52
C ALA D 542 64.08 30.31 -4.00
N GLU D 543 65.03 30.74 -4.83
CA GLU D 543 64.96 30.47 -6.26
C GLU D 543 65.38 29.05 -6.58
N GLU D 544 65.89 28.30 -5.62
CA GLU D 544 66.13 26.90 -5.91
C GLU D 544 64.83 26.06 -5.88
N LYS D 545 64.93 24.96 -6.62
CA LYS D 545 63.91 24.04 -7.10
C LYS D 545 64.23 22.64 -6.57
N VAL D 546 63.19 21.81 -6.56
CA VAL D 546 63.29 20.39 -6.32
C VAL D 546 63.23 19.73 -7.69
N TYR D 547 64.35 19.15 -8.14
CA TYR D 547 64.38 18.45 -9.41
C TYR D 547 64.79 17.00 -9.15
N PRO D 548 64.31 16.05 -9.97
CA PRO D 548 63.35 16.34 -11.04
C PRO D 548 61.93 16.47 -10.53
N MET D 549 61.10 17.15 -11.32
CA MET D 549 59.68 17.28 -11.06
C MET D 549 58.93 16.70 -12.24
N VAL D 550 57.88 15.95 -11.94
CA VAL D 550 56.94 15.50 -12.97
C VAL D 550 55.75 16.41 -12.94
N PRO D 551 55.48 17.18 -14.01
CA PRO D 551 54.38 18.14 -14.01
C PRO D 551 53.04 17.46 -13.77
N PRO D 552 52.13 18.11 -13.05
CA PRO D 552 50.85 17.48 -12.73
C PRO D 552 50.09 17.06 -13.98
N GLY D 553 49.67 15.79 -14.00
CA GLY D 553 48.98 15.19 -15.12
C GLY D 553 49.88 14.53 -16.15
N ALA D 554 51.19 14.51 -15.93
CA ALA D 554 52.14 13.98 -16.89
C ALA D 554 52.61 12.58 -16.51
N ALA D 555 53.15 11.88 -17.49
CA ALA D 555 53.87 10.65 -17.18
C ALA D 555 55.18 10.97 -16.46
N ASN D 556 55.63 10.02 -15.63
CA ASN D 556 56.84 10.08 -14.80
C ASN D 556 58.14 9.97 -15.59
N THR D 557 58.07 9.73 -16.90
CA THR D 557 59.23 9.77 -17.81
C THR D 557 59.51 11.15 -18.36
N GLU D 558 58.76 12.14 -17.86
CA GLU D 558 58.69 13.53 -18.29
C GLU D 558 59.01 14.45 -17.13
N MET D 559 60.29 14.63 -16.83
CA MET D 559 60.71 15.38 -15.65
C MET D 559 61.36 16.69 -16.05
N VAL D 560 61.18 17.73 -15.24
CA VAL D 560 61.73 19.05 -15.55
C VAL D 560 62.98 19.33 -14.73
N ASN E 9 -0.43 -22.48 -8.36
CA ASN E 9 -1.14 -21.20 -8.24
C ASN E 9 -0.68 -20.18 -9.29
N VAL E 10 -1.63 -19.72 -10.11
CA VAL E 10 -1.41 -18.63 -11.06
C VAL E 10 -2.56 -17.65 -10.92
N ILE E 11 -2.32 -16.42 -11.34
CA ILE E 11 -3.33 -15.38 -11.32
C ILE E 11 -3.87 -15.21 -12.72
N LEU E 12 -5.18 -15.41 -12.88
CA LEU E 12 -5.85 -15.00 -14.11
C LEU E 12 -6.28 -13.54 -14.00
N GLU E 13 -5.99 -12.77 -15.05
CA GLU E 13 -6.47 -11.41 -15.19
C GLU E 13 -7.59 -11.37 -16.21
N LEU E 14 -8.80 -11.06 -15.75
CA LEU E 14 -9.98 -10.86 -16.57
C LEU E 14 -10.21 -9.38 -16.84
N THR E 15 -10.64 -9.08 -18.06
CA THR E 15 -11.08 -7.74 -18.40
C THR E 15 -12.54 -7.82 -18.78
N VAL E 16 -13.39 -7.16 -17.99
CA VAL E 16 -14.83 -7.27 -18.14
C VAL E 16 -15.47 -5.91 -18.29
N ARG E 17 -16.71 -5.90 -18.79
CA ARG E 17 -17.52 -4.70 -18.81
C ARG E 17 -17.96 -4.36 -17.39
N ASN E 18 -17.63 -3.17 -16.92
CA ASN E 18 -18.07 -2.78 -15.59
C ASN E 18 -19.58 -2.54 -15.65
N HIS E 19 -20.35 -3.49 -15.16
CA HIS E 19 -21.73 -3.19 -14.75
C HIS E 19 -21.96 -3.99 -13.49
N PRO E 20 -23.04 -3.82 -12.76
CA PRO E 20 -23.34 -4.78 -11.70
C PRO E 20 -24.43 -5.74 -12.16
N GLY E 21 -24.18 -7.03 -12.05
CA GLY E 21 -22.93 -7.54 -11.59
C GLY E 21 -22.45 -8.54 -12.62
N VAL E 22 -21.39 -8.15 -13.31
CA VAL E 22 -20.49 -9.16 -13.85
C VAL E 22 -19.87 -9.94 -12.70
N MET E 23 -19.76 -9.34 -11.50
CA MET E 23 -19.15 -10.11 -10.42
C MET E 23 -20.05 -11.26 -10.00
N THR E 24 -21.37 -11.11 -10.14
CA THR E 24 -22.27 -12.24 -9.90
C THR E 24 -22.16 -13.28 -11.00
N HIS E 25 -22.01 -12.85 -12.26
CA HIS E 25 -21.78 -13.78 -13.35
C HIS E 25 -20.53 -14.59 -13.09
N VAL E 26 -19.47 -13.94 -12.66
CA VAL E 26 -18.17 -14.58 -12.51
C VAL E 26 -18.16 -15.47 -11.27
N CYS E 27 -18.55 -14.92 -10.11
CA CYS E 27 -18.56 -15.70 -8.89
C CYS E 27 -19.54 -16.87 -8.98
N GLY E 28 -20.75 -16.60 -9.48
CA GLY E 28 -21.68 -17.70 -9.75
C GLY E 28 -21.09 -18.75 -10.68
N LEU E 29 -20.36 -18.32 -11.70
CA LEU E 29 -19.74 -19.28 -12.60
C LEU E 29 -18.82 -20.18 -11.82
N PHE E 30 -17.91 -19.60 -11.04
CA PHE E 30 -16.92 -20.39 -10.32
C PHE E 30 -17.57 -21.26 -9.25
N ALA E 31 -18.67 -20.80 -8.66
CA ALA E 31 -19.35 -21.61 -7.65
C ALA E 31 -20.02 -22.82 -8.29
N ARG E 32 -20.76 -22.61 -9.38
CA ARG E 32 -21.61 -23.67 -9.89
C ARG E 32 -20.81 -24.76 -10.57
N ARG E 33 -19.73 -24.39 -11.29
CA ARG E 33 -18.92 -25.40 -11.93
C ARG E 33 -17.74 -25.85 -11.05
N ALA E 34 -17.64 -25.27 -9.84
CA ALA E 34 -16.85 -25.81 -8.73
C ALA E 34 -15.33 -25.65 -8.93
N PHE E 35 -14.92 -24.47 -9.37
CA PHE E 35 -13.50 -24.17 -9.49
C PHE E 35 -12.98 -23.62 -8.18
N ASN E 36 -11.72 -23.92 -7.89
CA ASN E 36 -11.08 -23.39 -6.69
C ASN E 36 -10.59 -21.97 -6.97
N VAL E 37 -10.85 -21.07 -6.02
CA VAL E 37 -10.36 -19.70 -6.07
C VAL E 37 -9.83 -19.40 -4.68
N GLU E 38 -8.54 -19.06 -4.60
CA GLU E 38 -7.93 -18.72 -3.32
C GLU E 38 -7.91 -17.22 -3.09
N GLY E 39 -8.55 -16.43 -3.96
CA GLY E 39 -8.43 -14.99 -3.83
C GLY E 39 -9.03 -14.23 -5.02
N ILE E 40 -9.83 -13.21 -4.75
CA ILE E 40 -10.49 -12.42 -5.78
C ILE E 40 -10.26 -10.93 -5.51
N LEU E 41 -9.94 -10.18 -6.58
CA LEU E 41 -9.92 -8.73 -6.49
C LEU E 41 -10.50 -8.14 -7.77
N CYS E 42 -11.46 -7.24 -7.62
CA CYS E 42 -12.11 -6.60 -8.76
C CYS E 42 -12.00 -5.09 -8.58
N LEU E 43 -11.53 -4.40 -9.63
CA LEU E 43 -11.39 -2.96 -9.59
C LEU E 43 -11.81 -2.37 -10.93
N PRO E 44 -12.49 -1.24 -10.93
CA PRO E 44 -12.83 -0.60 -12.21
C PRO E 44 -11.60 0.11 -12.78
N ILE E 45 -11.45 0.04 -14.10
CA ILE E 45 -10.41 0.82 -14.77
C ILE E 45 -10.85 2.28 -14.78
N GLN E 46 -10.06 3.15 -14.15
CA GLN E 46 -10.48 4.54 -14.01
C GLN E 46 -10.56 5.25 -15.36
N ASP E 47 -9.86 4.73 -16.37
CA ASP E 47 -10.05 5.18 -17.74
C ASP E 47 -11.54 5.16 -18.12
N SER E 48 -12.21 4.06 -17.82
CA SER E 48 -13.15 3.46 -18.76
C SER E 48 -14.40 2.82 -18.21
N ASP E 49 -15.16 2.24 -19.14
CA ASP E 49 -16.30 1.38 -18.85
C ASP E 49 -15.89 -0.08 -18.68
N LYS E 50 -14.67 -0.35 -18.21
CA LYS E 50 -14.19 -1.71 -18.03
C LYS E 50 -13.66 -1.89 -16.60
N SER E 51 -13.62 -3.13 -16.18
CA SER E 51 -13.06 -3.51 -14.90
C SER E 51 -12.04 -4.61 -15.10
N HIS E 52 -11.12 -4.72 -14.15
CA HIS E 52 -10.21 -5.85 -14.02
C HIS E 52 -10.71 -6.74 -12.91
N ILE E 53 -10.69 -8.05 -13.16
CA ILE E 53 -10.94 -9.05 -12.13
C ILE E 53 -9.73 -9.98 -12.12
N TRP E 54 -8.98 -9.97 -11.02
CA TRP E 54 -7.90 -10.91 -10.81
C TRP E 54 -8.37 -12.04 -9.90
N LEU E 55 -7.97 -13.26 -10.25
CA LEU E 55 -8.42 -14.48 -9.59
C LEU E 55 -7.21 -15.37 -9.33
N LEU E 56 -7.04 -15.78 -8.08
CA LEU E 56 -5.93 -16.66 -7.70
C LEU E 56 -6.44 -18.09 -7.77
N VAL E 57 -6.00 -18.81 -8.80
CA VAL E 57 -6.40 -20.20 -8.96
C VAL E 57 -5.14 -21.05 -8.95
N ASN E 58 -5.28 -22.35 -9.09
CA ASN E 58 -4.12 -23.20 -9.22
C ASN E 58 -3.94 -23.59 -10.68
N ASP E 59 -2.68 -23.62 -11.13
CA ASP E 59 -2.34 -23.92 -12.52
C ASP E 59 -2.44 -25.42 -12.79
N ASP E 60 -3.49 -26.07 -12.30
CA ASP E 60 -3.66 -27.50 -12.51
C ASP E 60 -3.99 -27.78 -13.99
N GLN E 61 -4.41 -29.01 -14.28
CA GLN E 61 -4.75 -29.39 -15.65
C GLN E 61 -6.17 -29.01 -16.02
N ARG E 62 -6.97 -28.49 -15.09
CA ARG E 62 -8.33 -28.07 -15.36
C ARG E 62 -8.45 -26.57 -15.65
N LEU E 63 -7.33 -25.87 -15.69
CA LEU E 63 -7.35 -24.43 -15.92
C LEU E 63 -7.85 -24.08 -17.31
N GLU E 64 -7.67 -24.98 -18.28
CA GLU E 64 -8.03 -24.64 -19.64
C GLU E 64 -9.54 -24.66 -19.83
N GLN E 65 -10.21 -25.71 -19.39
CA GLN E 65 -11.66 -25.73 -19.44
C GLN E 65 -12.23 -24.55 -18.65
N MET E 66 -11.56 -24.16 -17.57
CA MET E 66 -11.96 -22.97 -16.83
C MET E 66 -11.86 -21.72 -17.71
N ILE E 67 -10.80 -21.61 -18.52
CA ILE E 67 -10.68 -20.43 -19.36
C ILE E 67 -11.72 -20.45 -20.47
N SER E 68 -12.03 -21.64 -20.99
CA SER E 68 -13.15 -21.80 -21.92
C SER E 68 -14.45 -21.28 -21.33
N GLN E 69 -14.84 -21.82 -20.18
CA GLN E 69 -16.14 -21.46 -19.59
C GLN E 69 -16.17 -19.99 -19.18
N ILE E 70 -15.06 -19.45 -18.69
CA ILE E 70 -15.01 -18.01 -18.44
C ILE E 70 -15.25 -17.26 -19.73
N ASP E 71 -14.64 -17.70 -20.82
CA ASP E 71 -14.77 -16.98 -22.08
C ASP E 71 -16.16 -17.08 -22.68
N LYS E 72 -17.02 -17.97 -22.17
CA LYS E 72 -18.41 -18.00 -22.64
C LYS E 72 -19.19 -16.77 -22.18
N LEU E 73 -18.83 -16.18 -21.04
CA LEU E 73 -19.56 -15.03 -20.53
C LEU E 73 -19.41 -13.84 -21.47
N GLU E 74 -20.55 -13.26 -21.86
CA GLU E 74 -20.52 -12.16 -22.83
C GLU E 74 -19.75 -10.96 -22.31
N ASP E 75 -19.75 -10.72 -20.98
CA ASP E 75 -19.15 -9.48 -20.52
C ASP E 75 -17.64 -9.59 -20.29
N VAL E 76 -16.99 -10.73 -20.50
CA VAL E 76 -15.54 -10.77 -20.30
C VAL E 76 -14.87 -10.51 -21.64
N VAL E 77 -14.17 -9.37 -21.71
CA VAL E 77 -13.50 -8.92 -22.92
C VAL E 77 -12.21 -9.72 -23.13
N LYS E 78 -11.46 -10.00 -22.07
CA LYS E 78 -10.24 -10.79 -22.23
C LYS E 78 -9.95 -11.65 -21.01
N VAL E 79 -9.32 -12.79 -21.26
CA VAL E 79 -8.82 -13.68 -20.22
C VAL E 79 -7.33 -13.85 -20.44
N GLN E 80 -6.53 -13.45 -19.46
CA GLN E 80 -5.08 -13.45 -19.60
C GLN E 80 -4.46 -14.20 -18.43
N ARG E 81 -3.44 -14.99 -18.72
CA ARG E 81 -2.59 -15.50 -17.65
C ARG E 81 -1.67 -14.34 -17.25
N ASN E 82 -1.85 -13.83 -16.04
CA ASN E 82 -1.11 -12.70 -15.51
C ASN E 82 0.20 -13.19 -14.89
N GLN E 83 1.31 -12.54 -15.25
CA GLN E 83 2.63 -13.02 -14.85
C GLN E 83 3.07 -12.56 -13.46
N SER E 84 2.22 -11.84 -12.71
CA SER E 84 2.64 -11.35 -11.40
C SER E 84 2.87 -12.51 -10.43
N ASP E 85 3.75 -12.27 -9.45
CA ASP E 85 3.96 -13.17 -8.33
C ASP E 85 2.63 -13.56 -7.69
N PRO E 86 2.30 -14.86 -7.62
CA PRO E 86 1.05 -15.26 -6.94
C PRO E 86 0.95 -14.80 -5.49
N THR E 87 2.05 -14.84 -4.74
CA THR E 87 1.98 -14.39 -3.35
C THR E 87 1.54 -12.94 -3.25
N MET E 88 1.58 -12.21 -4.38
CA MET E 88 1.04 -10.85 -4.40
C MET E 88 -0.30 -10.80 -3.70
N PHE E 89 -1.17 -11.77 -3.97
CA PHE E 89 -2.46 -11.74 -3.30
C PHE E 89 -2.28 -11.64 -1.80
N ASN E 90 -1.64 -12.65 -1.19
CA ASN E 90 -1.38 -12.58 0.25
C ASN E 90 -0.74 -11.25 0.65
N LYS E 91 0.28 -10.81 -0.10
CA LYS E 91 0.99 -9.58 0.25
C LYS E 91 0.03 -8.39 0.40
N ILE E 92 -0.84 -8.17 -0.61
CA ILE E 92 -1.71 -6.99 -0.54
C ILE E 92 -2.59 -7.02 0.69
N ALA E 93 -2.86 -8.21 1.25
CA ALA E 93 -3.74 -8.29 2.41
C ALA E 93 -3.25 -7.40 3.55
N VAL E 94 -1.93 -7.29 3.74
CA VAL E 94 -1.46 -6.55 4.92
C VAL E 94 -1.90 -5.10 4.88
N PHE E 95 -2.29 -4.59 3.71
CA PHE E 95 -2.74 -3.21 3.65
C PHE E 95 -4.09 -3.01 4.34
N PHE E 96 -4.86 -4.07 4.53
CA PHE E 96 -6.16 -3.96 5.20
C PHE E 96 -6.08 -4.51 6.62
N LYS F 11 -36.16 9.83 -35.12
CA LYS F 11 -37.55 9.71 -34.68
C LYS F 11 -37.60 9.51 -33.16
N ARG F 12 -38.66 10.02 -32.53
CA ARG F 12 -38.81 9.97 -31.08
C ARG F 12 -39.68 8.77 -30.71
N PHE F 13 -39.24 8.03 -29.70
CA PHE F 13 -39.94 6.83 -29.24
C PHE F 13 -40.07 6.84 -27.73
N THR F 14 -41.13 6.20 -27.23
CA THR F 14 -41.07 5.68 -25.88
C THR F 14 -40.30 4.37 -25.92
N GLY F 15 -39.68 4.01 -24.79
CA GLY F 15 -39.02 2.72 -24.70
C GLY F 15 -39.89 1.58 -25.17
N ALA F 16 -41.18 1.61 -24.81
CA ALA F 16 -42.10 0.56 -25.23
C ALA F 16 -42.23 0.52 -26.74
N GLU F 17 -42.54 1.68 -27.33
CA GLU F 17 -42.67 1.75 -28.78
C GLU F 17 -41.38 1.34 -29.46
N PHE F 18 -40.22 1.63 -28.86
CA PHE F 18 -38.99 1.19 -29.50
C PHE F 18 -38.86 -0.32 -29.41
N ILE F 19 -39.23 -0.91 -28.29
CA ILE F 19 -39.14 -2.37 -28.18
C ILE F 19 -40.00 -3.03 -29.26
N VAL F 20 -41.27 -2.60 -29.38
CA VAL F 20 -42.17 -3.18 -30.37
C VAL F 20 -41.65 -2.92 -31.79
N HIS F 21 -41.14 -1.72 -32.05
CA HIS F 21 -40.59 -1.41 -33.36
C HIS F 21 -39.39 -2.28 -33.66
N PHE F 22 -38.51 -2.46 -32.68
CA PHE F 22 -37.34 -3.30 -32.90
C PHE F 22 -37.74 -4.72 -33.21
N LEU F 23 -38.70 -5.27 -32.46
CA LEU F 23 -39.18 -6.62 -32.75
C LEU F 23 -39.74 -6.70 -34.16
N GLU F 24 -40.52 -5.70 -34.58
CA GLU F 24 -41.02 -5.72 -35.95
C GLU F 24 -39.86 -5.72 -36.94
N GLN F 25 -38.82 -4.91 -36.69
CA GLN F 25 -37.73 -4.92 -37.65
C GLN F 25 -36.88 -6.20 -37.59
N GLN F 26 -37.06 -7.04 -36.59
CA GLN F 26 -36.39 -8.33 -36.62
C GLN F 26 -37.20 -9.40 -37.34
N GLY F 27 -38.31 -9.01 -37.98
CA GLY F 27 -39.12 -9.93 -38.76
C GLY F 27 -40.05 -10.81 -37.97
N ILE F 28 -40.13 -10.65 -36.65
CA ILE F 28 -41.05 -11.42 -35.83
C ILE F 28 -42.51 -11.11 -36.17
N LYS F 29 -43.34 -12.16 -36.19
CA LYS F 29 -44.76 -12.01 -36.48
C LYS F 29 -45.67 -12.61 -35.40
N ILE F 30 -45.13 -13.32 -34.41
CA ILE F 30 -45.88 -13.79 -33.25
C ILE F 30 -45.09 -13.55 -31.98
N VAL F 31 -45.81 -13.24 -30.92
CA VAL F 31 -45.24 -13.07 -29.58
C VAL F 31 -46.22 -13.74 -28.62
N THR F 32 -45.69 -14.39 -27.59
CA THR F 32 -46.60 -15.08 -26.69
C THR F 32 -46.23 -14.73 -25.26
N GLY F 33 -47.22 -14.34 -24.47
CA GLY F 33 -46.98 -14.00 -23.09
C GLY F 33 -48.25 -13.76 -22.30
N ILE F 34 -48.10 -13.15 -21.13
CA ILE F 34 -49.23 -12.78 -20.28
C ILE F 34 -48.94 -11.40 -19.70
N PRO F 35 -49.88 -10.46 -19.76
CA PRO F 35 -49.61 -9.11 -19.28
C PRO F 35 -49.74 -9.00 -17.76
N GLY F 36 -49.05 -8.01 -17.23
CA GLY F 36 -49.21 -7.56 -15.85
C GLY F 36 -48.73 -6.13 -15.78
N GLY F 37 -48.97 -5.51 -14.63
CA GLY F 37 -48.72 -4.08 -14.50
C GLY F 37 -47.38 -3.62 -15.07
N SER F 38 -46.28 -4.24 -14.63
CA SER F 38 -44.99 -3.66 -14.99
C SER F 38 -44.64 -3.83 -16.46
N ILE F 39 -45.41 -4.61 -17.20
CA ILE F 39 -45.20 -4.78 -18.64
C ILE F 39 -46.31 -4.12 -19.44
N LEU F 40 -47.29 -3.52 -18.77
CA LEU F 40 -48.41 -2.91 -19.48
C LEU F 40 -47.99 -1.85 -20.50
N PRO F 41 -46.94 -1.03 -20.29
CA PRO F 41 -46.52 -0.12 -21.37
C PRO F 41 -46.23 -0.84 -22.68
N VAL F 42 -45.42 -1.90 -22.63
CA VAL F 42 -45.09 -2.63 -23.85
C VAL F 42 -46.35 -3.16 -24.50
N TYR F 43 -47.19 -3.82 -23.70
CA TYR F 43 -48.45 -4.35 -24.21
C TYR F 43 -49.27 -3.27 -24.91
N ASP F 44 -49.30 -2.06 -24.35
CA ASP F 44 -49.99 -0.96 -25.01
C ASP F 44 -49.44 -0.75 -26.41
N ALA F 45 -48.13 -0.55 -26.53
CA ALA F 45 -47.56 -0.34 -27.85
C ALA F 45 -47.86 -1.53 -28.74
N LEU F 46 -47.82 -2.73 -28.16
CA LEU F 46 -48.00 -3.89 -29.00
C LEU F 46 -49.43 -4.00 -29.55
N SER F 47 -50.42 -3.40 -28.88
CA SER F 47 -51.78 -3.38 -29.44
C SER F 47 -51.84 -2.65 -30.77
N GLN F 48 -50.86 -1.78 -31.07
CA GLN F 48 -50.83 -1.03 -32.32
C GLN F 48 -50.06 -1.73 -33.43
N SER F 49 -49.25 -2.75 -33.10
CA SER F 49 -48.60 -3.52 -34.15
C SER F 49 -49.58 -4.05 -35.16
N THR F 50 -49.31 -3.77 -36.42
CA THR F 50 -49.98 -4.44 -37.52
C THR F 50 -49.27 -5.73 -37.91
N GLN F 51 -48.12 -6.02 -37.33
CA GLN F 51 -47.27 -7.11 -37.75
C GLN F 51 -47.14 -8.23 -36.73
N ILE F 52 -47.28 -7.94 -35.44
CA ILE F 52 -47.04 -8.91 -34.39
C ILE F 52 -48.36 -9.35 -33.76
N ARG F 53 -48.66 -10.64 -33.84
CA ARG F 53 -49.81 -11.21 -33.17
C ARG F 53 -49.42 -11.60 -31.75
N HIS F 54 -50.31 -11.36 -30.80
CA HIS F 54 -50.00 -11.74 -29.43
C HIS F 54 -50.86 -12.93 -29.04
N ILE F 55 -50.21 -14.00 -28.62
CA ILE F 55 -50.90 -15.18 -28.14
C ILE F 55 -50.95 -15.14 -26.62
N LEU F 56 -52.15 -15.15 -26.07
CA LEU F 56 -52.36 -15.10 -24.62
C LEU F 56 -52.22 -16.50 -24.03
N ALA F 57 -51.07 -16.77 -23.43
CA ALA F 57 -50.88 -18.05 -22.77
C ALA F 57 -51.74 -18.14 -21.51
N ARG F 58 -51.76 -19.35 -20.94
CA ARG F 58 -52.54 -19.61 -19.73
C ARG F 58 -51.68 -19.72 -18.48
N HIS F 59 -50.35 -19.72 -18.65
CA HIS F 59 -49.38 -19.77 -17.59
C HIS F 59 -48.06 -19.41 -18.26
N GLU F 60 -47.23 -18.61 -17.62
CA GLU F 60 -46.14 -18.04 -18.40
C GLU F 60 -45.15 -19.12 -18.82
N GLN F 61 -45.04 -20.21 -18.06
CA GLN F 61 -44.26 -21.36 -18.53
C GLN F 61 -44.82 -21.89 -19.83
N GLY F 62 -46.15 -21.91 -19.95
CA GLY F 62 -46.75 -22.24 -21.23
C GLY F 62 -46.31 -21.27 -22.32
N ALA F 63 -46.33 -19.98 -22.02
CA ALA F 63 -45.84 -19.00 -22.99
C ALA F 63 -44.43 -19.34 -23.41
N GLY F 64 -43.57 -19.69 -22.44
CA GLY F 64 -42.18 -19.97 -22.76
C GLY F 64 -42.03 -21.19 -23.65
N PHE F 65 -42.79 -22.23 -23.37
CA PHE F 65 -42.67 -23.45 -24.15
C PHE F 65 -43.31 -23.28 -25.52
N ILE F 66 -44.33 -22.43 -25.62
CA ILE F 66 -44.90 -22.11 -26.92
C ILE F 66 -43.90 -21.38 -27.79
N ALA F 67 -43.28 -20.31 -27.27
CA ALA F 67 -42.19 -19.69 -28.01
C ALA F 67 -41.15 -20.72 -28.39
N GLN F 68 -40.84 -21.62 -27.46
CA GLN F 68 -39.82 -22.62 -27.74
C GLN F 68 -40.23 -23.53 -28.92
N GLY F 69 -41.48 -23.97 -28.97
CA GLY F 69 -41.92 -24.78 -30.10
C GLY F 69 -41.79 -24.04 -31.43
N MET F 70 -42.13 -22.75 -31.43
CA MET F 70 -41.86 -21.92 -32.60
C MET F 70 -40.39 -21.99 -32.98
N ALA F 71 -39.51 -21.70 -32.01
CA ALA F 71 -38.07 -21.65 -32.29
C ALA F 71 -37.55 -22.99 -32.79
N ARG F 72 -38.02 -24.09 -32.20
CA ARG F 72 -37.59 -25.43 -32.57
C ARG F 72 -38.10 -25.87 -33.93
N THR F 73 -39.18 -25.30 -34.47
CA THR F 73 -39.49 -25.67 -35.87
C THR F 73 -38.98 -24.69 -36.92
N ASP F 74 -38.94 -23.39 -36.62
CA ASP F 74 -38.39 -22.35 -37.50
C ASP F 74 -36.88 -22.20 -37.48
N GLY F 75 -36.22 -22.43 -36.36
CA GLY F 75 -34.80 -22.14 -36.28
C GLY F 75 -34.42 -20.70 -35.99
N LYS F 76 -35.39 -19.84 -35.72
CA LYS F 76 -35.10 -18.44 -35.44
C LYS F 76 -35.52 -18.14 -34.01
N PRO F 77 -34.91 -17.16 -33.35
CA PRO F 77 -35.31 -16.87 -31.96
C PRO F 77 -36.78 -16.46 -31.88
N ALA F 78 -37.45 -17.01 -30.88
CA ALA F 78 -38.84 -16.71 -30.56
C ALA F 78 -38.90 -15.91 -29.25
N VAL F 79 -39.98 -15.14 -29.13
CA VAL F 79 -40.10 -14.16 -28.07
C VAL F 79 -41.25 -14.54 -27.14
N CYS F 80 -41.00 -14.49 -25.84
CA CYS F 80 -42.08 -14.55 -24.86
C CYS F 80 -41.93 -13.37 -23.91
N MET F 81 -43.05 -12.96 -23.30
CA MET F 81 -43.09 -11.77 -22.46
C MET F 81 -43.86 -12.05 -21.19
N ALA F 82 -43.44 -11.41 -20.09
CA ALA F 82 -44.17 -11.56 -18.85
C ALA F 82 -44.00 -10.31 -18.00
N CYS F 83 -44.86 -10.15 -17.01
CA CYS F 83 -44.74 -9.04 -16.09
C CYS F 83 -43.68 -9.38 -15.05
N SER F 84 -43.45 -8.46 -14.12
CA SER F 84 -42.50 -8.69 -13.04
C SER F 84 -43.00 -9.81 -12.13
N GLY F 85 -42.17 -10.20 -11.18
CA GLY F 85 -42.59 -11.10 -10.13
C GLY F 85 -42.97 -12.47 -10.60
N PRO F 86 -44.24 -12.84 -10.40
CA PRO F 86 -44.68 -14.20 -10.77
C PRO F 86 -44.57 -14.50 -12.27
N GLY F 87 -44.69 -13.48 -13.14
CA GLY F 87 -44.45 -13.72 -14.56
C GLY F 87 -43.07 -14.31 -14.84
N ALA F 88 -42.03 -13.64 -14.32
CA ALA F 88 -40.66 -14.11 -14.52
C ALA F 88 -40.45 -15.49 -13.88
N THR F 89 -40.83 -15.62 -12.61
CA THR F 89 -40.54 -16.89 -11.94
C THR F 89 -41.22 -18.04 -12.68
N ASN F 90 -42.42 -17.79 -13.20
CA ASN F 90 -43.07 -18.82 -14.00
C ASN F 90 -42.34 -19.06 -15.32
N LEU F 91 -41.59 -18.08 -15.83
CA LEU F 91 -40.82 -18.35 -17.05
C LEU F 91 -39.59 -19.23 -16.80
N VAL F 92 -39.14 -19.33 -15.54
CA VAL F 92 -37.83 -19.91 -15.22
C VAL F 92 -37.63 -21.28 -15.89
N THR F 93 -38.58 -22.22 -15.68
CA THR F 93 -38.38 -23.58 -16.18
C THR F 93 -38.23 -23.64 -17.69
N ALA F 94 -39.05 -22.91 -18.44
CA ALA F 94 -38.94 -22.94 -19.89
C ALA F 94 -37.62 -22.34 -20.35
N ILE F 95 -37.18 -21.26 -19.69
CA ILE F 95 -35.91 -20.68 -20.14
C ILE F 95 -34.79 -21.66 -19.87
N ALA F 96 -34.76 -22.24 -18.67
CA ALA F 96 -33.74 -23.24 -18.34
C ALA F 96 -33.75 -24.41 -19.33
N ASP F 97 -34.95 -24.85 -19.71
CA ASP F 97 -35.08 -25.88 -20.74
C ASP F 97 -34.45 -25.45 -22.07
N ALA F 98 -34.72 -24.20 -22.49
CA ALA F 98 -34.12 -23.70 -23.72
C ALA F 98 -32.60 -23.67 -23.63
N ARG F 99 -32.08 -23.28 -22.46
CA ARG F 99 -30.65 -23.25 -22.30
C ARG F 99 -30.07 -24.65 -22.46
N LEU F 100 -30.62 -25.64 -21.76
CA LEU F 100 -29.94 -26.93 -21.86
C LEU F 100 -30.17 -27.63 -23.20
N ASP F 101 -31.21 -27.29 -23.96
CA ASP F 101 -31.32 -27.87 -25.29
C ASP F 101 -30.81 -26.94 -26.38
N SER F 102 -30.27 -25.76 -26.01
CA SER F 102 -29.65 -24.79 -26.91
C SER F 102 -30.65 -24.24 -27.93
N ILE F 103 -31.69 -23.64 -27.41
CA ILE F 103 -32.80 -23.12 -28.19
C ILE F 103 -32.76 -21.60 -28.12
N PRO F 104 -32.87 -20.90 -29.24
CA PRO F 104 -32.82 -19.43 -29.20
C PRO F 104 -34.12 -18.77 -28.79
N LEU F 105 -34.18 -18.28 -27.56
CA LEU F 105 -35.31 -17.43 -27.17
C LEU F 105 -34.84 -16.05 -26.74
N ILE F 106 -35.68 -15.08 -27.05
CA ILE F 106 -35.66 -13.80 -26.39
C ILE F 106 -36.89 -13.78 -25.49
N CYS F 107 -36.62 -13.55 -24.22
CA CYS F 107 -37.60 -13.53 -23.15
C CYS F 107 -37.54 -12.12 -22.57
N ILE F 108 -38.65 -11.40 -22.61
CA ILE F 108 -38.74 -10.01 -22.19
C ILE F 108 -39.70 -9.92 -21.02
N THR F 109 -39.24 -9.32 -19.93
CA THR F 109 -40.09 -9.19 -18.75
C THR F 109 -40.07 -7.74 -18.26
N GLY F 110 -41.24 -7.25 -17.85
CA GLY F 110 -41.28 -5.96 -17.18
C GLY F 110 -40.71 -6.07 -15.78
N GLN F 111 -40.21 -4.96 -15.27
CA GLN F 111 -39.64 -4.91 -13.96
C GLN F 111 -40.02 -3.58 -13.33
N VAL F 112 -40.00 -3.52 -11.99
CA VAL F 112 -40.44 -2.34 -11.23
C VAL F 112 -39.70 -1.10 -11.72
N PRO F 113 -40.28 0.09 -11.56
CA PRO F 113 -39.59 1.32 -11.96
C PRO F 113 -38.21 1.41 -11.33
N ALA F 114 -37.24 1.92 -12.11
CA ALA F 114 -35.84 1.98 -11.67
C ALA F 114 -35.69 2.66 -10.31
N SER F 115 -36.50 3.69 -10.03
CA SER F 115 -36.52 4.32 -8.71
C SER F 115 -36.68 3.26 -7.62
N MET F 116 -37.86 2.66 -7.56
CA MET F 116 -38.06 1.48 -6.73
C MET F 116 -36.99 0.41 -6.99
N ASP F 120 -36.49 -2.39 -1.76
CA ASP F 120 -37.46 -3.44 -2.10
C ASP F 120 -38.74 -2.78 -2.55
N ALA F 121 -39.73 -3.60 -2.88
CA ALA F 121 -41.04 -3.12 -3.37
C ALA F 121 -41.98 -4.31 -3.52
N PHE F 122 -43.14 -4.06 -4.11
CA PHE F 122 -44.15 -5.08 -4.37
C PHE F 122 -43.95 -5.64 -5.77
N GLN F 123 -43.80 -6.97 -5.85
CA GLN F 123 -43.47 -7.70 -7.08
C GLN F 123 -42.06 -7.40 -7.59
N GLU F 124 -41.15 -7.06 -6.67
CA GLU F 124 -39.72 -6.89 -6.97
C GLU F 124 -39.00 -8.19 -6.65
N VAL F 125 -38.72 -8.96 -7.70
CA VAL F 125 -37.98 -10.22 -7.65
C VAL F 125 -36.70 -10.02 -8.47
N ASP F 126 -35.59 -10.57 -7.99
CA ASP F 126 -34.30 -10.41 -8.67
C ASP F 126 -34.28 -11.25 -9.93
N THR F 127 -34.90 -10.73 -10.99
CA THR F 127 -34.87 -11.42 -12.26
C THR F 127 -33.45 -11.64 -12.76
N TYR F 128 -32.59 -10.62 -12.70
CA TYR F 128 -31.21 -10.77 -13.19
C TYR F 128 -30.51 -11.94 -12.50
N GLY F 129 -30.50 -11.94 -11.16
CA GLY F 129 -29.84 -13.02 -10.44
C GLY F 129 -30.35 -14.40 -10.83
N ILE F 130 -31.69 -14.58 -10.78
CA ILE F 130 -32.33 -15.85 -11.14
C ILE F 130 -32.02 -16.29 -12.56
N SER F 131 -31.88 -15.36 -13.50
CA SER F 131 -31.60 -15.80 -14.85
C SER F 131 -30.11 -16.07 -15.10
N ILE F 132 -29.20 -15.45 -14.36
CA ILE F 132 -27.75 -15.64 -14.54
C ILE F 132 -27.38 -17.10 -14.80
N PRO F 133 -27.76 -18.07 -13.96
CA PRO F 133 -27.32 -19.45 -14.21
C PRO F 133 -28.18 -20.21 -15.21
N ILE F 134 -29.21 -19.60 -15.83
CA ILE F 134 -30.06 -20.37 -16.75
C ILE F 134 -30.23 -19.70 -18.09
N THR F 135 -29.42 -18.69 -18.41
CA THR F 135 -29.45 -18.07 -19.73
C THR F 135 -28.06 -18.11 -20.34
N LYS F 136 -28.03 -18.05 -21.66
CA LYS F 136 -26.76 -17.83 -22.34
C LYS F 136 -26.25 -16.41 -22.09
N HIS F 137 -27.16 -15.44 -21.93
CA HIS F 137 -26.80 -14.12 -21.42
C HIS F 137 -28.06 -13.43 -20.93
N ASN F 138 -27.87 -12.37 -20.16
CA ASN F 138 -29.03 -11.63 -19.64
C ASN F 138 -28.68 -10.16 -19.47
N TYR F 139 -29.73 -9.34 -19.30
CA TYR F 139 -29.64 -7.90 -19.23
C TYR F 139 -30.65 -7.34 -18.24
N LEU F 140 -30.26 -6.25 -17.57
CA LEU F 140 -31.20 -5.36 -16.89
C LEU F 140 -30.96 -3.96 -17.45
N VAL F 141 -31.90 -3.44 -18.24
CA VAL F 141 -31.73 -2.17 -18.92
C VAL F 141 -31.97 -1.03 -17.95
N ARG F 142 -30.93 -0.24 -17.66
CA ARG F 142 -31.13 0.83 -16.69
C ARG F 142 -31.41 2.17 -17.35
N HIS F 143 -30.93 2.39 -18.57
CA HIS F 143 -31.09 3.65 -19.27
C HIS F 143 -31.69 3.39 -20.65
N ILE F 144 -32.70 4.18 -21.01
CA ILE F 144 -33.38 3.97 -22.29
C ILE F 144 -32.39 4.10 -23.45
N GLU F 145 -31.34 4.90 -23.29
CA GLU F 145 -30.28 4.95 -24.30
C GLU F 145 -29.64 3.60 -24.53
N GLU F 146 -29.70 2.69 -23.55
CA GLU F 146 -29.13 1.35 -23.76
C GLU F 146 -30.06 0.45 -24.56
N LEU F 147 -31.32 0.86 -24.75
CA LEU F 147 -32.27 -0.08 -25.35
C LEU F 147 -31.88 -0.52 -26.75
N PRO F 148 -31.40 0.35 -27.64
CA PRO F 148 -31.00 -0.15 -28.96
C PRO F 148 -29.95 -1.26 -28.90
N GLN F 149 -28.76 -0.97 -28.38
CA GLN F 149 -27.70 -1.97 -28.40
C GLN F 149 -28.10 -3.25 -27.67
N VAL F 150 -28.67 -3.11 -26.47
CA VAL F 150 -29.14 -4.29 -25.73
C VAL F 150 -29.91 -5.21 -26.68
N MET F 151 -30.89 -4.67 -27.40
CA MET F 151 -31.70 -5.57 -28.22
C MET F 151 -30.87 -6.15 -29.37
N SER F 152 -30.05 -5.33 -30.03
CA SER F 152 -29.19 -5.91 -31.06
C SER F 152 -28.37 -7.06 -30.48
N ASP F 153 -27.75 -6.85 -29.31
CA ASP F 153 -26.85 -7.90 -28.84
C ASP F 153 -27.67 -9.11 -28.44
N ALA F 154 -28.83 -8.86 -27.86
CA ALA F 154 -29.67 -9.97 -27.46
C ALA F 154 -29.94 -10.84 -28.67
N PHE F 155 -30.36 -10.23 -29.78
CA PHE F 155 -30.72 -11.04 -30.92
C PHE F 155 -29.50 -11.67 -31.57
N ARG F 156 -28.33 -11.02 -31.50
CA ARG F 156 -27.15 -11.71 -31.98
C ARG F 156 -26.85 -12.89 -31.07
N ILE F 157 -26.80 -12.66 -29.77
CA ILE F 157 -26.30 -13.70 -28.87
C ILE F 157 -27.21 -14.91 -28.92
N ALA F 158 -28.52 -14.70 -29.00
CA ALA F 158 -29.45 -15.83 -28.96
C ALA F 158 -29.20 -16.79 -30.11
N GLN F 159 -28.78 -16.30 -31.27
CA GLN F 159 -28.76 -17.13 -32.48
C GLN F 159 -27.36 -17.45 -33.00
N SER F 160 -26.31 -16.80 -32.50
CA SER F 160 -25.01 -17.08 -33.06
C SER F 160 -24.36 -18.21 -32.28
N GLY F 161 -23.28 -18.75 -32.85
CA GLY F 161 -22.54 -19.85 -32.26
C GLY F 161 -23.40 -21.01 -31.81
N ARG F 162 -23.31 -21.37 -30.53
CA ARG F 162 -24.25 -22.31 -29.96
C ARG F 162 -25.46 -21.54 -29.47
N PRO F 163 -26.65 -21.71 -30.06
CA PRO F 163 -27.79 -20.87 -29.69
C PRO F 163 -28.20 -21.10 -28.24
N GLY F 164 -28.96 -20.14 -27.72
CA GLY F 164 -29.49 -20.20 -26.37
C GLY F 164 -30.39 -19.02 -26.06
N PRO F 165 -31.02 -19.04 -24.89
CA PRO F 165 -31.97 -17.97 -24.52
C PRO F 165 -31.26 -16.79 -23.88
N VAL F 166 -31.72 -15.59 -24.22
CA VAL F 166 -31.26 -14.40 -23.51
C VAL F 166 -32.51 -13.74 -22.95
N TRP F 167 -32.38 -13.24 -21.73
CA TRP F 167 -33.48 -12.69 -20.95
C TRP F 167 -33.26 -11.19 -20.81
N ILE F 168 -34.23 -10.39 -21.23
CA ILE F 168 -34.17 -8.92 -21.14
C ILE F 168 -35.19 -8.44 -20.11
N ASP F 169 -34.68 -7.86 -19.06
CA ASP F 169 -35.51 -7.27 -18.02
C ASP F 169 -35.56 -5.76 -18.22
N ILE F 170 -36.76 -5.21 -18.35
CA ILE F 170 -36.93 -3.80 -18.66
C ILE F 170 -37.80 -3.08 -17.65
N PRO F 171 -37.24 -2.22 -16.80
CA PRO F 171 -38.04 -1.52 -15.80
C PRO F 171 -39.13 -0.68 -16.43
N LYS F 172 -40.29 -0.66 -15.78
CA LYS F 172 -41.47 0.03 -16.30
C LYS F 172 -41.16 1.44 -16.73
N ASP F 173 -40.33 2.17 -15.96
CA ASP F 173 -40.02 3.57 -16.27
C ASP F 173 -39.06 3.75 -17.43
N VAL F 174 -38.32 2.70 -17.82
CA VAL F 174 -37.61 2.70 -19.10
C VAL F 174 -38.60 2.52 -20.24
N GLN F 175 -39.64 1.69 -20.05
CA GLN F 175 -40.64 1.49 -21.11
C GLN F 175 -41.39 2.78 -21.43
N THR F 176 -41.62 3.62 -20.44
CA THR F 176 -42.41 4.84 -20.59
C THR F 176 -41.58 6.09 -20.74
N ALA F 177 -40.26 5.99 -20.64
CA ALA F 177 -39.39 7.09 -21.03
C ALA F 177 -39.50 7.38 -22.52
N VAL F 178 -39.01 8.57 -22.92
CA VAL F 178 -38.96 8.98 -24.32
C VAL F 178 -37.52 9.34 -24.66
N PHE F 179 -37.10 9.02 -25.88
CA PHE F 179 -35.77 9.36 -26.36
C PHE F 179 -35.80 9.35 -27.88
N GLU F 180 -34.77 9.92 -28.49
CA GLU F 180 -34.64 9.94 -29.94
C GLU F 180 -33.45 9.09 -30.34
N ILE F 181 -33.61 8.34 -31.43
CA ILE F 181 -32.57 7.46 -31.93
C ILE F 181 -31.97 8.05 -33.20
N GLU F 182 -30.65 7.92 -33.33
CA GLU F 182 -29.97 8.43 -34.52
C GLU F 182 -30.50 7.76 -35.78
N THR F 183 -30.52 6.43 -35.79
CA THR F 183 -30.92 5.66 -36.97
C THR F 183 -31.89 4.56 -36.55
N GLN F 184 -32.77 4.19 -37.48
CA GLN F 184 -33.76 3.18 -37.22
C GLN F 184 -33.10 1.80 -37.11
N PRO F 185 -33.61 0.93 -36.23
CA PRO F 185 -32.92 -0.33 -35.95
C PRO F 185 -32.99 -1.33 -37.09
N ALA F 186 -31.83 -1.87 -37.45
CA ALA F 186 -31.74 -2.90 -38.47
C ALA F 186 -31.94 -4.27 -37.83
N MET F 187 -31.80 -5.30 -38.64
CA MET F 187 -31.88 -6.67 -38.17
C MET F 187 -30.50 -7.17 -37.75
N ALA F 188 -30.35 -7.48 -36.47
CA ALA F 188 -29.15 -8.16 -36.03
C ALA F 188 -29.01 -9.46 -36.80
N GLU F 189 -27.78 -9.77 -37.23
CA GLU F 189 -27.61 -11.03 -37.93
C GLU F 189 -26.71 -11.95 -37.14
N LYS F 190 -26.58 -13.19 -37.63
CA LYS F 190 -25.81 -14.17 -36.90
C LYS F 190 -24.36 -13.71 -36.91
N ALA F 191 -23.65 -13.93 -35.81
CA ALA F 191 -22.22 -13.67 -35.84
C ALA F 191 -21.55 -14.70 -36.73
N ALA F 192 -20.37 -14.33 -37.24
CA ALA F 192 -19.69 -15.18 -38.19
C ALA F 192 -19.29 -16.49 -37.55
N ALA F 193 -19.40 -17.59 -38.29
CA ALA F 193 -18.98 -18.85 -37.74
C ALA F 193 -17.45 -18.85 -37.58
N PRO F 194 -16.92 -19.59 -36.61
CA PRO F 194 -15.47 -19.60 -36.39
C PRO F 194 -14.69 -20.09 -37.60
N ALA F 195 -13.42 -19.68 -37.65
CA ALA F 195 -12.50 -20.22 -38.63
C ALA F 195 -11.86 -21.50 -38.09
N PHE F 196 -11.28 -22.28 -39.00
CA PHE F 196 -10.67 -23.54 -38.62
C PHE F 196 -9.55 -23.85 -39.61
N SER F 197 -8.48 -24.45 -39.11
CA SER F 197 -7.32 -24.67 -39.97
C SER F 197 -7.63 -25.74 -41.02
N GLU F 198 -7.12 -25.52 -42.22
CA GLU F 198 -7.29 -26.51 -43.28
C GLU F 198 -6.56 -27.80 -42.93
N GLU F 199 -5.53 -27.70 -42.07
CA GLU F 199 -4.87 -28.89 -41.56
C GLU F 199 -5.82 -29.75 -40.74
N SER F 200 -6.73 -29.12 -39.99
CA SER F 200 -7.75 -29.87 -39.24
C SER F 200 -8.56 -30.78 -40.16
N ILE F 201 -9.13 -30.22 -41.23
CA ILE F 201 -9.92 -31.02 -42.17
C ILE F 201 -9.05 -32.09 -42.81
N ARG F 202 -7.81 -31.74 -43.17
CA ARG F 202 -6.96 -32.76 -43.77
C ARG F 202 -6.73 -33.93 -42.81
N ASP F 203 -6.44 -33.65 -41.54
CA ASP F 203 -6.11 -34.69 -40.57
C ASP F 203 -7.36 -35.50 -40.17
N ALA F 204 -8.50 -34.84 -40.06
CA ALA F 204 -9.76 -35.54 -39.82
C ALA F 204 -10.14 -36.43 -40.99
N ALA F 205 -10.09 -35.89 -42.21
CA ALA F 205 -10.31 -36.70 -43.40
C ALA F 205 -9.36 -37.88 -43.42
N ALA F 206 -8.11 -37.66 -43.01
CA ALA F 206 -7.14 -38.76 -42.96
C ALA F 206 -7.59 -39.84 -42.00
N MET F 207 -8.07 -39.44 -40.82
CA MET F 207 -8.53 -40.42 -39.84
C MET F 207 -9.76 -41.17 -40.35
N ILE F 208 -10.63 -40.50 -41.12
CA ILE F 208 -11.82 -41.17 -41.64
C ILE F 208 -11.44 -42.18 -42.72
N ASN F 209 -10.47 -41.83 -43.58
CA ASN F 209 -10.11 -42.69 -44.70
C ASN F 209 -9.36 -43.94 -44.24
N ALA F 210 -8.71 -43.89 -43.08
CA ALA F 210 -7.90 -45.01 -42.60
C ALA F 210 -8.61 -45.92 -41.62
N ALA F 211 -9.89 -45.69 -41.33
CA ALA F 211 -10.59 -46.41 -40.27
C ALA F 211 -11.22 -47.71 -40.77
N LYS F 212 -10.95 -48.80 -40.06
CA LYS F 212 -11.56 -50.09 -40.40
C LYS F 212 -13.00 -50.18 -39.93
N ARG F 213 -13.31 -49.55 -38.82
CA ARG F 213 -14.61 -49.70 -38.17
C ARG F 213 -15.06 -48.35 -37.58
N PRO F 214 -15.35 -47.37 -38.43
CA PRO F 214 -15.78 -46.06 -37.96
C PRO F 214 -17.28 -45.97 -37.74
N VAL F 215 -17.67 -45.07 -36.84
CA VAL F 215 -19.08 -44.76 -36.60
C VAL F 215 -19.28 -43.25 -36.59
N LEU F 216 -20.38 -42.79 -37.20
CA LEU F 216 -20.74 -41.39 -37.24
C LEU F 216 -21.80 -41.13 -36.19
N TYR F 217 -21.46 -40.31 -35.22
CA TYR F 217 -22.30 -40.08 -34.03
C TYR F 217 -22.83 -38.66 -34.12
N LEU F 218 -24.11 -38.53 -34.45
CA LEU F 218 -24.73 -37.23 -34.68
C LEU F 218 -25.50 -36.76 -33.45
N GLY F 219 -25.39 -35.45 -33.19
CA GLY F 219 -26.15 -34.78 -32.16
C GLY F 219 -26.97 -33.64 -32.75
N GLY F 220 -27.72 -32.98 -31.86
CA GLY F 220 -28.65 -31.95 -32.27
C GLY F 220 -28.02 -30.75 -32.93
N GLY F 221 -26.69 -30.68 -32.96
CA GLY F 221 -26.02 -29.56 -33.58
C GLY F 221 -25.90 -29.66 -35.09
N VAL F 222 -26.25 -30.82 -35.66
CA VAL F 222 -26.13 -30.97 -37.11
C VAL F 222 -27.42 -30.48 -37.78
N ILE F 223 -28.34 -29.94 -36.97
CA ILE F 223 -29.73 -29.79 -37.37
C ILE F 223 -29.88 -28.86 -38.58
N ASN F 224 -28.94 -27.95 -38.82
CA ASN F 224 -29.05 -27.08 -39.99
C ASN F 224 -28.15 -27.52 -41.11
N ALA F 225 -27.76 -28.79 -41.13
CA ALA F 225 -26.91 -29.33 -42.19
C ALA F 225 -27.38 -30.74 -42.55
N PRO F 226 -28.64 -30.93 -42.87
CA PRO F 226 -29.07 -32.30 -43.21
C PRO F 226 -28.46 -32.79 -44.51
N ALA F 227 -28.39 -31.91 -45.50
CA ALA F 227 -27.86 -32.29 -46.81
C ALA F 227 -26.47 -32.88 -46.69
N ARG F 228 -25.54 -32.13 -46.10
CA ARG F 228 -24.14 -32.55 -46.13
C ARG F 228 -23.87 -33.68 -45.14
N VAL F 229 -24.64 -33.79 -44.05
CA VAL F 229 -24.44 -34.91 -43.14
C VAL F 229 -24.90 -36.21 -43.80
N ARG F 230 -26.04 -36.17 -44.49
CA ARG F 230 -26.44 -37.32 -45.28
C ARG F 230 -25.42 -37.60 -46.38
N GLU F 231 -24.96 -36.55 -47.06
CA GLU F 231 -23.95 -36.67 -48.11
C GLU F 231 -22.70 -37.37 -47.61
N LEU F 232 -22.25 -36.99 -46.42
CA LEU F 232 -21.07 -37.60 -45.82
C LEU F 232 -21.35 -39.05 -45.47
N ALA F 233 -22.48 -39.31 -44.82
CA ALA F 233 -22.81 -40.67 -44.39
C ALA F 233 -22.87 -41.62 -45.58
N GLU F 234 -23.49 -41.19 -46.68
CA GLU F 234 -23.65 -42.07 -47.83
C GLU F 234 -22.40 -42.14 -48.69
N LYS F 235 -21.63 -41.05 -48.79
CA LYS F 235 -20.36 -41.14 -49.52
C LYS F 235 -19.41 -42.12 -48.85
N ALA F 236 -19.05 -41.87 -47.59
CA ALA F 236 -18.12 -42.77 -46.90
C ALA F 236 -18.76 -44.07 -46.42
N GLN F 237 -20.08 -44.18 -46.53
CA GLN F 237 -20.85 -45.31 -46.01
C GLN F 237 -20.54 -45.58 -44.54
N LEU F 238 -20.80 -44.55 -43.70
CA LEU F 238 -20.60 -44.63 -42.24
C LEU F 238 -21.88 -45.12 -41.57
N PRO F 239 -21.84 -46.17 -40.75
CA PRO F 239 -22.98 -46.42 -39.85
C PRO F 239 -23.17 -45.23 -38.92
N THR F 240 -24.39 -44.69 -38.90
CA THR F 240 -24.66 -43.45 -38.19
C THR F 240 -25.70 -43.66 -37.09
N THR F 241 -25.34 -43.22 -35.89
CA THR F 241 -26.19 -43.18 -34.72
C THR F 241 -26.56 -41.74 -34.42
N MET F 242 -27.71 -41.53 -33.76
CA MET F 242 -28.16 -40.22 -33.36
C MET F 242 -28.51 -40.20 -31.88
N THR F 243 -28.35 -39.05 -31.26
CA THR F 243 -28.92 -38.82 -29.94
C THR F 243 -30.42 -38.61 -30.06
N LEU F 244 -31.07 -38.50 -28.90
CA LEU F 244 -32.49 -38.16 -28.88
C LEU F 244 -32.78 -36.88 -29.67
N MET F 245 -31.86 -35.91 -29.64
CA MET F 245 -32.10 -34.63 -30.30
C MET F 245 -31.83 -34.66 -31.79
N ALA F 246 -31.26 -35.74 -32.30
CA ALA F 246 -30.88 -35.79 -33.69
C ALA F 246 -31.71 -36.77 -34.50
N LEU F 247 -32.69 -37.44 -33.89
CA LEU F 247 -33.61 -38.27 -34.63
C LEU F 247 -34.31 -37.45 -35.73
N GLY F 248 -34.47 -38.05 -36.90
CA GLY F 248 -34.98 -37.38 -38.05
C GLY F 248 -33.94 -36.79 -38.97
N MET F 249 -32.70 -36.62 -38.49
CA MET F 249 -31.59 -36.17 -39.31
C MET F 249 -31.28 -37.21 -40.39
N LEU F 250 -31.72 -38.42 -40.16
CA LEU F 250 -31.86 -39.58 -41.00
C LEU F 250 -33.19 -40.29 -40.85
N PRO F 251 -33.74 -40.72 -41.99
CA PRO F 251 -35.02 -41.43 -41.95
C PRO F 251 -34.84 -42.73 -41.20
N LYS F 252 -35.86 -43.08 -40.43
CA LYS F 252 -35.75 -44.24 -39.55
C LYS F 252 -35.26 -45.46 -40.31
N ALA F 253 -35.80 -45.69 -41.51
CA ALA F 253 -35.50 -46.88 -42.30
C ALA F 253 -34.23 -46.80 -43.12
N HIS F 254 -33.51 -45.67 -43.16
CA HIS F 254 -32.34 -45.55 -44.03
C HIS F 254 -31.31 -46.63 -43.67
N PRO F 255 -30.70 -47.30 -44.66
CA PRO F 255 -29.90 -48.50 -44.36
C PRO F 255 -28.68 -48.24 -43.47
N LEU F 256 -28.33 -46.98 -43.19
CA LEU F 256 -27.23 -46.68 -42.28
C LEU F 256 -27.69 -46.31 -40.88
N SER F 257 -28.99 -46.30 -40.61
CA SER F 257 -29.48 -45.81 -39.33
C SER F 257 -29.24 -46.87 -38.28
N LEU F 258 -28.32 -46.60 -37.37
CA LEU F 258 -28.16 -47.40 -36.16
C LEU F 258 -29.18 -47.07 -35.09
N GLY F 259 -30.13 -46.17 -35.38
CA GLY F 259 -31.06 -45.69 -34.36
C GLY F 259 -30.33 -44.90 -33.28
N MET F 260 -30.92 -44.86 -32.10
CA MET F 260 -30.45 -44.01 -31.02
C MET F 260 -29.54 -44.80 -30.08
N LEU F 261 -28.46 -44.16 -29.62
CA LEU F 261 -27.55 -44.81 -28.70
C LEU F 261 -27.90 -44.45 -27.25
N GLY F 262 -27.39 -45.24 -26.32
CA GLY F 262 -27.45 -44.82 -24.94
C GLY F 262 -28.46 -45.50 -24.02
N MET F 263 -28.91 -44.72 -23.02
CA MET F 263 -29.57 -45.28 -21.85
C MET F 263 -30.81 -46.10 -22.22
N HIS F 264 -31.64 -45.56 -23.08
CA HIS F 264 -32.80 -46.30 -23.58
C HIS F 264 -32.69 -46.52 -25.08
N GLY F 265 -31.45 -46.59 -25.59
CA GLY F 265 -31.18 -46.81 -26.99
C GLY F 265 -31.39 -48.24 -27.46
N VAL F 266 -30.89 -48.50 -28.66
CA VAL F 266 -31.02 -49.82 -29.27
C VAL F 266 -29.81 -50.68 -28.87
N ARG F 267 -30.12 -51.91 -28.49
CA ARG F 267 -29.15 -52.84 -27.93
C ARG F 267 -28.01 -53.15 -28.91
N SER F 268 -28.37 -53.54 -30.14
CA SER F 268 -27.36 -53.93 -31.13
C SER F 268 -26.30 -52.85 -31.35
N THR F 269 -26.72 -51.59 -31.49
CA THR F 269 -25.74 -50.57 -31.84
C THR F 269 -25.00 -50.03 -30.63
N ASN F 270 -25.61 -50.01 -29.43
CA ASN F 270 -24.80 -49.76 -28.24
C ASN F 270 -23.66 -50.77 -28.15
N TYR F 271 -23.92 -52.02 -28.54
CA TYR F 271 -22.82 -53.00 -28.64
C TYR F 271 -21.89 -52.66 -29.79
N ILE F 272 -22.43 -52.18 -30.91
CA ILE F 272 -21.61 -51.89 -32.09
C ILE F 272 -20.59 -50.79 -31.80
N LEU F 273 -20.99 -49.80 -31.00
CA LEU F 273 -20.10 -48.67 -30.73
C LEU F 273 -18.81 -49.12 -30.04
N GLN F 274 -18.90 -50.15 -29.17
CA GLN F 274 -17.68 -50.64 -28.54
C GLN F 274 -16.76 -51.35 -29.52
N GLU F 275 -17.27 -51.76 -30.68
CA GLU F 275 -16.43 -52.30 -31.73
C GLU F 275 -15.84 -51.22 -32.64
N ALA F 276 -16.36 -50.00 -32.57
CA ALA F 276 -15.85 -48.93 -33.42
C ALA F 276 -14.43 -48.56 -33.02
N ASP F 277 -13.58 -48.31 -34.01
CA ASP F 277 -12.25 -47.77 -33.76
C ASP F 277 -12.19 -46.26 -33.96
N LEU F 278 -13.26 -45.66 -34.46
CA LEU F 278 -13.27 -44.22 -34.61
C LEU F 278 -14.69 -43.69 -34.48
N LEU F 279 -14.85 -42.67 -33.65
CA LEU F 279 -16.13 -42.00 -33.46
C LEU F 279 -16.00 -40.63 -34.09
N ILE F 280 -16.83 -40.35 -35.08
CA ILE F 280 -16.87 -39.06 -35.73
C ILE F 280 -18.14 -38.39 -35.25
N VAL F 281 -18.03 -37.51 -34.26
CA VAL F 281 -19.19 -36.97 -33.57
C VAL F 281 -19.39 -35.54 -34.05
N LEU F 282 -20.55 -35.29 -34.62
CA LEU F 282 -20.92 -33.97 -35.12
C LEU F 282 -22.09 -33.48 -34.28
N GLY F 283 -21.92 -32.33 -33.65
CA GLY F 283 -23.04 -31.71 -32.94
C GLY F 283 -23.55 -32.46 -31.72
N ALA F 284 -22.81 -33.43 -31.20
CA ALA F 284 -23.20 -34.08 -29.97
C ALA F 284 -22.24 -33.66 -28.86
N ARG F 285 -22.65 -33.89 -27.61
CA ARG F 285 -21.91 -33.39 -26.46
C ARG F 285 -21.68 -34.45 -25.39
N PHE F 286 -21.70 -35.73 -25.76
CA PHE F 286 -21.36 -36.81 -24.84
C PHE F 286 -22.13 -36.71 -23.50
N ASP F 287 -23.43 -36.45 -23.60
CA ASP F 287 -24.30 -36.40 -22.43
C ASP F 287 -24.29 -37.72 -21.66
N ASP F 288 -24.54 -37.62 -20.35
CA ASP F 288 -24.58 -38.79 -19.47
C ASP F 288 -25.51 -39.84 -20.02
N ARG F 289 -26.70 -39.43 -20.42
CA ARG F 289 -27.69 -40.35 -20.92
C ARG F 289 -27.38 -40.92 -22.30
N ALA F 290 -26.35 -40.42 -22.98
CA ALA F 290 -25.96 -41.02 -24.25
C ALA F 290 -24.71 -41.90 -24.18
N ILE F 291 -23.72 -41.57 -23.35
CA ILE F 291 -22.48 -42.34 -23.31
C ILE F 291 -22.38 -43.25 -22.09
N GLY F 292 -23.15 -43.00 -21.04
CA GLY F 292 -23.08 -43.86 -19.87
C GLY F 292 -21.82 -43.58 -19.07
N LYS F 293 -21.35 -44.62 -18.34
CA LYS F 293 -20.14 -44.47 -17.56
C LYS F 293 -19.03 -44.01 -18.49
N THR F 294 -18.65 -42.74 -18.33
CA THR F 294 -17.78 -42.08 -19.29
C THR F 294 -16.51 -42.89 -19.55
N GLU F 295 -15.86 -43.35 -18.47
CA GLU F 295 -14.58 -44.01 -18.64
C GLU F 295 -14.68 -45.33 -19.40
N GLN F 296 -15.88 -45.90 -19.53
CA GLN F 296 -16.08 -47.18 -20.20
C GLN F 296 -16.76 -47.09 -21.57
N PHE F 297 -16.81 -45.89 -22.18
CA PHE F 297 -17.58 -45.69 -23.40
C PHE F 297 -16.61 -45.47 -24.55
N CYS F 298 -16.53 -46.46 -25.44
CA CYS F 298 -15.55 -46.56 -26.51
C CYS F 298 -14.19 -46.15 -25.97
N PRO F 299 -13.55 -46.99 -25.17
CA PRO F 299 -12.24 -46.63 -24.63
C PRO F 299 -11.17 -46.80 -25.70
N ASN F 300 -11.27 -47.90 -26.46
CA ASN F 300 -10.26 -48.29 -27.45
C ASN F 300 -10.51 -47.64 -28.81
N ALA F 301 -11.23 -46.52 -28.88
CA ALA F 301 -11.58 -45.87 -30.13
C ALA F 301 -11.01 -44.47 -30.17
N LYS F 302 -10.31 -44.13 -31.25
CA LYS F 302 -9.93 -42.75 -31.47
C LYS F 302 -11.17 -41.95 -31.86
N ILE F 303 -11.21 -40.69 -31.45
CA ILE F 303 -12.39 -39.84 -31.58
C ILE F 303 -12.04 -38.55 -32.30
N ILE F 304 -12.89 -38.16 -33.26
CA ILE F 304 -12.91 -36.81 -33.85
C ILE F 304 -14.20 -36.13 -33.41
N HIS F 305 -14.08 -34.85 -33.07
CA HIS F 305 -15.16 -34.11 -32.42
C HIS F 305 -15.26 -32.72 -33.05
N VAL F 306 -16.44 -32.41 -33.58
CA VAL F 306 -16.71 -31.13 -34.23
C VAL F 306 -17.87 -30.47 -33.50
N ASP F 307 -17.61 -29.31 -32.89
CA ASP F 307 -18.64 -28.64 -32.12
C ASP F 307 -18.35 -27.14 -32.14
N ILE F 308 -19.40 -26.33 -32.18
CA ILE F 308 -19.22 -24.88 -32.37
C ILE F 308 -18.84 -24.18 -31.08
N ASP F 309 -19.01 -24.84 -29.93
CA ASP F 309 -18.74 -24.25 -28.61
C ASP F 309 -17.38 -24.77 -28.14
N ARG F 310 -16.37 -23.87 -28.11
CA ARG F 310 -15.02 -24.26 -27.71
C ARG F 310 -14.97 -24.88 -26.32
N ALA F 311 -16.01 -24.70 -25.50
CA ALA F 311 -16.06 -25.25 -24.15
C ALA F 311 -16.48 -26.71 -24.12
N GLU F 312 -17.07 -27.24 -25.18
CA GLU F 312 -17.45 -28.64 -25.21
C GLU F 312 -16.32 -29.54 -25.71
N LEU F 313 -15.33 -29.00 -26.40
CA LEU F 313 -14.26 -29.83 -26.93
C LEU F 313 -13.34 -30.23 -25.79
N GLY F 314 -13.25 -31.54 -25.54
CA GLY F 314 -12.48 -32.05 -24.43
C GLY F 314 -13.16 -31.92 -23.08
N LYS F 315 -14.44 -31.57 -23.03
CA LYS F 315 -15.10 -31.45 -21.73
C LYS F 315 -15.32 -32.80 -21.06
N ILE F 316 -15.65 -33.86 -21.83
CA ILE F 316 -15.96 -35.17 -21.25
C ILE F 316 -15.09 -36.29 -21.81
N LYS F 317 -15.03 -36.41 -23.14
CA LYS F 317 -14.12 -37.36 -23.78
C LYS F 317 -13.11 -36.58 -24.60
N GLN F 318 -11.84 -36.94 -24.48
CA GLN F 318 -10.87 -36.14 -25.18
C GLN F 318 -10.52 -36.65 -26.58
N PRO F 319 -10.68 -35.79 -27.59
CA PRO F 319 -10.64 -36.23 -28.98
C PRO F 319 -9.22 -36.26 -29.50
N HIS F 320 -9.04 -37.00 -30.57
CA HIS F 320 -7.75 -36.98 -31.22
C HIS F 320 -7.65 -35.87 -32.25
N VAL F 321 -8.78 -35.44 -32.82
CA VAL F 321 -8.82 -34.23 -33.65
C VAL F 321 -10.04 -33.42 -33.21
N ALA F 322 -9.82 -32.14 -32.88
CA ALA F 322 -10.91 -31.28 -32.41
C ALA F 322 -11.02 -30.07 -33.32
N ILE F 323 -12.20 -29.87 -33.90
CA ILE F 323 -12.51 -28.72 -34.73
C ILE F 323 -13.64 -27.96 -34.07
N GLN F 324 -13.42 -26.67 -33.87
CA GLN F 324 -14.46 -25.77 -33.38
C GLN F 324 -14.98 -25.00 -34.58
N ALA F 325 -16.15 -25.39 -35.07
CA ALA F 325 -16.78 -24.66 -36.18
C ALA F 325 -18.22 -25.12 -36.34
N ASP F 326 -18.92 -24.42 -37.22
CA ASP F 326 -20.23 -24.86 -37.68
C ASP F 326 -20.08 -26.09 -38.56
N VAL F 327 -20.94 -27.09 -38.33
CA VAL F 327 -20.81 -28.39 -39.01
C VAL F 327 -20.93 -28.23 -40.51
N ASP F 328 -21.87 -27.41 -40.97
CA ASP F 328 -22.03 -27.21 -42.42
C ASP F 328 -20.75 -26.71 -43.05
N ASP F 329 -20.20 -25.60 -42.53
CA ASP F 329 -18.98 -25.04 -43.12
C ASP F 329 -17.83 -26.05 -43.13
N VAL F 330 -17.76 -26.91 -42.10
CA VAL F 330 -16.71 -27.94 -42.05
C VAL F 330 -16.96 -29.01 -43.10
N LEU F 331 -18.17 -29.56 -43.13
CA LEU F 331 -18.49 -30.63 -44.08
C LEU F 331 -18.32 -30.17 -45.52
N ALA F 332 -18.52 -28.87 -45.78
CA ALA F 332 -18.24 -28.32 -47.10
C ALA F 332 -16.80 -28.62 -47.54
N GLN F 333 -15.84 -28.47 -46.64
CA GLN F 333 -14.45 -28.76 -46.96
C GLN F 333 -14.02 -30.18 -46.66
N LEU F 334 -14.86 -30.98 -46.00
CA LEU F 334 -14.39 -32.30 -45.62
C LEU F 334 -14.91 -33.41 -46.51
N ILE F 335 -16.15 -33.31 -46.97
CA ILE F 335 -16.75 -34.35 -47.82
C ILE F 335 -15.89 -34.63 -49.07
N PRO F 336 -15.35 -33.63 -49.78
CA PRO F 336 -14.48 -33.96 -50.94
C PRO F 336 -13.16 -34.64 -50.57
N LEU F 337 -12.75 -34.65 -49.31
CA LEU F 337 -11.52 -35.33 -48.89
C LEU F 337 -11.78 -36.74 -48.40
N VAL F 338 -13.03 -37.17 -48.31
CA VAL F 338 -13.35 -38.49 -47.78
C VAL F 338 -13.37 -39.51 -48.91
N GLU F 339 -12.49 -40.51 -48.79
CA GLU F 339 -12.50 -41.61 -49.73
C GLU F 339 -13.71 -42.50 -49.46
N ALA F 340 -14.13 -43.22 -50.51
CA ALA F 340 -15.27 -44.15 -50.40
C ALA F 340 -14.69 -45.55 -50.24
N GLN F 341 -14.50 -45.96 -48.97
CA GLN F 341 -13.95 -47.28 -48.68
C GLN F 341 -15.07 -48.19 -48.25
N PRO F 342 -15.18 -49.41 -48.78
CA PRO F 342 -16.34 -50.25 -48.43
C PRO F 342 -16.36 -50.73 -47.00
N ARG F 343 -15.20 -50.98 -46.41
CA ARG F 343 -15.09 -51.57 -45.06
C ARG F 343 -16.09 -52.72 -44.90
N ALA F 344 -16.02 -53.65 -45.86
CA ALA F 344 -17.02 -54.70 -45.96
C ALA F 344 -17.04 -55.56 -44.71
N GLU F 345 -15.85 -55.83 -44.15
CA GLU F 345 -15.77 -56.61 -42.92
C GLU F 345 -16.52 -55.90 -41.79
N TRP F 346 -16.40 -54.57 -41.73
CA TRP F 346 -17.08 -53.78 -40.70
C TRP F 346 -18.60 -53.82 -40.84
N HIS F 347 -19.10 -53.78 -42.08
CA HIS F 347 -20.53 -53.88 -42.29
C HIS F 347 -21.06 -55.28 -42.01
N GLN F 348 -20.30 -56.32 -42.42
CA GLN F 348 -20.69 -57.68 -42.06
C GLN F 348 -20.77 -57.83 -40.55
N LEU F 349 -19.87 -57.18 -39.82
CA LEU F 349 -19.92 -57.24 -38.36
C LEU F 349 -21.14 -56.50 -37.79
N VAL F 350 -21.48 -55.33 -38.35
CA VAL F 350 -22.67 -54.60 -37.90
C VAL F 350 -23.93 -55.44 -38.09
N ALA F 351 -24.09 -56.03 -39.28
CA ALA F 351 -25.23 -56.92 -39.53
C ALA F 351 -25.24 -58.10 -38.61
N ASP F 352 -24.07 -58.71 -38.42
CA ASP F 352 -23.95 -59.86 -37.55
C ASP F 352 -24.44 -59.54 -36.14
N LEU F 353 -24.03 -58.37 -35.62
CA LEU F 353 -24.46 -57.94 -34.29
C LEU F 353 -25.95 -57.62 -34.24
N GLN F 354 -26.51 -57.14 -35.36
CA GLN F 354 -27.94 -56.91 -35.39
C GLN F 354 -28.72 -58.22 -35.36
N ARG F 355 -28.09 -59.33 -35.75
CA ARG F 355 -28.67 -60.65 -35.56
C ARG F 355 -28.57 -61.10 -34.11
N GLU F 356 -28.34 -60.17 -33.19
CA GLU F 356 -28.38 -60.48 -31.76
C GLU F 356 -28.80 -59.28 -30.89
N ASP F 366 -51.72 -52.98 -33.06
CA ASP F 366 -52.72 -52.84 -32.00
C ASP F 366 -52.66 -51.43 -31.46
N PRO F 367 -53.70 -50.64 -31.70
CA PRO F 367 -53.76 -49.29 -31.13
C PRO F 367 -53.82 -49.26 -29.60
N LEU F 368 -53.95 -50.41 -28.93
CA LEU F 368 -54.15 -50.40 -27.48
C LEU F 368 -52.98 -51.04 -26.72
N SER F 369 -51.85 -51.28 -27.38
CA SER F 369 -50.52 -51.39 -26.78
C SER F 369 -49.78 -50.09 -27.03
N HIS F 370 -48.70 -49.87 -26.29
CA HIS F 370 -47.97 -48.62 -26.46
C HIS F 370 -47.25 -48.57 -27.81
N TYR F 371 -46.42 -49.57 -28.09
CA TYR F 371 -45.73 -49.61 -29.37
C TYR F 371 -46.73 -49.65 -30.52
N GLY F 372 -47.72 -50.52 -30.39
CA GLY F 372 -48.72 -50.60 -31.44
C GLY F 372 -49.41 -49.27 -31.66
N LEU F 373 -49.65 -48.52 -30.58
CA LEU F 373 -50.27 -47.21 -30.71
C LEU F 373 -49.37 -46.26 -31.49
N ILE F 374 -48.08 -46.23 -31.17
CA ILE F 374 -47.20 -45.37 -31.93
C ILE F 374 -47.28 -45.71 -33.42
N ASN F 375 -47.23 -47.00 -33.75
CA ASN F 375 -47.33 -47.41 -35.15
C ASN F 375 -48.67 -47.02 -35.76
N ALA F 376 -49.74 -47.13 -34.96
CA ALA F 376 -51.09 -46.82 -35.44
C ALA F 376 -51.21 -45.34 -35.76
N VAL F 377 -50.68 -44.48 -34.90
CA VAL F 377 -50.68 -43.04 -35.14
C VAL F 377 -49.83 -42.67 -36.34
N ALA F 378 -48.66 -43.30 -36.48
CA ALA F 378 -47.82 -43.01 -37.64
C ALA F 378 -48.52 -43.39 -38.94
N ALA F 379 -49.23 -44.53 -38.96
CA ALA F 379 -49.99 -44.92 -40.14
C ALA F 379 -51.13 -43.97 -40.47
N CYS F 380 -51.47 -43.04 -39.58
CA CYS F 380 -52.50 -42.04 -39.84
C CYS F 380 -51.97 -40.77 -40.48
N VAL F 381 -50.64 -40.59 -40.58
CA VAL F 381 -50.10 -39.31 -41.02
C VAL F 381 -48.85 -39.52 -41.88
N ASP F 382 -48.50 -38.46 -42.61
CA ASP F 382 -47.39 -38.47 -43.55
C ASP F 382 -46.13 -37.82 -42.94
N ASP F 383 -45.09 -37.71 -43.77
CA ASP F 383 -43.83 -37.13 -43.30
C ASP F 383 -43.94 -35.67 -42.92
N ASN F 384 -45.03 -34.98 -43.30
CA ASN F 384 -45.20 -33.57 -43.01
C ASN F 384 -45.70 -33.32 -41.58
N ALA F 385 -45.98 -34.36 -40.82
CA ALA F 385 -46.45 -34.16 -39.46
C ALA F 385 -45.28 -33.71 -38.58
N ILE F 386 -45.62 -32.96 -37.53
CA ILE F 386 -44.66 -32.57 -36.51
C ILE F 386 -45.00 -33.34 -35.24
N ILE F 387 -43.98 -33.86 -34.55
CA ILE F 387 -44.15 -34.70 -33.38
C ILE F 387 -43.49 -34.06 -32.17
N THR F 388 -44.27 -33.90 -31.10
CA THR F 388 -43.78 -33.36 -29.85
C THR F 388 -44.02 -34.41 -28.76
N THR F 389 -43.28 -34.26 -27.68
CA THR F 389 -43.27 -35.30 -26.67
C THR F 389 -43.22 -34.68 -25.28
N ASP F 390 -43.83 -35.36 -24.31
CA ASP F 390 -43.60 -35.03 -22.91
C ASP F 390 -42.47 -35.91 -22.39
N VAL F 391 -42.34 -36.12 -21.09
CA VAL F 391 -41.17 -36.81 -20.56
C VAL F 391 -41.64 -38.02 -19.77
N GLY F 392 -40.99 -39.17 -20.02
CA GLY F 392 -41.30 -40.41 -19.34
C GLY F 392 -41.21 -41.63 -20.22
N GLN F 393 -41.96 -42.68 -19.88
CA GLN F 393 -41.95 -43.89 -20.69
C GLN F 393 -42.58 -43.66 -22.05
N HIS F 394 -43.67 -42.89 -22.10
CA HIS F 394 -44.32 -42.65 -23.39
C HIS F 394 -43.35 -41.97 -24.33
N GLN F 395 -42.50 -41.08 -23.77
CA GLN F 395 -41.49 -40.38 -24.55
C GLN F 395 -40.48 -41.34 -25.16
N MET F 396 -39.87 -42.16 -24.30
CA MET F 396 -38.84 -43.07 -24.78
C MET F 396 -39.42 -44.09 -25.78
N TRP F 397 -40.64 -44.58 -25.52
CA TRP F 397 -41.30 -45.49 -26.46
C TRP F 397 -41.48 -44.83 -27.82
N THR F 398 -41.97 -43.58 -27.82
CA THR F 398 -42.15 -42.85 -29.07
C THR F 398 -40.82 -42.66 -29.78
N ALA F 399 -39.78 -42.27 -29.03
CA ALA F 399 -38.44 -42.10 -29.60
C ALA F 399 -37.94 -43.38 -30.25
N GLN F 400 -38.21 -44.52 -29.61
CA GLN F 400 -37.72 -45.78 -30.15
C GLN F 400 -38.46 -46.16 -31.43
N ALA F 401 -39.77 -45.91 -31.48
CA ALA F 401 -40.61 -46.54 -32.50
C ALA F 401 -41.13 -45.61 -33.60
N TYR F 402 -41.34 -44.32 -33.36
CA TYR F 402 -41.96 -43.48 -34.38
C TYR F 402 -41.03 -43.30 -35.59
N PRO F 403 -41.58 -43.32 -36.84
CA PRO F 403 -40.76 -43.10 -38.07
C PRO F 403 -40.49 -41.63 -38.44
N LEU F 404 -39.52 -41.04 -37.73
CA LEU F 404 -39.05 -39.67 -37.99
C LEU F 404 -38.08 -39.65 -39.18
N ASN F 405 -38.39 -38.87 -40.23
CA ASN F 405 -37.59 -38.94 -41.47
C ASN F 405 -37.10 -37.58 -41.98
N ARG F 406 -37.42 -36.49 -41.29
CA ARG F 406 -37.15 -35.09 -41.59
C ARG F 406 -36.59 -34.30 -40.40
N PRO F 407 -35.65 -33.39 -40.68
CA PRO F 407 -35.17 -32.46 -39.64
C PRO F 407 -36.25 -31.54 -39.11
N ARG F 408 -36.08 -31.09 -37.86
CA ARG F 408 -37.10 -30.28 -37.18
C ARG F 408 -38.48 -30.94 -37.23
N GLN F 409 -38.50 -32.26 -37.07
CA GLN F 409 -39.78 -32.90 -36.85
C GLN F 409 -39.94 -33.35 -35.43
N TRP F 410 -38.82 -33.54 -34.72
CA TRP F 410 -38.82 -34.18 -33.41
C TRP F 410 -38.61 -33.09 -32.36
N LEU F 411 -39.66 -32.86 -31.57
CA LEU F 411 -39.70 -31.85 -30.52
C LEU F 411 -39.85 -32.60 -29.20
N THR F 412 -38.75 -32.69 -28.45
CA THR F 412 -38.71 -33.35 -27.16
C THR F 412 -37.74 -32.58 -26.28
N SER F 413 -37.96 -32.63 -24.98
CA SER F 413 -37.09 -31.91 -24.06
C SER F 413 -36.01 -32.91 -23.61
N GLY F 414 -34.79 -32.72 -24.11
CA GLY F 414 -33.76 -33.68 -23.81
C GLY F 414 -32.84 -33.22 -22.70
N GLY F 415 -32.33 -31.99 -22.82
CA GLY F 415 -31.40 -31.48 -21.86
C GLY F 415 -32.00 -31.40 -20.48
N LEU F 416 -33.05 -30.60 -20.33
CA LEU F 416 -33.64 -30.54 -19.00
C LEU F 416 -34.66 -31.65 -18.77
N GLY F 417 -35.34 -32.13 -19.81
CA GLY F 417 -36.30 -33.21 -19.65
C GLY F 417 -37.49 -32.81 -18.81
N THR F 418 -38.22 -31.81 -19.29
CA THR F 418 -39.28 -31.17 -18.52
C THR F 418 -40.59 -31.90 -18.74
N MET F 419 -41.20 -32.40 -17.67
CA MET F 419 -42.59 -32.78 -17.81
C MET F 419 -43.40 -31.52 -18.09
N GLY F 420 -44.33 -31.63 -19.05
CA GLY F 420 -45.15 -30.52 -19.48
C GLY F 420 -44.68 -29.80 -20.74
N PHE F 421 -43.52 -30.16 -21.29
CA PHE F 421 -43.03 -29.51 -22.51
C PHE F 421 -43.95 -29.77 -23.71
N GLY F 422 -44.40 -31.02 -23.86
CA GLY F 422 -45.07 -31.48 -25.07
C GLY F 422 -46.25 -30.66 -25.59
N LEU F 423 -47.30 -30.43 -24.79
CA LEU F 423 -48.46 -29.73 -25.35
C LEU F 423 -48.16 -28.27 -25.70
N PRO F 424 -47.58 -27.44 -24.83
CA PRO F 424 -47.29 -26.06 -25.26
C PRO F 424 -46.29 -26.00 -26.40
N ALA F 425 -45.28 -26.87 -26.38
CA ALA F 425 -44.37 -26.93 -27.52
C ALA F 425 -45.14 -27.25 -28.80
N ALA F 426 -46.07 -28.19 -28.73
CA ALA F 426 -46.88 -28.52 -29.90
C ALA F 426 -47.73 -27.34 -30.34
N ILE F 427 -48.24 -26.55 -29.38
CA ILE F 427 -49.02 -25.36 -29.71
C ILE F 427 -48.17 -24.39 -30.52
N GLY F 428 -46.95 -24.13 -30.05
CA GLY F 428 -46.05 -23.29 -30.82
C GLY F 428 -45.79 -23.85 -32.20
N ALA F 429 -45.51 -25.16 -32.27
CA ALA F 429 -45.22 -25.81 -33.54
C ALA F 429 -46.34 -25.59 -34.55
N ALA F 430 -47.60 -25.78 -34.12
CA ALA F 430 -48.73 -25.53 -35.00
C ALA F 430 -48.81 -24.06 -35.42
N LEU F 431 -48.72 -23.13 -34.44
CA LEU F 431 -48.80 -21.70 -34.78
C LEU F 431 -47.78 -21.32 -35.84
N ALA F 432 -46.58 -21.88 -35.78
CA ALA F 432 -45.53 -21.57 -36.75
C ALA F 432 -45.65 -22.39 -38.03
N ASN F 433 -46.47 -23.44 -38.05
CA ASN F 433 -46.75 -24.23 -39.24
C ASN F 433 -48.24 -24.52 -39.25
N PRO F 434 -49.05 -23.56 -39.70
CA PRO F 434 -50.50 -23.78 -39.71
C PRO F 434 -50.91 -24.84 -40.68
N ASP F 435 -50.09 -25.10 -41.71
CA ASP F 435 -50.46 -26.15 -42.65
C ASP F 435 -50.39 -27.52 -41.99
N ARG F 436 -49.35 -27.76 -41.19
CA ARG F 436 -49.04 -29.12 -40.80
C ARG F 436 -49.88 -29.57 -39.62
N LYS F 437 -49.91 -30.90 -39.43
CA LYS F 437 -50.59 -31.56 -38.33
C LYS F 437 -49.59 -31.89 -37.23
N VAL F 438 -49.93 -31.59 -35.99
CA VAL F 438 -49.02 -31.76 -34.87
C VAL F 438 -49.54 -32.82 -33.90
N LEU F 439 -48.80 -33.92 -33.77
CA LEU F 439 -49.10 -34.96 -32.80
C LEU F 439 -48.26 -34.75 -31.54
N CYS F 440 -48.89 -34.88 -30.39
CA CYS F 440 -48.23 -34.66 -29.11
C CYS F 440 -48.38 -35.91 -28.25
N PHE F 441 -47.35 -36.77 -28.24
CA PHE F 441 -47.40 -37.96 -27.40
C PHE F 441 -47.14 -37.57 -25.95
N SER F 442 -48.10 -37.84 -25.06
CA SER F 442 -47.95 -37.38 -23.67
C SER F 442 -48.41 -38.45 -22.69
N GLY F 443 -48.17 -38.19 -21.40
CA GLY F 443 -48.57 -39.07 -20.33
C GLY F 443 -49.45 -38.31 -19.34
N ASP F 444 -50.08 -39.07 -18.44
CA ASP F 444 -51.04 -38.45 -17.52
C ASP F 444 -50.41 -37.37 -16.66
N GLY F 445 -49.22 -37.61 -16.11
CA GLY F 445 -48.62 -36.62 -15.23
C GLY F 445 -48.10 -35.42 -16.00
N SER F 446 -47.35 -35.67 -17.06
CA SER F 446 -46.81 -34.57 -17.84
C SER F 446 -47.94 -33.74 -18.45
N LEU F 447 -48.96 -34.39 -19.02
CA LEU F 447 -50.07 -33.63 -19.58
C LEU F 447 -50.75 -32.84 -18.48
N MET F 448 -50.69 -33.33 -17.24
CA MET F 448 -51.25 -32.55 -16.14
C MET F 448 -50.41 -31.31 -15.81
N MET F 449 -49.12 -31.31 -16.15
CA MET F 449 -48.25 -30.21 -15.69
C MET F 449 -48.60 -28.88 -16.35
N ASN F 450 -48.93 -28.88 -17.65
CA ASN F 450 -49.39 -27.68 -18.33
C ASN F 450 -50.75 -27.90 -19.00
N ILE F 451 -51.63 -28.65 -18.33
CA ILE F 451 -52.91 -29.00 -18.94
C ILE F 451 -53.70 -27.75 -19.34
N GLN F 452 -53.52 -26.63 -18.64
CA GLN F 452 -54.29 -25.42 -18.91
C GLN F 452 -54.11 -24.89 -20.33
N GLU F 453 -52.98 -25.20 -20.98
CA GLU F 453 -52.81 -24.72 -22.34
C GLU F 453 -53.78 -25.39 -23.31
N MET F 454 -54.51 -26.41 -22.88
CA MET F 454 -55.65 -26.89 -23.66
C MET F 454 -56.57 -25.73 -24.06
N ALA F 455 -56.83 -24.81 -23.13
CA ALA F 455 -57.60 -23.62 -23.48
C ALA F 455 -56.94 -22.88 -24.63
N THR F 456 -55.63 -22.62 -24.51
CA THR F 456 -54.89 -21.98 -25.60
C THR F 456 -55.08 -22.74 -26.90
N ALA F 457 -55.10 -24.07 -26.84
CA ALA F 457 -55.25 -24.87 -28.05
C ALA F 457 -56.64 -24.66 -28.66
N SER F 458 -57.68 -24.67 -27.83
CA SER F 458 -59.01 -24.59 -28.41
C SER F 458 -59.35 -23.16 -28.83
N GLU F 459 -58.96 -22.17 -28.04
CA GLU F 459 -59.29 -20.80 -28.39
C GLU F 459 -58.58 -20.36 -29.66
N ASN F 460 -57.39 -20.88 -29.90
CA ASN F 460 -56.75 -20.64 -31.18
C ASN F 460 -57.03 -21.72 -32.21
N GLN F 461 -57.80 -22.75 -31.84
CA GLN F 461 -58.13 -23.81 -32.81
C GLN F 461 -56.92 -24.22 -33.64
N LEU F 462 -55.94 -24.80 -32.94
CA LEU F 462 -54.70 -25.29 -33.49
C LEU F 462 -54.87 -26.77 -33.84
N ASP F 463 -54.09 -27.23 -34.80
CA ASP F 463 -54.27 -28.56 -35.35
C ASP F 463 -53.41 -29.56 -34.56
N VAL F 464 -53.73 -29.69 -33.26
CA VAL F 464 -52.93 -30.48 -32.32
C VAL F 464 -53.74 -31.69 -31.85
N LYS F 465 -53.12 -32.87 -31.94
CA LYS F 465 -53.75 -34.11 -31.52
C LYS F 465 -52.92 -34.73 -30.40
N ILE F 466 -53.43 -34.69 -29.17
CA ILE F 466 -52.71 -35.25 -28.04
C ILE F 466 -52.95 -36.76 -27.98
N ILE F 467 -51.87 -37.53 -28.05
CA ILE F 467 -51.93 -38.98 -27.93
C ILE F 467 -51.49 -39.33 -26.51
N LEU F 468 -52.47 -39.50 -25.61
CA LEU F 468 -52.21 -39.66 -24.17
C LEU F 468 -52.13 -41.13 -23.80
N MET F 469 -50.95 -41.57 -23.42
CA MET F 469 -50.77 -42.90 -22.83
C MET F 469 -50.91 -42.78 -21.31
N ASN F 470 -52.04 -43.26 -20.80
CA ASN F 470 -52.39 -43.09 -19.39
C ASN F 470 -52.19 -44.44 -18.73
N ASN F 471 -51.03 -44.56 -18.10
CA ASN F 471 -50.78 -45.40 -16.96
C ASN F 471 -51.19 -44.55 -15.77
N GLU F 472 -51.64 -45.17 -14.70
CA GLU F 472 -52.11 -44.28 -13.63
C GLU F 472 -50.98 -44.07 -12.64
N ALA F 473 -49.88 -43.58 -13.21
CA ALA F 473 -48.59 -43.54 -12.54
C ALA F 473 -47.62 -42.66 -13.32
N LEU F 474 -46.65 -42.15 -12.56
CA LEU F 474 -45.40 -41.58 -13.07
C LEU F 474 -44.52 -42.73 -13.58
N GLY F 475 -44.70 -43.08 -14.86
CA GLY F 475 -44.14 -44.32 -15.37
C GLY F 475 -42.66 -44.51 -15.14
N LEU F 476 -41.84 -43.54 -15.55
CA LEU F 476 -40.39 -43.70 -15.43
C LEU F 476 -39.94 -43.82 -13.98
N VAL F 477 -40.57 -43.06 -13.08
CA VAL F 477 -40.29 -43.28 -11.65
C VAL F 477 -40.72 -44.68 -11.24
N HIS F 478 -41.93 -45.08 -11.61
CA HIS F 478 -42.45 -46.41 -11.28
C HIS F 478 -41.48 -47.51 -11.72
N GLN F 479 -40.89 -47.36 -12.90
CA GLN F 479 -39.99 -48.39 -13.40
C GLN F 479 -38.66 -48.34 -12.65
N GLN F 480 -38.19 -47.14 -12.34
CA GLN F 480 -36.92 -47.01 -11.61
C GLN F 480 -37.02 -47.55 -10.19
N GLN F 481 -38.14 -47.32 -9.50
CA GLN F 481 -38.34 -47.86 -8.15
C GLN F 481 -38.58 -49.36 -8.19
N SER F 482 -39.36 -49.82 -9.16
CA SER F 482 -39.64 -51.24 -9.25
C SER F 482 -38.37 -52.04 -9.55
N LEU F 483 -37.45 -51.50 -10.36
CA LEU F 483 -36.24 -52.25 -10.68
C LEU F 483 -35.05 -52.00 -9.76
N PHE F 484 -34.94 -50.82 -9.14
CA PHE F 484 -33.70 -50.45 -8.47
C PHE F 484 -33.81 -50.14 -6.99
N TYR F 485 -34.98 -49.86 -6.44
CA TYR F 485 -35.08 -49.47 -5.04
C TYR F 485 -35.80 -50.54 -4.21
N GLU F 486 -35.29 -50.75 -2.99
CA GLU F 486 -35.61 -51.97 -2.24
C GLU F 486 -37.07 -52.03 -1.84
N GLN F 487 -37.69 -50.88 -1.62
CA GLN F 487 -39.07 -50.80 -1.16
C GLN F 487 -40.01 -50.54 -2.33
N GLY F 488 -39.48 -50.56 -3.55
CA GLY F 488 -40.30 -50.58 -4.74
C GLY F 488 -41.10 -49.31 -4.92
N VAL F 489 -42.27 -49.47 -5.53
CA VAL F 489 -43.04 -48.31 -5.96
C VAL F 489 -43.61 -47.58 -4.76
N PHE F 490 -43.36 -46.28 -4.70
CA PHE F 490 -43.96 -45.42 -3.69
C PHE F 490 -44.07 -44.02 -4.26
N ALA F 491 -45.20 -43.36 -3.97
CA ALA F 491 -45.44 -41.98 -4.40
C ALA F 491 -45.34 -41.82 -5.91
N ALA F 492 -45.61 -42.89 -6.66
CA ALA F 492 -45.49 -42.83 -8.12
C ALA F 492 -46.75 -43.30 -8.83
N THR F 493 -47.87 -43.45 -8.12
CA THR F 493 -49.13 -43.90 -8.70
C THR F 493 -50.24 -42.90 -8.39
N TYR F 494 -51.27 -42.92 -9.21
CA TYR F 494 -52.42 -42.06 -9.01
C TYR F 494 -53.67 -42.88 -8.68
N PRO F 495 -54.57 -42.34 -7.86
CA PRO F 495 -55.79 -43.09 -7.49
C PRO F 495 -56.75 -43.30 -8.64
N GLY F 496 -56.74 -42.44 -9.64
CA GLY F 496 -57.54 -42.69 -10.82
C GLY F 496 -58.98 -42.21 -10.77
N LYS F 497 -59.21 -41.07 -10.13
CA LYS F 497 -60.52 -40.43 -10.18
C LYS F 497 -60.45 -39.19 -11.07
N ILE F 498 -59.67 -39.28 -12.14
CA ILE F 498 -59.60 -38.26 -13.18
C ILE F 498 -60.15 -38.85 -14.46
N ASN F 499 -61.13 -38.19 -15.06
CA ASN F 499 -61.63 -38.56 -16.36
C ASN F 499 -61.07 -37.54 -17.35
N PHE F 500 -60.11 -37.96 -18.19
CA PHE F 500 -59.46 -37.03 -19.11
C PHE F 500 -60.37 -36.61 -20.25
N MET F 501 -61.29 -37.47 -20.69
CA MET F 501 -62.21 -37.07 -21.74
C MET F 501 -63.10 -35.92 -21.28
N GLN F 502 -63.66 -36.05 -20.07
CA GLN F 502 -64.49 -34.98 -19.51
C GLN F 502 -63.72 -33.66 -19.49
N ILE F 503 -62.45 -33.70 -19.07
CA ILE F 503 -61.64 -32.50 -18.91
C ILE F 503 -61.27 -31.89 -20.26
N ALA F 504 -60.74 -32.71 -21.17
CA ALA F 504 -60.43 -32.25 -22.52
C ALA F 504 -61.66 -31.62 -23.17
N ALA F 505 -62.81 -32.27 -22.96
CA ALA F 505 -64.06 -31.77 -23.52
C ALA F 505 -64.40 -30.40 -22.94
N GLY F 506 -64.22 -30.23 -21.63
CA GLY F 506 -64.46 -28.94 -21.02
C GLY F 506 -63.49 -27.86 -21.44
N PHE F 507 -62.32 -28.25 -21.94
CA PHE F 507 -61.44 -27.25 -22.54
C PHE F 507 -61.79 -26.97 -24.00
N GLY F 508 -62.75 -27.70 -24.56
CA GLY F 508 -63.16 -27.54 -25.94
C GLY F 508 -62.56 -28.50 -26.93
N LEU F 509 -61.91 -29.57 -26.49
CA LEU F 509 -61.30 -30.51 -27.41
C LEU F 509 -62.23 -31.68 -27.67
N GLU F 510 -62.21 -32.17 -28.91
CA GLU F 510 -62.88 -33.44 -29.19
C GLU F 510 -62.09 -34.56 -28.54
N THR F 511 -62.77 -35.62 -28.14
CA THR F 511 -62.14 -36.67 -27.36
C THR F 511 -62.34 -38.01 -28.08
N CYS F 512 -61.50 -38.97 -27.69
CA CYS F 512 -61.56 -40.32 -28.25
C CYS F 512 -61.03 -41.32 -27.23
N ASP F 513 -61.87 -42.27 -26.84
CA ASP F 513 -61.55 -43.26 -25.84
C ASP F 513 -61.74 -44.64 -26.48
N LEU F 514 -60.72 -45.48 -26.35
CA LEU F 514 -60.60 -46.66 -27.21
C LEU F 514 -60.99 -47.97 -26.51
N PRO F 520 -61.32 -48.99 -33.32
CA PRO F 520 -60.37 -48.13 -32.61
C PRO F 520 -59.35 -47.50 -33.54
N GLN F 521 -58.87 -48.23 -34.56
CA GLN F 521 -58.08 -47.61 -35.62
C GLN F 521 -58.96 -46.67 -36.45
N ALA F 522 -60.20 -47.07 -36.71
CA ALA F 522 -61.15 -46.20 -37.41
C ALA F 522 -61.35 -44.87 -36.68
N SER F 523 -61.70 -44.93 -35.39
CA SER F 523 -61.91 -43.69 -34.63
C SER F 523 -60.62 -42.89 -34.53
N LEU F 524 -59.48 -43.58 -34.44
CA LEU F 524 -58.20 -42.90 -34.43
C LEU F 524 -58.01 -42.08 -35.70
N GLN F 525 -58.12 -42.73 -36.87
CA GLN F 525 -57.92 -42.00 -38.13
C GLN F 525 -58.93 -40.89 -38.28
N GLU F 526 -60.14 -41.08 -37.76
CA GLU F 526 -61.16 -40.08 -38.00
C GLU F 526 -60.95 -38.86 -37.13
N ILE F 527 -60.43 -39.03 -35.90
CA ILE F 527 -60.19 -37.85 -35.07
C ILE F 527 -58.88 -37.17 -35.46
N ILE F 528 -57.91 -37.93 -35.96
CA ILE F 528 -56.66 -37.31 -36.40
C ILE F 528 -56.87 -36.48 -37.66
N ASN F 529 -57.74 -36.94 -38.57
CA ASN F 529 -57.83 -36.22 -39.85
C ASN F 529 -58.58 -34.90 -39.76
N ARG F 530 -59.58 -34.77 -38.87
CA ARG F 530 -60.36 -33.55 -38.75
C ARG F 530 -59.57 -32.44 -38.06
N PRO F 531 -59.87 -31.18 -38.35
CA PRO F 531 -59.10 -30.07 -37.76
C PRO F 531 -59.37 -29.91 -36.27
N GLY F 532 -58.63 -29.00 -35.67
CA GLY F 532 -58.81 -28.68 -34.28
C GLY F 532 -58.09 -29.58 -33.31
N PRO F 533 -58.04 -29.16 -32.05
CA PRO F 533 -57.35 -29.97 -31.04
C PRO F 533 -58.20 -31.13 -30.56
N ALA F 534 -57.54 -32.27 -30.35
CA ALA F 534 -58.18 -33.49 -29.86
C ALA F 534 -57.27 -34.17 -28.85
N LEU F 535 -57.87 -34.85 -27.88
CA LEU F 535 -57.12 -35.73 -27.01
C LEU F 535 -57.61 -37.15 -27.24
N ILE F 536 -56.67 -38.06 -27.46
CA ILE F 536 -56.94 -39.46 -27.75
C ILE F 536 -56.38 -40.26 -26.57
N HIS F 537 -57.25 -41.04 -25.94
CA HIS F 537 -56.91 -41.68 -24.67
C HIS F 537 -56.78 -43.18 -24.89
N VAL F 538 -55.74 -43.77 -24.31
CA VAL F 538 -55.59 -45.22 -24.27
C VAL F 538 -55.10 -45.60 -22.89
N ARG F 539 -55.67 -46.66 -22.33
CA ARG F 539 -55.26 -47.15 -21.03
C ARG F 539 -54.09 -48.10 -21.24
N ILE F 540 -52.99 -47.84 -20.56
CA ILE F 540 -51.77 -48.64 -20.67
C ILE F 540 -51.36 -49.07 -19.28
N ASP F 541 -50.93 -50.32 -19.15
CA ASP F 541 -50.58 -50.86 -17.85
C ASP F 541 -49.35 -50.20 -17.27
N ALA F 542 -49.44 -49.82 -15.99
CA ALA F 542 -48.35 -49.12 -15.31
C ALA F 542 -47.15 -50.02 -15.06
N GLU F 543 -47.35 -51.34 -15.10
CA GLU F 543 -46.25 -52.26 -14.93
C GLU F 543 -45.41 -52.40 -16.19
N GLU F 544 -45.84 -51.90 -17.35
CA GLU F 544 -45.04 -52.18 -18.54
C GLU F 544 -43.82 -51.26 -18.53
N LYS F 545 -42.77 -51.66 -19.22
CA LYS F 545 -41.45 -51.08 -19.03
C LYS F 545 -40.84 -50.58 -20.38
N VAL F 546 -39.86 -49.67 -20.25
CA VAL F 546 -39.02 -49.21 -21.35
C VAL F 546 -37.74 -50.00 -21.34
N TYR F 547 -37.58 -50.87 -22.33
CA TYR F 547 -36.41 -51.69 -22.53
C TYR F 547 -35.81 -51.38 -23.90
N PRO F 548 -34.47 -51.50 -24.05
CA PRO F 548 -33.64 -51.82 -22.89
C PRO F 548 -33.33 -50.55 -22.09
N MET F 549 -32.94 -50.75 -20.83
CA MET F 549 -32.53 -49.65 -19.97
C MET F 549 -31.09 -49.87 -19.56
N VAL F 550 -30.30 -48.81 -19.65
CA VAL F 550 -28.96 -48.76 -19.06
C VAL F 550 -29.12 -48.06 -17.71
N PRO F 551 -28.89 -48.74 -16.60
CA PRO F 551 -29.07 -48.08 -15.30
C PRO F 551 -28.12 -46.91 -15.20
N PRO F 552 -28.58 -45.76 -14.68
CA PRO F 552 -27.71 -44.59 -14.59
C PRO F 552 -26.46 -44.92 -13.78
N GLY F 553 -25.31 -44.59 -14.35
CA GLY F 553 -24.03 -44.93 -13.77
C GLY F 553 -23.40 -46.21 -14.27
N ALA F 554 -24.04 -46.89 -15.23
CA ALA F 554 -23.47 -48.08 -15.84
C ALA F 554 -22.91 -47.73 -17.22
N ALA F 555 -22.06 -48.62 -17.73
CA ALA F 555 -21.64 -48.48 -19.11
C ALA F 555 -22.80 -48.78 -20.05
N ASN F 556 -22.69 -48.27 -21.29
CA ASN F 556 -23.74 -48.53 -22.27
C ASN F 556 -23.82 -50.00 -22.65
N THR F 557 -22.87 -50.82 -22.20
CA THR F 557 -22.89 -52.26 -22.41
C THR F 557 -23.69 -53.02 -21.36
N GLU F 558 -24.34 -52.36 -20.41
CA GLU F 558 -25.02 -53.04 -19.32
C GLU F 558 -26.50 -52.65 -19.35
N MET F 559 -27.29 -53.32 -20.21
CA MET F 559 -28.72 -53.04 -20.45
C MET F 559 -29.61 -54.05 -19.76
N VAL F 560 -30.79 -53.57 -19.36
CA VAL F 560 -31.81 -54.36 -18.67
C VAL F 560 -32.97 -54.73 -19.60
N ASN G 9 2.54 8.30 15.77
CA ASN G 9 3.48 8.46 14.67
C ASN G 9 2.83 9.13 13.44
N VAL G 10 3.66 9.70 12.56
CA VAL G 10 3.22 10.49 11.42
C VAL G 10 4.28 10.37 10.34
N ILE G 11 3.90 10.66 9.10
CA ILE G 11 4.80 10.58 7.95
C ILE G 11 5.06 11.98 7.44
N LEU G 12 6.33 12.36 7.39
CA LEU G 12 6.75 13.62 6.79
C LEU G 12 7.14 13.39 5.33
N GLU G 13 6.64 14.28 4.47
CA GLU G 13 6.98 14.28 3.05
C GLU G 13 7.89 15.48 2.78
N LEU G 14 9.11 15.18 2.39
CA LEU G 14 10.07 16.16 1.92
C LEU G 14 10.16 16.10 0.41
N THR G 15 10.31 17.27 -0.18
CA THR G 15 10.66 17.44 -1.58
C THR G 15 11.96 18.22 -1.62
N VAL G 16 12.99 17.58 -2.18
CA VAL G 16 14.36 18.07 -2.15
C VAL G 16 14.91 18.15 -3.57
N ARG G 17 15.99 18.91 -3.71
CA ARG G 17 16.69 18.93 -4.98
C ARG G 17 17.54 17.68 -5.07
N ASN G 18 17.52 16.99 -6.20
CA ASN G 18 18.14 15.68 -6.29
C ASN G 18 19.55 15.86 -6.82
N HIS G 19 20.53 15.80 -5.92
CA HIS G 19 21.95 15.74 -6.24
C HIS G 19 22.60 14.83 -5.20
N PRO G 20 23.79 14.34 -5.46
CA PRO G 20 24.49 13.59 -4.41
C PRO G 20 25.29 14.54 -3.54
N GLY G 21 25.04 14.56 -2.24
CA GLY G 21 24.05 13.75 -1.60
C GLY G 21 23.25 14.65 -0.70
N VAL G 22 22.01 14.90 -1.15
CA VAL G 22 20.96 15.43 -0.29
C VAL G 22 20.65 14.46 0.84
N MET G 23 20.82 13.16 0.58
CA MET G 23 20.53 12.19 1.63
C MET G 23 21.49 12.35 2.80
N THR G 24 22.76 12.70 2.52
CA THR G 24 23.68 12.96 3.62
C THR G 24 23.27 14.20 4.40
N HIS G 25 22.83 15.25 3.70
CA HIS G 25 22.30 16.44 4.37
C HIS G 25 21.14 16.07 5.30
N VAL G 26 20.15 15.34 4.79
CA VAL G 26 18.92 15.10 5.54
C VAL G 26 19.17 14.10 6.67
N CYS G 27 19.76 12.96 6.32
CA CYS G 27 20.01 11.93 7.31
C CYS G 27 20.91 12.47 8.41
N GLY G 28 22.03 13.07 8.01
CA GLY G 28 22.93 13.63 8.99
C GLY G 28 22.25 14.66 9.87
N LEU G 29 21.33 15.45 9.31
CA LEU G 29 20.58 16.36 10.16
C LEU G 29 19.80 15.59 11.22
N PHE G 30 19.03 14.57 10.80
CA PHE G 30 18.24 13.82 11.77
C PHE G 30 19.11 13.13 12.80
N ALA G 31 20.32 12.72 12.43
CA ALA G 31 21.20 12.14 13.43
C ALA G 31 21.67 13.21 14.41
N ARG G 32 22.39 14.21 13.91
CA ARG G 32 23.03 15.19 14.78
C ARG G 32 22.03 15.84 15.73
N ARG G 33 20.81 16.09 15.29
CA ARG G 33 19.86 16.76 16.17
C ARG G 33 19.07 15.79 17.03
N ALA G 34 19.33 14.49 16.91
CA ALA G 34 18.67 13.45 17.69
C ALA G 34 17.16 13.45 17.46
N PHE G 35 16.76 13.48 16.20
CA PHE G 35 15.38 13.19 15.83
C PHE G 35 15.19 11.69 15.72
N ASN G 36 14.09 11.18 16.27
CA ASN G 36 13.76 9.77 16.17
C ASN G 36 13.20 9.48 14.78
N VAL G 37 13.72 8.45 14.09
CA VAL G 37 13.26 8.12 12.75
C VAL G 37 13.11 6.61 12.63
N GLU G 38 11.88 6.14 12.43
CA GLU G 38 11.57 4.73 12.44
C GLU G 38 11.39 4.17 11.03
N GLY G 39 11.77 4.94 10.01
CA GLY G 39 11.76 4.51 8.63
C GLY G 39 11.91 5.62 7.62
N ILE G 40 12.66 5.36 6.54
CA ILE G 40 12.97 6.32 5.50
C ILE G 40 12.71 5.70 4.14
N LEU G 41 12.03 6.42 3.25
CA LEU G 41 11.99 6.04 1.85
C LEU G 41 12.42 7.24 1.05
N CYS G 42 13.29 7.03 0.09
CA CYS G 42 13.75 8.12 -0.77
C CYS G 42 13.62 7.68 -2.20
N LEU G 43 12.98 8.52 -3.03
CA LEU G 43 12.82 8.15 -4.46
C LEU G 43 12.90 9.40 -5.32
N PRO G 44 13.53 9.32 -6.48
CA PRO G 44 13.56 10.48 -7.36
C PRO G 44 12.23 10.63 -8.09
N ILE G 45 11.76 11.87 -8.21
CA ILE G 45 10.66 12.19 -9.11
C ILE G 45 11.09 11.97 -10.55
N GLN G 46 10.74 10.83 -11.13
CA GLN G 46 11.28 10.54 -12.44
C GLN G 46 10.70 11.50 -13.48
N ASP G 47 11.54 11.91 -14.42
CA ASP G 47 11.35 13.08 -15.28
C ASP G 47 11.20 14.35 -14.45
N SER G 48 12.25 14.64 -13.67
CA SER G 48 12.27 15.79 -12.76
C SER G 48 13.66 15.87 -12.11
N ASP G 49 13.99 17.05 -11.61
CA ASP G 49 15.22 17.26 -10.88
C ASP G 49 15.01 17.22 -9.37
N LYS G 50 13.81 16.88 -8.90
CA LYS G 50 13.50 16.78 -7.48
C LYS G 50 13.37 15.31 -7.07
N SER G 51 13.43 15.09 -5.75
CA SER G 51 13.17 13.80 -5.13
C SER G 51 12.26 13.97 -3.92
N HIS G 52 11.59 12.88 -3.54
CA HIS G 52 10.85 12.80 -2.29
C HIS G 52 11.65 12.02 -1.25
N ILE G 53 11.59 12.48 -0.01
CA ILE G 53 11.99 11.67 1.15
C ILE G 53 10.79 11.61 2.08
N TRP G 54 10.26 10.42 2.30
CA TRP G 54 9.24 10.18 3.31
C TRP G 54 9.91 9.61 4.56
N LEU G 55 9.56 10.15 5.72
CA LEU G 55 10.09 9.67 6.99
C LEU G 55 8.97 9.36 7.96
N LEU G 56 9.16 8.32 8.74
CA LEU G 56 8.22 7.95 9.79
C LEU G 56 8.80 8.45 11.10
N VAL G 57 8.07 9.36 11.77
CA VAL G 57 8.54 10.05 12.96
C VAL G 57 7.38 10.23 13.95
N ASN G 58 7.74 10.45 15.21
CA ASN G 58 6.72 10.58 16.24
C ASN G 58 5.96 11.88 16.06
N ASP G 59 4.65 11.84 16.23
CA ASP G 59 3.81 13.03 16.17
C ASP G 59 3.69 13.68 17.54
N ASP G 60 4.84 13.94 18.13
CA ASP G 60 4.93 14.37 19.51
C ASP G 60 5.13 15.89 19.59
N GLN G 61 5.54 16.37 20.77
CA GLN G 61 5.80 17.78 20.99
C GLN G 61 6.77 18.34 19.96
N ARG G 62 7.90 17.66 19.75
CA ARG G 62 9.03 18.22 19.03
C ARG G 62 8.78 18.41 17.53
N LEU G 63 7.71 17.83 16.98
CA LEU G 63 7.58 17.67 15.52
C LEU G 63 7.59 19.02 14.81
N GLU G 64 6.82 20.00 15.31
CA GLU G 64 6.94 21.37 14.81
C GLU G 64 8.41 21.79 14.71
N GLN G 65 9.13 21.75 15.83
CA GLN G 65 10.56 22.08 15.84
C GLN G 65 11.32 21.31 14.76
N MET G 66 11.02 20.00 14.63
CA MET G 66 11.69 19.18 13.63
C MET G 66 11.45 19.73 12.24
N ILE G 67 10.18 20.02 11.92
CA ILE G 67 9.87 20.56 10.59
C ILE G 67 10.65 21.85 10.37
N SER G 68 10.77 22.67 11.42
CA SER G 68 11.47 23.94 11.30
C SER G 68 12.91 23.72 10.89
N GLN G 69 13.60 22.78 11.55
CA GLN G 69 15.00 22.55 11.20
C GLN G 69 15.10 22.07 9.76
N ILE G 70 14.15 21.24 9.34
CA ILE G 70 14.23 20.68 8.00
C ILE G 70 14.09 21.80 6.97
N ASP G 71 13.27 22.80 7.29
CA ASP G 71 13.02 23.87 6.35
C ASP G 71 14.23 24.79 6.17
N LYS G 72 15.31 24.54 6.92
CA LYS G 72 16.56 25.28 6.81
C LYS G 72 17.55 24.68 5.82
N LEU G 73 17.52 23.37 5.61
CA LEU G 73 18.26 22.78 4.50
C LEU G 73 17.93 23.52 3.21
N GLU G 74 18.97 23.96 2.50
CA GLU G 74 18.74 24.69 1.26
C GLU G 74 18.12 23.81 0.21
N ASP G 75 18.50 22.53 0.17
CA ASP G 75 17.99 21.68 -0.89
C ASP G 75 16.55 21.26 -0.65
N VAL G 76 15.97 21.55 0.52
CA VAL G 76 14.58 21.18 0.78
C VAL G 76 13.67 22.25 0.18
N VAL G 77 12.77 21.83 -0.73
CA VAL G 77 11.94 22.81 -1.39
C VAL G 77 10.57 22.77 -0.74
N LYS G 78 10.17 21.61 -0.17
CA LYS G 78 8.90 21.63 0.55
C LYS G 78 8.91 20.53 1.61
N VAL G 79 8.22 20.74 2.73
CA VAL G 79 8.07 19.66 3.72
C VAL G 79 6.73 19.74 4.45
N GLN G 80 5.90 18.72 4.28
CA GLN G 80 4.56 18.71 4.86
C GLN G 80 4.32 17.40 5.60
N ARG G 81 3.30 17.41 6.46
CA ARG G 81 2.73 16.16 6.94
C ARG G 81 2.09 15.45 5.76
N ASN G 82 2.35 14.16 5.67
CA ASN G 82 1.79 13.35 4.61
C ASN G 82 0.54 12.68 5.15
N GLN G 83 -0.52 12.64 4.34
CA GLN G 83 -1.81 12.19 4.86
C GLN G 83 -1.85 10.68 5.08
N SER G 84 -0.93 9.92 4.45
CA SER G 84 -1.00 8.47 4.50
C SER G 84 -0.90 7.94 5.93
N ASP G 85 -1.43 6.75 6.11
CA ASP G 85 -1.51 6.15 7.42
C ASP G 85 -0.10 5.78 7.89
N PRO G 86 0.29 6.12 9.12
CA PRO G 86 1.68 5.89 9.54
C PRO G 86 2.09 4.43 9.54
N THR G 87 1.17 3.49 9.53
CA THR G 87 1.58 2.10 9.60
C THR G 87 1.84 1.59 8.19
N MET G 88 2.24 2.49 7.31
CA MET G 88 2.53 2.13 5.93
C MET G 88 3.88 1.44 5.80
N PHE G 89 4.93 2.03 6.41
CA PHE G 89 6.28 1.54 6.20
C PHE G 89 6.41 0.05 6.51
N ASN G 90 6.02 -0.33 7.73
CA ASN G 90 5.97 -1.73 8.09
C ASN G 90 5.34 -2.53 6.96
N LYS G 91 4.13 -2.14 6.53
CA LYS G 91 3.42 -2.93 5.52
C LYS G 91 4.24 -3.08 4.24
N ILE G 92 4.77 -1.97 3.70
CA ILE G 92 5.50 -2.04 2.43
C ILE G 92 6.76 -2.86 2.54
N ALA G 93 7.23 -3.15 3.75
CA ALA G 93 8.37 -4.07 3.85
C ALA G 93 8.11 -5.44 3.22
N VAL G 94 6.85 -5.89 3.15
CA VAL G 94 6.58 -7.26 2.68
C VAL G 94 6.92 -7.46 1.21
N PHE G 95 7.01 -6.42 0.41
CA PHE G 95 7.40 -6.64 -0.98
C PHE G 95 8.88 -6.87 -1.15
N PHE G 96 9.62 -6.96 -0.05
CA PHE G 96 11.05 -7.11 -0.09
C PHE G 96 11.44 -8.37 0.64
N LYS H 11 32.03 37.71 -23.61
CA LYS H 11 33.15 37.78 -22.69
C LYS H 11 33.56 36.38 -22.23
N ARG H 12 34.84 36.06 -22.41
CA ARG H 12 35.38 34.75 -22.08
C ARG H 12 36.14 34.80 -20.75
N PHE H 13 35.89 33.81 -19.89
CA PHE H 13 36.58 33.69 -18.61
C PHE H 13 37.05 32.25 -18.40
N THR H 14 38.16 32.12 -17.68
CA THR H 14 38.42 30.88 -16.99
C THR H 14 37.63 30.88 -15.70
N GLY H 15 37.30 29.69 -15.19
CA GLY H 15 36.66 29.60 -13.89
C GLY H 15 37.35 30.46 -12.84
N ALA H 16 38.69 30.47 -12.85
CA ALA H 16 39.44 31.32 -11.92
C ALA H 16 39.17 32.81 -12.17
N GLU H 17 39.30 33.23 -13.44
CA GLU H 17 39.03 34.62 -13.75
C GLU H 17 37.61 35.01 -13.39
N PHE H 18 36.65 34.09 -13.58
CA PHE H 18 35.28 34.43 -13.21
C PHE H 18 35.11 34.55 -11.70
N ILE H 19 35.77 33.66 -10.95
CA ILE H 19 35.68 33.74 -9.50
C ILE H 19 36.16 35.10 -9.00
N VAL H 20 37.34 35.53 -9.45
CA VAL H 20 37.87 36.82 -9.03
C VAL H 20 36.97 37.97 -9.50
N HIS H 21 36.49 37.88 -10.74
CA HIS H 21 35.63 38.93 -11.27
C HIS H 21 34.34 39.03 -10.45
N PHE H 22 33.77 37.88 -10.09
CA PHE H 22 32.55 37.88 -9.28
C PHE H 22 32.80 38.52 -7.94
N LEU H 23 33.89 38.14 -7.27
CA LEU H 23 34.22 38.75 -5.98
C LEU H 23 34.36 40.26 -6.10
N GLU H 24 35.02 40.74 -7.15
CA GLU H 24 35.10 42.18 -7.34
C GLU H 24 33.70 42.75 -7.45
N GLN H 25 32.81 42.04 -8.15
CA GLN H 25 31.44 42.52 -8.31
C GLN H 25 30.63 42.45 -7.03
N GLN H 26 31.13 41.76 -6.00
CA GLN H 26 30.46 41.82 -4.71
C GLN H 26 31.02 42.90 -3.80
N GLY H 27 31.89 43.77 -4.32
CA GLY H 27 32.43 44.85 -3.53
C GLY H 27 33.56 44.43 -2.61
N ILE H 28 33.99 43.17 -2.66
CA ILE H 28 35.11 42.73 -1.83
C ILE H 28 36.41 43.44 -2.21
N LYS H 29 37.25 43.69 -1.19
CA LYS H 29 38.59 44.25 -1.39
C LYS H 29 39.69 43.53 -0.62
N ILE H 30 39.35 42.75 0.40
CA ILE H 30 40.31 41.87 1.02
C ILE H 30 39.80 40.43 0.97
N VAL H 31 40.74 39.51 0.77
CA VAL H 31 40.54 38.08 0.81
C VAL H 31 41.77 37.50 1.48
N THR H 32 41.59 36.49 2.33
CA THR H 32 42.71 35.95 3.11
C THR H 32 42.73 34.45 2.94
N GLY H 33 43.92 33.88 2.76
CA GLY H 33 44.01 32.45 2.60
C GLY H 33 45.44 31.95 2.59
N ILE H 34 45.61 30.73 2.09
CA ILE H 34 46.92 30.12 1.88
C ILE H 34 46.83 29.30 0.59
N PRO H 35 47.74 29.49 -0.35
CA PRO H 35 47.63 28.77 -1.62
C PRO H 35 48.12 27.34 -1.55
N GLY H 36 47.63 26.54 -2.50
CA GLY H 36 48.14 25.21 -2.75
C GLY H 36 47.80 24.85 -4.18
N GLY H 37 48.34 23.72 -4.62
CA GLY H 37 48.20 23.32 -6.02
C GLY H 37 46.78 23.49 -6.58
N SER H 38 45.78 22.89 -5.91
CA SER H 38 44.43 22.84 -6.51
C SER H 38 43.72 24.18 -6.50
N ILE H 39 44.23 25.19 -5.81
CA ILE H 39 43.64 26.52 -5.82
C ILE H 39 44.51 27.55 -6.55
N LEU H 40 45.68 27.13 -7.05
CA LEU H 40 46.61 28.06 -7.69
C LEU H 40 46.06 28.78 -8.92
N PRO H 41 45.17 28.21 -9.74
CA PRO H 41 44.58 29.03 -10.83
C PRO H 41 43.89 30.30 -10.34
N VAL H 42 43.02 30.21 -9.31
CA VAL H 42 42.37 31.44 -8.84
C VAL H 42 43.41 32.40 -8.31
N TYR H 43 44.40 31.90 -7.56
CA TYR H 43 45.48 32.74 -7.07
C TYR H 43 46.19 33.45 -8.21
N ASP H 44 46.43 32.73 -9.30
CA ASP H 44 46.98 33.33 -10.50
C ASP H 44 46.11 34.48 -10.97
N ALA H 45 44.79 34.24 -11.08
CA ALA H 45 43.89 35.29 -11.51
C ALA H 45 43.92 36.48 -10.54
N LEU H 46 43.96 36.19 -9.25
CA LEU H 46 43.89 37.16 -8.17
C LEU H 46 45.15 38.01 -8.01
N SER H 47 46.31 37.49 -8.44
CA SER H 47 47.53 38.26 -8.46
C SER H 47 47.38 39.49 -9.35
N GLN H 48 46.38 39.49 -10.23
CA GLN H 48 46.18 40.59 -11.14
C GLN H 48 45.17 41.61 -10.67
N SER H 49 44.32 41.27 -9.68
CA SER H 49 43.32 42.22 -9.22
C SER H 49 43.97 43.52 -8.75
N THR H 50 43.51 44.64 -9.27
CA THR H 50 43.87 45.92 -8.66
C THR H 50 42.94 46.31 -7.53
N GLN H 51 41.91 45.50 -7.26
CA GLN H 51 40.86 45.81 -6.31
C GLN H 51 40.95 44.95 -5.06
N ILE H 52 41.41 43.73 -5.19
CA ILE H 52 41.48 42.81 -4.07
C ILE H 52 42.93 42.67 -3.64
N ARG H 53 43.19 42.91 -2.37
CA ARG H 53 44.44 42.48 -1.77
C ARG H 53 44.21 41.13 -1.13
N HIS H 54 45.14 40.21 -1.35
CA HIS H 54 45.13 38.96 -0.60
C HIS H 54 46.04 39.11 0.62
N ILE H 55 45.51 38.76 1.78
CA ILE H 55 46.29 38.69 3.02
C ILE H 55 46.74 37.24 3.21
N LEU H 56 48.05 37.02 3.34
CA LEU H 56 48.62 35.68 3.55
C LEU H 56 48.65 35.35 5.04
N ALA H 57 47.68 34.57 5.51
CA ALA H 57 47.78 34.05 6.87
C ALA H 57 48.91 33.01 6.97
N ARG H 58 49.24 32.59 8.18
CA ARG H 58 50.23 31.53 8.35
C ARG H 58 49.59 30.18 8.68
N HIS H 59 48.27 30.11 8.75
CA HIS H 59 47.59 28.86 9.03
C HIS H 59 46.17 29.09 8.57
N GLU H 60 45.57 28.10 7.90
CA GLU H 60 44.28 28.36 7.28
C GLU H 60 43.22 28.68 8.33
N GLN H 61 43.30 28.09 9.54
CA GLN H 61 42.36 28.48 10.58
C GLN H 61 42.44 29.97 10.89
N GLY H 62 43.67 30.50 10.96
CA GLY H 62 43.86 31.94 11.11
C GLY H 62 43.23 32.74 10.00
N ALA H 63 43.42 32.30 8.75
CA ALA H 63 42.70 32.95 7.65
C ALA H 63 41.21 32.98 7.90
N GLY H 64 40.65 31.85 8.37
CA GLY H 64 39.22 31.80 8.58
C GLY H 64 38.78 32.77 9.63
N PHE H 65 39.56 32.88 10.71
CA PHE H 65 39.17 33.81 11.75
C PHE H 65 39.44 35.27 11.39
N ILE H 66 40.48 35.55 10.62
CA ILE H 66 40.71 36.90 10.12
C ILE H 66 39.52 37.35 9.27
N ALA H 67 39.12 36.48 8.34
CA ALA H 67 37.89 36.73 7.60
C ALA H 67 36.73 36.96 8.55
N GLN H 68 36.68 36.16 9.62
CA GLN H 68 35.58 36.34 10.56
C GLN H 68 35.61 37.73 11.19
N GLY H 69 36.80 38.20 11.62
CA GLY H 69 36.88 39.51 12.24
C GLY H 69 36.43 40.62 11.30
N MET H 70 36.82 40.51 10.02
CA MET H 70 36.30 41.42 9.01
C MET H 70 34.78 41.40 9.04
N ALA H 71 34.19 40.22 8.81
CA ALA H 71 32.73 40.11 8.70
C ALA H 71 32.01 40.58 9.95
N ARG H 72 32.55 40.25 11.12
CA ARG H 72 31.90 40.62 12.38
C ARG H 72 31.92 42.11 12.63
N THR H 73 32.87 42.86 12.04
CA THR H 73 32.71 44.31 12.17
C THR H 73 32.06 44.96 10.96
N ASP H 74 32.18 44.35 9.78
CA ASP H 74 31.59 44.90 8.56
C ASP H 74 30.10 44.60 8.46
N GLY H 75 29.68 43.40 8.86
CA GLY H 75 28.34 42.92 8.58
C GLY H 75 28.14 42.34 7.21
N LYS H 76 29.20 42.18 6.43
CA LYS H 76 29.18 41.72 5.05
C LYS H 76 29.89 40.38 4.94
N PRO H 77 29.55 39.53 3.98
CA PRO H 77 30.27 38.26 3.85
C PRO H 77 31.76 38.51 3.63
N ALA H 78 32.58 37.75 4.35
CA ALA H 78 34.02 37.77 4.21
C ALA H 78 34.51 36.49 3.57
N VAL H 79 35.64 36.55 2.86
CA VAL H 79 36.09 35.44 2.02
C VAL H 79 37.42 34.89 2.51
N CYS H 80 37.51 33.57 2.63
CA CYS H 80 38.82 32.97 2.82
C CYS H 80 39.00 31.86 1.80
N MET H 81 40.25 31.50 1.56
CA MET H 81 40.60 30.56 0.50
C MET H 81 41.66 29.59 0.96
N ALA H 82 41.56 28.36 0.46
CA ALA H 82 42.52 27.33 0.81
C ALA H 82 42.61 26.29 -0.29
N CYS H 83 43.68 25.51 -0.22
CA CYS H 83 43.81 24.40 -1.14
C CYS H 83 43.02 23.21 -0.60
N SER H 84 43.07 22.11 -1.33
CA SER H 84 42.43 20.87 -0.91
C SER H 84 43.13 20.32 0.31
N GLY H 85 42.57 19.24 0.86
CA GLY H 85 43.22 18.47 1.88
C GLY H 85 43.49 19.26 3.15
N PRO H 86 44.78 19.36 3.53
CA PRO H 86 45.11 19.99 4.82
C PRO H 86 44.68 21.44 4.86
N GLY H 87 44.73 22.14 3.71
CA GLY H 87 44.15 23.46 3.64
C GLY H 87 42.68 23.46 4.03
N ALA H 88 41.90 22.56 3.45
CA ALA H 88 40.49 22.46 3.77
C ALA H 88 40.25 22.08 5.23
N THR H 89 40.90 21.01 5.71
CA THR H 89 40.64 20.54 7.07
C THR H 89 41.00 21.60 8.12
N ASN H 90 42.08 22.36 7.88
CA ASN H 90 42.47 23.39 8.83
C ASN H 90 41.43 24.49 9.00
N LEU H 91 40.56 24.65 8.01
CA LEU H 91 39.49 25.63 8.09
C LEU H 91 38.38 25.22 9.03
N VAL H 92 38.25 23.92 9.32
CA VAL H 92 37.04 23.42 9.97
C VAL H 92 36.67 24.22 11.22
N THR H 93 37.61 24.35 12.17
CA THR H 93 37.28 25.05 13.42
C THR H 93 36.79 26.48 13.15
N ALA H 94 37.45 27.20 12.24
CA ALA H 94 37.01 28.57 11.97
C ALA H 94 35.60 28.61 11.38
N ILE H 95 35.31 27.72 10.41
CA ILE H 95 33.99 27.72 9.77
C ILE H 95 32.92 27.33 10.78
N ALA H 96 33.19 26.30 11.57
CA ALA H 96 32.25 25.85 12.59
C ALA H 96 31.94 26.97 13.56
N ASP H 97 32.98 27.70 13.95
CA ASP H 97 32.78 28.82 14.86
C ASP H 97 31.84 29.85 14.24
N ALA H 98 32.04 30.19 12.97
CA ALA H 98 31.14 31.12 12.30
C ALA H 98 29.71 30.59 12.27
N ARG H 99 29.52 29.29 12.05
CA ARG H 99 28.17 28.73 12.08
C ARG H 99 27.53 28.88 13.46
N LEU H 100 28.23 28.52 14.53
CA LEU H 100 27.52 28.62 15.81
C LEU H 100 27.37 30.06 16.27
N ASP H 101 28.14 31.00 15.72
CA ASP H 101 27.93 32.41 16.05
C ASP H 101 27.14 33.20 14.99
N SER H 102 26.62 32.56 13.94
CA SER H 102 25.78 33.22 12.91
C SER H 102 26.55 34.35 12.23
N ILE H 103 27.70 33.99 11.69
CA ILE H 103 28.60 34.95 11.06
C ILE H 103 28.64 34.60 9.57
N PRO H 104 28.49 35.57 8.70
CA PRO H 104 28.48 35.25 7.25
C PRO H 104 29.87 35.14 6.66
N LEU H 105 30.35 33.92 6.38
CA LEU H 105 31.57 33.74 5.63
C LEU H 105 31.32 32.93 4.37
N ILE H 106 32.09 33.29 3.34
CA ILE H 106 32.27 32.50 2.15
C ILE H 106 33.66 31.90 2.23
N CYS H 107 33.72 30.58 2.13
CA CYS H 107 34.94 29.82 2.23
C CYS H 107 35.13 29.05 0.92
N ILE H 108 36.23 29.30 0.23
CA ILE H 108 36.47 28.72 -1.08
C ILE H 108 37.71 27.85 -1.00
N THR H 109 37.58 26.61 -1.41
CA THR H 109 38.72 25.72 -1.38
C THR H 109 38.82 24.99 -2.73
N GLY H 110 40.05 24.84 -3.21
CA GLY H 110 40.25 24.02 -4.38
C GLY H 110 40.13 22.54 -4.06
N GLN H 111 39.81 21.75 -5.09
CA GLN H 111 39.67 20.31 -4.93
C GLN H 111 40.22 19.64 -6.18
N VAL H 112 40.58 18.36 -6.05
CA VAL H 112 41.19 17.61 -7.14
C VAL H 112 40.28 17.66 -8.36
N PRO H 113 40.80 17.48 -9.57
CA PRO H 113 39.94 17.44 -10.76
C PRO H 113 38.84 16.40 -10.64
N ALA H 114 37.70 16.71 -11.27
CA ALA H 114 36.47 15.93 -11.21
C ALA H 114 36.66 14.42 -11.38
N SER H 115 37.63 13.99 -12.18
CA SER H 115 37.94 12.57 -12.28
C SER H 115 38.15 11.93 -10.90
N GLN H 123 39.11 11.88 -5.98
CA GLN H 123 38.77 12.29 -4.62
C GLN H 123 39.87 11.86 -3.66
N GLU H 124 40.13 12.68 -2.64
CA GLU H 124 41.10 12.33 -1.59
C GLU H 124 40.56 12.67 -0.21
N VAL H 125 40.20 13.93 0.06
CA VAL H 125 39.54 14.30 1.31
C VAL H 125 38.14 14.81 0.98
N ASP H 126 37.14 14.28 1.66
CA ASP H 126 35.75 14.59 1.37
C ASP H 126 35.33 15.93 1.99
N THR H 127 35.83 17.01 1.38
CA THR H 127 35.53 18.36 1.87
C THR H 127 34.02 18.59 1.95
N TYR H 128 33.26 18.16 0.94
CA TYR H 128 31.81 18.32 1.02
C TYR H 128 31.26 17.66 2.27
N GLY H 129 31.58 16.36 2.45
CA GLY H 129 31.11 15.64 3.61
C GLY H 129 31.49 16.32 4.92
N ILE H 130 32.78 16.68 5.05
CA ILE H 130 33.23 17.35 6.27
C ILE H 130 32.45 18.64 6.52
N SER H 131 32.08 19.36 5.45
CA SER H 131 31.47 20.67 5.64
C SER H 131 29.97 20.61 5.95
N ILE H 132 29.26 19.58 5.51
CA ILE H 132 27.82 19.43 5.78
C ILE H 132 27.36 19.80 7.20
N PRO H 133 27.89 19.22 8.27
CA PRO H 133 27.38 19.56 9.61
C PRO H 133 27.92 20.85 10.20
N ILE H 134 28.72 21.65 9.48
CA ILE H 134 29.24 22.86 10.08
C ILE H 134 29.02 24.11 9.21
N THR H 135 28.22 24.01 8.17
CA THR H 135 27.96 25.14 7.29
C THR H 135 26.46 25.41 7.22
N LYS H 136 26.08 26.65 6.90
CA LYS H 136 24.69 26.94 6.57
C LYS H 136 24.29 26.32 5.23
N HIS H 137 25.23 26.20 4.30
CA HIS H 137 25.06 25.39 3.11
C HIS H 137 26.46 25.22 2.52
N ASN H 138 26.59 24.24 1.61
CA ASN H 138 27.88 23.93 1.01
C ASN H 138 27.68 23.51 -0.43
N TYR H 139 28.78 23.51 -1.19
CA TYR H 139 28.74 23.25 -2.64
C TYR H 139 29.99 22.52 -3.09
N LEU H 140 29.80 21.66 -4.08
CA LEU H 140 30.87 21.13 -4.92
C LEU H 140 30.48 21.38 -6.37
N VAL H 141 31.11 22.35 -7.01
CA VAL H 141 30.75 22.69 -8.39
C VAL H 141 31.45 21.70 -9.32
N ARG H 142 30.68 20.91 -10.05
CA ARG H 142 31.24 19.89 -10.92
C ARG H 142 31.37 20.38 -12.37
N HIS H 143 30.70 21.47 -12.72
CA HIS H 143 30.81 22.03 -14.06
C HIS H 143 30.85 23.55 -13.96
N ILE H 144 31.78 24.14 -14.71
CA ILE H 144 31.96 25.59 -14.69
C ILE H 144 30.67 26.34 -15.07
N GLU H 145 29.81 25.73 -15.90
CA GLU H 145 28.56 26.42 -16.25
C GLU H 145 27.69 26.67 -15.02
N GLU H 146 27.92 25.94 -13.91
CA GLU H 146 27.23 26.19 -12.66
C GLU H 146 27.85 27.32 -11.85
N LEU H 147 29.04 27.78 -12.24
CA LEU H 147 29.81 28.69 -11.39
C LEU H 147 29.14 30.04 -11.15
N PRO H 148 28.51 30.71 -12.14
CA PRO H 148 27.81 31.96 -11.81
C PRO H 148 26.75 31.78 -10.73
N GLN H 149 25.79 30.91 -11.01
CA GLN H 149 24.65 30.73 -10.12
C GLN H 149 25.09 30.28 -8.72
N VAL H 150 25.93 29.24 -8.64
CA VAL H 150 26.47 28.81 -7.35
C VAL H 150 26.93 30.02 -6.56
N MET H 151 27.74 30.88 -7.17
CA MET H 151 28.29 31.95 -6.35
C MET H 151 27.20 32.91 -5.90
N SER H 152 26.25 33.24 -6.78
CA SER H 152 25.19 34.12 -6.34
C SER H 152 24.47 33.50 -5.17
N ASP H 153 24.19 32.19 -5.25
CA ASP H 153 23.40 31.60 -4.19
C ASP H 153 24.19 31.62 -2.90
N ALA H 154 25.50 31.37 -2.99
CA ALA H 154 26.31 31.40 -1.79
C ALA H 154 26.21 32.75 -1.11
N PHE H 155 26.45 33.82 -1.89
CA PHE H 155 26.48 35.12 -1.26
C PHE H 155 25.11 35.51 -0.74
N ARG H 156 24.04 35.02 -1.39
CA ARG H 156 22.71 35.28 -0.86
C ARG H 156 22.52 34.54 0.46
N ILE H 157 22.88 33.25 0.47
CA ILE H 157 22.58 32.41 1.63
C ILE H 157 23.40 32.85 2.84
N ALA H 158 24.67 33.21 2.63
CA ALA H 158 25.48 33.64 3.77
C ALA H 158 24.91 34.90 4.41
N GLN H 159 24.19 35.69 3.63
CA GLN H 159 23.87 37.03 4.06
C GLN H 159 22.44 37.17 4.54
N SER H 160 21.58 36.21 4.23
CA SER H 160 20.16 36.34 4.47
C SER H 160 19.74 35.65 5.77
N GLY H 161 18.52 35.94 6.16
CA GLY H 161 17.89 35.34 7.32
C GLY H 161 18.82 35.34 8.49
N ARG H 162 19.06 34.16 9.05
CA ARG H 162 20.10 34.00 10.05
C ARG H 162 21.40 33.74 9.31
N PRO H 163 22.38 34.64 9.39
CA PRO H 163 23.59 34.48 8.58
C PRO H 163 24.37 33.26 9.03
N GLY H 164 25.28 32.83 8.17
CA GLY H 164 26.14 31.72 8.46
C GLY H 164 27.14 31.51 7.33
N PRO H 165 28.04 30.56 7.52
CA PRO H 165 29.09 30.32 6.52
C PRO H 165 28.60 29.44 5.39
N VAL H 166 29.07 29.74 4.18
CA VAL H 166 28.84 28.90 3.01
C VAL H 166 30.19 28.47 2.46
N TRP H 167 30.30 27.19 2.15
CA TRP H 167 31.56 26.58 1.72
C TRP H 167 31.41 26.16 0.26
N ILE H 168 32.30 26.67 -0.59
CA ILE H 168 32.33 26.34 -2.00
C ILE H 168 33.62 25.59 -2.31
N ASP H 169 33.50 24.35 -2.76
CA ASP H 169 34.65 23.52 -3.15
C ASP H 169 34.71 23.51 -4.69
N ILE H 170 35.84 23.95 -5.24
CA ILE H 170 35.95 24.15 -6.70
C ILE H 170 37.11 23.37 -7.30
N PRO H 171 36.82 22.32 -8.05
CA PRO H 171 37.89 21.51 -8.67
C PRO H 171 38.79 22.31 -9.60
N LYS H 172 40.11 22.06 -9.50
CA LYS H 172 41.09 22.78 -10.30
C LYS H 172 40.73 22.77 -11.78
N ASP H 173 40.21 21.65 -12.28
CA ASP H 173 39.87 21.62 -13.68
C ASP H 173 38.63 22.45 -13.98
N VAL H 174 37.80 22.73 -12.98
CA VAL H 174 36.73 23.70 -13.22
C VAL H 174 37.28 25.12 -13.23
N GLN H 175 38.28 25.40 -12.37
CA GLN H 175 38.91 26.72 -12.35
C GLN H 175 39.60 27.05 -13.67
N THR H 176 40.17 26.05 -14.35
CA THR H 176 40.90 26.30 -15.59
C THR H 176 40.09 26.01 -16.85
N ALA H 177 38.83 25.60 -16.70
CA ALA H 177 37.94 25.56 -17.85
C ALA H 177 37.71 26.98 -18.38
N VAL H 178 37.15 27.06 -19.59
CA VAL H 178 36.82 28.35 -20.21
C VAL H 178 35.34 28.36 -20.59
N PHE H 179 34.70 29.50 -20.42
CA PHE H 179 33.30 29.64 -20.81
C PHE H 179 33.03 31.12 -21.07
N GLU H 180 31.91 31.40 -21.72
CA GLU H 180 31.55 32.78 -22.02
C GLU H 180 30.35 33.17 -21.18
N ILE H 181 30.37 34.41 -20.70
CA ILE H 181 29.32 34.97 -19.85
C ILE H 181 28.55 35.98 -20.69
N GLN H 184 28.43 40.30 -16.92
CA GLN H 184 27.55 41.17 -16.17
C GLN H 184 26.99 40.63 -14.83
N PRO H 185 27.79 39.92 -14.03
CA PRO H 185 27.27 39.39 -12.76
C PRO H 185 27.04 40.53 -11.78
N ALA H 186 25.84 40.58 -11.23
CA ALA H 186 25.46 41.68 -10.35
C ALA H 186 25.81 41.38 -8.89
N MET H 187 25.39 42.28 -8.01
CA MET H 187 25.56 42.16 -6.57
C MET H 187 24.38 41.39 -6.01
N ALA H 188 24.59 40.11 -5.71
CA ALA H 188 23.58 39.41 -4.93
C ALA H 188 23.50 40.05 -3.56
N GLU H 189 22.30 40.42 -3.13
CA GLU H 189 22.13 40.89 -1.75
C GLU H 189 20.94 40.18 -1.10
N LYS H 190 20.70 40.54 0.17
CA LYS H 190 19.91 39.72 1.06
C LYS H 190 18.48 39.52 0.56
N ALA H 191 17.96 38.34 0.86
CA ALA H 191 16.58 37.98 0.65
C ALA H 191 15.64 38.80 1.54
N ALA H 192 14.37 38.85 1.16
CA ALA H 192 13.39 39.61 1.93
C ALA H 192 13.14 38.96 3.29
N ALA H 193 13.01 39.80 4.32
CA ALA H 193 12.75 39.32 5.68
C ALA H 193 11.33 38.75 5.80
N PRO H 194 11.10 37.84 6.76
CA PRO H 194 9.77 37.26 6.92
C PRO H 194 8.71 38.30 7.24
N ALA H 195 7.46 37.99 6.89
CA ALA H 195 6.29 38.77 7.27
C ALA H 195 5.75 38.31 8.63
N PHE H 196 4.87 39.14 9.21
CA PHE H 196 4.31 38.81 10.53
C PHE H 196 2.97 39.48 10.74
N SER H 197 2.12 38.84 11.54
CA SER H 197 0.76 39.28 11.75
C SER H 197 0.68 40.62 12.47
N GLU H 198 -0.34 41.42 12.10
CA GLU H 198 -0.59 42.63 12.88
C GLU H 198 -1.07 42.26 14.28
N GLU H 199 -1.71 41.09 14.44
CA GLU H 199 -2.13 40.62 15.76
C GLU H 199 -0.95 40.29 16.66
N SER H 200 0.11 39.70 16.09
CA SER H 200 1.32 39.43 16.86
C SER H 200 1.80 40.70 17.53
N ILE H 201 1.97 41.74 16.72
CA ILE H 201 2.38 43.02 17.26
C ILE H 201 1.37 43.55 18.26
N ARG H 202 0.08 43.36 18.03
CA ARG H 202 -0.93 43.79 18.99
C ARG H 202 -0.71 43.10 20.33
N ASP H 203 -0.52 41.78 20.32
CA ASP H 203 -0.42 41.01 21.54
C ASP H 203 0.88 41.27 22.30
N ALA H 204 1.99 41.48 21.60
CA ALA H 204 3.21 41.90 22.27
C ALA H 204 3.01 43.28 22.92
N ALA H 205 2.45 44.22 22.15
CA ALA H 205 2.15 45.54 22.73
C ALA H 205 1.29 45.40 23.98
N ALA H 206 0.32 44.49 23.95
CA ALA H 206 -0.54 44.29 25.11
C ALA H 206 0.22 43.71 26.29
N MET H 207 1.04 42.67 26.07
CA MET H 207 1.76 42.05 27.17
C MET H 207 2.79 43.00 27.78
N ILE H 208 3.43 43.81 26.94
CA ILE H 208 4.42 44.76 27.44
C ILE H 208 3.73 45.90 28.18
N ASN H 209 2.59 46.37 27.65
CA ASN H 209 1.87 47.47 28.28
C ASN H 209 1.22 47.04 29.58
N ALA H 210 0.91 45.75 29.74
CA ALA H 210 0.21 45.26 30.91
C ALA H 210 1.14 44.66 31.95
N ALA H 211 2.45 44.68 31.72
CA ALA H 211 3.38 43.98 32.60
C ALA H 211 3.84 44.89 33.74
N LYS H 212 3.77 44.37 34.96
CA LYS H 212 4.30 45.06 36.15
C LYS H 212 5.80 44.89 36.27
N ARG H 213 6.35 43.79 35.78
CA ARG H 213 7.74 43.42 36.02
C ARG H 213 8.39 42.88 34.74
N PRO H 214 8.51 43.72 33.71
CA PRO H 214 9.16 43.26 32.49
C PRO H 214 10.66 43.55 32.49
N VAL H 215 11.38 42.72 31.77
CA VAL H 215 12.77 42.97 31.42
C VAL H 215 12.91 42.61 29.96
N LEU H 216 13.71 43.39 29.24
CA LEU H 216 13.97 43.20 27.83
C LEU H 216 15.31 42.49 27.70
N TYR H 217 15.30 41.31 27.08
CA TYR H 217 16.44 40.40 27.03
C TYR H 217 16.98 40.40 25.60
N LEU H 218 18.14 41.06 25.38
CA LEU H 218 18.74 41.23 24.07
C LEU H 218 19.84 40.20 23.84
N GLY H 219 19.87 39.63 22.63
CA GLY H 219 20.90 38.72 22.19
C GLY H 219 21.56 39.24 20.92
N GLY H 220 22.53 38.47 20.43
CA GLY H 220 23.32 38.89 19.29
C GLY H 220 22.53 39.15 18.02
N GLY H 221 21.25 38.83 18.00
CA GLY H 221 20.46 39.06 16.80
C GLY H 221 19.97 40.49 16.62
N VAL H 222 20.15 41.35 17.63
CA VAL H 222 19.69 42.73 17.55
C VAL H 222 20.76 43.64 16.95
N ILE H 223 21.89 43.06 16.51
CA ILE H 223 23.09 43.83 16.24
C ILE H 223 22.89 44.90 15.16
N ASN H 224 21.94 44.72 14.25
CA ASN H 224 21.67 45.73 13.23
C ASN H 224 20.45 46.57 13.56
N ALA H 225 20.12 46.69 14.83
CA ALA H 225 18.99 47.54 15.18
C ALA H 225 19.27 48.33 16.46
N PRO H 226 20.38 49.06 16.55
CA PRO H 226 20.65 49.77 17.81
C PRO H 226 19.68 50.91 18.04
N ALA H 227 19.34 51.65 16.99
CA ALA H 227 18.43 52.78 17.13
C ALA H 227 17.14 52.36 17.80
N ARG H 228 16.47 51.35 17.25
CA ARG H 228 15.15 51.01 17.75
C ARG H 228 15.17 50.20 19.04
N VAL H 229 16.22 49.42 19.31
CA VAL H 229 16.25 48.72 20.60
C VAL H 229 16.47 49.72 21.73
N ARG H 230 17.37 50.71 21.52
CA ARG H 230 17.47 51.77 22.51
C ARG H 230 16.15 52.53 22.64
N GLU H 231 15.51 52.84 21.50
CA GLU H 231 14.25 53.59 21.53
C GLU H 231 13.18 52.87 22.36
N LEU H 232 13.02 51.56 22.17
CA LEU H 232 12.03 50.84 22.96
C LEU H 232 12.42 50.80 24.43
N ALA H 233 13.68 50.43 24.71
CA ALA H 233 14.07 50.33 26.11
C ALA H 233 13.83 51.63 26.85
N GLU H 234 14.16 52.77 26.24
CA GLU H 234 14.02 54.05 26.93
C GLU H 234 12.59 54.58 26.92
N LYS H 235 11.83 54.35 25.84
CA LYS H 235 10.43 54.77 25.81
C LYS H 235 9.64 54.06 26.90
N ALA H 236 9.60 52.74 26.87
CA ALA H 236 8.90 51.96 27.88
C ALA H 236 9.65 51.89 29.20
N GLN H 237 10.85 52.47 29.25
CA GLN H 237 11.74 52.42 30.41
C GLN H 237 11.90 50.97 30.88
N LEU H 238 12.37 50.17 29.94
CA LEU H 238 12.58 48.75 30.17
C LEU H 238 13.98 48.50 30.67
N PRO H 239 14.16 47.89 31.84
CA PRO H 239 15.46 47.30 32.16
C PRO H 239 15.79 46.21 31.15
N THR H 240 16.96 46.32 30.51
CA THR H 240 17.37 45.39 29.47
C THR H 240 18.68 44.71 29.85
N THR H 241 18.71 43.38 29.73
CA THR H 241 19.90 42.57 29.91
C THR H 241 20.42 42.17 28.55
N MET H 242 21.73 41.87 28.47
CA MET H 242 22.34 41.45 27.22
C MET H 242 23.08 40.13 27.38
N THR H 243 23.08 39.33 26.32
CA THR H 243 23.92 38.13 26.28
C THR H 243 25.37 38.53 26.09
N LEU H 244 26.26 37.54 26.16
CA LEU H 244 27.66 37.81 25.82
C LEU H 244 27.79 38.40 24.42
N MET H 245 26.92 37.98 23.51
CA MET H 245 26.96 38.40 22.12
C MET H 245 26.29 39.75 21.87
N ALA H 246 25.64 40.33 22.88
CA ALA H 246 24.90 41.57 22.73
C ALA H 246 25.53 42.73 23.49
N LEU H 247 26.66 42.50 24.14
CA LEU H 247 27.31 43.60 24.86
C LEU H 247 27.57 44.78 23.93
N GLY H 248 27.29 45.97 24.45
CA GLY H 248 27.39 47.18 23.66
C GLY H 248 26.11 47.57 22.97
N MET H 249 25.13 46.67 22.90
CA MET H 249 23.85 47.05 22.32
C MET H 249 23.20 48.17 23.09
N LEU H 250 23.59 48.32 24.34
CA LEU H 250 23.26 49.55 25.01
C LEU H 250 24.44 49.92 25.92
N PRO H 251 24.74 51.21 26.06
CA PRO H 251 26.03 51.60 26.70
C PRO H 251 26.14 51.14 28.14
N LYS H 252 27.38 50.84 28.55
CA LYS H 252 27.65 50.20 29.84
C LYS H 252 27.02 50.93 31.02
N ALA H 253 27.20 52.26 31.10
CA ALA H 253 26.74 53.03 32.25
C ALA H 253 25.27 53.42 32.18
N HIS H 254 24.59 53.07 31.08
CA HIS H 254 23.22 53.51 30.84
C HIS H 254 22.30 53.06 31.98
N PRO H 255 21.41 53.94 32.49
CA PRO H 255 20.64 53.60 33.70
C PRO H 255 19.67 52.41 33.55
N LEU H 256 19.42 51.93 32.34
CA LEU H 256 18.57 50.75 32.18
C LEU H 256 19.38 49.47 32.00
N SER H 257 20.71 49.55 31.97
CA SER H 257 21.54 48.40 31.64
C SER H 257 21.71 47.49 32.86
N LEU H 258 21.10 46.31 32.82
CA LEU H 258 21.41 45.27 33.79
C LEU H 258 22.70 44.54 33.49
N GLY H 259 23.41 44.93 32.43
CA GLY H 259 24.57 44.14 32.05
C GLY H 259 24.18 42.75 31.58
N MET H 260 25.10 41.82 31.77
CA MET H 260 24.99 40.47 31.21
C MET H 260 24.32 39.52 32.20
N LEU H 261 23.43 38.69 31.68
CA LEU H 261 22.78 37.65 32.49
C LEU H 261 23.53 36.33 32.32
N GLY H 262 23.25 35.38 33.22
CA GLY H 262 23.70 34.03 32.98
C GLY H 262 24.85 33.47 33.82
N MET H 263 25.65 32.60 33.23
CA MET H 263 26.59 31.79 33.99
C MET H 263 27.58 32.65 34.75
N HIS H 264 28.17 33.65 34.08
CA HIS H 264 29.10 34.56 34.75
C HIS H 264 28.62 36.00 34.76
N GLY H 265 27.32 36.23 34.59
CA GLY H 265 26.78 37.56 34.60
C GLY H 265 26.77 38.11 36.01
N VAL H 266 26.08 39.24 36.19
CA VAL H 266 26.04 39.91 37.49
C VAL H 266 24.88 39.36 38.33
N ARG H 267 25.17 39.05 39.60
CA ARG H 267 24.21 38.33 40.44
C ARG H 267 22.88 39.06 40.56
N SER H 268 22.93 40.37 40.84
CA SER H 268 21.71 41.14 41.00
C SER H 268 20.77 40.93 39.83
N THR H 269 21.31 40.79 38.62
CA THR H 269 20.47 40.67 37.43
C THR H 269 19.92 39.25 37.25
N ASN H 270 20.71 38.24 37.60
CA ASN H 270 20.18 36.88 37.62
C ASN H 270 19.03 36.74 38.62
N TYR H 271 19.13 37.41 39.77
CA TYR H 271 18.00 37.41 40.70
C TYR H 271 16.86 38.27 40.19
N ILE H 272 17.17 39.38 39.50
CA ILE H 272 16.12 40.27 39.00
C ILE H 272 15.26 39.53 37.99
N LEU H 273 15.87 38.67 37.17
CA LEU H 273 15.11 37.96 36.14
C LEU H 273 14.05 37.06 36.75
N GLN H 274 14.34 36.44 37.90
CA GLN H 274 13.34 35.60 38.56
C GLN H 274 12.21 36.42 39.14
N GLU H 275 12.43 37.73 39.31
CA GLU H 275 11.35 38.60 39.77
C GLU H 275 10.49 39.08 38.61
N ALA H 276 10.99 38.99 37.38
CA ALA H 276 10.24 39.43 36.22
C ALA H 276 9.06 38.53 35.96
N ASP H 277 7.94 39.12 35.57
CA ASP H 277 6.77 38.38 35.11
C ASP H 277 6.62 38.38 33.59
N LEU H 278 7.50 39.07 32.87
CA LEU H 278 7.50 39.03 31.41
C LEU H 278 8.89 39.24 30.84
N LEU H 279 9.28 38.38 29.92
CA LEU H 279 10.57 38.44 29.25
C LEU H 279 10.32 38.83 27.80
N ILE H 280 10.94 39.92 27.39
CA ILE H 280 10.87 40.40 26.02
C ILE H 280 12.22 40.02 25.40
N VAL H 281 12.22 38.94 24.63
CA VAL H 281 13.44 38.31 24.12
C VAL H 281 13.57 38.64 22.64
N LEU H 282 14.59 39.42 22.31
CA LEU H 282 14.89 39.84 20.94
C LEU H 282 16.26 39.30 20.53
N GLY H 283 16.27 38.51 19.46
CA GLY H 283 17.55 38.10 18.94
C GLY H 283 18.35 37.17 19.83
N ALA H 284 17.71 36.56 20.83
CA ALA H 284 18.37 35.59 21.67
C ALA H 284 17.85 34.18 21.40
N ARG H 285 18.58 33.20 21.89
CA ARG H 285 18.30 31.80 21.59
C ARG H 285 18.35 30.93 22.83
N PHE H 286 18.23 31.53 24.02
CA PHE H 286 18.15 30.79 25.29
C PHE H 286 19.26 29.75 25.47
N ASP H 287 20.51 30.10 25.11
CA ASP H 287 21.63 29.19 25.34
C ASP H 287 21.72 28.86 26.83
N ASP H 288 22.17 27.64 27.23
CA ASP H 288 21.93 27.51 28.68
C ASP H 288 23.10 28.12 29.44
N ARG H 289 24.17 28.57 28.74
CA ARG H 289 25.16 29.42 29.43
C ARG H 289 24.59 30.81 29.72
N ALA H 290 23.43 31.16 29.14
CA ALA H 290 22.75 32.41 29.44
C ALA H 290 21.54 32.24 30.35
N ILE H 291 20.80 31.14 30.24
CA ILE H 291 19.58 30.95 31.00
C ILE H 291 19.73 29.97 32.15
N GLY H 292 20.76 29.12 32.14
CA GLY H 292 20.95 28.11 33.16
C GLY H 292 20.01 26.93 32.97
N LYS H 293 19.67 26.27 34.07
CA LYS H 293 18.72 25.16 34.03
C LYS H 293 17.42 25.64 33.41
N THR H 294 17.11 25.16 32.20
CA THR H 294 15.99 25.68 31.43
C THR H 294 14.69 25.68 32.24
N GLU H 295 14.37 24.56 32.90
CA GLU H 295 13.11 24.42 33.61
C GLU H 295 13.01 25.35 34.83
N GLN H 296 14.13 25.85 35.33
CA GLN H 296 14.17 26.71 36.51
C GLN H 296 14.43 28.17 36.17
N PHE H 297 14.20 28.58 34.90
CA PHE H 297 14.56 29.91 34.41
C PHE H 297 13.31 30.70 34.09
N CYS H 298 13.04 31.71 34.93
CA CYS H 298 11.84 32.54 34.97
C CYS H 298 10.61 31.70 34.68
N PRO H 299 10.16 30.90 35.63
CA PRO H 299 9.03 30.01 35.38
C PRO H 299 7.69 30.75 35.35
N ASN H 300 7.52 31.69 36.27
CA ASN H 300 6.26 32.41 36.44
C ASN H 300 6.14 33.62 35.53
N ALA H 301 6.90 33.65 34.43
CA ALA H 301 6.95 34.80 33.55
C ALA H 301 6.46 34.41 32.16
N LYS H 302 5.51 35.18 31.64
CA LYS H 302 5.14 35.04 30.24
C LYS H 302 6.29 35.52 29.38
N ILE H 303 6.41 34.94 28.18
CA ILE H 303 7.56 35.17 27.32
C ILE H 303 7.08 35.69 25.98
N ILE H 304 7.73 36.74 25.49
CA ILE H 304 7.65 37.15 24.10
C ILE H 304 9.01 36.92 23.47
N HIS H 305 9.02 36.36 22.27
CA HIS H 305 10.25 35.95 21.63
C HIS H 305 10.16 36.31 20.15
N VAL H 306 11.11 37.11 19.69
CA VAL H 306 11.21 37.54 18.30
C VAL H 306 12.56 37.12 17.77
N ASP H 307 12.56 36.27 16.74
CA ASP H 307 13.77 35.69 16.14
C ASP H 307 13.50 35.41 14.67
N ILE H 308 14.53 35.62 13.83
CA ILE H 308 14.34 35.51 12.38
C ILE H 308 14.35 34.06 11.91
N ASP H 309 14.84 33.13 12.74
CA ASP H 309 14.91 31.70 12.43
C ASP H 309 13.76 31.01 13.17
N ARG H 310 12.72 30.59 12.44
CA ARG H 310 11.58 29.93 13.08
C ARG H 310 12.00 28.74 13.95
N ALA H 311 13.11 28.07 13.61
CA ALA H 311 13.53 26.91 14.36
C ALA H 311 13.97 27.25 15.77
N GLU H 312 14.23 28.53 16.06
CA GLU H 312 14.62 28.93 17.42
C GLU H 312 13.42 29.23 18.31
N LEU H 313 12.24 29.46 17.74
CA LEU H 313 11.02 29.78 18.48
C LEU H 313 10.49 28.52 19.16
N GLY H 314 10.43 28.54 20.49
CA GLY H 314 9.97 27.32 21.12
C GLY H 314 10.96 26.18 21.09
N LYS H 315 12.21 26.45 20.71
CA LYS H 315 13.19 25.38 20.71
C LYS H 315 13.55 24.95 22.12
N ILE H 316 13.64 25.90 23.07
CA ILE H 316 14.07 25.63 24.43
C ILE H 316 13.00 26.02 25.44
N LYS H 317 12.50 27.25 25.35
CA LYS H 317 11.35 27.68 26.12
C LYS H 317 10.24 28.07 25.15
N GLN H 318 9.00 27.62 25.44
CA GLN H 318 7.90 27.87 24.54
C GLN H 318 7.27 29.20 24.91
N PRO H 319 7.22 30.17 23.98
CA PRO H 319 6.79 31.52 24.33
C PRO H 319 5.28 31.69 24.20
N HIS H 320 4.80 32.76 24.84
CA HIS H 320 3.39 33.11 24.74
C HIS H 320 3.09 33.93 23.51
N VAL H 321 4.08 34.64 22.97
CA VAL H 321 3.98 35.25 21.65
C VAL H 321 5.32 35.02 20.94
N ALA H 322 5.25 34.44 19.75
CA ALA H 322 6.42 34.15 18.93
C ALA H 322 6.25 34.86 17.61
N ILE H 323 7.21 35.69 17.25
CA ILE H 323 7.21 36.36 15.96
C ILE H 323 8.49 35.96 15.25
N GLN H 324 8.36 35.50 14.00
CA GLN H 324 9.53 35.18 13.19
C GLN H 324 9.75 36.33 12.20
N ALA H 325 10.69 37.21 12.52
CA ALA H 325 10.96 38.36 11.66
C ALA H 325 12.27 39.01 12.07
N ASP H 326 12.70 39.98 11.27
CA ASP H 326 13.81 40.84 11.61
C ASP H 326 13.44 41.79 12.73
N VAL H 327 14.34 41.93 13.70
CA VAL H 327 14.06 42.72 14.91
C VAL H 327 13.73 44.17 14.56
N ASP H 328 14.45 44.76 13.60
CA ASP H 328 14.15 46.14 13.21
C ASP H 328 12.73 46.27 12.67
N ASP H 329 12.38 45.47 11.66
CA ASP H 329 11.07 45.60 11.06
C ASP H 329 9.97 45.42 12.10
N VAL H 330 10.21 44.59 13.10
CA VAL H 330 9.23 44.41 14.18
C VAL H 330 9.16 45.67 15.04
N LEU H 331 10.32 46.12 15.55
CA LEU H 331 10.34 47.27 16.46
C LEU H 331 9.75 48.52 15.86
N ALA H 332 9.89 48.68 14.53
CA ALA H 332 9.17 49.75 13.85
C ALA H 332 7.67 49.65 14.13
N GLN H 333 7.12 48.44 14.03
CA GLN H 333 5.67 48.30 14.22
C GLN H 333 5.25 48.15 15.67
N LEU H 334 6.19 47.95 16.59
CA LEU H 334 5.79 47.65 17.96
C LEU H 334 5.96 48.84 18.89
N ILE H 335 7.02 49.64 18.69
CA ILE H 335 7.24 50.78 19.60
C ILE H 335 6.10 51.77 19.64
N PRO H 336 5.48 52.19 18.52
CA PRO H 336 4.39 53.18 18.62
C PRO H 336 3.16 52.67 19.35
N LEU H 337 3.05 51.36 19.57
CA LEU H 337 1.93 50.78 20.30
C LEU H 337 2.23 50.56 21.76
N VAL H 338 3.48 50.79 22.17
CA VAL H 338 3.91 50.55 23.54
C VAL H 338 3.82 51.89 24.28
N GLU H 339 3.02 51.94 25.35
CA GLU H 339 2.87 53.19 26.09
C GLU H 339 4.16 53.55 26.81
N ALA H 340 4.28 54.83 27.19
CA ALA H 340 5.45 55.36 27.91
C ALA H 340 5.10 55.31 29.39
N GLN H 341 5.45 54.19 30.04
CA GLN H 341 4.95 53.98 31.38
C GLN H 341 5.99 54.23 32.46
N PRO H 342 5.63 54.99 33.48
CA PRO H 342 6.51 55.19 34.63
C PRO H 342 6.48 53.98 35.56
N ARG H 343 7.38 53.03 35.35
CA ARG H 343 7.36 51.81 36.15
C ARG H 343 8.19 52.00 37.43
N ALA H 344 7.77 53.01 38.21
CA ALA H 344 8.57 53.46 39.35
C ALA H 344 8.77 52.35 40.39
N GLU H 345 7.70 51.61 40.72
CA GLU H 345 7.81 50.57 41.74
C GLU H 345 8.75 49.46 41.30
N TRP H 346 8.67 49.05 40.03
CA TRP H 346 9.55 47.99 39.50
C TRP H 346 11.00 48.46 39.46
N HIS H 347 11.23 49.74 39.16
CA HIS H 347 12.58 50.31 39.19
C HIS H 347 13.14 50.34 40.59
N GLN H 348 12.31 50.76 41.56
CA GLN H 348 12.72 50.75 42.96
C GLN H 348 13.07 49.34 43.40
N LEU H 349 12.36 48.32 42.88
CA LEU H 349 12.68 46.95 43.24
C LEU H 349 14.00 46.51 42.61
N VAL H 350 14.28 46.92 41.36
CA VAL H 350 15.58 46.60 40.75
C VAL H 350 16.73 47.19 41.55
N ALA H 351 16.62 48.47 41.93
CA ALA H 351 17.66 49.07 42.75
C ALA H 351 17.76 48.34 44.09
N ASP H 352 16.61 47.98 44.65
CA ASP H 352 16.57 47.25 45.91
C ASP H 352 17.38 45.96 45.82
N LEU H 353 17.24 45.23 44.72
CA LEU H 353 18.02 44.02 44.51
C LEU H 353 19.51 44.31 44.29
N GLN H 354 19.82 45.43 43.62
CA GLN H 354 21.21 45.80 43.34
C GLN H 354 21.98 46.15 44.60
N ARG H 355 21.30 46.52 45.68
CA ARG H 355 21.94 46.66 46.98
C ARG H 355 22.27 45.32 47.64
N GLU H 356 22.23 44.19 46.94
CA GLU H 356 22.71 42.91 47.48
C GLU H 356 23.22 41.95 46.36
N PRO H 367 45.39 49.06 37.28
CA PRO H 367 46.71 48.65 37.76
C PRO H 367 47.26 47.42 37.03
N LEU H 368 47.73 46.44 37.79
CA LEU H 368 48.21 45.17 37.28
C LEU H 368 47.42 43.99 37.85
N SER H 369 46.23 44.25 38.40
CA SER H 369 45.18 43.26 38.61
C SER H 369 44.33 43.12 37.34
N HIS H 370 43.52 42.05 37.27
CA HIS H 370 42.79 41.79 36.02
C HIS H 370 41.70 42.83 35.76
N TYR H 371 40.84 43.06 36.74
CA TYR H 371 39.83 44.11 36.56
C TYR H 371 40.51 45.46 36.39
N GLY H 372 41.52 45.75 37.21
CA GLY H 372 42.24 47.01 37.07
C GLY H 372 42.93 47.17 35.73
N LEU H 373 43.44 46.08 35.18
CA LEU H 373 44.06 46.16 33.86
C LEU H 373 43.04 46.55 32.80
N ILE H 374 41.89 45.86 32.80
CA ILE H 374 40.84 46.20 31.85
C ILE H 374 40.46 47.67 31.98
N ASN H 375 40.27 48.13 33.23
CA ASN H 375 39.89 49.52 33.43
C ASN H 375 40.94 50.47 32.89
N ALA H 376 42.23 50.14 33.08
CA ALA H 376 43.31 51.03 32.66
C ALA H 376 43.39 51.14 31.14
N VAL H 377 43.36 50.00 30.45
CA VAL H 377 43.41 49.98 28.98
C VAL H 377 42.20 50.69 28.41
N ALA H 378 41.03 50.48 29.03
CA ALA H 378 39.84 51.21 28.59
C ALA H 378 40.05 52.72 28.76
N ALA H 379 40.68 53.14 29.87
CA ALA H 379 41.01 54.55 30.06
C ALA H 379 42.04 55.06 29.07
N CYS H 380 42.67 54.17 28.28
CA CYS H 380 43.68 54.59 27.30
C CYS H 380 43.13 54.97 25.93
N VAL H 381 41.86 54.70 25.64
CA VAL H 381 41.31 54.85 24.29
C VAL H 381 39.86 55.32 24.39
N ASP H 382 39.30 55.73 23.27
CA ASP H 382 37.95 56.28 23.17
C ASP H 382 36.96 55.20 22.71
N ASP H 383 35.72 55.61 22.44
CA ASP H 383 34.68 54.70 21.97
C ASP H 383 34.95 54.07 20.62
N ASN H 384 35.92 54.57 19.86
CA ASN H 384 36.16 54.03 18.53
C ASN H 384 36.95 52.74 18.55
N ALA H 385 37.34 52.26 19.73
CA ALA H 385 38.14 51.04 19.79
C ALA H 385 37.28 49.82 19.47
N ILE H 386 37.92 48.81 18.91
CA ILE H 386 37.31 47.51 18.66
C ILE H 386 37.92 46.53 19.66
N ILE H 387 37.09 45.71 20.28
CA ILE H 387 37.55 44.82 21.34
C ILE H 387 37.30 43.38 20.94
N THR H 388 38.36 42.58 20.96
CA THR H 388 38.26 41.15 20.73
C THR H 388 38.91 40.44 21.90
N THR H 389 38.53 39.18 22.09
CA THR H 389 39.03 38.40 23.21
C THR H 389 39.21 36.96 22.75
N ASP H 390 40.06 36.23 23.44
CA ASP H 390 40.06 34.78 23.33
C ASP H 390 39.05 34.21 24.32
N VAL H 391 39.17 32.93 24.68
CA VAL H 391 38.14 32.22 25.43
C VAL H 391 38.71 31.80 26.76
N GLY H 392 37.99 32.09 27.84
CA GLY H 392 38.45 31.73 29.17
C GLY H 392 38.15 32.75 30.28
N GLN H 393 38.97 32.78 31.33
CA GLN H 393 38.70 33.70 32.42
C GLN H 393 38.94 35.16 32.00
N HIS H 394 39.95 35.42 31.17
CA HIS H 394 40.17 36.77 30.67
C HIS H 394 38.99 37.26 29.82
N GLN H 395 38.40 36.37 29.02
CA GLN H 395 37.21 36.75 28.25
C GLN H 395 36.09 37.18 29.18
N MET H 396 35.79 36.35 30.18
CA MET H 396 34.69 36.65 31.07
C MET H 396 34.93 37.91 31.88
N TRP H 397 36.15 38.10 32.39
CA TRP H 397 36.48 39.34 33.10
C TRP H 397 36.30 40.55 32.19
N THR H 398 36.87 40.50 30.98
CA THR H 398 36.76 41.62 30.05
C THR H 398 35.31 41.94 29.74
N ALA H 399 34.51 40.91 29.48
CA ALA H 399 33.08 41.12 29.25
C ALA H 399 32.42 41.78 30.47
N GLN H 400 32.81 41.37 31.68
CA GLN H 400 32.17 41.92 32.87
C GLN H 400 32.54 43.38 33.08
N ALA H 401 33.80 43.73 32.82
CA ALA H 401 34.35 45.01 33.26
C ALA H 401 34.58 46.03 32.15
N TYR H 402 34.77 45.60 30.90
CA TYR H 402 35.09 46.58 29.88
C TYR H 402 33.86 47.42 29.56
N PRO H 403 34.03 48.75 29.38
CA PRO H 403 32.91 49.64 28.99
C PRO H 403 32.63 49.63 27.50
N LEU H 404 31.98 48.55 27.05
CA LEU H 404 31.57 48.42 25.67
C LEU H 404 30.32 49.26 25.47
N ASN H 405 30.34 50.21 24.53
CA ASN H 405 29.19 51.11 24.41
C ASN H 405 28.58 51.25 23.01
N ARG H 406 29.09 50.53 22.02
CA ARG H 406 28.56 50.58 20.67
C ARG H 406 28.42 49.17 20.13
N PRO H 407 27.42 48.92 19.29
CA PRO H 407 27.36 47.64 18.58
C PRO H 407 28.53 47.48 17.61
N ARG H 408 28.85 46.23 17.30
CA ARG H 408 30.02 45.89 16.50
C ARG H 408 31.28 46.52 17.07
N GLN H 409 31.33 46.57 18.39
CA GLN H 409 32.56 46.86 19.11
C GLN H 409 33.14 45.63 19.77
N TRP H 410 32.28 44.67 20.10
CA TRP H 410 32.62 43.52 20.92
C TRP H 410 32.67 42.31 20.00
N LEU H 411 33.88 41.76 19.80
CA LEU H 411 34.12 40.57 18.99
C LEU H 411 34.62 39.48 19.92
N THR H 412 33.77 38.51 20.21
CA THR H 412 34.14 37.38 21.03
C THR H 412 33.47 36.16 20.47
N SER H 413 34.10 35.00 20.68
CA SER H 413 33.56 33.74 20.20
C SER H 413 32.69 33.19 21.31
N GLY H 414 31.37 33.27 21.12
CA GLY H 414 30.41 32.86 22.13
C GLY H 414 29.85 31.47 21.89
N GLY H 415 29.39 31.21 20.67
CA GLY H 415 28.77 29.93 20.37
C GLY H 415 29.68 28.74 20.51
N LEU H 416 30.72 28.69 19.68
CA LEU H 416 31.66 27.58 19.76
C LEU H 416 32.69 27.84 20.86
N GLY H 417 33.05 29.10 21.09
CA GLY H 417 34.00 29.40 22.14
C GLY H 417 35.38 28.83 21.90
N THR H 418 36.00 29.24 20.81
CA THR H 418 37.27 28.67 20.34
C THR H 418 38.45 29.38 21.02
N MET H 419 39.32 28.63 21.73
CA MET H 419 40.60 29.25 22.06
C MET H 419 41.29 29.57 20.73
N GLY H 420 41.93 30.73 20.65
CA GLY H 420 42.59 31.12 19.42
C GLY H 420 41.83 32.09 18.54
N PHE H 421 40.60 32.43 18.89
CA PHE H 421 39.79 33.34 18.09
C PHE H 421 40.35 34.76 18.09
N GLY H 422 40.76 35.24 19.27
CA GLY H 422 41.06 36.64 19.55
C GLY H 422 42.05 37.35 18.64
N LEU H 423 43.26 36.80 18.49
CA LEU H 423 44.27 37.53 17.74
C LEU H 423 43.91 37.61 16.26
N PRO H 424 43.57 36.51 15.57
CA PRO H 424 43.16 36.65 14.16
C PRO H 424 41.88 37.45 13.98
N ALA H 425 40.93 37.35 14.89
CA ALA H 425 39.78 38.24 14.79
C ALA H 425 40.22 39.70 14.84
N ALA H 426 41.14 40.04 15.74
CA ALA H 426 41.61 41.42 15.82
C ALA H 426 42.34 41.84 14.54
N ILE H 427 43.08 40.92 13.91
CA ILE H 427 43.73 41.23 12.64
C ILE H 427 42.70 41.56 11.58
N GLY H 428 41.62 40.74 11.48
CA GLY H 428 40.58 41.03 10.51
C GLY H 428 39.89 42.36 10.76
N ALA H 429 39.48 42.59 12.01
CA ALA H 429 38.86 43.86 12.34
C ALA H 429 39.79 45.01 11.96
N ALA H 430 41.07 44.83 12.23
CA ALA H 430 42.06 45.83 11.86
C ALA H 430 42.06 46.07 10.37
N LEU H 431 42.15 45.00 9.57
CA LEU H 431 42.15 45.14 8.12
C LEU H 431 40.92 45.87 7.62
N ALA H 432 39.77 45.66 8.26
CA ALA H 432 38.55 46.28 7.76
C ALA H 432 38.34 47.72 8.24
N ASN H 433 39.01 48.15 9.33
CA ASN H 433 38.88 49.52 9.82
C ASN H 433 40.27 50.00 10.20
N PRO H 434 41.04 50.51 9.22
CA PRO H 434 42.44 50.87 9.51
C PRO H 434 42.63 52.05 10.45
N ASP H 435 41.67 52.96 10.55
CA ASP H 435 41.83 54.07 11.50
C ASP H 435 41.69 53.60 12.94
N ARG H 436 40.84 52.61 13.18
CA ARG H 436 40.44 52.31 14.53
C ARG H 436 41.55 51.56 15.24
N LYS H 437 41.49 51.55 16.57
CA LYS H 437 42.42 50.79 17.38
C LYS H 437 41.74 49.53 17.91
N VAL H 438 42.43 48.40 17.76
CA VAL H 438 41.91 47.07 18.06
C VAL H 438 42.68 46.52 19.26
N LEU H 439 41.97 46.30 20.35
CA LEU H 439 42.52 45.66 21.54
C LEU H 439 42.09 44.21 21.58
N CYS H 440 43.05 43.31 21.85
CA CYS H 440 42.79 41.88 21.88
C CYS H 440 43.17 41.35 23.25
N PHE H 441 42.17 41.18 24.12
CA PHE H 441 42.42 40.59 25.43
C PHE H 441 42.57 39.08 25.27
N SER H 442 43.73 38.55 25.67
CA SER H 442 44.01 37.14 25.47
C SER H 442 44.58 36.50 26.73
N GLY H 443 44.73 35.17 26.69
CA GLY H 443 45.37 34.43 27.76
C GLY H 443 46.55 33.61 27.22
N ASP H 444 47.40 33.15 28.15
CA ASP H 444 48.60 32.44 27.72
C ASP H 444 48.26 31.19 26.94
N GLY H 445 47.20 30.48 27.33
CA GLY H 445 46.85 29.24 26.64
C GLY H 445 46.25 29.51 25.27
N SER H 446 45.27 30.43 25.22
CA SER H 446 44.63 30.78 23.95
C SER H 446 45.60 31.42 22.97
N LEU H 447 46.44 32.35 23.45
CA LEU H 447 47.34 33.04 22.54
C LEU H 447 48.23 32.06 21.81
N MET H 448 48.49 30.91 22.42
CA MET H 448 49.31 29.89 21.79
C MET H 448 48.62 29.24 20.59
N MET H 449 47.28 29.26 20.53
CA MET H 449 46.61 28.42 19.54
C MET H 449 46.76 28.97 18.12
N ASN H 450 46.70 30.29 17.94
CA ASN H 450 46.95 30.89 16.65
C ASN H 450 48.09 31.91 16.74
N ILE H 451 49.09 31.63 17.58
CA ILE H 451 50.14 32.60 17.81
C ILE H 451 50.83 32.98 16.52
N GLN H 452 50.85 32.07 15.56
CA GLN H 452 51.59 32.32 14.33
C GLN H 452 51.07 33.54 13.58
N GLU H 453 49.80 33.88 13.76
CA GLU H 453 49.29 35.03 13.05
C GLU H 453 49.86 36.35 13.56
N MET H 454 50.60 36.34 14.68
CA MET H 454 51.37 37.52 15.06
C MET H 454 52.20 38.02 13.87
N ALA H 455 52.79 37.08 13.11
CA ALA H 455 53.52 37.47 11.90
C ALA H 455 52.62 38.25 10.94
N THR H 456 51.43 37.72 10.68
CA THR H 456 50.47 38.43 9.83
C THR H 456 50.24 39.83 10.35
N ALA H 457 50.24 39.99 11.67
CA ALA H 457 50.03 41.32 12.22
C ALA H 457 51.20 42.25 11.87
N SER H 458 52.44 41.75 11.99
CA SER H 458 53.55 42.67 11.79
C SER H 458 53.77 42.95 10.31
N GLU H 459 53.60 41.94 9.43
CA GLU H 459 53.89 42.15 8.00
C GLU H 459 52.98 43.20 7.40
N ASN H 460 51.71 43.23 7.83
CA ASN H 460 50.73 44.23 7.41
C ASN H 460 50.65 45.43 8.34
N GLN H 461 51.49 45.47 9.39
CA GLN H 461 51.62 46.59 10.31
C GLN H 461 50.25 47.07 10.82
N LEU H 462 49.48 46.17 11.45
CA LEU H 462 48.13 46.54 11.85
C LEU H 462 48.04 47.06 13.28
N ASP H 463 47.00 47.85 13.54
CA ASP H 463 46.88 48.63 14.77
C ASP H 463 46.22 47.79 15.86
N VAL H 464 46.85 46.65 16.19
CA VAL H 464 46.30 45.71 17.17
C VAL H 464 47.25 45.59 18.36
N LYS H 465 46.69 45.64 19.57
CA LYS H 465 47.47 45.49 20.79
C LYS H 465 46.98 44.26 21.52
N ILE H 466 47.84 43.25 21.62
CA ILE H 466 47.52 42.07 22.40
C ILE H 466 47.73 42.42 23.86
N ILE H 467 46.66 42.38 24.64
CA ILE H 467 46.72 42.56 26.08
C ILE H 467 46.60 41.18 26.69
N LEU H 468 47.75 40.61 27.03
CA LEU H 468 47.88 39.22 27.44
C LEU H 468 47.83 39.12 28.96
N MET H 469 46.80 38.44 29.47
CA MET H 469 46.72 38.06 30.89
C MET H 469 47.26 36.65 31.05
N ASN H 470 48.42 36.53 31.66
CA ASN H 470 49.16 35.26 31.69
C ASN H 470 49.06 34.70 33.12
N ASN H 471 48.17 33.73 33.27
CA ASN H 471 47.90 32.92 34.47
C ASN H 471 48.78 31.69 34.59
N GLU H 472 49.74 31.51 33.68
CA GLU H 472 50.47 30.26 33.48
C GLU H 472 49.62 29.03 33.78
N ALA H 473 48.46 28.91 33.13
CA ALA H 473 47.47 27.87 33.36
C ALA H 473 46.33 28.00 32.34
N LEU H 474 45.66 26.87 32.06
CA LEU H 474 44.35 26.90 31.42
C LEU H 474 43.32 27.30 32.49
N GLY H 475 43.17 28.62 32.68
CA GLY H 475 42.47 29.15 33.85
C GLY H 475 41.06 28.65 34.08
N LEU H 476 40.21 28.71 33.05
CA LEU H 476 38.83 28.30 33.23
C LEU H 476 38.72 26.81 33.56
N VAL H 477 39.53 25.98 32.90
CA VAL H 477 39.64 24.59 33.30
C VAL H 477 40.10 24.50 34.75
N HIS H 478 41.14 25.27 35.09
CA HIS H 478 41.65 25.31 36.46
C HIS H 478 40.53 25.59 37.44
N GLN H 479 39.60 26.48 37.06
CA GLN H 479 38.55 26.83 38.01
C GLN H 479 37.45 25.75 38.10
N GLN H 480 37.04 25.11 36.99
CA GLN H 480 36.10 23.99 37.16
C GLN H 480 36.75 22.80 37.89
N GLN H 481 38.02 22.48 37.63
CA GLN H 481 38.59 21.35 38.35
C GLN H 481 38.75 21.66 39.83
N SER H 482 39.22 22.87 40.16
CA SER H 482 39.38 23.20 41.56
C SER H 482 38.03 23.21 42.28
N LEU H 483 36.98 23.69 41.61
CA LEU H 483 35.68 23.81 42.28
C LEU H 483 34.78 22.59 42.19
N PHE H 484 34.87 21.75 41.15
CA PHE H 484 33.82 20.76 40.92
C PHE H 484 34.28 19.31 40.81
N TYR H 485 35.54 19.03 40.53
CA TYR H 485 35.98 17.67 40.34
C TYR H 485 36.90 17.28 41.49
N GLU H 486 36.75 16.06 41.99
CA GLU H 486 37.22 15.76 43.35
C GLU H 486 38.73 15.87 43.48
N GLN H 487 39.49 15.60 42.41
CA GLN H 487 40.94 15.70 42.45
C GLN H 487 41.45 17.00 41.85
N GLY H 488 40.58 17.99 41.71
CA GLY H 488 41.03 19.35 41.50
C GLY H 488 41.83 19.51 40.23
N VAL H 489 42.83 20.39 40.29
CA VAL H 489 43.55 20.78 39.08
C VAL H 489 44.46 19.65 38.63
N PHE H 490 44.34 19.28 37.35
CA PHE H 490 45.15 18.29 36.67
C PHE H 490 45.22 18.69 35.21
N ALA H 491 46.41 18.59 34.61
CA ALA H 491 46.59 18.88 33.19
C ALA H 491 46.12 20.30 32.81
N ALA H 492 46.17 21.25 33.75
CA ALA H 492 45.70 22.62 33.50
C ALA H 492 46.70 23.73 33.80
N THR H 493 47.97 23.41 34.06
CA THR H 493 48.95 24.44 34.40
C THR H 493 50.21 24.30 33.54
N TYR H 494 50.99 25.40 33.47
CA TYR H 494 52.25 25.42 32.72
C TYR H 494 53.45 25.65 33.66
N PRO H 495 54.63 25.14 33.28
CA PRO H 495 55.83 25.34 34.14
C PRO H 495 56.27 26.79 34.24
N GLY H 496 55.93 27.62 33.25
CA GLY H 496 56.29 29.02 33.30
C GLY H 496 57.67 29.25 32.71
N LYS H 497 58.03 28.48 31.67
CA LYS H 497 59.30 28.66 30.96
C LYS H 497 59.10 29.23 29.57
N ILE H 498 58.12 30.13 29.40
CA ILE H 498 57.91 30.84 28.14
C ILE H 498 58.09 32.34 28.35
N ASN H 499 58.95 32.94 27.54
CA ASN H 499 59.09 34.39 27.55
C ASN H 499 58.26 34.90 26.39
N PHE H 500 57.14 35.53 26.71
CA PHE H 500 56.26 36.01 25.66
C PHE H 500 56.78 37.27 24.98
N MET H 501 57.50 38.12 25.72
CA MET H 501 58.06 39.34 25.12
C MET H 501 59.09 38.99 24.06
N GLN H 502 60.00 38.06 24.39
CA GLN H 502 60.96 37.57 23.41
C GLN H 502 60.24 37.10 22.15
N ILE H 503 59.14 36.36 22.32
CA ILE H 503 58.45 35.76 21.19
C ILE H 503 57.79 36.84 20.35
N ALA H 504 57.00 37.71 20.98
CA ALA H 504 56.33 38.78 20.26
C ALA H 504 57.33 39.66 19.52
N ALA H 505 58.48 39.92 20.15
CA ALA H 505 59.55 40.71 19.54
C ALA H 505 60.15 40.02 18.32
N GLY H 506 60.39 38.71 18.40
CA GLY H 506 60.89 37.96 17.26
C GLY H 506 59.91 37.88 16.11
N PHE H 507 58.63 38.10 16.38
CA PHE H 507 57.59 38.27 15.36
C PHE H 507 57.49 39.70 14.85
N GLY H 508 58.25 40.64 15.42
CA GLY H 508 58.22 42.01 14.97
C GLY H 508 57.29 42.94 15.71
N LEU H 509 56.78 42.55 16.88
CA LEU H 509 55.89 43.39 17.65
C LEU H 509 56.63 44.13 18.74
N GLU H 510 56.16 45.34 19.03
CA GLU H 510 56.61 46.05 20.22
C GLU H 510 56.04 45.38 21.47
N THR H 511 56.81 45.42 22.55
CA THR H 511 56.53 44.64 23.74
C THR H 511 56.52 45.51 24.99
N CYS H 512 55.96 44.97 26.06
CA CYS H 512 55.89 45.65 27.36
C CYS H 512 55.84 44.58 28.45
N ASP H 513 55.65 44.99 29.70
CA ASP H 513 55.66 44.01 30.80
C ASP H 513 55.02 44.66 32.02
N LEU H 514 55.13 44.01 33.19
CA LEU H 514 54.67 44.58 34.44
C LEU H 514 55.63 45.62 34.98
N ASN H 515 56.93 45.43 34.77
CA ASN H 515 57.98 46.19 35.44
C ASN H 515 58.87 46.86 34.40
N ASN H 516 58.89 48.20 34.36
CA ASN H 516 57.89 49.16 34.88
C ASN H 516 57.60 49.16 36.38
N ASP H 519 56.23 53.02 36.62
CA ASP H 519 54.96 53.66 36.25
C ASP H 519 54.25 52.91 35.13
N PRO H 520 53.28 52.07 35.49
CA PRO H 520 52.64 51.19 34.49
C PRO H 520 51.50 51.80 33.66
N GLN H 521 50.70 52.71 34.23
CA GLN H 521 49.65 53.35 33.43
C GLN H 521 50.26 54.19 32.31
N ALA H 522 51.33 54.93 32.62
CA ALA H 522 52.01 55.73 31.60
C ALA H 522 52.50 54.89 30.44
N SER H 523 53.25 53.82 30.75
CA SER H 523 53.80 52.97 29.69
C SER H 523 52.70 52.30 28.90
N LEU H 524 51.63 51.90 29.58
CA LEU H 524 50.47 51.37 28.91
C LEU H 524 49.95 52.38 27.89
N GLN H 525 49.73 53.62 28.33
CA GLN H 525 49.18 54.63 27.42
C GLN H 525 50.11 54.84 26.23
N GLU H 526 51.42 54.76 26.43
CA GLU H 526 52.33 55.07 25.33
C GLU H 526 52.51 53.91 24.37
N ILE H 527 52.36 52.66 24.84
CA ILE H 527 52.46 51.53 23.92
C ILE H 527 51.16 51.36 23.16
N ILE H 528 50.04 51.69 23.82
CA ILE H 528 48.74 51.63 23.17
C ILE H 528 48.62 52.75 22.15
N ASN H 529 49.22 53.90 22.46
CA ASN H 529 49.19 55.01 21.53
C ASN H 529 50.13 54.77 20.37
N ARG H 530 51.19 54.00 20.57
CA ARG H 530 52.04 53.72 19.42
C ARG H 530 51.34 52.75 18.48
N PRO H 531 51.17 53.10 17.22
CA PRO H 531 50.52 52.19 16.28
C PRO H 531 51.39 50.99 15.96
N GLY H 532 50.85 50.12 15.14
CA GLY H 532 51.56 48.93 14.78
C GLY H 532 51.28 47.91 15.86
N PRO H 533 51.60 46.65 15.56
CA PRO H 533 51.22 45.59 16.49
C PRO H 533 52.07 45.62 17.75
N ALA H 534 51.39 45.38 18.88
CA ALA H 534 52.04 45.35 20.18
C ALA H 534 51.46 44.22 21.02
N LEU H 535 52.30 43.68 21.90
CA LEU H 535 51.90 42.76 22.95
C LEU H 535 52.19 43.42 24.29
N ILE H 536 51.22 43.36 25.20
CA ILE H 536 51.35 43.87 26.57
C ILE H 536 51.17 42.71 27.54
N HIS H 537 52.15 42.48 28.41
CA HIS H 537 52.21 41.26 29.20
C HIS H 537 51.94 41.57 30.67
N VAL H 538 51.08 40.75 31.30
CA VAL H 538 50.75 40.86 32.72
C VAL H 538 50.63 39.47 33.35
N ARG H 539 51.19 39.32 34.55
CA ARG H 539 51.15 38.07 35.29
C ARG H 539 49.95 38.09 36.23
N ILE H 540 49.13 37.04 36.15
CA ILE H 540 47.92 36.89 36.95
C ILE H 540 48.00 35.57 37.72
N ASP H 541 47.67 35.58 39.00
CA ASP H 541 47.68 34.36 39.78
C ASP H 541 46.57 33.43 39.31
N ALA H 542 46.90 32.16 39.12
CA ALA H 542 45.94 31.20 38.58
C ALA H 542 44.82 30.86 39.55
N GLU H 543 45.00 31.14 40.84
CA GLU H 543 43.98 30.88 41.84
C GLU H 543 42.86 31.91 41.82
N GLU H 544 43.00 32.99 41.05
CA GLU H 544 41.95 33.99 40.95
C GLU H 544 40.82 33.45 40.07
N LYS H 545 39.59 33.90 40.36
CA LYS H 545 38.41 33.22 39.84
C LYS H 545 37.49 34.21 39.14
N VAL H 546 36.59 33.66 38.31
CA VAL H 546 35.56 34.46 37.67
C VAL H 546 34.29 34.28 38.48
N TYR H 547 33.89 35.34 39.17
CA TYR H 547 32.71 35.33 39.99
C TYR H 547 31.73 36.40 39.51
N PRO H 548 30.42 36.15 39.64
CA PRO H 548 29.89 34.86 40.13
C PRO H 548 29.79 33.82 39.01
N MET H 549 29.77 32.53 39.36
CA MET H 549 29.59 31.47 38.37
C MET H 549 28.39 30.60 38.73
N VAL H 550 27.61 30.25 37.71
CA VAL H 550 26.52 29.28 37.84
C VAL H 550 27.06 27.93 37.44
N PRO H 551 27.11 26.95 38.35
CA PRO H 551 27.68 25.63 38.00
C PRO H 551 26.92 25.04 36.83
N PRO H 552 27.63 24.41 35.89
CA PRO H 552 26.96 23.91 34.68
C PRO H 552 25.85 22.93 35.04
N GLY H 553 24.68 23.15 34.47
CA GLY H 553 23.53 22.34 34.76
C GLY H 553 22.69 22.81 35.90
N ALA H 554 23.01 23.95 36.51
CA ALA H 554 22.30 24.48 37.66
C ALA H 554 21.35 25.61 37.25
N ALA H 555 20.41 25.91 38.13
CA ALA H 555 19.58 27.08 37.95
C ALA H 555 20.44 28.33 38.04
N ASN H 556 19.99 29.42 37.42
CA ASN H 556 20.77 30.65 37.47
C ASN H 556 20.78 31.28 38.86
N THR H 557 19.93 30.83 39.78
CA THR H 557 19.89 31.41 41.12
C THR H 557 20.91 30.80 42.08
N GLU H 558 21.75 29.87 41.62
CA GLU H 558 22.69 29.20 42.52
C GLU H 558 24.07 29.44 41.94
N MET H 559 24.64 30.60 42.26
CA MET H 559 25.90 31.09 41.73
C MET H 559 26.95 31.00 42.82
N VAL H 560 28.22 30.85 42.42
CA VAL H 560 29.27 30.73 43.43
C VAL H 560 30.04 32.05 43.64
PA FAD I . -45.71 -8.30 5.37
O1A FAD I . -46.88 -9.18 5.54
O2A FAD I . -44.64 -8.78 4.42
O5B FAD I . -45.20 -8.16 6.85
C5B FAD I . -43.92 -8.66 7.28
C4B FAD I . -43.31 -7.63 8.19
O4B FAD I . -43.59 -7.96 9.57
C3B FAD I . -41.80 -7.50 8.08
O3B FAD I . -41.44 -6.13 8.24
C2B FAD I . -41.33 -8.42 9.22
O2B FAD I . -40.01 -8.17 9.68
C1B FAD I . -42.37 -8.04 10.27
N9A FAD I . -42.51 -9.00 11.37
C8A FAD I . -42.76 -10.34 11.27
N7A FAD I . -42.87 -10.94 12.44
C5A FAD I . -42.67 -9.92 13.35
C6A FAD I . -42.65 -9.89 14.76
N6A FAD I . -42.84 -10.97 15.53
N1A FAD I . -42.41 -8.70 15.37
C2A FAD I . -42.21 -7.62 14.61
N3A FAD I . -42.22 -7.52 13.28
C4A FAD I . -42.45 -8.72 12.71
N1 FAD I . -51.74 -4.21 0.62
C2 FAD I . -52.31 -3.18 1.30
O2 FAD I . -51.96 -2.88 2.43
N3 FAD I . -53.32 -2.44 0.70
C4 FAD I . -53.84 -2.65 -0.56
O4 FAD I . -54.75 -1.92 -0.98
C4X FAD I . -53.22 -3.74 -1.27
N5 FAD I . -53.64 -4.02 -2.49
C5X FAD I . -53.06 -5.09 -3.16
C6 FAD I . -53.50 -5.41 -4.44
C7 FAD I . -52.93 -6.48 -5.14
C7M FAD I . -53.43 -6.78 -6.54
C8 FAD I . -51.91 -7.24 -4.56
C8M FAD I . -51.27 -8.38 -5.30
C9 FAD I . -51.47 -6.91 -3.28
C9A FAD I . -52.02 -5.85 -2.58
N10 FAD I . -51.59 -5.51 -1.27
C10 FAD I . -52.17 -4.47 -0.59
C1' FAD I . -50.53 -6.26 -0.62
C2' FAD I . -49.17 -5.58 -0.72
O2' FAD I . -48.56 -5.91 -1.96
C3' FAD I . -48.27 -6.08 0.41
O3' FAD I . -48.17 -7.49 0.36
C4' FAD I . -48.74 -5.68 1.80
O4' FAD I . -49.28 -4.37 1.75
C5' FAD I . -47.61 -5.72 2.82
O5' FAD I . -48.17 -5.78 4.14
P FAD I . -47.25 -5.90 5.38
O1P FAD I . -46.60 -4.54 5.65
O2P FAD I . -47.94 -6.49 6.39
O3P FAD I . -46.14 -6.86 4.86
N1' TPP J . -48.97 -13.51 -14.30
C2' TPP J . -48.89 -14.08 -13.04
CM2 TPP J . -48.36 -15.47 -12.85
N3' TPP J . -49.27 -13.38 -11.92
C4' TPP J . -49.74 -12.10 -12.03
N4' TPP J . -50.09 -11.48 -10.91
C5' TPP J . -49.83 -11.52 -13.30
C6' TPP J . -49.45 -12.23 -14.42
C7' TPP J . -50.38 -10.11 -13.46
N3 TPP J . -51.76 -10.12 -13.09
C2 TPP J . -52.20 -9.77 -11.83
S1 TPP J . -53.77 -9.88 -11.63
C5 TPP J . -53.98 -10.38 -13.16
C4 TPP J . -52.81 -10.49 -13.87
CM4 TPP J . -52.78 -10.94 -15.29
C6 TPP J . -55.38 -10.68 -13.63
C7 TPP J . -56.11 -11.64 -12.70
O7 TPP J . -56.92 -12.49 -13.49
PA TPP J . -58.18 -13.28 -12.86
O1A TPP J . -57.77 -14.62 -12.31
O2A TPP J . -59.18 -13.40 -14.00
O3A TPP J . -58.73 -12.41 -11.62
PB TPP J . -59.85 -11.24 -11.78
O1B TPP J . -60.68 -11.16 -10.49
O2B TPP J . -59.24 -9.89 -12.04
O3B TPP J . -60.72 -11.53 -12.99
MG MG K . -61.68 -13.18 -13.60
PA FAD L . 50.61 3.93 1.67
O1A FAD L . 51.65 4.27 2.69
O2A FAD L . 49.23 4.58 1.95
O5B FAD L . 50.58 2.41 1.51
C5B FAD L . 49.71 1.58 2.30
C4B FAD L . 49.25 0.49 1.39
O4B FAD L . 49.75 -0.77 1.87
C3B FAD L . 47.73 0.33 1.29
O3B FAD L . 47.35 -0.06 -0.03
C2B FAD L . 47.42 -0.74 2.34
O2B FAD L . 46.28 -1.47 1.94
C1B FAD L . 48.68 -1.61 2.27
N9A FAD L . 49.06 -2.25 3.52
C8A FAD L . 49.04 -1.71 4.77
N7A FAD L . 49.46 -2.52 5.72
C5A FAD L . 49.77 -3.69 5.03
C6A FAD L . 50.26 -4.95 5.45
N6A FAD L . 50.52 -5.25 6.72
N1A FAD L . 50.46 -5.89 4.50
C2A FAD L . 50.19 -5.59 3.23
N3A FAD L . 49.72 -4.45 2.71
C4A FAD L . 49.53 -3.53 3.67
N1 FAD L . 55.56 9.62 -3.16
C2 FAD L . 56.35 9.00 -4.09
O2 FAD L . 56.37 7.78 -4.20
N3 FAD L . 57.14 9.76 -4.92
C4 FAD L . 57.24 11.14 -4.92
O4 FAD L . 57.99 11.70 -5.72
C4X FAD L . 56.40 11.79 -3.94
N5 FAD L . 56.41 13.11 -3.85
C5X FAD L . 55.59 13.71 -2.89
C6 FAD L . 55.58 15.10 -2.78
C7 FAD L . 54.79 15.73 -1.83
C7M FAD L . 54.82 17.24 -1.73
C8 FAD L . 53.97 14.97 -0.98
C8M FAD L . 53.10 15.63 0.06
C9 FAD L . 53.97 13.58 -1.09
C9A FAD L . 54.77 12.95 -2.03
N10 FAD L . 54.79 11.55 -2.17
C10 FAD L . 55.59 10.93 -3.10
C1' FAD L . 53.95 10.70 -1.31
C2' FAD L . 52.58 10.41 -1.90
O2' FAD L . 51.74 11.55 -1.70
C3' FAD L . 51.97 9.21 -1.19
O3' FAD L . 51.90 9.53 0.19
C4' FAD L . 52.76 7.91 -1.37
O4' FAD L . 53.06 7.68 -2.75
C5' FAD L . 52.06 6.70 -0.79
O5' FAD L . 52.95 5.57 -0.83
P FAD L . 52.42 4.10 -0.62
O1P FAD L . 52.05 3.52 -1.98
O2P FAD L . 53.33 3.27 0.15
O3P FAD L . 51.06 4.38 0.22
N1' TPP M . 48.48 24.06 3.61
C2' TPP M . 48.66 22.91 4.34
CM2 TPP M . 48.15 22.85 5.75
N3' TPP M . 49.32 21.82 3.79
C4' TPP M . 49.81 21.91 2.49
N4' TPP M . 50.43 20.85 1.97
C5' TPP M . 49.62 23.08 1.74
C6' TPP M . 48.95 24.15 2.31
C7' TPP M . 50.10 23.22 0.29
N3 TPP M . 51.52 23.38 0.33
C2 TPP M . 52.40 22.36 0.09
S1 TPP M . 53.94 22.81 0.24
C5 TPP M . 53.53 24.31 0.59
C4 TPP M . 52.16 24.55 0.62
CM4 TPP M . 51.56 25.89 0.93
C6 TPP M . 54.67 25.23 0.84
C7 TPP M . 55.43 24.73 2.07
O7 TPP M . 56.24 25.79 2.51
PA TPP M . 57.58 25.61 3.42
O1A TPP M . 57.26 25.21 4.82
O2A TPP M . 58.24 26.94 3.38
O3A TPP M . 58.49 24.48 2.72
PB TPP M . 59.44 24.80 1.45
O1B TPP M . 60.63 23.89 1.54
O2B TPP M . 58.65 24.47 0.19
O3B TPP M . 59.90 26.25 1.45
MG MG N . 60.74 27.81 3.12
PA FAD O . -27.35 -31.14 -27.64
O1A FAD O . -28.51 -31.01 -28.58
O2A FAD O . -27.34 -30.29 -26.37
O5B FAD O . -26.08 -30.92 -28.42
C5B FAD O . -25.83 -29.68 -29.12
C4B FAD O . -24.34 -29.63 -29.26
O4B FAD O . -23.99 -29.26 -30.61
C3B FAD O . -23.64 -28.65 -28.34
O3B FAD O . -22.40 -29.19 -27.88
C2B FAD O . -23.45 -27.42 -29.23
O2B FAD O . -22.28 -26.72 -28.80
C1B FAD O . -23.26 -28.06 -30.60
N9A FAD O . -23.74 -27.23 -31.71
C8A FAD O . -24.84 -26.42 -31.71
N7A FAD O . -25.05 -25.79 -32.84
C5A FAD O . -23.99 -26.20 -33.64
C6A FAD O . -23.62 -25.89 -34.97
N6A FAD O . -24.32 -25.05 -35.74
N1A FAD O . -22.53 -26.50 -35.48
C2A FAD O . -21.83 -27.34 -34.70
N3A FAD O . -22.08 -27.70 -33.43
C4A FAD O . -23.17 -27.10 -32.96
N1 FAD O . -30.27 -39.08 -25.16
C2 FAD O . -29.66 -40.12 -25.81
O2 FAD O . -28.80 -39.92 -26.67
N3 FAD O . -30.02 -41.42 -25.50
C4 FAD O . -30.96 -41.81 -24.56
O4 FAD O . -31.19 -43.00 -24.38
C4X FAD O . -31.60 -40.70 -23.88
N5 FAD O . -32.49 -40.97 -22.97
C5X FAD O . -33.09 -39.91 -22.31
C6 FAD O . -34.06 -40.17 -21.35
C7 FAD O . -34.70 -39.14 -20.68
C7M FAD O . -35.74 -39.47 -19.64
C8 FAD O . -34.36 -37.80 -20.96
C8M FAD O . -35.01 -36.66 -20.24
C9 FAD O . -33.39 -37.53 -21.92
C9A FAD O . -32.76 -38.57 -22.60
N10 FAD O . -31.79 -38.33 -23.59
C10 FAD O . -31.18 -39.37 -24.24
C1' FAD O . -31.37 -36.97 -23.90
C2' FAD O . -30.13 -36.57 -23.11
O2' FAD O . -30.44 -36.22 -21.76
C3' FAD O . -29.47 -35.38 -23.80
O3' FAD O . -30.43 -34.32 -23.80
C4' FAD O . -29.05 -35.68 -25.23
O4' FAD O . -28.43 -36.97 -25.28
C5' FAD O . -28.10 -34.65 -25.77
O5' FAD O . -27.79 -34.96 -27.14
P FAD O . -26.88 -34.01 -27.98
O1P FAD O . -25.42 -34.40 -27.71
O2P FAD O . -27.37 -33.93 -29.41
O3P FAD O . -27.20 -32.65 -27.19
N1' TPP P . -40.83 -33.09 -12.46
C2' TPP P . -40.76 -32.49 -13.71
CM2 TPP P . -41.35 -31.15 -13.99
N3' TPP P . -40.11 -33.13 -14.75
C4' TPP P . -39.53 -34.36 -14.57
N4' TPP P . -38.92 -34.89 -15.62
C5' TPP P . -39.59 -34.99 -13.31
C6' TPP P . -40.26 -34.33 -12.27
C7' TPP P . -38.99 -36.38 -13.07
N3 TPP P . -39.71 -37.31 -13.91
C2 TPP P . -39.29 -37.70 -15.16
S1 TPP P . -40.27 -38.71 -15.93
C5 TPP P . -41.29 -38.70 -14.68
C4 TPP P . -40.91 -37.90 -13.62
CM4 TPP P . -41.71 -37.74 -12.37
C6 TPP P . -42.53 -39.55 -14.87
C7 TPP P . -43.28 -39.01 -16.10
O7 TPP P . -44.67 -39.10 -15.94
PA TPP P . -45.70 -39.43 -17.17
O1A TPP P . -46.95 -40.07 -16.60
O2A TPP P . -46.08 -38.24 -18.01
O3A TPP P . -44.88 -40.38 -18.16
PB TPP P . -44.95 -41.98 -18.08
O1B TPP P . -43.57 -42.52 -17.73
O2B TPP P . -45.41 -42.38 -19.48
O3B TPP P . -45.91 -42.34 -16.97
MG MG Q . -48.02 -41.98 -17.47
PA FAD R . 23.39 34.36 19.22
O1A FAD R . 24.39 35.44 19.41
O2A FAD R . 23.77 33.11 18.40
O5B FAD R . 22.12 35.04 18.61
C5B FAD R . 21.67 34.77 17.26
C4B FAD R . 20.16 34.69 17.29
O4B FAD R . 19.59 35.92 16.78
C3B FAD R . 19.55 33.57 16.46
O3B FAD R . 18.39 33.07 17.12
C2B FAD R . 19.25 34.27 15.14
O2B FAD R . 18.20 33.63 14.42
C1B FAD R . 18.79 35.64 15.64
N9A FAD R . 18.98 36.73 14.68
C8A FAD R . 20.07 36.97 13.89
N7A FAD R . 19.95 38.03 13.12
C5A FAD R . 18.68 38.51 13.41
C6A FAD R . 17.94 39.60 12.92
N6A FAD R . 18.40 40.45 11.99
N1A FAD R . 16.70 39.79 13.42
C2A FAD R . 16.24 38.94 14.34
N3A FAD R . 16.84 37.88 14.88
C4A FAD R . 18.08 37.71 14.37
N1 FAD R . 26.49 33.92 27.25
C2 FAD R . 25.66 34.54 28.13
O2 FAD R . 24.59 35.06 27.78
N3 FAD R . 26.02 34.61 29.47
C4 FAD R . 27.17 34.10 30.04
O4 FAD R . 27.38 34.23 31.24
C4X FAD R . 28.04 33.44 29.09
N5 FAD R . 29.17 32.92 29.53
C5X FAD R . 29.99 32.28 28.60
C6 FAD R . 31.19 31.72 29.04
C7 FAD R . 32.05 31.08 28.15
C7M FAD R . 33.35 30.49 28.65
C8 FAD R . 31.70 31.00 26.79
C8M FAD R . 32.61 30.30 25.80
C9 FAD R . 30.51 31.55 26.35
C9A FAD R . 29.65 32.19 27.24
N10 FAD R . 28.44 32.76 26.82
C10 FAD R . 27.61 33.39 27.71
C1' FAD R . 28.04 32.68 25.41
C2' FAD R . 27.00 31.58 25.16
O2' FAD R . 27.60 30.30 25.01
C3' FAD R . 26.22 31.93 23.90
O3' FAD R . 27.14 32.35 22.90
C4' FAD R . 25.24 33.07 24.12
O4' FAD R . 24.60 32.94 25.39
C5' FAD R . 24.21 33.11 23.02
O5' FAD R . 23.77 34.46 22.82
P FAD R . 22.56 34.79 21.90
O1P FAD R . 21.26 34.26 22.54
O2P FAD R . 22.75 36.23 21.56
O3P FAD R . 22.87 33.87 20.63
N1' TPP S . 40.41 23.73 23.32
C2' TPP S . 39.96 24.69 22.44
CM2 TPP S . 40.48 24.81 21.03
N3' TPP S . 38.98 25.58 22.82
C4' TPP S . 38.45 25.53 24.08
N4' TPP S . 37.51 26.42 24.36
C5' TPP S . 38.89 24.56 24.99
C6' TPP S . 39.88 23.66 24.61
C7' TPP S . 38.33 24.51 26.39
N3 TPP S . 38.74 25.70 27.14
C2 TPP S . 38.00 26.84 27.32
S1 TPP S . 38.75 27.97 28.19
C5 TPP S . 40.05 27.05 28.36
C4 TPP S . 39.95 25.81 27.74
CM4 TPP S . 40.99 24.73 27.72
C6 TPP S . 41.18 27.67 29.14
C7 TPP S . 41.64 28.99 28.51
O7 TPP S . 43.01 29.16 28.78
PA TPP S . 43.75 30.61 28.79
O1A TPP S . 44.97 30.56 29.69
O2A TPP S . 44.13 30.97 27.38
O3A TPP S . 42.70 31.69 29.34
PB TPP S . 42.46 31.89 30.92
O1B TPP S . 43.82 31.94 31.59
O2B TPP S . 41.67 33.16 31.15
O3B TPP S . 41.71 30.74 31.51
MG MG T . 45.77 32.37 31.31
#